data_2WBD
#
_entry.id   2WBD
#
_cell.length_a   66.842
_cell.length_b   285.402
_cell.length_c   83.552
_cell.angle_alpha   90.00
_cell.angle_beta   97.57
_cell.angle_gamma   90.00
#
_symmetry.space_group_name_H-M   'P 1 21 1'
#
loop_
_entity.id
_entity.type
_entity.pdbx_description
1 polymer 'FRUCTOSE-1,6-BISPHOSPHATASE 1'
2 non-polymer N-[(5-bromo-1,3-thiazol-2-yl)carbamoyl]-3-ethylbenzenesulfonamide
3 water water
#
_entity_poly.entity_id   1
_entity_poly.type   'polypeptide(L)'
_entity_poly.pdbx_seq_one_letter_code
;MADQAPFDTDVNTLTRFVMEEGRKARGTGELTQLLNSLCTAVKAISSAVRKAGIAHLYGIAGSTNVTGDQVKKLDVLSND
LVMNMLKSSFATCVLVSEEDKHAIIVEPEKRGKYVVCFDPLDGSSNIDCLVSVGTIFGIYRKKSTDEPSEKDALQPGRNL
VAAGYALYGSATMLVLAMDCGVNCFMLDPAIGEFILVDKDVKIKKKGKIYSLNEGYAKDFDPAVTEYIQRKKFPPDNSAP
YGARYVGSMVADVHRTLVYGGIFLYPANKKSPNGKLRLLYECNPMAYVMEKAGGMATTGKEAVLDVIPTDIHQRAPVILG
SPDDVLEFLKVYEKHSAQ
;
_entity_poly.pdbx_strand_id   A,B,C,D,E,F,G,H
#
loop_
_chem_comp.id
_chem_comp.type
_chem_comp.name
_chem_comp.formula
RO5 non-polymer N-[(5-bromo-1,3-thiazol-2-yl)carbamoyl]-3-ethylbenzenesulfonamide 'C12 H12 Br N3 O3 S2'
#
# COMPACT_ATOMS: atom_id res chain seq x y z
N ASP A 10 -51.85 -3.37 12.35
CA ASP A 10 -51.76 -4.68 11.64
C ASP A 10 -50.36 -4.93 11.07
N VAL A 11 -49.87 -6.14 11.31
CA VAL A 11 -48.63 -6.64 10.73
C VAL A 11 -48.71 -6.73 9.19
N ASN A 12 -47.70 -6.17 8.55
CA ASN A 12 -47.62 -6.23 7.12
C ASN A 12 -46.30 -6.86 6.76
N THR A 13 -46.38 -7.70 5.73
CA THR A 13 -45.25 -8.41 5.20
C THR A 13 -45.16 -8.04 3.72
N LEU A 14 -44.02 -8.33 3.09
CA LEU A 14 -43.85 -8.04 1.67
C LEU A 14 -44.92 -8.70 0.79
N THR A 15 -45.29 -9.91 1.14
CA THR A 15 -46.18 -10.71 0.30
C THR A 15 -47.62 -10.22 0.42
N ARG A 16 -47.99 -9.73 1.60
CA ARG A 16 -49.32 -9.18 1.85
C ARG A 16 -49.36 -7.79 1.23
N PHE A 17 -48.24 -7.09 1.29
CA PHE A 17 -48.17 -5.73 0.76
C PHE A 17 -48.31 -5.70 -0.74
N VAL A 18 -47.61 -6.62 -1.38
CA VAL A 18 -47.60 -6.66 -2.81
C VAL A 18 -48.95 -7.14 -3.37
N MET A 19 -49.56 -8.12 -2.70
CA MET A 19 -50.87 -8.63 -3.11
C MET A 19 -51.96 -7.59 -2.90
N GLU A 20 -51.86 -6.81 -1.82
CA GLU A 20 -52.86 -5.78 -1.52
C GLU A 20 -52.80 -4.61 -2.51
N GLU A 21 -51.59 -4.26 -2.96
CA GLU A 21 -51.43 -3.25 -4.01
C GLU A 21 -51.77 -3.84 -5.37
N GLY A 22 -51.40 -5.10 -5.56
CA GLY A 22 -51.77 -5.84 -6.77
C GLY A 22 -53.26 -5.78 -6.99
N ARG A 23 -54.02 -6.22 -6.00
CA ARG A 23 -55.50 -6.22 -6.12
C ARG A 23 -56.09 -4.84 -6.41
N LYS A 24 -55.72 -3.82 -5.65
CA LYS A 24 -56.22 -2.44 -5.84
C LYS A 24 -56.16 -1.98 -7.28
N ALA A 25 -55.17 -2.49 -8.01
CA ALA A 25 -54.82 -1.97 -9.31
C ALA A 25 -55.42 -2.83 -10.39
N ARG A 26 -56.21 -3.82 -9.98
CA ARG A 26 -56.77 -4.81 -10.89
C ARG A 26 -55.78 -5.31 -11.92
N GLY A 27 -54.58 -5.71 -11.46
CA GLY A 27 -53.57 -6.30 -12.35
C GLY A 27 -53.71 -7.81 -12.49
N THR A 28 -52.97 -8.39 -13.43
CA THR A 28 -52.98 -9.85 -13.62
C THR A 28 -52.24 -10.62 -12.51
N GLY A 29 -51.31 -9.96 -11.83
CA GLY A 29 -50.51 -10.63 -10.82
C GLY A 29 -49.10 -11.00 -11.27
N GLU A 30 -48.79 -10.74 -12.54
CA GLU A 30 -47.45 -11.02 -13.04
C GLU A 30 -46.35 -10.31 -12.25
N LEU A 31 -46.50 -9.00 -12.06
CA LEU A 31 -45.56 -8.23 -11.25
C LEU A 31 -45.50 -8.80 -9.82
N THR A 32 -46.63 -9.28 -9.32
CA THR A 32 -46.66 -9.85 -7.99
C THR A 32 -45.87 -11.15 -7.91
N GLN A 33 -46.09 -12.04 -8.89
CA GLN A 33 -45.32 -13.28 -8.98
C GLN A 33 -43.82 -12.98 -9.08
N LEU A 34 -43.46 -12.07 -9.97
CA LEU A 34 -42.07 -11.63 -10.14
C LEU A 34 -41.39 -11.18 -8.86
N LEU A 35 -42.03 -10.29 -8.09
CA LEU A 35 -41.43 -9.77 -6.86
C LEU A 35 -41.29 -10.85 -5.76
N ASN A 36 -42.31 -11.69 -5.64
CA ASN A 36 -42.28 -12.84 -4.77
C ASN A 36 -41.04 -13.68 -5.05
N SER A 37 -40.83 -13.98 -6.32
CA SER A 37 -39.71 -14.76 -6.73
C SER A 37 -38.37 -14.12 -6.40
N LEU A 38 -38.31 -12.82 -6.59
CA LEU A 38 -37.15 -12.02 -6.32
C LEU A 38 -36.88 -11.99 -4.83
N CYS A 39 -37.94 -11.80 -4.07
CA CYS A 39 -37.82 -11.81 -2.62
C CYS A 39 -37.38 -13.20 -2.10
N THR A 40 -37.92 -14.29 -2.66
CA THR A 40 -37.44 -15.62 -2.32
C THR A 40 -35.93 -15.76 -2.58
N ALA A 41 -35.49 -15.30 -3.74
CA ALA A 41 -34.08 -15.25 -4.07
C ALA A 41 -33.26 -14.39 -3.06
N VAL A 42 -33.82 -13.26 -2.65
CA VAL A 42 -33.14 -12.37 -1.70
C VAL A 42 -32.94 -13.10 -0.37
N LYS A 43 -33.93 -13.87 0.04
CA LYS A 43 -33.82 -14.67 1.27
C LYS A 43 -32.75 -15.76 1.20
N ALA A 44 -32.58 -16.36 0.03
CA ALA A 44 -31.57 -17.39 -0.15
C ALA A 44 -30.15 -16.84 -0.29
N ILE A 45 -30.03 -15.62 -0.78
CA ILE A 45 -28.75 -14.94 -0.82
C ILE A 45 -28.33 -14.56 0.62
N SER A 46 -29.25 -13.98 1.40
CA SER A 46 -28.99 -13.57 2.79
C SER A 46 -28.45 -14.75 3.61
N SER A 47 -29.15 -15.87 3.51
CA SER A 47 -28.75 -17.11 4.18
C SER A 47 -27.30 -17.44 3.81
N ALA A 48 -26.97 -17.37 2.52
CA ALA A 48 -25.63 -17.72 2.07
C ALA A 48 -24.61 -16.68 2.51
N VAL A 49 -25.00 -15.42 2.44
CA VAL A 49 -24.13 -14.31 2.80
C VAL A 49 -23.80 -14.38 4.28
N ARG A 50 -24.76 -14.79 5.12
CA ARG A 50 -24.51 -14.93 6.57
C ARG A 50 -23.69 -16.17 6.92
N LYS A 51 -23.37 -16.95 5.90
CA LYS A 51 -22.54 -18.15 6.03
C LYS A 51 -23.23 -19.30 6.74
N ALA A 52 -24.55 -19.34 6.74
CA ALA A 52 -25.22 -20.58 7.15
C ALA A 52 -24.65 -21.78 6.36
N GLY A 53 -24.15 -22.81 7.05
CA GLY A 53 -23.63 -24.03 6.40
C GLY A 53 -22.12 -24.06 6.11
N ILE A 54 -21.40 -23.01 6.50
CA ILE A 54 -19.95 -22.91 6.31
C ILE A 54 -19.16 -23.98 7.05
N ALA A 55 -19.70 -24.49 8.15
CA ALA A 55 -19.05 -25.54 8.90
C ALA A 55 -18.78 -26.72 7.98
N HIS A 56 -19.71 -26.97 7.05
CA HIS A 56 -19.54 -28.06 6.07
C HIS A 56 -18.41 -27.77 5.12
N LEU A 57 -18.34 -26.55 4.62
CA LEU A 57 -17.20 -26.09 3.82
C LEU A 57 -15.88 -26.34 4.54
N TYR A 58 -15.89 -26.38 5.86
CA TYR A 58 -14.66 -26.52 6.62
C TYR A 58 -14.42 -27.92 7.20
N GLY A 59 -15.10 -28.93 6.61
CA GLY A 59 -14.87 -30.35 6.91
C GLY A 59 -15.50 -30.92 8.17
N ILE A 60 -16.58 -30.33 8.65
CA ILE A 60 -17.25 -30.84 9.86
C ILE A 60 -17.75 -32.30 9.74
N ALA A 61 -18.01 -32.78 8.52
CA ALA A 61 -18.33 -34.19 8.30
C ALA A 61 -17.25 -34.85 7.44
N GLY A 62 -16.03 -34.38 7.61
CA GLY A 62 -15.08 -34.16 6.49
C GLY A 62 -14.58 -35.24 5.55
N VAL A 71 -19.92 -25.33 -2.46
CA VAL A 71 -18.76 -25.16 -3.33
C VAL A 71 -18.74 -23.73 -3.95
N LYS A 72 -19.89 -23.33 -4.50
CA LYS A 72 -20.01 -22.12 -5.34
C LYS A 72 -19.64 -20.81 -4.62
N LYS A 73 -18.90 -19.96 -5.32
CA LYS A 73 -18.65 -18.58 -4.87
C LYS A 73 -19.95 -17.76 -4.81
N LEU A 74 -19.97 -16.81 -3.87
CA LEU A 74 -21.19 -16.08 -3.48
C LEU A 74 -21.88 -15.17 -4.50
N ASP A 75 -21.09 -14.48 -5.32
CA ASP A 75 -21.69 -13.64 -6.37
C ASP A 75 -22.22 -14.50 -7.51
N VAL A 76 -21.49 -15.56 -7.83
CA VAL A 76 -21.98 -16.57 -8.76
C VAL A 76 -23.28 -17.16 -8.21
N LEU A 77 -23.27 -17.63 -6.97
CA LEU A 77 -24.47 -18.26 -6.41
C LEU A 77 -25.62 -17.29 -6.48
N SER A 78 -25.37 -16.05 -6.04
CA SER A 78 -26.36 -14.97 -6.06
C SER A 78 -26.97 -14.79 -7.44
N ASN A 79 -26.11 -14.83 -8.46
CA ASN A 79 -26.55 -14.66 -9.83
C ASN A 79 -27.49 -15.77 -10.27
N ASP A 80 -27.09 -17.02 -10.01
CA ASP A 80 -27.91 -18.21 -10.31
C ASP A 80 -29.23 -18.25 -9.55
N LEU A 81 -29.24 -17.72 -8.33
CA LEU A 81 -30.46 -17.66 -7.51
C LEU A 81 -31.50 -16.71 -8.11
N VAL A 82 -31.04 -15.54 -8.49
CA VAL A 82 -31.90 -14.50 -9.07
C VAL A 82 -32.36 -14.89 -10.45
N MET A 83 -31.40 -15.27 -11.29
CA MET A 83 -31.72 -15.72 -12.62
C MET A 83 -32.80 -16.79 -12.54
N ASN A 84 -32.51 -17.84 -11.78
CA ASN A 84 -33.42 -18.96 -11.75
C ASN A 84 -34.80 -18.62 -11.17
N MET A 85 -34.84 -17.79 -10.14
CA MET A 85 -36.10 -17.40 -9.52
C MET A 85 -36.94 -16.55 -10.48
N LEU A 86 -36.31 -15.61 -11.18
CA LEU A 86 -37.04 -14.81 -12.17
C LEU A 86 -37.46 -15.68 -13.38
N LYS A 87 -36.54 -16.39 -14.02
CA LYS A 87 -36.92 -17.31 -15.09
C LYS A 87 -38.22 -18.03 -14.78
N SER A 88 -38.20 -18.80 -13.69
CA SER A 88 -39.29 -19.68 -13.31
C SER A 88 -40.53 -18.96 -12.72
N SER A 89 -40.48 -17.64 -12.66
CA SER A 89 -41.63 -16.85 -12.20
C SER A 89 -42.65 -16.70 -13.30
N PHE A 90 -42.25 -17.05 -14.54
CA PHE A 90 -43.08 -16.85 -15.74
C PHE A 90 -43.49 -15.39 -15.91
N ALA A 91 -42.66 -14.45 -15.46
CA ALA A 91 -43.05 -13.05 -15.56
C ALA A 91 -42.02 -12.21 -16.29
N THR A 92 -40.97 -12.88 -16.77
CA THR A 92 -39.86 -12.17 -17.40
C THR A 92 -39.57 -12.67 -18.81
N CYS A 93 -38.99 -11.79 -19.63
CA CYS A 93 -38.61 -12.19 -20.98
C CYS A 93 -37.15 -11.83 -21.26
N VAL A 94 -36.68 -10.77 -20.63
CA VAL A 94 -35.29 -10.36 -20.80
C VAL A 94 -34.65 -10.05 -19.45
N LEU A 95 -33.50 -10.64 -19.17
CA LEU A 95 -32.77 -10.39 -17.92
C LEU A 95 -31.36 -9.86 -18.16
N VAL A 96 -31.00 -8.82 -17.43
CA VAL A 96 -29.71 -8.23 -17.58
C VAL A 96 -29.08 -8.15 -16.21
N SER A 97 -27.95 -8.82 -16.08
CA SER A 97 -27.24 -8.91 -14.84
C SER A 97 -25.82 -8.46 -15.02
N GLU A 98 -25.29 -7.86 -13.95
CA GLU A 98 -23.88 -7.47 -13.86
C GLU A 98 -22.93 -8.61 -14.26
N GLU A 99 -23.26 -9.83 -13.86
CA GLU A 99 -22.40 -10.99 -14.08
C GLU A 99 -22.23 -11.46 -15.53
N ASP A 100 -23.23 -11.25 -16.40
CA ASP A 100 -23.18 -11.74 -17.79
C ASP A 100 -23.09 -10.64 -18.84
N LYS A 101 -22.31 -10.88 -19.89
CA LYS A 101 -22.09 -9.89 -20.97
C LYS A 101 -23.35 -9.60 -21.77
N HIS A 102 -24.07 -10.65 -22.17
CA HIS A 102 -25.28 -10.43 -22.94
C HIS A 102 -26.48 -10.51 -22.00
N ALA A 103 -27.61 -10.03 -22.51
CA ALA A 103 -28.89 -10.21 -21.87
C ALA A 103 -29.26 -11.68 -21.99
N ILE A 104 -30.01 -12.19 -21.01
CA ILE A 104 -30.55 -13.54 -21.08
C ILE A 104 -31.97 -13.41 -21.60
N ILE A 105 -32.30 -14.23 -22.57
CA ILE A 105 -33.61 -14.20 -23.17
C ILE A 105 -34.33 -15.45 -22.70
N VAL A 106 -35.31 -15.22 -21.84
CA VAL A 106 -36.05 -16.29 -21.20
C VAL A 106 -36.65 -17.19 -22.26
N GLU A 107 -36.47 -18.50 -22.10
CA GLU A 107 -36.99 -19.47 -23.05
C GLU A 107 -38.53 -19.33 -23.16
N PRO A 108 -39.06 -19.38 -24.41
CA PRO A 108 -40.46 -19.10 -24.76
C PRO A 108 -41.48 -19.66 -23.80
N GLU A 109 -41.33 -20.92 -23.42
CA GLU A 109 -42.30 -21.56 -22.55
C GLU A 109 -42.45 -20.88 -21.19
N LYS A 110 -41.50 -20.00 -20.83
CA LYS A 110 -41.46 -19.35 -19.53
C LYS A 110 -41.57 -17.83 -19.60
N ARG A 111 -42.01 -17.32 -20.76
CA ARG A 111 -42.03 -15.89 -21.05
C ARG A 111 -43.17 -15.11 -20.40
N GLY A 112 -42.81 -13.93 -19.89
CA GLY A 112 -43.77 -12.97 -19.31
C GLY A 112 -43.49 -11.59 -19.88
N LYS A 113 -44.08 -10.55 -19.29
CA LYS A 113 -44.05 -9.22 -19.89
C LYS A 113 -42.96 -8.27 -19.37
N TYR A 114 -42.18 -8.70 -18.37
CA TYR A 114 -41.19 -7.83 -17.70
C TYR A 114 -39.70 -8.06 -18.06
N VAL A 115 -38.94 -6.96 -18.05
CA VAL A 115 -37.49 -6.92 -18.21
C VAL A 115 -36.92 -6.53 -16.85
N VAL A 116 -35.92 -7.26 -16.37
CA VAL A 116 -35.30 -7.00 -15.09
C VAL A 116 -33.78 -6.82 -15.26
N CYS A 117 -33.27 -5.72 -14.71
CA CYS A 117 -31.85 -5.46 -14.63
C CYS A 117 -31.45 -5.53 -13.18
N PHE A 118 -30.40 -6.28 -12.87
CA PHE A 118 -30.02 -6.47 -11.48
C PHE A 118 -28.54 -6.68 -11.29
N ASP A 119 -28.04 -6.30 -10.11
CA ASP A 119 -26.72 -6.67 -9.64
C ASP A 119 -26.92 -7.60 -8.43
N PRO A 120 -26.73 -8.93 -8.62
CA PRO A 120 -27.18 -9.92 -7.63
C PRO A 120 -26.45 -9.84 -6.29
N LEU A 121 -25.15 -9.56 -6.33
CA LEU A 121 -24.39 -9.30 -5.12
C LEU A 121 -23.36 -8.19 -5.32
N ASP A 122 -23.83 -6.96 -5.20
CA ASP A 122 -22.94 -5.80 -5.30
C ASP A 122 -22.00 -5.74 -4.11
N GLY A 123 -20.77 -5.28 -4.34
CA GLY A 123 -19.79 -5.08 -3.27
C GLY A 123 -19.09 -6.35 -2.81
N SER A 124 -19.36 -7.45 -3.51
CA SER A 124 -18.85 -8.77 -3.16
C SER A 124 -17.34 -8.89 -3.35
N SER A 125 -16.79 -7.98 -4.15
CA SER A 125 -15.36 -7.88 -4.31
C SER A 125 -14.72 -7.69 -2.93
N ASN A 126 -15.52 -7.23 -1.96
CA ASN A 126 -15.03 -6.98 -0.60
C ASN A 126 -15.72 -7.82 0.50
N ILE A 127 -16.28 -8.95 0.10
CA ILE A 127 -16.88 -9.91 1.03
C ILE A 127 -15.87 -10.49 2.05
N ASP A 128 -14.58 -10.39 1.73
CA ASP A 128 -13.49 -10.90 2.58
C ASP A 128 -13.37 -10.15 3.91
N CYS A 129 -13.98 -8.97 3.99
CA CYS A 129 -13.93 -8.20 5.22
C CYS A 129 -15.31 -7.95 5.80
N LEU A 130 -16.30 -8.74 5.37
CA LEU A 130 -17.67 -8.69 5.90
C LEU A 130 -18.28 -7.29 5.85
N VAL A 131 -17.87 -6.51 4.85
CA VAL A 131 -18.52 -5.24 4.54
C VAL A 131 -19.94 -5.57 4.10
N SER A 132 -20.86 -4.65 4.34
CA SER A 132 -22.24 -4.83 3.91
C SER A 132 -22.32 -4.98 2.39
N VAL A 133 -23.01 -6.02 1.94
CA VAL A 133 -23.27 -6.22 0.51
C VAL A 133 -24.78 -6.07 0.24
N GLY A 134 -25.20 -6.28 -1.00
CA GLY A 134 -26.58 -5.97 -1.36
C GLY A 134 -26.96 -6.40 -2.74
N THR A 135 -28.26 -6.43 -3.03
CA THR A 135 -28.77 -6.77 -4.35
C THR A 135 -29.55 -5.60 -4.88
N ILE A 136 -29.21 -5.11 -6.07
CA ILE A 136 -29.95 -4.01 -6.69
C ILE A 136 -30.76 -4.51 -7.88
N PHE A 137 -31.98 -4.02 -8.05
CA PHE A 137 -32.81 -4.47 -9.20
C PHE A 137 -33.65 -3.36 -9.84
N GLY A 138 -33.84 -3.45 -11.15
CA GLY A 138 -34.69 -2.52 -11.88
C GLY A 138 -35.70 -3.31 -12.69
N ILE A 139 -36.98 -2.95 -12.60
CA ILE A 139 -37.98 -3.69 -13.32
C ILE A 139 -38.66 -2.82 -14.39
N TYR A 140 -38.65 -3.31 -15.62
CA TYR A 140 -39.24 -2.63 -16.79
C TYR A 140 -40.29 -3.46 -17.49
N ARG A 141 -41.30 -2.78 -18.03
CA ARG A 141 -42.29 -3.39 -18.92
C ARG A 141 -41.73 -3.44 -20.34
N LYS A 142 -41.88 -4.59 -21.00
CA LYS A 142 -41.45 -4.74 -22.39
C LYS A 142 -42.25 -3.82 -23.30
N LYS A 143 -41.54 -3.00 -24.07
CA LYS A 143 -42.17 -1.94 -24.86
C LYS A 143 -42.55 -2.33 -26.29
N SER A 144 -41.82 -3.26 -26.90
CA SER A 144 -42.09 -3.66 -28.29
C SER A 144 -42.97 -4.92 -28.40
N THR A 145 -43.24 -5.34 -29.64
CA THR A 145 -44.10 -6.51 -29.92
C THR A 145 -43.28 -7.61 -30.62
N ASP A 146 -42.15 -7.20 -31.19
CA ASP A 146 -41.14 -8.10 -31.74
C ASP A 146 -40.78 -9.18 -30.74
N GLU A 147 -40.13 -10.24 -31.22
CA GLU A 147 -39.47 -11.20 -30.35
C GLU A 147 -38.54 -10.41 -29.41
N PRO A 148 -38.56 -10.74 -28.09
CA PRO A 148 -37.72 -10.14 -27.07
C PRO A 148 -36.23 -10.20 -27.39
N SER A 149 -35.51 -9.17 -26.95
CA SER A 149 -34.06 -9.09 -27.15
C SER A 149 -33.45 -8.07 -26.18
N GLU A 150 -32.12 -8.03 -26.16
CA GLU A 150 -31.34 -7.11 -25.33
C GLU A 150 -31.83 -5.66 -25.42
N LYS A 151 -32.20 -5.23 -26.61
CA LYS A 151 -32.74 -3.90 -26.85
C LYS A 151 -33.86 -3.52 -25.88
N ASP A 152 -34.72 -4.49 -25.55
CA ASP A 152 -35.80 -4.29 -24.57
C ASP A 152 -35.36 -3.81 -23.20
N ALA A 153 -34.07 -3.97 -22.88
CA ALA A 153 -33.48 -3.48 -21.65
C ALA A 153 -32.94 -2.06 -21.78
N LEU A 154 -32.90 -1.53 -23.01
CA LEU A 154 -32.38 -0.18 -23.23
C LEU A 154 -33.51 0.81 -23.12
N GLN A 155 -33.92 1.02 -21.88
CA GLN A 155 -34.99 1.92 -21.59
C GLN A 155 -34.45 2.93 -20.60
N PRO A 156 -34.91 4.20 -20.71
CA PRO A 156 -34.44 5.14 -19.69
C PRO A 156 -35.03 4.77 -18.33
N GLY A 157 -34.35 5.17 -17.27
CA GLY A 157 -34.81 4.98 -15.90
C GLY A 157 -36.24 5.40 -15.67
N ARG A 158 -36.68 6.49 -16.30
CA ARG A 158 -38.08 6.94 -16.21
C ARG A 158 -39.11 5.87 -16.50
N ASN A 159 -38.76 4.88 -17.32
CA ASN A 159 -39.71 3.80 -17.67
C ASN A 159 -39.84 2.69 -16.61
N LEU A 160 -39.11 2.78 -15.51
CA LEU A 160 -39.17 1.75 -14.45
C LEU A 160 -40.56 1.60 -13.86
N VAL A 161 -40.99 0.35 -13.77
CA VAL A 161 -42.23 -0.02 -13.09
C VAL A 161 -41.99 -0.11 -11.59
N ALA A 162 -40.78 -0.51 -11.22
CA ALA A 162 -40.43 -0.82 -9.85
C ALA A 162 -38.92 -0.98 -9.76
N ALA A 163 -38.34 -0.55 -8.64
CA ALA A 163 -36.91 -0.80 -8.40
C ALA A 163 -36.61 -0.90 -6.90
N GLY A 164 -35.38 -1.27 -6.57
CA GLY A 164 -34.97 -1.23 -5.19
C GLY A 164 -33.74 -2.06 -4.93
N TYR A 165 -33.58 -2.45 -3.68
CA TYR A 165 -32.41 -3.20 -3.29
C TYR A 165 -32.62 -3.98 -2.01
N ALA A 166 -31.76 -4.99 -1.82
CA ALA A 166 -31.65 -5.70 -0.57
C ALA A 166 -30.29 -5.38 0.02
N LEU A 167 -30.28 -4.92 1.26
CA LEU A 167 -29.03 -4.68 1.96
C LEU A 167 -28.81 -5.81 2.95
N TYR A 168 -27.69 -6.50 2.80
CA TYR A 168 -27.26 -7.51 3.75
C TYR A 168 -26.23 -6.89 4.71
N GLY A 169 -26.74 -6.16 5.68
CA GLY A 169 -25.89 -5.49 6.65
C GLY A 169 -25.95 -6.20 7.98
N SER A 170 -26.07 -5.40 9.04
CA SER A 170 -26.19 -5.91 10.39
C SER A 170 -27.53 -6.62 10.53
N ALA A 171 -28.51 -6.19 9.76
CA ALA A 171 -29.73 -6.96 9.52
C ALA A 171 -30.01 -6.86 8.03
N THR A 172 -30.91 -7.70 7.50
CA THR A 172 -31.24 -7.71 6.06
C THR A 172 -32.51 -6.92 5.78
N MET A 173 -32.43 -5.95 4.87
CA MET A 173 -33.60 -5.14 4.57
C MET A 173 -33.89 -5.10 3.09
N LEU A 174 -35.17 -5.16 2.74
CA LEU A 174 -35.59 -4.95 1.37
C LEU A 174 -36.29 -3.61 1.27
N VAL A 175 -35.66 -2.72 0.51
CA VAL A 175 -36.21 -1.42 0.23
C VAL A 175 -36.83 -1.49 -1.16
N LEU A 176 -38.15 -1.36 -1.24
CA LEU A 176 -38.87 -1.45 -2.48
C LEU A 176 -39.52 -0.14 -2.89
N ALA A 177 -39.19 0.34 -4.09
CA ALA A 177 -39.81 1.56 -4.59
C ALA A 177 -40.76 1.32 -5.76
N MET A 178 -41.94 1.88 -5.64
CA MET A 178 -42.93 1.89 -6.72
C MET A 178 -43.61 3.25 -6.87
N ASP A 179 -44.58 3.30 -7.77
CA ASP A 179 -45.39 4.50 -7.99
C ASP A 179 -45.89 5.05 -6.66
N CYS A 180 -46.35 4.16 -5.78
CA CYS A 180 -46.96 4.57 -4.50
C CYS A 180 -45.96 5.00 -3.42
N GLY A 181 -44.67 5.01 -3.74
CA GLY A 181 -43.62 5.37 -2.78
C GLY A 181 -42.57 4.30 -2.52
N VAL A 182 -41.82 4.50 -1.44
CA VAL A 182 -40.69 3.65 -1.05
C VAL A 182 -41.02 2.95 0.28
N ASN A 183 -40.98 1.62 0.27
CA ASN A 183 -41.23 0.88 1.51
C ASN A 183 -40.08 -0.03 1.91
N CYS A 184 -39.76 0.00 3.21
CA CYS A 184 -38.63 -0.72 3.80
C CYS A 184 -39.10 -1.87 4.66
N PHE A 185 -38.56 -3.06 4.35
CA PHE A 185 -38.98 -4.32 4.96
C PHE A 185 -37.78 -5.00 5.57
N MET A 186 -37.91 -5.37 6.83
CA MET A 186 -36.88 -6.06 7.57
C MET A 186 -37.07 -7.57 7.48
N LEU A 187 -36.02 -8.31 7.20
CA LEU A 187 -36.13 -9.76 7.16
C LEU A 187 -36.04 -10.34 8.55
N ASP A 188 -37.07 -11.06 8.97
CA ASP A 188 -37.07 -11.82 10.22
C ASP A 188 -36.59 -13.21 9.91
N PRO A 189 -35.32 -13.51 10.25
CA PRO A 189 -34.73 -14.80 9.92
C PRO A 189 -35.42 -15.95 10.65
N ALA A 190 -36.20 -15.65 11.70
CA ALA A 190 -36.81 -16.72 12.47
C ALA A 190 -37.87 -17.38 11.61
N ILE A 191 -38.59 -16.56 10.87
CA ILE A 191 -39.69 -17.08 10.06
C ILE A 191 -39.51 -16.96 8.54
N GLY A 192 -38.50 -16.22 8.10
CA GLY A 192 -38.30 -16.00 6.66
C GLY A 192 -39.36 -15.13 6.05
N GLU A 193 -39.65 -14.00 6.71
CA GLU A 193 -40.62 -13.03 6.23
C GLU A 193 -40.09 -11.61 6.34
N PHE A 194 -40.36 -10.84 5.27
CA PHE A 194 -40.00 -9.41 5.22
C PHE A 194 -41.08 -8.58 5.86
N ILE A 195 -40.75 -7.91 6.94
CA ILE A 195 -41.73 -7.18 7.72
C ILE A 195 -41.62 -5.68 7.43
N LEU A 196 -42.75 -5.06 7.06
CA LEU A 196 -42.78 -3.66 6.78
C LEU A 196 -42.54 -2.90 8.08
N VAL A 197 -41.38 -2.25 8.14
CA VAL A 197 -40.94 -1.53 9.31
C VAL A 197 -40.87 -0.02 9.07
N ASP A 198 -40.87 0.42 7.81
CA ASP A 198 -40.97 1.86 7.48
C ASP A 198 -41.80 2.09 6.22
N LYS A 199 -42.97 2.71 6.34
CA LYS A 199 -43.85 3.00 5.20
C LYS A 199 -43.60 4.38 4.60
N ASP A 200 -43.75 4.46 3.27
CA ASP A 200 -43.72 5.71 2.50
C ASP A 200 -42.56 6.60 2.94
N VAL A 201 -41.36 6.07 2.81
CA VAL A 201 -40.16 6.69 3.36
C VAL A 201 -39.74 7.92 2.55
N LYS A 202 -39.27 8.96 3.25
CA LYS A 202 -38.82 10.20 2.59
C LYS A 202 -37.42 10.60 3.08
N ILE A 203 -36.53 10.92 2.14
CA ILE A 203 -35.22 11.47 2.49
C ILE A 203 -35.36 12.87 3.11
N LYS A 204 -34.39 13.24 3.95
CA LYS A 204 -34.26 14.62 4.44
C LYS A 204 -34.02 15.58 3.29
N LYS A 205 -34.38 16.84 3.52
CA LYS A 205 -34.16 17.90 2.56
C LYS A 205 -32.68 18.28 2.54
N LYS A 206 -31.99 18.07 3.66
CA LYS A 206 -30.59 18.45 3.77
C LYS A 206 -29.90 17.65 4.88
N GLY A 207 -28.83 16.95 4.51
CA GLY A 207 -28.07 16.13 5.45
C GLY A 207 -26.81 16.79 5.95
N LYS A 208 -25.88 16.00 6.49
CA LYS A 208 -24.65 16.50 7.10
C LYS A 208 -23.52 15.56 6.77
N ILE A 209 -23.72 14.74 5.75
CA ILE A 209 -22.74 13.70 5.43
C ILE A 209 -22.54 13.65 3.94
N TYR A 210 -21.30 13.74 3.50
CA TYR A 210 -21.04 13.54 2.10
C TYR A 210 -20.36 12.21 1.97
N SER A 211 -20.49 11.57 0.82
CA SER A 211 -19.91 10.26 0.66
C SER A 211 -19.28 10.01 -0.71
N LEU A 212 -17.96 9.86 -0.72
CA LEU A 212 -17.19 9.44 -1.91
C LEU A 212 -15.78 8.95 -1.50
N ASN A 213 -15.01 8.49 -2.47
CA ASN A 213 -13.63 8.09 -2.21
C ASN A 213 -12.61 9.24 -2.33
N GLU A 214 -12.27 9.86 -1.21
CA GLU A 214 -11.38 11.01 -1.19
C GLU A 214 -9.91 10.62 -1.38
N GLY A 215 -9.65 9.32 -1.35
CA GLY A 215 -8.32 8.81 -1.59
C GLY A 215 -7.87 9.04 -3.01
N TYR A 216 -8.83 9.29 -3.91
CA TYR A 216 -8.53 9.54 -5.33
C TYR A 216 -8.64 11.03 -5.67
N ALA A 217 -8.31 11.87 -4.69
CA ALA A 217 -8.48 13.32 -4.80
C ALA A 217 -7.69 13.98 -5.93
N LYS A 218 -6.49 13.47 -6.21
CA LYS A 218 -5.65 13.90 -7.33
C LYS A 218 -6.41 13.84 -8.67
N ASP A 219 -7.40 12.96 -8.74
CA ASP A 219 -8.12 12.70 -9.99
C ASP A 219 -9.50 13.32 -10.06
N PHE A 220 -9.93 13.98 -8.99
CA PHE A 220 -11.24 14.62 -8.95
C PHE A 220 -11.45 15.56 -10.12
N ASP A 221 -12.68 15.66 -10.57
CA ASP A 221 -13.16 16.75 -11.42
C ASP A 221 -13.01 18.05 -10.61
N PRO A 222 -12.62 19.15 -11.28
CA PRO A 222 -12.53 20.45 -10.59
C PRO A 222 -13.81 20.81 -9.83
N ALA A 223 -14.95 20.45 -10.39
CA ALA A 223 -16.23 20.69 -9.72
C ALA A 223 -16.31 19.89 -8.42
N VAL A 224 -15.90 18.63 -8.48
CA VAL A 224 -15.92 17.75 -7.31
C VAL A 224 -14.95 18.26 -6.23
N THR A 225 -13.75 18.65 -6.66
CA THR A 225 -12.75 19.21 -5.75
C THR A 225 -13.31 20.39 -4.96
N GLU A 226 -13.95 21.33 -5.64
CA GLU A 226 -14.45 22.54 -4.98
C GLU A 226 -15.57 22.26 -4.01
N TYR A 227 -16.55 21.45 -4.44
CA TYR A 227 -17.69 21.10 -3.60
C TYR A 227 -17.25 20.42 -2.33
N ILE A 228 -16.41 19.40 -2.46
CA ILE A 228 -15.94 18.71 -1.27
C ILE A 228 -15.21 19.70 -0.37
N GLN A 229 -14.40 20.56 -0.96
CA GLN A 229 -13.70 21.61 -0.21
C GLN A 229 -14.67 22.51 0.56
N ARG A 230 -15.79 22.85 -0.07
CA ARG A 230 -16.83 23.69 0.55
C ARG A 230 -17.53 23.01 1.74
N LYS A 231 -17.64 21.69 1.68
CA LYS A 231 -18.23 20.89 2.76
C LYS A 231 -17.29 20.73 3.96
N LYS A 232 -15.98 20.79 3.71
CA LYS A 232 -14.98 20.68 4.77
C LYS A 232 -14.65 22.03 5.43
N PHE A 233 -14.62 23.10 4.64
CA PHE A 233 -14.31 24.44 5.13
C PHE A 233 -15.36 25.43 4.61
N PRO A 234 -16.52 25.53 5.31
CA PRO A 234 -17.61 26.33 4.75
C PRO A 234 -17.32 27.84 4.81
N PRO A 235 -17.61 28.58 3.70
CA PRO A 235 -17.50 30.05 3.65
C PRO A 235 -18.46 30.74 4.62
N ASP A 236 -19.72 30.30 4.65
CA ASP A 236 -20.70 30.77 5.66
C ASP A 236 -20.27 30.40 7.08
N ASN A 237 -19.22 29.59 7.19
CA ASN A 237 -18.60 29.16 8.45
C ASN A 237 -19.45 28.29 9.39
N SER A 238 -20.53 27.69 8.88
CA SER A 238 -21.26 26.71 9.67
C SER A 238 -20.37 25.52 10.03
N ALA A 239 -20.94 24.51 10.68
CA ALA A 239 -20.19 23.30 10.99
C ALA A 239 -19.91 22.51 9.70
N PRO A 240 -18.71 21.90 9.59
CA PRO A 240 -18.47 21.05 8.43
C PRO A 240 -19.33 19.78 8.47
N TYR A 241 -19.59 19.21 7.29
CA TYR A 241 -20.29 17.94 7.16
C TYR A 241 -19.36 16.82 7.66
N GLY A 242 -19.95 15.67 8.00
CA GLY A 242 -19.14 14.51 8.37
C GLY A 242 -18.88 13.67 7.13
N ALA A 243 -17.88 12.80 7.21
CA ALA A 243 -17.61 11.90 6.09
C ALA A 243 -17.91 10.43 6.43
N ARG A 244 -18.60 9.76 5.51
CA ARG A 244 -18.76 8.31 5.55
C ARG A 244 -18.67 7.76 4.15
N TYR A 245 -17.83 6.75 3.98
CA TYR A 245 -17.74 6.01 2.73
C TYR A 245 -17.44 4.55 3.00
N VAL A 246 -18.49 3.72 2.97
CA VAL A 246 -18.32 2.29 3.24
C VAL A 246 -17.50 1.67 2.14
N GLY A 247 -17.80 2.04 0.90
CA GLY A 247 -17.19 1.44 -0.28
C GLY A 247 -18.12 0.46 -0.96
N SER A 248 -19.34 0.35 -0.42
CA SER A 248 -20.38 -0.51 -0.97
C SER A 248 -21.56 0.39 -1.32
N MET A 249 -21.98 0.33 -2.58
CA MET A 249 -23.00 1.26 -3.04
C MET A 249 -24.25 1.14 -2.18
N VAL A 250 -24.82 -0.07 -2.16
CA VAL A 250 -26.04 -0.34 -1.43
C VAL A 250 -25.97 0.25 -0.02
N ALA A 251 -24.88 0.02 0.70
CA ALA A 251 -24.71 0.52 2.07
C ALA A 251 -24.62 2.04 2.14
N ASP A 252 -23.79 2.62 1.28
CA ASP A 252 -23.69 4.07 1.17
C ASP A 252 -25.03 4.68 0.72
N VAL A 253 -25.72 4.04 -0.23
CA VAL A 253 -26.97 4.63 -0.76
C VAL A 253 -28.10 4.50 0.24
N HIS A 254 -28.13 3.40 0.99
CA HIS A 254 -29.14 3.26 2.04
C HIS A 254 -28.91 4.22 3.24
N ARG A 255 -27.67 4.38 3.69
CA ARG A 255 -27.37 5.39 4.73
C ARG A 255 -27.85 6.76 4.33
N THR A 256 -27.54 7.14 3.08
CA THR A 256 -27.96 8.43 2.50
C THR A 256 -29.47 8.58 2.63
N LEU A 257 -30.22 7.60 2.12
CA LEU A 257 -31.67 7.55 2.28
C LEU A 257 -32.15 7.69 3.71
N VAL A 258 -31.48 7.03 4.66
CA VAL A 258 -31.86 7.06 6.07
C VAL A 258 -31.45 8.35 6.82
N TYR A 259 -30.19 8.75 6.71
CA TYR A 259 -29.67 9.89 7.47
C TYR A 259 -29.56 11.20 6.68
N GLY A 260 -29.84 11.15 5.38
CA GLY A 260 -29.73 12.34 4.53
C GLY A 260 -28.28 12.64 4.19
N GLY A 261 -28.08 13.45 3.17
CA GLY A 261 -26.74 13.86 2.77
C GLY A 261 -26.51 13.62 1.30
N ILE A 262 -25.29 13.20 0.97
CA ILE A 262 -24.96 13.03 -0.43
C ILE A 262 -23.99 11.90 -0.66
N PHE A 263 -24.22 11.18 -1.75
CA PHE A 263 -23.33 10.16 -2.20
C PHE A 263 -22.87 10.52 -3.61
N LEU A 264 -21.57 10.41 -3.85
CA LEU A 264 -21.04 10.73 -5.16
C LEU A 264 -20.14 9.65 -5.68
N TYR A 265 -20.40 9.23 -6.91
CA TYR A 265 -19.43 8.46 -7.63
C TYR A 265 -19.33 9.17 -8.99
N PRO A 266 -18.60 10.29 -9.02
CA PRO A 266 -18.62 11.22 -10.13
C PRO A 266 -17.68 10.81 -11.25
N ALA A 267 -17.78 11.52 -12.37
CA ALA A 267 -16.84 11.37 -13.47
C ALA A 267 -15.46 12.00 -13.17
N ASN A 268 -14.45 11.61 -13.95
CA ASN A 268 -13.18 12.36 -14.07
C ASN A 268 -12.56 12.21 -15.47
N LYS A 269 -11.37 12.79 -15.70
CA LYS A 269 -10.65 12.68 -16.99
C LYS A 269 -10.40 11.20 -17.33
N LYS A 270 -9.91 10.46 -16.35
CA LYS A 270 -9.62 9.03 -16.47
C LYS A 270 -10.87 8.17 -16.70
N SER A 271 -11.99 8.57 -16.09
CA SER A 271 -13.26 7.86 -16.26
C SER A 271 -14.43 8.85 -16.49
N PRO A 272 -14.60 9.30 -17.74
CA PRO A 272 -15.49 10.43 -18.05
C PRO A 272 -16.96 10.07 -18.01
N ASN A 273 -17.27 8.79 -17.92
CA ASN A 273 -18.66 8.37 -17.75
C ASN A 273 -18.90 7.74 -16.39
N GLY A 274 -18.02 8.03 -15.43
CA GLY A 274 -18.09 7.42 -14.11
C GLY A 274 -17.73 5.95 -14.17
N LYS A 275 -18.06 5.20 -13.13
CA LYS A 275 -17.65 3.80 -13.14
C LYS A 275 -18.78 2.81 -12.84
N LEU A 276 -19.82 3.28 -12.14
CA LEU A 276 -20.96 2.44 -11.79
C LEU A 276 -21.86 2.22 -13.02
N ARG A 277 -22.55 1.09 -13.05
CA ARG A 277 -23.35 0.70 -14.21
C ARG A 277 -24.75 1.28 -14.21
N LEU A 278 -25.14 1.83 -15.35
CA LEU A 278 -26.35 2.64 -15.43
C LEU A 278 -27.58 1.81 -15.15
N LEU A 279 -27.69 0.68 -15.83
CA LEU A 279 -28.92 -0.09 -15.84
C LEU A 279 -29.26 -0.76 -14.52
N TYR A 280 -28.25 -1.24 -13.78
CA TYR A 280 -28.52 -2.05 -12.57
C TYR A 280 -27.90 -1.54 -11.28
N GLU A 281 -27.28 -0.36 -11.32
CA GLU A 281 -26.81 0.26 -10.10
C GLU A 281 -27.37 1.69 -10.04
N CYS A 282 -27.00 2.52 -11.00
CA CYS A 282 -27.43 3.92 -11.03
C CYS A 282 -28.97 4.13 -11.13
N ASN A 283 -29.59 3.60 -12.17
CA ASN A 283 -31.00 3.81 -12.39
C ASN A 283 -31.89 3.37 -11.23
N PRO A 284 -31.68 2.15 -10.71
CA PRO A 284 -32.52 1.74 -9.59
C PRO A 284 -32.32 2.58 -8.33
N MET A 285 -31.10 3.02 -8.07
CA MET A 285 -30.85 3.84 -6.92
C MET A 285 -31.37 5.24 -7.15
N ALA A 286 -31.48 5.63 -8.42
CA ALA A 286 -32.05 6.94 -8.77
C ALA A 286 -33.56 6.99 -8.56
N TYR A 287 -34.21 5.90 -8.96
CA TYR A 287 -35.66 5.74 -8.85
C TYR A 287 -36.06 5.71 -7.38
N VAL A 288 -35.39 4.89 -6.59
CA VAL A 288 -35.62 4.90 -5.15
C VAL A 288 -35.46 6.31 -4.59
N MET A 289 -34.36 6.98 -4.93
CA MET A 289 -34.15 8.35 -4.50
C MET A 289 -35.29 9.26 -4.89
N GLU A 290 -35.77 9.14 -6.11
CA GLU A 290 -36.81 10.06 -6.58
C GLU A 290 -38.17 9.80 -5.95
N LYS A 291 -38.52 8.52 -5.79
CA LYS A 291 -39.80 8.16 -5.16
C LYS A 291 -39.81 8.55 -3.67
N ALA A 292 -38.63 8.85 -3.16
CA ALA A 292 -38.43 9.22 -1.76
C ALA A 292 -38.22 10.74 -1.60
N GLY A 293 -38.44 11.44 -2.72
CA GLY A 293 -38.38 12.90 -2.76
C GLY A 293 -36.97 13.45 -2.78
N GLY A 294 -36.04 12.71 -3.38
CA GLY A 294 -34.65 13.13 -3.47
C GLY A 294 -34.17 13.28 -4.90
N MET A 295 -32.87 13.37 -5.08
CA MET A 295 -32.32 13.74 -6.39
C MET A 295 -31.15 12.89 -6.82
N ALA A 296 -31.15 12.57 -8.11
CA ALA A 296 -30.07 11.83 -8.73
C ALA A 296 -29.71 12.54 -10.03
N THR A 297 -28.43 12.84 -10.21
CA THR A 297 -27.95 13.51 -11.43
C THR A 297 -26.57 13.01 -11.85
N THR A 298 -26.24 13.21 -13.12
CA THR A 298 -24.93 12.86 -13.64
C THR A 298 -24.09 14.13 -13.72
N GLY A 299 -24.76 15.25 -13.53
CA GLY A 299 -24.15 16.55 -13.74
C GLY A 299 -24.81 17.20 -14.94
N LYS A 300 -24.81 16.49 -16.06
CA LYS A 300 -25.39 16.99 -17.30
C LYS A 300 -26.87 16.68 -17.38
N GLU A 301 -27.28 15.58 -16.77
CA GLU A 301 -28.68 15.17 -16.82
C GLU A 301 -29.15 14.39 -15.60
N ALA A 302 -30.47 14.16 -15.57
CA ALA A 302 -31.08 13.19 -14.68
C ALA A 302 -30.62 11.78 -15.06
N VAL A 303 -30.21 11.03 -14.06
CA VAL A 303 -29.86 9.64 -14.22
C VAL A 303 -31.01 8.90 -14.92
N LEU A 304 -32.22 9.07 -14.42
CA LEU A 304 -33.40 8.40 -14.97
C LEU A 304 -33.73 8.75 -16.44
N ASP A 305 -33.15 9.85 -16.96
CA ASP A 305 -33.48 10.33 -18.31
C ASP A 305 -32.53 9.89 -19.41
N VAL A 306 -31.37 9.37 -19.01
CA VAL A 306 -30.36 8.92 -19.93
C VAL A 306 -30.95 7.76 -20.73
N ILE A 307 -30.94 7.88 -22.05
CA ILE A 307 -31.30 6.77 -22.93
C ILE A 307 -30.06 5.92 -23.16
N PRO A 308 -30.10 4.67 -22.67
CA PRO A 308 -28.93 3.81 -22.78
C PRO A 308 -28.76 3.30 -24.20
N THR A 309 -27.52 2.89 -24.53
CA THR A 309 -27.17 2.34 -25.83
C THR A 309 -26.28 1.12 -25.66
N ASP A 310 -25.85 0.87 -24.42
CA ASP A 310 -25.14 -0.37 -24.09
C ASP A 310 -25.69 -0.82 -22.73
N ILE A 311 -26.06 -2.10 -22.58
CA ILE A 311 -26.62 -2.61 -21.30
C ILE A 311 -25.60 -2.60 -20.18
N HIS A 312 -24.32 -2.62 -20.54
CA HIS A 312 -23.28 -2.53 -19.53
C HIS A 312 -22.63 -1.15 -19.42
N GLN A 313 -23.33 -0.14 -19.95
CA GLN A 313 -22.80 1.21 -19.97
C GLN A 313 -22.79 1.86 -18.60
N ARG A 314 -21.86 2.79 -18.45
CA ARG A 314 -21.60 3.44 -17.20
C ARG A 314 -22.18 4.83 -17.21
N ALA A 315 -22.54 5.33 -16.03
CA ALA A 315 -22.94 6.71 -15.86
C ALA A 315 -22.29 7.26 -14.62
N PRO A 316 -22.04 8.58 -14.59
CA PRO A 316 -21.74 9.20 -13.29
C PRO A 316 -23.04 9.34 -12.46
N VAL A 317 -22.91 9.36 -11.14
CA VAL A 317 -24.10 9.49 -10.28
C VAL A 317 -23.81 10.33 -9.05
N ILE A 318 -24.63 11.35 -8.86
CA ILE A 318 -24.62 12.13 -7.65
C ILE A 318 -26.03 12.11 -7.13
N LEU A 319 -26.20 11.74 -5.86
CA LEU A 319 -27.53 11.56 -5.29
C LEU A 319 -27.65 11.91 -3.80
N GLY A 320 -28.89 12.11 -3.35
CA GLY A 320 -29.17 12.38 -1.94
C GLY A 320 -30.23 13.44 -1.69
N SER A 321 -30.06 14.16 -0.58
CA SER A 321 -30.90 15.33 -0.25
C SER A 321 -30.91 16.34 -1.39
N PRO A 322 -32.08 16.86 -1.76
CA PRO A 322 -32.05 17.80 -2.90
C PRO A 322 -31.24 19.10 -2.61
N ASP A 323 -31.32 19.63 -1.39
CA ASP A 323 -30.50 20.78 -1.01
C ASP A 323 -29.01 20.49 -1.17
N ASP A 324 -28.60 19.25 -0.92
CA ASP A 324 -27.20 18.92 -1.13
C ASP A 324 -26.89 18.77 -2.61
N VAL A 325 -27.67 17.98 -3.34
CA VAL A 325 -27.42 17.77 -4.75
C VAL A 325 -27.45 19.11 -5.47
N LEU A 326 -28.54 19.86 -5.35
CA LEU A 326 -28.59 21.19 -5.95
C LEU A 326 -27.30 21.94 -5.68
N GLU A 327 -26.85 21.91 -4.42
CA GLU A 327 -25.66 22.66 -4.01
C GLU A 327 -24.43 22.19 -4.78
N PHE A 328 -24.44 20.92 -5.18
CA PHE A 328 -23.33 20.38 -5.93
C PHE A 328 -23.40 20.90 -7.36
N LEU A 329 -24.62 21.00 -7.89
CA LEU A 329 -24.82 21.50 -9.23
C LEU A 329 -24.46 22.99 -9.36
N LYS A 330 -24.73 23.78 -8.33
CA LYS A 330 -24.27 25.18 -8.31
C LYS A 330 -22.79 25.22 -8.59
N VAL A 331 -22.03 24.42 -7.85
CA VAL A 331 -20.60 24.27 -8.08
C VAL A 331 -20.31 23.70 -9.47
N TYR A 332 -21.07 22.68 -9.89
CA TYR A 332 -20.86 21.99 -11.17
C TYR A 332 -21.00 22.95 -12.35
N GLU A 333 -22.03 23.79 -12.28
CA GLU A 333 -22.36 24.75 -13.32
C GLU A 333 -21.32 25.88 -13.34
N LYS A 334 -20.78 26.22 -12.17
CA LYS A 334 -19.71 27.21 -12.03
C LYS A 334 -18.42 26.75 -12.74
N HIS A 335 -18.28 25.43 -12.90
CA HIS A 335 -17.16 24.86 -13.66
C HIS A 335 -17.65 24.38 -15.01
N SER A 336 -18.77 24.93 -15.47
CA SER A 336 -19.44 24.56 -16.74
C SER A 336 -19.84 23.07 -16.79
N ALA A 337 -19.14 22.21 -17.31
N ASP B 10 -8.29 -30.92 10.11
CA ASP B 10 -9.44 -31.05 11.06
C ASP B 10 -10.19 -29.74 11.22
N VAL B 11 -11.52 -29.84 11.28
CA VAL B 11 -12.38 -28.72 11.60
C VAL B 11 -12.07 -28.25 13.04
N ASN B 12 -12.17 -26.96 13.28
CA ASN B 12 -11.97 -26.44 14.61
C ASN B 12 -13.04 -25.43 14.93
N THR B 13 -13.44 -25.42 16.19
CA THR B 13 -14.47 -24.52 16.67
C THR B 13 -13.84 -23.64 17.73
N LEU B 14 -14.50 -22.55 18.09
CA LEU B 14 -14.01 -21.68 19.16
C LEU B 14 -13.90 -22.40 20.51
N THR B 15 -14.85 -23.29 20.80
CA THR B 15 -14.86 -24.00 22.09
C THR B 15 -13.71 -24.99 22.16
N ARG B 16 -13.57 -25.78 21.10
CA ARG B 16 -12.56 -26.80 20.98
C ARG B 16 -11.15 -26.22 20.97
N PHE B 17 -10.98 -25.10 20.29
CA PHE B 17 -9.71 -24.39 20.19
C PHE B 17 -9.28 -23.81 21.53
N VAL B 18 -10.22 -23.20 22.24
CA VAL B 18 -9.94 -22.61 23.54
C VAL B 18 -9.59 -23.73 24.54
N MET B 19 -10.32 -24.83 24.48
CA MET B 19 -10.07 -25.95 25.39
C MET B 19 -8.67 -26.51 25.24
N GLU B 20 -8.23 -26.67 24.01
CA GLU B 20 -6.95 -27.30 23.79
C GLU B 20 -5.78 -26.36 24.09
N GLU B 21 -5.97 -25.05 23.91
CA GLU B 21 -4.96 -24.07 24.32
C GLU B 21 -4.88 -23.97 25.85
N GLY B 22 -6.03 -24.09 26.51
CA GLY B 22 -6.11 -24.13 27.96
C GLY B 22 -5.45 -25.37 28.52
N ARG B 23 -5.71 -26.53 27.92
CA ARG B 23 -5.06 -27.76 28.35
C ARG B 23 -3.56 -27.68 28.15
N LYS B 24 -3.12 -27.12 27.02
CA LYS B 24 -1.70 -26.90 26.76
C LYS B 24 -1.09 -26.14 27.92
N ALA B 25 -1.70 -25.01 28.27
CA ALA B 25 -1.19 -24.13 29.32
C ALA B 25 -1.38 -24.67 30.73
N ARG B 26 -1.94 -25.88 30.84
CA ARG B 26 -2.14 -26.54 32.13
C ARG B 26 -3.02 -25.73 33.10
N GLY B 27 -3.72 -24.73 32.56
CA GLY B 27 -4.57 -23.84 33.35
C GLY B 27 -5.74 -24.55 34.00
N THR B 28 -6.46 -23.82 34.83
CA THR B 28 -7.50 -24.39 35.67
C THR B 28 -8.87 -24.44 35.00
N GLY B 29 -8.97 -23.84 33.81
CA GLY B 29 -10.24 -23.75 33.08
C GLY B 29 -11.01 -22.47 33.23
N GLU B 30 -10.57 -21.60 34.14
CA GLU B 30 -11.26 -20.33 34.39
C GLU B 30 -11.41 -19.46 33.15
N LEU B 31 -10.37 -19.34 32.34
CA LEU B 31 -10.43 -18.39 31.22
C LEU B 31 -11.23 -18.98 30.05
N THR B 32 -11.23 -20.30 29.97
CA THR B 32 -12.02 -21.01 29.03
C THR B 32 -13.52 -20.84 29.36
N GLN B 33 -13.89 -21.07 30.62
CA GLN B 33 -15.25 -20.79 31.07
C GLN B 33 -15.69 -19.38 30.72
N LEU B 34 -14.75 -18.44 30.79
CA LEU B 34 -15.05 -17.02 30.57
C LEU B 34 -15.32 -16.74 29.11
N LEU B 35 -14.45 -17.27 28.27
CA LEU B 35 -14.54 -17.05 26.84
C LEU B 35 -15.80 -17.68 26.24
N ASN B 36 -16.22 -18.81 26.80
CA ASN B 36 -17.42 -19.52 26.36
C ASN B 36 -18.68 -18.76 26.75
N SER B 37 -18.71 -18.24 27.97
CA SER B 37 -19.80 -17.37 28.37
C SER B 37 -19.89 -16.17 27.45
N LEU B 38 -18.72 -15.66 27.03
CA LEU B 38 -18.68 -14.49 26.17
C LEU B 38 -19.17 -14.84 24.77
N CYS B 39 -18.61 -15.91 24.22
CA CYS B 39 -19.00 -16.46 22.93
C CYS B 39 -20.51 -16.70 22.85
N THR B 40 -21.08 -17.22 23.94
CA THR B 40 -22.50 -17.51 23.98
C THR B 40 -23.29 -16.25 23.88
N ALA B 41 -22.88 -15.23 24.62
CA ALA B 41 -23.53 -13.95 24.61
C ALA B 41 -23.51 -13.34 23.22
N VAL B 42 -22.37 -13.42 22.54
CA VAL B 42 -22.19 -12.89 21.19
C VAL B 42 -23.19 -13.49 20.21
N LYS B 43 -23.42 -14.80 20.34
CA LYS B 43 -24.37 -15.50 19.49
C LYS B 43 -25.76 -14.92 19.70
N ALA B 44 -26.06 -14.63 20.97
CA ALA B 44 -27.32 -13.98 21.37
C ALA B 44 -27.41 -12.54 20.89
N ILE B 45 -26.28 -11.88 20.82
CA ILE B 45 -26.27 -10.51 20.31
C ILE B 45 -26.43 -10.52 18.80
N SER B 46 -25.69 -11.40 18.13
CA SER B 46 -25.77 -11.59 16.68
C SER B 46 -27.23 -11.80 16.32
N SER B 47 -27.91 -12.68 17.04
CA SER B 47 -29.27 -13.10 16.70
C SER B 47 -30.27 -11.98 16.74
N ALA B 48 -30.09 -11.06 17.67
CA ALA B 48 -31.02 -9.97 17.87
C ALA B 48 -30.69 -8.84 16.91
N VAL B 49 -29.40 -8.70 16.61
CA VAL B 49 -28.95 -7.68 15.68
C VAL B 49 -29.43 -7.98 14.25
N ARG B 50 -29.37 -9.26 13.84
CA ARG B 50 -29.99 -9.74 12.59
C ARG B 50 -31.54 -9.77 12.66
N LYS B 51 -32.09 -9.37 13.80
CA LYS B 51 -33.53 -9.11 13.93
C LYS B 51 -34.44 -10.34 13.99
N ALA B 52 -33.95 -11.46 14.51
CA ALA B 52 -34.82 -12.60 14.75
C ALA B 52 -35.89 -12.12 15.72
N GLY B 53 -37.13 -12.50 15.47
CA GLY B 53 -38.25 -12.11 16.33
C GLY B 53 -38.91 -10.78 16.02
N ILE B 54 -38.36 -10.02 15.06
CA ILE B 54 -38.87 -8.64 14.81
C ILE B 54 -40.36 -8.62 14.40
N ALA B 55 -40.84 -9.70 13.81
CA ALA B 55 -42.27 -9.81 13.48
C ALA B 55 -43.15 -9.74 14.72
N HIS B 56 -42.65 -10.26 15.85
CA HIS B 56 -43.36 -10.20 17.14
C HIS B 56 -43.49 -8.79 17.72
N LEU B 57 -42.40 -8.01 17.67
CA LEU B 57 -42.45 -6.57 17.95
C LEU B 57 -43.52 -5.83 17.09
N TYR B 58 -43.64 -6.21 15.81
CA TYR B 58 -44.53 -5.48 14.90
C TYR B 58 -45.97 -6.04 14.88
N GLY B 59 -46.31 -6.81 15.91
CA GLY B 59 -47.66 -7.26 16.17
C GLY B 59 -48.19 -8.44 15.40
N ILE B 60 -47.34 -9.44 15.14
CA ILE B 60 -47.74 -10.66 14.41
C ILE B 60 -48.71 -11.56 15.21
N ALA B 61 -48.51 -11.63 16.54
CA ALA B 61 -49.39 -12.39 17.43
C ALA B 61 -50.45 -11.53 18.10
N GLY B 62 -50.54 -10.26 17.69
CA GLY B 62 -51.51 -9.28 18.24
C GLY B 62 -51.00 -8.46 19.43
N LYS B 73 -32.81 0.04 22.62
CA LYS B 73 -32.98 -1.23 23.33
C LYS B 73 -31.84 -2.19 23.05
N LEU B 74 -31.44 -2.30 21.78
CA LEU B 74 -30.51 -3.33 21.37
C LEU B 74 -29.14 -3.26 22.07
N ASP B 75 -28.61 -2.06 22.25
CA ASP B 75 -27.38 -1.90 23.02
C ASP B 75 -27.61 -2.16 24.52
N VAL B 76 -28.80 -1.79 25.00
CA VAL B 76 -29.19 -2.09 26.38
C VAL B 76 -29.34 -3.61 26.54
N LEU B 77 -29.95 -4.28 25.56
CA LEU B 77 -30.09 -5.73 25.60
C LEU B 77 -28.73 -6.42 25.50
N SER B 78 -27.86 -5.89 24.63
CA SER B 78 -26.56 -6.50 24.39
C SER B 78 -25.69 -6.47 25.64
N ASN B 79 -25.68 -5.30 26.27
CA ASN B 79 -25.00 -5.09 27.53
C ASN B 79 -25.52 -6.06 28.59
N ASP B 80 -26.83 -6.22 28.64
CA ASP B 80 -27.47 -7.18 29.53
C ASP B 80 -26.94 -8.60 29.33
N LEU B 81 -26.81 -9.02 28.07
CA LEU B 81 -26.37 -10.37 27.72
C LEU B 81 -24.91 -10.65 28.11
N VAL B 82 -24.01 -9.73 27.76
CA VAL B 82 -22.63 -9.86 28.18
C VAL B 82 -22.51 -9.82 29.70
N MET B 83 -23.20 -8.88 30.34
CA MET B 83 -23.18 -8.71 31.80
C MET B 83 -23.58 -9.99 32.49
N ASN B 84 -24.78 -10.48 32.17
CA ASN B 84 -25.25 -11.72 32.77
C ASN B 84 -24.39 -12.95 32.46
N MET B 85 -23.88 -13.06 31.24
CA MET B 85 -23.12 -14.25 30.87
C MET B 85 -21.77 -14.29 31.59
N LEU B 86 -21.21 -13.11 31.87
CA LEU B 86 -19.93 -13.03 32.54
C LEU B 86 -20.05 -13.22 34.06
N LYS B 87 -21.08 -12.63 34.66
CA LYS B 87 -21.36 -12.87 36.07
C LYS B 87 -21.51 -14.37 36.32
N SER B 88 -22.36 -15.02 35.53
CA SER B 88 -22.71 -16.40 35.79
C SER B 88 -21.62 -17.39 35.39
N SER B 89 -20.53 -16.86 34.85
CA SER B 89 -19.40 -17.68 34.43
C SER B 89 -18.50 -17.99 35.61
N PHE B 90 -18.70 -17.26 36.71
CA PHE B 90 -17.84 -17.32 37.90
C PHE B 90 -16.35 -17.08 37.58
N ALA B 91 -16.06 -16.41 36.46
CA ALA B 91 -14.65 -16.19 36.06
C ALA B 91 -14.20 -14.72 36.18
N THR B 92 -15.12 -13.87 36.64
CA THR B 92 -14.92 -12.43 36.59
C THR B 92 -15.15 -11.83 37.97
N CYS B 93 -14.65 -10.61 38.17
CA CYS B 93 -14.94 -9.88 39.42
C CYS B 93 -15.23 -8.41 39.20
N VAL B 94 -14.61 -7.83 38.17
CA VAL B 94 -14.83 -6.43 37.81
C VAL B 94 -15.26 -6.38 36.34
N LEU B 95 -16.41 -5.78 36.08
CA LEU B 95 -16.91 -5.59 34.72
C LEU B 95 -17.02 -4.10 34.39
N VAL B 96 -16.28 -3.69 33.35
CA VAL B 96 -16.36 -2.33 32.84
C VAL B 96 -16.98 -2.34 31.46
N SER B 97 -18.09 -1.62 31.36
CA SER B 97 -18.85 -1.53 30.14
C SER B 97 -19.02 -0.11 29.73
N GLU B 98 -18.99 0.10 28.42
CA GLU B 98 -19.33 1.35 27.81
C GLU B 98 -20.67 1.92 28.32
N GLU B 99 -21.62 1.03 28.62
CA GLU B 99 -22.99 1.41 29.01
C GLU B 99 -23.18 1.78 30.48
N ASP B 100 -22.14 1.61 31.28
CA ASP B 100 -22.27 1.75 32.73
C ASP B 100 -21.25 2.77 33.27
N LYS B 101 -21.74 3.77 33.99
CA LYS B 101 -20.91 4.88 34.48
C LYS B 101 -19.79 4.44 35.43
N HIS B 102 -20.12 3.53 36.35
CA HIS B 102 -19.14 2.95 37.24
C HIS B 102 -18.95 1.47 36.95
N ALA B 103 -17.78 0.95 37.32
CA ALA B 103 -17.49 -0.46 37.17
C ALA B 103 -18.48 -1.30 37.96
N ILE B 104 -18.75 -2.50 37.48
CA ILE B 104 -19.60 -3.42 38.21
C ILE B 104 -18.68 -4.33 39.01
N ILE B 105 -19.01 -4.49 40.28
CA ILE B 105 -18.34 -5.48 41.08
C ILE B 105 -19.26 -6.66 41.13
N VAL B 106 -18.75 -7.82 40.78
CA VAL B 106 -19.53 -9.05 40.81
C VAL B 106 -19.81 -9.45 42.27
N GLU B 107 -21.00 -9.97 42.52
CA GLU B 107 -21.36 -10.44 43.86
C GLU B 107 -20.46 -11.62 44.30
N PRO B 108 -20.25 -11.81 45.62
CA PRO B 108 -19.12 -12.64 46.06
C PRO B 108 -19.14 -14.13 45.68
N GLU B 109 -20.33 -14.72 45.50
CA GLU B 109 -20.41 -16.14 45.13
C GLU B 109 -20.07 -16.41 43.67
N LYS B 110 -20.18 -15.39 42.84
CA LYS B 110 -19.90 -15.55 41.43
C LYS B 110 -18.50 -15.02 41.11
N ARG B 111 -17.93 -14.32 42.08
CA ARG B 111 -16.62 -13.70 41.93
C ARG B 111 -15.58 -14.68 41.37
N GLY B 112 -14.79 -14.19 40.42
CA GLY B 112 -13.74 -14.97 39.77
C GLY B 112 -12.50 -14.11 39.71
N LYS B 113 -11.47 -14.56 39.00
CA LYS B 113 -10.22 -13.83 39.07
C LYS B 113 -9.98 -12.83 37.93
N TYR B 114 -10.92 -12.69 37.01
CA TYR B 114 -10.69 -11.85 35.82
C TYR B 114 -11.47 -10.55 35.78
N VAL B 115 -10.89 -9.56 35.11
CA VAL B 115 -11.51 -8.27 34.87
C VAL B 115 -11.70 -8.18 33.37
N VAL B 116 -12.89 -7.72 32.95
CA VAL B 116 -13.24 -7.62 31.54
C VAL B 116 -13.81 -6.23 31.25
N CYS B 117 -13.25 -5.57 30.23
CA CYS B 117 -13.80 -4.30 29.74
C CYS B 117 -14.34 -4.52 28.35
N PHE B 118 -15.57 -4.08 28.12
CA PHE B 118 -16.23 -4.35 26.84
C PHE B 118 -17.14 -3.23 26.31
N ASP B 119 -17.16 -3.09 25.00
CA ASP B 119 -18.25 -2.39 24.34
C ASP B 119 -19.19 -3.45 23.76
N PRO B 120 -20.40 -3.57 24.32
CA PRO B 120 -21.27 -4.68 23.92
C PRO B 120 -21.87 -4.49 22.53
N LEU B 121 -22.07 -3.24 22.13
CA LEU B 121 -22.59 -2.98 20.80
C LEU B 121 -22.07 -1.68 20.21
N ASP B 122 -20.83 -1.71 19.74
CA ASP B 122 -20.24 -0.52 19.10
C ASP B 122 -20.95 -0.14 17.80
N GLY B 123 -21.16 1.16 17.64
CA GLY B 123 -21.77 1.71 16.44
C GLY B 123 -23.28 1.72 16.52
N SER B 124 -23.83 1.33 17.68
CA SER B 124 -25.28 1.13 17.85
C SER B 124 -26.14 2.35 17.54
N SER B 125 -25.71 3.55 17.94
CA SER B 125 -26.50 4.77 17.66
C SER B 125 -26.67 5.05 16.15
N ASN B 126 -25.85 4.41 15.31
CA ASN B 126 -26.03 4.40 13.85
C ASN B 126 -26.60 3.07 13.25
N ILE B 127 -27.33 2.30 14.05
CA ILE B 127 -27.97 1.04 13.60
C ILE B 127 -29.23 1.27 12.77
N ASP B 128 -29.55 2.53 12.50
CA ASP B 128 -30.72 2.89 11.71
C ASP B 128 -30.48 2.54 10.26
N CYS B 129 -29.25 2.77 9.81
CA CYS B 129 -28.87 2.50 8.43
C CYS B 129 -28.24 1.12 8.28
N LEU B 130 -28.42 0.30 9.32
CA LEU B 130 -27.97 -1.09 9.37
C LEU B 130 -26.48 -1.21 9.07
N VAL B 131 -25.73 -0.20 9.52
CA VAL B 131 -24.27 -0.23 9.49
C VAL B 131 -23.81 -1.41 10.36
N SER B 132 -22.75 -2.10 9.94
CA SER B 132 -22.08 -3.05 10.81
C SER B 132 -21.98 -2.49 12.22
N VAL B 133 -22.22 -3.37 13.16
CA VAL B 133 -21.98 -3.08 14.55
C VAL B 133 -21.04 -4.17 15.08
N GLY B 134 -20.49 -3.99 16.28
CA GLY B 134 -19.62 -5.01 16.86
C GLY B 134 -19.69 -5.05 18.37
N THR B 135 -19.00 -6.03 18.96
CA THR B 135 -18.77 -6.06 20.39
C THR B 135 -17.24 -6.03 20.60
N ILE B 136 -16.76 -5.15 21.46
CA ILE B 136 -15.32 -5.06 21.74
C ILE B 136 -15.04 -5.53 23.16
N PHE B 137 -13.96 -6.29 23.35
CA PHE B 137 -13.63 -6.79 24.69
C PHE B 137 -12.12 -7.00 24.88
N GLY B 138 -11.71 -6.94 26.15
CA GLY B 138 -10.35 -7.22 26.58
C GLY B 138 -10.41 -7.72 28.01
N ILE B 139 -9.49 -8.61 28.36
CA ILE B 139 -9.57 -9.35 29.62
C ILE B 139 -8.27 -9.27 30.43
N TYR B 140 -8.39 -8.93 31.71
CA TYR B 140 -7.23 -8.84 32.62
C TYR B 140 -7.29 -9.84 33.78
N ARG B 141 -6.13 -10.22 34.32
CA ARG B 141 -6.10 -10.78 35.66
C ARG B 141 -6.28 -9.67 36.69
N LYS B 142 -7.16 -9.92 37.66
CA LYS B 142 -7.35 -9.08 38.85
C LYS B 142 -6.01 -8.76 39.55
N LYS B 143 -5.93 -7.61 40.24
CA LYS B 143 -4.63 -7.09 40.69
C LYS B 143 -4.17 -7.58 42.07
N SER B 144 -5.10 -7.73 43.01
CA SER B 144 -4.90 -8.74 44.07
C SER B 144 -6.17 -9.09 44.84
N THR B 145 -6.01 -10.02 45.79
CA THR B 145 -7.05 -10.50 46.71
C THR B 145 -7.84 -9.37 47.33
N ASP B 146 -7.22 -8.18 47.34
CA ASP B 146 -7.89 -6.94 47.74
C ASP B 146 -9.26 -6.87 47.09
N GLU B 147 -10.30 -7.08 47.91
CA GLU B 147 -11.69 -7.02 47.46
C GLU B 147 -11.81 -6.18 46.19
N PRO B 148 -12.28 -6.79 45.08
CA PRO B 148 -12.24 -6.13 43.78
C PRO B 148 -12.81 -4.70 43.82
N SER B 149 -12.19 -3.80 43.05
CA SER B 149 -12.70 -2.44 42.91
C SER B 149 -12.46 -1.92 41.49
N GLU B 150 -13.05 -0.76 41.21
CA GLU B 150 -12.82 -0.03 39.97
C GLU B 150 -11.33 0.01 39.61
N LYS B 151 -10.46 0.11 40.62
CA LYS B 151 -9.00 0.10 40.42
C LYS B 151 -8.48 -1.07 39.59
N ASP B 152 -9.18 -2.20 39.67
CA ASP B 152 -8.71 -3.42 39.02
C ASP B 152 -8.82 -3.32 37.51
N ALA B 153 -9.60 -2.36 37.06
CA ALA B 153 -9.75 -2.06 35.64
C ALA B 153 -8.69 -1.07 35.15
N LEU B 154 -8.15 -0.26 36.06
CA LEU B 154 -7.13 0.74 35.68
C LEU B 154 -5.75 0.07 35.48
N GLN B 155 -5.62 -0.65 34.38
CA GLN B 155 -4.40 -1.35 34.03
C GLN B 155 -4.03 -1.05 32.60
N PRO B 156 -2.72 -0.94 32.31
CA PRO B 156 -2.29 -0.70 30.93
C PRO B 156 -2.54 -1.92 30.03
N GLY B 157 -2.83 -1.64 28.76
CA GLY B 157 -3.05 -2.64 27.71
C GLY B 157 -2.11 -3.80 27.72
N ARG B 158 -0.83 -3.54 27.97
CA ARG B 158 0.21 -4.59 28.07
C ARG B 158 -0.20 -5.71 29.00
N ASN B 159 -1.14 -5.44 29.91
CA ASN B 159 -1.54 -6.47 30.87
C ASN B 159 -2.69 -7.35 30.40
N LEU B 160 -3.19 -7.09 29.19
CA LEU B 160 -4.20 -7.96 28.62
C LEU B 160 -3.71 -9.39 28.50
N VAL B 161 -4.59 -10.30 28.92
CA VAL B 161 -4.40 -11.75 28.77
C VAL B 161 -5.05 -12.23 27.47
N ALA B 162 -6.21 -11.67 27.12
CA ALA B 162 -6.86 -11.86 25.80
C ALA B 162 -7.72 -10.67 25.43
N ALA B 163 -7.96 -10.49 24.14
CA ALA B 163 -8.81 -9.39 23.67
C ALA B 163 -9.28 -9.66 22.28
N GLY B 164 -10.31 -8.92 21.89
CA GLY B 164 -10.73 -8.90 20.51
C GLY B 164 -12.13 -8.38 20.37
N TYR B 165 -12.80 -8.80 19.32
CA TYR B 165 -14.13 -8.28 19.02
C TYR B 165 -14.99 -9.31 18.27
N ALA B 166 -16.29 -9.08 18.26
CA ALA B 166 -17.18 -9.77 17.34
C ALA B 166 -17.71 -8.72 16.39
N LEU B 167 -17.65 -8.99 15.09
CA LEU B 167 -18.21 -8.03 14.15
C LEU B 167 -19.48 -8.60 13.55
N TYR B 168 -20.59 -7.88 13.69
CA TYR B 168 -21.84 -8.28 13.05
C TYR B 168 -21.93 -7.58 11.70
N GLY B 169 -21.20 -8.14 10.75
CA GLY B 169 -21.10 -7.59 9.40
C GLY B 169 -22.03 -8.34 8.47
N SER B 170 -21.64 -8.51 7.21
CA SER B 170 -22.42 -9.35 6.28
C SER B 170 -22.55 -10.78 6.80
N ALA B 171 -21.57 -11.25 7.54
CA ALA B 171 -21.73 -12.41 8.42
C ALA B 171 -21.16 -12.03 9.76
N THR B 172 -21.32 -12.89 10.77
CA THR B 172 -20.77 -12.64 12.10
C THR B 172 -19.42 -13.35 12.27
N MET B 173 -18.41 -12.57 12.62
CA MET B 173 -17.04 -13.04 12.81
C MET B 173 -16.59 -12.66 14.18
N LEU B 174 -15.96 -13.59 14.88
CA LEU B 174 -15.30 -13.35 16.13
C LEU B 174 -13.81 -13.36 15.89
N VAL B 175 -13.14 -12.31 16.33
CA VAL B 175 -11.70 -12.23 16.27
C VAL B 175 -11.14 -12.33 17.70
N LEU B 176 -10.26 -13.30 17.93
CA LEU B 176 -9.70 -13.52 19.25
C LEU B 176 -8.18 -13.45 19.26
N ALA B 177 -7.65 -12.47 19.99
CA ALA B 177 -6.20 -12.34 20.17
C ALA B 177 -5.75 -12.75 21.57
N MET B 178 -4.66 -13.50 21.60
CA MET B 178 -4.06 -13.99 22.85
C MET B 178 -2.57 -14.11 22.56
N ASP B 179 -1.82 -14.53 23.57
CA ASP B 179 -0.40 -14.82 23.38
C ASP B 179 -0.04 -15.68 22.17
N CYS B 180 -0.88 -16.65 21.81
CA CYS B 180 -0.59 -17.54 20.69
C CYS B 180 -0.79 -16.88 19.32
N GLY B 181 -1.36 -15.67 19.34
CA GLY B 181 -1.68 -14.93 18.14
C GLY B 181 -3.17 -14.65 18.00
N VAL B 182 -3.54 -14.23 16.79
CA VAL B 182 -4.90 -13.85 16.47
C VAL B 182 -5.54 -14.94 15.61
N ASN B 183 -6.73 -15.39 16.01
CA ASN B 183 -7.50 -16.37 15.24
C ASN B 183 -8.92 -15.88 14.98
N CYS B 184 -9.43 -16.16 13.78
CA CYS B 184 -10.72 -15.64 13.35
C CYS B 184 -11.74 -16.75 13.13
N PHE B 185 -12.90 -16.58 13.74
CA PHE B 185 -13.95 -17.59 13.78
C PHE B 185 -15.22 -17.04 13.15
N MET B 186 -15.84 -17.83 12.28
CA MET B 186 -17.06 -17.41 11.63
C MET B 186 -18.27 -18.06 12.27
N LEU B 187 -19.22 -17.26 12.74
CA LEU B 187 -20.46 -17.85 13.27
C LEU B 187 -21.31 -18.49 12.16
N ASP B 188 -21.44 -19.83 12.18
CA ASP B 188 -22.36 -20.58 11.30
C ASP B 188 -23.74 -20.63 11.96
N PRO B 189 -24.69 -19.83 11.45
CA PRO B 189 -26.03 -19.75 12.04
C PRO B 189 -26.86 -21.04 12.00
N ALA B 190 -26.55 -21.95 11.10
CA ALA B 190 -27.32 -23.20 11.00
C ALA B 190 -27.16 -24.03 12.25
N ILE B 191 -25.95 -24.02 12.82
CA ILE B 191 -25.61 -24.88 13.95
C ILE B 191 -25.22 -24.04 15.18
N GLY B 192 -25.17 -22.72 15.01
CA GLY B 192 -24.87 -21.80 16.09
C GLY B 192 -23.51 -22.10 16.65
N GLU B 193 -22.50 -22.03 15.80
CA GLU B 193 -21.16 -22.48 16.15
C GLU B 193 -20.13 -21.65 15.40
N PHE B 194 -19.08 -21.24 16.10
CA PHE B 194 -18.00 -20.44 15.55
C PHE B 194 -16.92 -21.30 14.93
N ILE B 195 -16.71 -21.14 13.63
CA ILE B 195 -15.80 -22.01 12.92
C ILE B 195 -14.50 -21.30 12.69
N LEU B 196 -13.39 -21.94 13.03
CA LEU B 196 -12.09 -21.33 12.78
C LEU B 196 -11.86 -21.24 11.27
N VAL B 197 -11.66 -20.02 10.77
CA VAL B 197 -11.48 -19.86 9.33
C VAL B 197 -10.15 -19.21 8.93
N ASP B 198 -9.57 -18.46 9.87
CA ASP B 198 -8.26 -17.85 9.67
C ASP B 198 -7.32 -18.03 10.86
N LYS B 199 -6.28 -18.83 10.64
CA LYS B 199 -5.32 -19.20 11.68
C LYS B 199 -4.10 -18.26 11.76
N ASP B 200 -3.76 -17.88 12.99
CA ASP B 200 -2.54 -17.13 13.31
C ASP B 200 -2.36 -16.03 12.28
N VAL B 201 -3.32 -15.13 12.28
CA VAL B 201 -3.42 -14.07 11.28
C VAL B 201 -2.34 -13.01 11.49
N LYS B 202 -1.74 -12.56 10.39
CA LYS B 202 -0.77 -11.47 10.41
C LYS B 202 -1.22 -10.37 9.44
N ILE B 203 -1.15 -9.13 9.88
CA ILE B 203 -1.48 -7.99 9.02
C ILE B 203 -0.40 -7.78 7.96
N LYS B 204 -0.79 -7.25 6.80
CA LYS B 204 0.14 -6.82 5.78
C LYS B 204 1.13 -5.86 6.38
N LYS B 205 2.38 -5.96 5.91
CA LYS B 205 3.45 -5.02 6.26
C LYS B 205 3.00 -3.60 5.90
N LYS B 206 2.51 -3.44 4.68
CA LYS B 206 2.02 -2.16 4.17
C LYS B 206 0.74 -2.41 3.37
N GLY B 207 -0.25 -1.54 3.58
CA GLY B 207 -1.50 -1.59 2.84
C GLY B 207 -1.65 -0.46 1.84
N LYS B 208 -2.89 -0.25 1.38
CA LYS B 208 -3.17 0.74 0.34
C LYS B 208 -4.46 1.49 0.66
N ILE B 209 -4.86 1.46 1.93
CA ILE B 209 -6.12 2.07 2.35
C ILE B 209 -5.93 2.88 3.64
N TYR B 210 -6.50 4.09 3.69
CA TYR B 210 -6.49 4.87 4.93
C TYR B 210 -7.92 5.14 5.36
N SER B 211 -8.12 5.31 6.67
CA SER B 211 -9.45 5.28 7.27
C SER B 211 -9.66 6.30 8.40
N LEU B 212 -10.39 7.37 8.11
CA LEU B 212 -10.73 8.38 9.12
C LEU B 212 -11.82 9.32 8.66
N ASN B 213 -12.50 9.97 9.61
CA ASN B 213 -13.50 10.98 9.27
C ASN B 213 -12.83 12.23 8.74
N GLU B 214 -12.64 12.27 7.42
CA GLU B 214 -12.03 13.41 6.75
C GLU B 214 -12.86 14.68 6.82
N GLY B 215 -14.16 14.51 7.10
CA GLY B 215 -15.08 15.61 7.28
C GLY B 215 -14.64 16.68 8.28
N TYR B 216 -13.80 16.28 9.25
CA TYR B 216 -13.29 17.22 10.25
C TYR B 216 -11.85 17.66 9.91
N ALA B 217 -11.63 18.00 8.64
CA ALA B 217 -10.32 18.38 8.15
C ALA B 217 -9.86 19.71 8.74
N LYS B 218 -10.80 20.64 8.84
CA LYS B 218 -10.64 21.90 9.56
C LYS B 218 -9.87 21.74 10.90
N ASP B 219 -10.26 20.75 11.70
CA ASP B 219 -9.74 20.61 13.06
C ASP B 219 -8.46 19.80 13.23
N PHE B 220 -7.98 19.20 12.14
CA PHE B 220 -6.82 18.30 12.20
C PHE B 220 -5.54 18.88 12.82
N ASP B 221 -4.78 17.99 13.42
CA ASP B 221 -3.38 18.19 13.73
C ASP B 221 -2.61 18.27 12.40
N PRO B 222 -1.64 19.21 12.28
CA PRO B 222 -0.80 19.38 11.09
C PRO B 222 -0.18 18.07 10.61
N ALA B 223 0.15 17.20 11.56
CA ALA B 223 0.73 15.90 11.26
C ALA B 223 -0.30 15.01 10.55
N VAL B 224 -1.52 14.96 11.08
CA VAL B 224 -2.63 14.28 10.40
C VAL B 224 -2.77 14.84 8.99
N THR B 225 -2.95 16.16 8.92
CA THR B 225 -3.03 16.89 7.63
C THR B 225 -1.94 16.51 6.64
N GLU B 226 -0.68 16.62 7.05
CA GLU B 226 0.43 16.26 6.18
C GLU B 226 0.42 14.79 5.80
N TYR B 227 0.13 13.93 6.77
CA TYR B 227 0.10 12.48 6.50
C TYR B 227 -1.00 12.17 5.51
N ILE B 228 -2.18 12.72 5.74
CA ILE B 228 -3.30 12.59 4.81
C ILE B 228 -2.91 13.15 3.45
N GLN B 229 -2.23 14.29 3.43
CA GLN B 229 -1.73 14.86 2.17
C GLN B 229 -0.87 13.86 1.40
N ARG B 230 0.00 13.14 2.11
CA ARG B 230 0.91 12.18 1.49
C ARG B 230 0.17 10.97 0.94
N LYS B 231 -1.00 10.70 1.50
CA LYS B 231 -1.81 9.59 1.06
C LYS B 231 -2.44 9.89 -0.31
N LYS B 232 -2.95 11.11 -0.46
CA LYS B 232 -3.62 11.53 -1.70
C LYS B 232 -2.65 11.88 -2.81
N PHE B 233 -1.52 12.49 -2.44
CA PHE B 233 -0.51 13.00 -3.38
C PHE B 233 0.87 12.45 -3.00
N PRO B 234 1.15 11.18 -3.33
CA PRO B 234 2.48 10.63 -3.03
C PRO B 234 3.63 11.49 -3.63
N PRO B 235 4.56 11.97 -2.78
CA PRO B 235 5.75 12.74 -3.23
C PRO B 235 6.75 11.86 -3.99
N ASP B 236 6.62 10.56 -3.84
CA ASP B 236 7.49 9.59 -4.48
C ASP B 236 6.83 8.93 -5.70
N ASN B 237 5.77 9.53 -6.22
CA ASN B 237 5.21 9.08 -7.50
C ASN B 237 4.16 7.97 -7.38
N SER B 238 4.28 7.13 -6.35
CA SER B 238 3.42 5.93 -6.17
C SER B 238 1.90 6.20 -6.26
N ALA B 239 1.10 5.13 -6.18
CA ALA B 239 -0.36 5.22 -6.26
C ALA B 239 -1.01 5.80 -5.00
N PRO B 240 -2.05 6.64 -5.18
CA PRO B 240 -2.78 7.14 -4.03
C PRO B 240 -3.50 6.01 -3.30
N TYR B 241 -3.55 6.11 -1.98
CA TYR B 241 -4.30 5.17 -1.17
C TYR B 241 -5.79 5.38 -1.41
N GLY B 242 -6.56 4.32 -1.25
CA GLY B 242 -8.01 4.42 -1.24
C GLY B 242 -8.46 4.96 0.10
N ALA B 243 -9.69 5.42 0.17
CA ALA B 243 -10.18 5.82 1.47
C ALA B 243 -11.47 5.09 1.81
N ARG B 244 -11.44 4.38 2.93
CA ARG B 244 -12.64 3.76 3.46
C ARG B 244 -12.88 4.26 4.88
N TYR B 245 -14.09 4.73 5.15
CA TYR B 245 -14.47 5.03 6.52
C TYR B 245 -15.92 4.66 6.75
N VAL B 246 -16.14 3.61 7.53
CA VAL B 246 -17.49 3.14 7.79
C VAL B 246 -18.17 3.95 8.89
N GLY B 247 -17.40 4.39 9.89
CA GLY B 247 -17.95 5.12 11.03
C GLY B 247 -18.30 4.14 12.13
N SER B 248 -17.87 2.91 11.95
CA SER B 248 -18.12 1.93 12.99
C SER B 248 -16.79 1.25 13.28
N MET B 249 -16.33 1.43 14.51
CA MET B 249 -14.97 1.10 14.83
C MET B 249 -14.61 -0.35 14.51
N VAL B 250 -15.43 -1.31 14.93
CA VAL B 250 -15.09 -2.73 14.69
C VAL B 250 -14.96 -3.04 13.20
N ALA B 251 -15.78 -2.42 12.37
CA ALA B 251 -15.76 -2.71 10.94
C ALA B 251 -14.54 -2.13 10.20
N ASP B 252 -14.18 -0.89 10.56
CA ASP B 252 -12.98 -0.24 10.06
C ASP B 252 -11.72 -0.95 10.54
N VAL B 253 -11.68 -1.28 11.83
CA VAL B 253 -10.52 -1.99 12.35
C VAL B 253 -10.41 -3.35 11.67
N HIS B 254 -11.52 -4.03 11.48
CA HIS B 254 -11.48 -5.34 10.85
C HIS B 254 -11.04 -5.26 9.39
N ARG B 255 -11.47 -4.21 8.70
CA ARG B 255 -10.99 -4.01 7.34
C ARG B 255 -9.47 -3.78 7.33
N THR B 256 -8.97 -3.00 8.28
CA THR B 256 -7.55 -2.77 8.42
C THR B 256 -6.77 -4.05 8.71
N LEU B 257 -7.36 -4.96 9.47
CA LEU B 257 -6.72 -6.27 9.71
C LEU B 257 -6.65 -7.12 8.43
N VAL B 258 -7.79 -7.31 7.78
CA VAL B 258 -7.93 -8.22 6.62
C VAL B 258 -7.18 -7.74 5.35
N TYR B 259 -7.24 -6.44 5.08
CA TYR B 259 -6.69 -5.87 3.86
C TYR B 259 -5.39 -5.08 4.06
N GLY B 260 -5.08 -4.75 5.31
CA GLY B 260 -3.95 -3.88 5.61
C GLY B 260 -4.35 -2.44 5.39
N GLY B 261 -3.47 -1.52 5.81
CA GLY B 261 -3.75 -0.10 5.73
C GLY B 261 -3.66 0.60 7.07
N ILE B 262 -4.33 1.75 7.18
CA ILE B 262 -4.27 2.53 8.41
C ILE B 262 -5.63 3.04 8.89
N PHE B 263 -5.89 2.90 10.18
CA PHE B 263 -7.06 3.52 10.80
C PHE B 263 -6.67 4.62 11.80
N LEU B 264 -7.31 5.76 11.71
CA LEU B 264 -7.01 6.90 12.60
C LEU B 264 -8.24 7.47 13.29
N TYR B 265 -8.06 7.80 14.56
CA TYR B 265 -8.98 8.68 15.28
C TYR B 265 -8.10 9.49 16.23
N PRO B 266 -7.50 10.58 15.71
CA PRO B 266 -6.43 11.23 16.42
C PRO B 266 -6.89 12.43 17.21
N ALA B 267 -5.93 13.07 17.88
CA ALA B 267 -6.18 14.22 18.75
C ALA B 267 -6.11 15.58 18.02
N ASN B 268 -7.20 16.34 18.11
CA ASN B 268 -7.20 17.77 17.74
C ASN B 268 -7.23 18.63 19.02
N LYS B 269 -6.92 19.92 18.92
CA LYS B 269 -6.88 20.76 20.14
C LYS B 269 -8.20 20.84 20.92
N LYS B 270 -9.31 20.45 20.28
CA LYS B 270 -10.63 20.36 20.93
C LYS B 270 -10.83 19.02 21.67
N SER B 271 -10.43 17.92 21.04
CA SER B 271 -10.40 16.60 21.67
C SER B 271 -8.92 16.22 21.84
N PRO B 272 -8.25 16.78 22.87
CA PRO B 272 -6.80 16.58 22.94
C PRO B 272 -6.39 15.13 23.19
N ASN B 273 -7.29 14.34 23.76
CA ASN B 273 -7.06 12.91 24.00
C ASN B 273 -7.95 12.02 23.15
N GLY B 274 -8.37 12.51 21.98
CA GLY B 274 -9.20 11.73 21.07
C GLY B 274 -10.66 11.61 21.48
N LYS B 275 -11.37 10.68 20.87
CA LYS B 275 -12.78 10.45 21.20
C LYS B 275 -13.03 9.02 21.67
N LEU B 276 -12.34 8.06 21.06
CA LEU B 276 -12.55 6.66 21.38
C LEU B 276 -12.10 6.40 22.81
N ARG B 277 -12.67 5.36 23.42
CA ARG B 277 -12.38 5.04 24.81
C ARG B 277 -11.24 4.04 24.88
N LEU B 278 -10.47 4.11 25.97
CA LEU B 278 -9.20 3.42 26.07
C LEU B 278 -9.34 1.95 26.49
N LEU B 279 -10.13 1.74 27.53
CA LEU B 279 -10.24 0.44 28.21
C LEU B 279 -10.87 -0.60 27.32
N TYR B 280 -11.92 -0.18 26.61
CA TYR B 280 -12.76 -1.12 25.86
C TYR B 280 -12.98 -0.69 24.40
N GLU B 281 -12.12 0.16 23.87
CA GLU B 281 -12.14 0.39 22.42
C GLU B 281 -10.71 0.35 21.86
N CYS B 282 -9.84 1.17 22.44
CA CYS B 282 -8.49 1.31 21.93
C CYS B 282 -7.61 0.14 22.30
N ASN B 283 -7.65 -0.28 23.57
CA ASN B 283 -6.78 -1.39 24.03
C ASN B 283 -7.00 -2.73 23.34
N PRO B 284 -8.26 -3.22 23.29
CA PRO B 284 -8.47 -4.52 22.66
C PRO B 284 -8.03 -4.50 21.20
N MET B 285 -8.37 -3.44 20.48
CA MET B 285 -8.01 -3.29 19.09
C MET B 285 -6.50 -3.16 18.88
N ALA B 286 -5.84 -2.46 19.80
CA ALA B 286 -4.38 -2.33 19.77
C ALA B 286 -3.69 -3.66 20.05
N TYR B 287 -4.26 -4.42 20.98
CA TYR B 287 -3.73 -5.71 21.35
C TYR B 287 -3.91 -6.76 20.22
N VAL B 288 -5.06 -6.75 19.55
CA VAL B 288 -5.27 -7.53 18.31
C VAL B 288 -4.20 -7.13 17.32
N MET B 289 -4.07 -5.81 17.10
CA MET B 289 -3.15 -5.27 16.12
C MET B 289 -1.70 -5.69 16.37
N GLU B 290 -1.23 -5.48 17.60
CA GLU B 290 0.15 -5.91 17.91
C GLU B 290 0.33 -7.42 17.80
N LYS B 291 -0.70 -8.17 18.18
CA LYS B 291 -0.65 -9.63 18.08
C LYS B 291 -0.70 -10.11 16.63
N ALA B 292 -1.22 -9.27 15.75
CA ALA B 292 -1.27 -9.56 14.31
C ALA B 292 -0.04 -9.03 13.55
N GLY B 293 0.84 -8.34 14.27
CA GLY B 293 2.12 -7.88 13.71
C GLY B 293 2.07 -6.46 13.17
N GLY B 294 0.97 -5.77 13.47
CA GLY B 294 0.83 -4.35 13.18
C GLY B 294 1.01 -3.53 14.44
N MET B 295 0.70 -2.23 14.36
CA MET B 295 0.98 -1.30 15.45
C MET B 295 -0.24 -0.48 15.87
N ALA B 296 -0.15 0.10 17.05
CA ALA B 296 -1.15 1.06 17.54
C ALA B 296 -0.51 2.06 18.49
N THR B 297 -0.73 3.35 18.22
CA THR B 297 -0.05 4.45 18.88
C THR B 297 -1.02 5.60 19.14
N THR B 298 -0.72 6.42 20.15
CA THR B 298 -1.40 7.68 20.39
C THR B 298 -0.70 8.81 19.62
N GLY B 299 0.43 8.44 19.02
CA GLY B 299 1.36 9.39 18.44
C GLY B 299 2.55 9.56 19.36
N LYS B 300 2.25 9.84 20.63
CA LYS B 300 3.28 10.11 21.63
C LYS B 300 3.83 8.81 22.23
N GLU B 301 2.93 7.89 22.57
CA GLU B 301 3.34 6.55 23.04
C GLU B 301 2.48 5.47 22.40
N ALA B 302 2.82 4.21 22.67
CA ALA B 302 1.95 3.08 22.31
C ALA B 302 0.65 3.17 23.10
N VAL B 303 -0.44 2.71 22.49
CA VAL B 303 -1.74 2.65 23.14
C VAL B 303 -1.68 1.74 24.38
N LEU B 304 -1.05 0.59 24.22
CA LEU B 304 -0.98 -0.44 25.27
C LEU B 304 -0.18 0.03 26.48
N ASP B 305 0.62 1.08 26.27
CA ASP B 305 1.48 1.57 27.35
C ASP B 305 0.90 2.66 28.25
N VAL B 306 -0.21 3.28 27.85
CA VAL B 306 -0.88 4.29 28.66
C VAL B 306 -1.39 3.69 29.97
N ILE B 307 -1.12 4.37 31.07
CA ILE B 307 -1.65 4.00 32.37
C ILE B 307 -2.92 4.83 32.60
N PRO B 308 -4.06 4.15 32.79
CA PRO B 308 -5.30 4.91 32.90
C PRO B 308 -5.62 5.30 34.35
N THR B 309 -6.41 6.36 34.51
CA THR B 309 -6.79 6.80 35.85
C THR B 309 -8.29 6.99 35.95
N ASP B 310 -8.99 6.76 34.84
CA ASP B 310 -10.45 6.75 34.84
C ASP B 310 -10.92 5.69 33.86
N ILE B 311 -11.93 4.92 34.27
CA ILE B 311 -12.43 3.83 33.43
C ILE B 311 -12.95 4.32 32.06
N HIS B 312 -13.33 5.60 31.97
CA HIS B 312 -13.98 6.14 30.77
C HIS B 312 -13.18 7.22 30.05
N GLN B 313 -11.88 7.24 30.29
CA GLN B 313 -11.07 8.23 29.64
C GLN B 313 -10.88 7.84 28.19
N ARG B 314 -10.60 8.84 27.37
CA ARG B 314 -10.39 8.63 25.97
C ARG B 314 -8.90 8.50 25.63
N ALA B 315 -8.61 8.24 24.36
CA ALA B 315 -7.25 8.16 23.88
C ALA B 315 -7.27 8.34 22.37
N PRO B 316 -6.30 9.08 21.82
CA PRO B 316 -6.16 9.11 20.37
C PRO B 316 -5.64 7.76 19.92
N VAL B 317 -5.95 7.34 18.69
CA VAL B 317 -5.43 6.06 18.20
C VAL B 317 -5.11 6.07 16.71
N ILE B 318 -3.91 5.63 16.40
CA ILE B 318 -3.52 5.41 15.03
C ILE B 318 -2.98 3.98 14.98
N LEU B 319 -3.59 3.15 14.15
CA LEU B 319 -3.27 1.72 14.10
C LEU B 319 -3.31 1.14 12.70
N GLY B 320 -2.78 -0.07 12.54
CA GLY B 320 -2.81 -0.73 11.25
C GLY B 320 -1.47 -1.32 10.88
N SER B 321 -1.20 -1.40 9.58
CA SER B 321 0.03 -2.01 9.07
C SER B 321 1.28 -1.26 9.57
N PRO B 322 2.33 -1.99 10.00
CA PRO B 322 3.52 -1.33 10.57
C PRO B 322 4.12 -0.25 9.68
N ASP B 323 4.33 -0.56 8.39
CA ASP B 323 4.92 0.39 7.44
C ASP B 323 4.15 1.70 7.37
N ASP B 324 2.83 1.62 7.47
CA ASP B 324 1.98 2.79 7.44
C ASP B 324 2.03 3.52 8.78
N VAL B 325 1.99 2.77 9.88
CA VAL B 325 2.01 3.39 11.21
C VAL B 325 3.35 4.10 11.45
N LEU B 326 4.45 3.41 11.15
CA LEU B 326 5.78 4.04 11.18
C LEU B 326 5.84 5.30 10.31
N GLU B 327 5.19 5.26 9.14
CA GLU B 327 5.13 6.45 8.27
C GLU B 327 4.46 7.61 8.99
N PHE B 328 3.29 7.36 9.58
CA PHE B 328 2.63 8.38 10.35
C PHE B 328 3.55 8.91 11.44
N LEU B 329 4.17 8.01 12.19
CA LEU B 329 5.01 8.44 13.29
C LEU B 329 6.13 9.36 12.81
N LYS B 330 6.87 8.88 11.81
CA LYS B 330 7.96 9.65 11.20
C LYS B 330 7.53 11.11 10.90
N VAL B 331 6.28 11.30 10.51
CA VAL B 331 5.72 12.63 10.25
C VAL B 331 5.36 13.36 11.54
N TYR B 332 4.75 12.64 12.49
CA TYR B 332 4.35 13.21 13.79
C TYR B 332 5.55 13.74 14.55
N GLU B 333 6.70 13.09 14.37
CA GLU B 333 7.96 13.47 15.01
C GLU B 333 8.60 14.67 14.30
N LYS B 334 8.29 14.85 13.01
CA LYS B 334 8.64 16.04 12.25
C LYS B 334 7.87 17.24 12.79
N HIS B 335 6.63 17.02 13.17
CA HIS B 335 5.83 18.11 13.70
C HIS B 335 6.07 18.32 15.20
N SER B 336 6.97 17.50 15.74
CA SER B 336 7.61 17.68 17.05
C SER B 336 6.88 17.00 18.20
N ALA B 337 5.65 16.95 18.25
N ASP C 10 -38.35 -28.02 -12.35
CA ASP C 10 -38.48 -26.60 -11.84
C ASP C 10 -38.97 -26.50 -10.39
N VAL C 11 -38.43 -25.52 -9.65
CA VAL C 11 -38.67 -25.39 -8.21
C VAL C 11 -39.94 -24.62 -7.94
N ASN C 12 -40.73 -25.15 -7.01
CA ASN C 12 -41.96 -24.49 -6.62
C ASN C 12 -41.99 -24.24 -5.13
N THR C 13 -42.78 -23.27 -4.73
CA THR C 13 -42.92 -22.86 -3.36
C THR C 13 -44.40 -22.83 -3.08
N LEU C 14 -44.75 -22.67 -1.80
CA LEU C 14 -46.16 -22.56 -1.44
C LEU C 14 -46.81 -21.37 -2.12
N THR C 15 -46.19 -20.21 -2.00
CA THR C 15 -46.75 -18.98 -2.52
C THR C 15 -46.88 -19.00 -4.05
N ARG C 16 -45.84 -19.47 -4.72
CA ARG C 16 -45.83 -19.49 -6.18
C ARG C 16 -46.84 -20.50 -6.73
N PHE C 17 -47.02 -21.62 -6.01
CA PHE C 17 -48.01 -22.64 -6.33
C PHE C 17 -49.41 -22.05 -6.27
N VAL C 18 -49.66 -21.34 -5.18
CA VAL C 18 -50.96 -20.80 -4.86
C VAL C 18 -51.32 -19.67 -5.85
N MET C 19 -50.38 -18.74 -6.04
CA MET C 19 -50.53 -17.70 -7.07
C MET C 19 -50.72 -18.25 -8.47
N GLU C 20 -49.98 -19.29 -8.84
CA GLU C 20 -50.19 -19.92 -10.15
C GLU C 20 -51.59 -20.54 -10.29
N GLU C 21 -52.00 -21.37 -9.33
CA GLU C 21 -53.31 -22.04 -9.36
C GLU C 21 -54.47 -21.05 -9.22
N GLY C 22 -54.21 -19.95 -8.54
CA GLY C 22 -55.18 -18.88 -8.37
C GLY C 22 -55.35 -18.05 -9.63
N ARG C 23 -54.35 -18.11 -10.52
CA ARG C 23 -54.42 -17.40 -11.81
C ARG C 23 -55.09 -18.25 -12.90
N LYS C 24 -54.85 -19.56 -12.89
CA LYS C 24 -55.64 -20.48 -13.69
C LYS C 24 -57.17 -20.28 -13.54
N ALA C 25 -57.65 -20.27 -12.28
CA ALA C 25 -59.09 -20.17 -12.00
C ALA C 25 -59.64 -18.73 -12.02
N ARG C 26 -58.76 -17.74 -12.18
CA ARG C 26 -59.12 -16.32 -12.36
C ARG C 26 -59.92 -15.71 -11.21
N GLY C 27 -59.65 -16.16 -9.99
CA GLY C 27 -60.35 -15.66 -8.80
C GLY C 27 -59.87 -14.29 -8.42
N THR C 28 -60.45 -13.70 -7.38
CA THR C 28 -60.08 -12.33 -6.98
C THR C 28 -58.74 -12.27 -6.27
N GLY C 29 -58.25 -13.41 -5.79
CA GLY C 29 -57.05 -13.49 -4.96
C GLY C 29 -57.28 -13.63 -3.45
N GLU C 30 -58.52 -13.58 -3.00
CA GLU C 30 -58.86 -13.59 -1.58
C GLU C 30 -58.45 -14.88 -0.83
N LEU C 31 -58.67 -16.03 -1.46
CA LEU C 31 -58.24 -17.29 -0.91
C LEU C 31 -56.70 -17.33 -0.87
N THR C 32 -56.06 -16.74 -1.88
CA THR C 32 -54.60 -16.66 -1.91
C THR C 32 -54.06 -15.86 -0.72
N GLN C 33 -54.70 -14.73 -0.42
CA GLN C 33 -54.32 -13.90 0.74
C GLN C 33 -54.54 -14.63 2.07
N LEU C 34 -55.63 -15.39 2.15
CA LEU C 34 -55.95 -16.20 3.31
C LEU C 34 -54.83 -17.20 3.57
N LEU C 35 -54.52 -17.96 2.53
CA LEU C 35 -53.56 -18.99 2.56
C LEU C 35 -52.16 -18.45 2.77
N ASN C 36 -51.78 -17.37 2.08
CA ASN C 36 -50.49 -16.73 2.38
C ASN C 36 -50.36 -16.41 3.86
N SER C 37 -51.41 -15.83 4.42
CA SER C 37 -51.43 -15.49 5.84
C SER C 37 -51.26 -16.69 6.76
N LEU C 38 -51.78 -17.84 6.34
CA LEU C 38 -51.84 -19.00 7.18
C LEU C 38 -50.46 -19.66 7.20
N CYS C 39 -49.85 -19.69 6.01
CA CYS C 39 -48.47 -20.13 5.82
C CYS C 39 -47.55 -19.36 6.77
N THR C 40 -47.69 -18.05 6.81
CA THR C 40 -46.86 -17.21 7.64
C THR C 40 -47.05 -17.57 9.10
N ALA C 41 -48.29 -17.79 9.50
CA ALA C 41 -48.58 -18.15 10.87
C ALA C 41 -47.90 -19.48 11.20
N VAL C 42 -47.93 -20.41 10.24
CA VAL C 42 -47.37 -21.71 10.42
C VAL C 42 -45.86 -21.68 10.54
N LYS C 43 -45.21 -20.74 9.87
CA LYS C 43 -43.78 -20.59 9.99
C LYS C 43 -43.39 -20.08 11.36
N ALA C 44 -44.24 -19.22 11.91
CA ALA C 44 -44.01 -18.62 13.22
C ALA C 44 -44.31 -19.63 14.32
N ILE C 45 -45.25 -20.54 14.06
CA ILE C 45 -45.56 -21.60 15.00
C ILE C 45 -44.39 -22.56 15.06
N SER C 46 -43.98 -23.10 13.91
CA SER C 46 -42.80 -23.94 13.76
C SER C 46 -41.57 -23.39 14.47
N SER C 47 -41.38 -22.07 14.36
CA SER C 47 -40.27 -21.39 15.00
C SER C 47 -40.38 -21.48 16.51
N ALA C 48 -41.57 -21.26 17.04
CA ALA C 48 -41.81 -21.34 18.49
C ALA C 48 -41.75 -22.79 18.97
N VAL C 49 -42.28 -23.71 18.17
CA VAL C 49 -42.33 -25.11 18.56
C VAL C 49 -40.92 -25.67 18.70
N ARG C 50 -40.05 -25.38 17.75
CA ARG C 50 -38.64 -25.76 17.80
C ARG C 50 -37.86 -25.00 18.90
N LYS C 51 -38.55 -24.13 19.63
CA LYS C 51 -38.00 -23.48 20.83
C LYS C 51 -36.96 -22.40 20.55
N ALA C 52 -37.15 -21.67 19.45
CA ALA C 52 -36.32 -20.51 19.14
C ALA C 52 -36.52 -19.39 20.20
N GLY C 53 -35.43 -19.00 20.86
CA GLY C 53 -35.50 -17.93 21.86
C GLY C 53 -35.79 -18.42 23.27
N ILE C 54 -35.63 -19.73 23.50
CA ILE C 54 -35.88 -20.32 24.82
C ILE C 54 -34.81 -19.94 25.86
N ALA C 55 -33.59 -19.68 25.38
CA ALA C 55 -32.52 -19.16 26.22
C ALA C 55 -32.94 -17.90 26.98
N HIS C 56 -33.74 -17.05 26.32
CA HIS C 56 -34.27 -15.81 26.90
C HIS C 56 -35.28 -16.07 27.98
N LEU C 57 -35.96 -17.21 27.91
CA LEU C 57 -36.87 -17.60 28.96
C LEU C 57 -36.10 -18.08 30.18
N TYR C 58 -34.87 -18.55 29.96
CA TYR C 58 -34.12 -19.17 31.04
C TYR C 58 -33.02 -18.28 31.58
N GLY C 59 -33.18 -16.98 31.37
CA GLY C 59 -32.38 -15.95 31.98
C GLY C 59 -31.06 -15.56 31.32
N ILE C 60 -30.90 -15.85 30.02
CA ILE C 60 -29.65 -15.55 29.32
C ILE C 60 -29.29 -14.06 29.37
N ALA C 61 -30.31 -13.21 29.46
CA ALA C 61 -30.12 -11.79 29.63
C ALA C 61 -30.54 -11.38 31.04
N GLY C 62 -30.68 -12.35 31.95
CA GLY C 62 -31.27 -12.14 33.29
C GLY C 62 -32.66 -11.50 33.25
N LYS C 73 -47.40 -19.37 27.09
CA LYS C 73 -47.95 -20.69 26.75
C LYS C 73 -48.08 -20.87 25.22
N LEU C 74 -47.64 -22.04 24.74
CA LEU C 74 -47.47 -22.30 23.32
C LEU C 74 -48.77 -22.44 22.49
N ASP C 75 -49.71 -23.24 22.98
CA ASP C 75 -50.99 -23.38 22.27
C ASP C 75 -51.71 -22.02 22.16
N VAL C 76 -51.60 -21.20 23.19
CA VAL C 76 -52.18 -19.86 23.18
C VAL C 76 -51.48 -18.94 22.15
N LEU C 77 -50.16 -18.94 22.15
CA LEU C 77 -49.40 -18.22 21.16
C LEU C 77 -49.76 -18.66 19.74
N SER C 78 -49.85 -19.97 19.52
CA SER C 78 -50.17 -20.46 18.19
C SER C 78 -51.58 -20.06 17.80
N ASN C 79 -52.47 -20.03 18.77
CA ASN C 79 -53.84 -19.60 18.53
C ASN C 79 -53.81 -18.15 18.11
N ASP C 80 -53.21 -17.29 18.93
CA ASP C 80 -53.12 -15.85 18.63
C ASP C 80 -52.48 -15.64 17.25
N LEU C 81 -51.49 -16.46 16.90
CA LEU C 81 -50.81 -16.31 15.61
C LEU C 81 -51.75 -16.56 14.46
N VAL C 82 -52.53 -17.64 14.53
CA VAL C 82 -53.41 -18.02 13.43
C VAL C 82 -54.54 -17.01 13.31
N MET C 83 -55.22 -16.76 14.42
CA MET C 83 -56.26 -15.75 14.53
C MET C 83 -55.83 -14.41 13.94
N ASN C 84 -54.74 -13.85 14.45
CA ASN C 84 -54.32 -12.51 13.99
C ASN C 84 -54.00 -12.44 12.52
N MET C 85 -53.28 -13.46 12.02
CA MET C 85 -52.95 -13.50 10.61
C MET C 85 -54.21 -13.64 9.76
N LEU C 86 -55.13 -14.49 10.21
CA LEU C 86 -56.35 -14.77 9.46
C LEU C 86 -57.27 -13.58 9.40
N LYS C 87 -57.35 -12.81 10.49
CA LYS C 87 -58.21 -11.63 10.55
C LYS C 87 -57.75 -10.54 9.59
N SER C 88 -56.45 -10.30 9.60
CA SER C 88 -55.81 -9.22 8.87
C SER C 88 -55.51 -9.58 7.41
N SER C 89 -55.81 -10.82 7.03
CA SER C 89 -55.74 -11.19 5.62
C SER C 89 -56.91 -10.57 4.89
N PHE C 90 -57.85 -10.05 5.64
CA PHE C 90 -59.12 -9.50 5.15
C PHE C 90 -60.02 -10.54 4.49
N ALA C 91 -59.69 -11.82 4.63
CA ALA C 91 -60.35 -12.88 3.83
C ALA C 91 -61.36 -13.73 4.59
N THR C 92 -61.62 -13.35 5.85
CA THR C 92 -62.41 -14.19 6.75
C THR C 92 -63.51 -13.44 7.47
N CYS C 93 -64.54 -14.18 7.87
CA CYS C 93 -65.67 -13.61 8.61
C CYS C 93 -65.93 -14.35 9.92
N VAL C 94 -65.87 -15.67 9.86
CA VAL C 94 -66.09 -16.52 11.04
C VAL C 94 -64.86 -17.43 11.23
N LEU C 95 -64.32 -17.43 12.46
CA LEU C 95 -63.17 -18.27 12.80
C LEU C 95 -63.47 -19.24 13.96
N VAL C 96 -63.25 -20.52 13.73
CA VAL C 96 -63.45 -21.54 14.74
C VAL C 96 -62.12 -22.17 15.11
N SER C 97 -61.84 -22.20 16.40
CA SER C 97 -60.60 -22.72 16.92
C SER C 97 -60.86 -23.75 18.00
N GLU C 98 -59.96 -24.70 18.12
CA GLU C 98 -59.99 -25.64 19.24
C GLU C 98 -59.92 -24.89 20.56
N GLU C 99 -59.12 -23.81 20.60
CA GLU C 99 -58.84 -23.03 21.83
C GLU C 99 -59.96 -22.12 22.34
N ASP C 100 -60.91 -21.77 21.48
CA ASP C 100 -61.98 -20.82 21.84
C ASP C 100 -63.35 -21.48 21.93
N LYS C 101 -64.12 -21.07 22.95
CA LYS C 101 -65.39 -21.71 23.24
C LYS C 101 -66.39 -21.40 22.14
N HIS C 102 -66.45 -20.13 21.76
CA HIS C 102 -67.40 -19.66 20.78
C HIS C 102 -66.69 -19.28 19.49
N ALA C 103 -67.43 -19.30 18.38
CA ALA C 103 -66.89 -18.89 17.09
C ALA C 103 -66.47 -17.45 17.23
N ILE C 104 -65.35 -17.09 16.61
CA ILE C 104 -64.91 -15.71 16.57
C ILE C 104 -65.42 -15.04 15.30
N ILE C 105 -66.08 -13.90 15.49
CA ILE C 105 -66.66 -13.09 14.41
C ILE C 105 -65.76 -11.90 14.05
N VAL C 106 -65.15 -11.96 12.88
CA VAL C 106 -64.26 -10.91 12.43
C VAL C 106 -64.96 -9.55 12.41
N GLU C 107 -64.29 -8.53 12.93
CA GLU C 107 -64.81 -7.16 12.93
C GLU C 107 -65.16 -6.73 11.51
N PRO C 108 -66.19 -5.87 11.36
CA PRO C 108 -66.76 -5.62 10.04
C PRO C 108 -65.71 -5.16 9.02
N GLU C 109 -64.88 -4.20 9.41
CA GLU C 109 -63.88 -3.60 8.49
C GLU C 109 -62.87 -4.60 7.90
N LYS C 110 -62.64 -5.70 8.60
CA LYS C 110 -61.72 -6.73 8.14
C LYS C 110 -62.43 -7.96 7.54
N ARG C 111 -63.76 -7.92 7.43
CA ARG C 111 -64.53 -9.08 6.96
C ARG C 111 -64.25 -9.45 5.52
N GLY C 112 -64.16 -10.76 5.29
CA GLY C 112 -64.04 -11.37 3.96
C GLY C 112 -65.02 -12.53 3.79
N LYS C 113 -64.81 -13.34 2.77
CA LYS C 113 -65.84 -14.32 2.43
C LYS C 113 -65.69 -15.76 2.97
N TYR C 114 -64.51 -16.08 3.51
CA TYR C 114 -64.21 -17.43 3.97
C TYR C 114 -64.37 -17.66 5.47
N VAL C 115 -64.79 -18.90 5.80
CA VAL C 115 -64.89 -19.36 7.19
C VAL C 115 -63.79 -20.38 7.38
N VAL C 116 -63.03 -20.20 8.46
CA VAL C 116 -61.87 -21.07 8.76
C VAL C 116 -61.99 -21.76 10.12
N CYS C 117 -61.98 -23.08 10.12
CA CYS C 117 -61.97 -23.90 11.35
C CYS C 117 -60.58 -24.46 11.57
N PHE C 118 -60.08 -24.37 12.79
CA PHE C 118 -58.71 -24.81 13.04
C PHE C 118 -58.36 -25.23 14.46
N ASP C 119 -57.43 -26.18 14.55
CA ASP C 119 -56.71 -26.49 15.75
C ASP C 119 -55.28 -25.94 15.55
N PRO C 120 -54.93 -24.88 16.30
CA PRO C 120 -53.65 -24.23 16.02
C PRO C 120 -52.44 -25.05 16.46
N LEU C 121 -52.60 -25.89 17.49
CA LEU C 121 -51.53 -26.81 17.89
C LEU C 121 -52.08 -28.11 18.44
N ASP C 122 -52.44 -29.02 17.53
CA ASP C 122 -52.93 -30.35 17.90
C ASP C 122 -51.80 -31.24 18.42
N GLY C 123 -52.15 -32.07 19.40
CA GLY C 123 -51.19 -32.95 20.06
C GLY C 123 -50.47 -32.27 21.21
N SER C 124 -50.70 -30.95 21.37
CA SER C 124 -49.95 -30.12 22.33
C SER C 124 -50.15 -30.39 23.83
N SER C 125 -51.11 -31.25 24.19
CA SER C 125 -51.25 -31.66 25.60
C SER C 125 -50.07 -32.59 25.98
N ASN C 126 -49.63 -33.40 25.00
CA ASN C 126 -48.46 -34.32 25.09
C ASN C 126 -47.06 -33.72 24.77
N ILE C 127 -46.98 -32.41 24.51
CA ILE C 127 -45.74 -31.78 24.02
C ILE C 127 -44.55 -31.72 25.02
N ASP C 128 -44.80 -32.08 26.28
CA ASP C 128 -43.77 -32.18 27.34
C ASP C 128 -42.67 -33.15 26.96
N CYS C 129 -43.06 -34.20 26.24
CA CYS C 129 -42.17 -35.25 25.77
C CYS C 129 -41.78 -35.01 24.31
N LEU C 130 -41.92 -33.77 23.84
CA LEU C 130 -41.51 -33.33 22.50
C LEU C 130 -42.07 -34.18 21.35
N VAL C 131 -43.25 -34.72 21.59
CA VAL C 131 -43.98 -35.48 20.59
C VAL C 131 -44.28 -34.54 19.42
N SER C 132 -44.30 -35.09 18.21
CA SER C 132 -44.80 -34.37 17.04
C SER C 132 -46.07 -33.63 17.40
N VAL C 133 -46.17 -32.43 16.88
CA VAL C 133 -47.39 -31.65 16.95
C VAL C 133 -47.64 -31.07 15.55
N GLY C 134 -48.79 -30.41 15.39
CA GLY C 134 -49.15 -29.81 14.10
C GLY C 134 -50.36 -28.91 14.19
N THR C 135 -50.70 -28.31 13.05
CA THR C 135 -51.80 -27.37 12.95
C THR C 135 -52.71 -27.88 11.87
N ILE C 136 -54.00 -27.95 12.14
CA ILE C 136 -54.97 -28.46 11.17
C ILE C 136 -55.99 -27.37 10.87
N PHE C 137 -56.35 -27.25 9.59
CA PHE C 137 -57.29 -26.22 9.13
C PHE C 137 -58.24 -26.73 8.05
N GLY C 138 -59.46 -26.22 8.06
CA GLY C 138 -60.35 -26.32 6.92
C GLY C 138 -60.98 -24.96 6.60
N ILE C 139 -61.05 -24.66 5.31
CA ILE C 139 -61.57 -23.38 4.85
C ILE C 139 -62.86 -23.58 4.06
N TYR C 140 -63.87 -22.81 4.41
CA TYR C 140 -65.16 -22.84 3.72
C TYR C 140 -65.45 -21.48 3.12
N ARG C 141 -66.18 -21.48 2.00
CA ARG C 141 -66.78 -20.25 1.52
C ARG C 141 -68.05 -20.11 2.36
N LYS C 142 -68.27 -18.94 2.94
CA LYS C 142 -69.52 -18.66 3.66
C LYS C 142 -70.72 -18.87 2.74
N LYS C 143 -71.66 -19.71 3.17
CA LYS C 143 -72.81 -20.15 2.38
C LYS C 143 -74.03 -19.20 2.51
N SER C 144 -74.42 -18.91 3.74
CA SER C 144 -75.57 -18.05 4.01
C SER C 144 -75.29 -16.58 3.73
N THR C 145 -76.37 -15.82 3.52
CA THR C 145 -76.28 -14.38 3.27
C THR C 145 -76.59 -13.60 4.54
N ASP C 146 -76.96 -14.31 5.60
CA ASP C 146 -77.19 -13.71 6.93
C ASP C 146 -75.94 -13.02 7.47
N GLU C 147 -76.10 -12.25 8.56
CA GLU C 147 -74.97 -11.64 9.25
C GLU C 147 -74.06 -12.78 9.72
N PRO C 148 -72.72 -12.57 9.69
CA PRO C 148 -71.80 -13.67 10.02
C PRO C 148 -71.99 -14.23 11.44
N SER C 149 -72.11 -15.54 11.57
CA SER C 149 -72.26 -16.16 12.90
C SER C 149 -71.71 -17.59 13.00
N GLU C 150 -71.88 -18.17 14.18
CA GLU C 150 -71.44 -19.52 14.47
C GLU C 150 -71.99 -20.53 13.47
N LYS C 151 -73.19 -20.29 12.96
CA LYS C 151 -73.87 -21.24 12.05
C LYS C 151 -73.13 -21.41 10.73
N ASP C 152 -72.34 -20.40 10.37
CA ASP C 152 -71.58 -20.38 9.14
C ASP C 152 -70.45 -21.42 9.09
N ALA C 153 -70.08 -21.92 10.27
CA ALA C 153 -69.04 -22.91 10.41
C ALA C 153 -69.62 -24.31 10.37
N LEU C 154 -70.95 -24.42 10.31
CA LEU C 154 -71.60 -25.71 10.48
C LEU C 154 -71.88 -26.49 9.20
N GLN C 155 -71.11 -26.22 8.15
CA GLN C 155 -71.30 -26.91 6.87
C GLN C 155 -70.64 -28.27 6.88
N PRO C 156 -71.17 -29.22 6.10
CA PRO C 156 -70.42 -30.49 6.07
C PRO C 156 -69.09 -30.34 5.34
N GLY C 157 -68.17 -31.27 5.57
CA GLY C 157 -66.87 -31.27 4.93
C GLY C 157 -66.86 -31.45 3.40
N ARG C 158 -67.92 -32.03 2.83
CA ARG C 158 -68.09 -32.04 1.35
C ARG C 158 -67.92 -30.66 0.78
N ASN C 159 -68.20 -29.66 1.61
CA ASN C 159 -68.19 -28.29 1.15
C ASN C 159 -66.84 -27.62 1.10
N LEU C 160 -65.85 -28.15 1.79
CA LEU C 160 -64.56 -27.46 1.94
C LEU C 160 -64.03 -26.96 0.63
N VAL C 161 -63.39 -25.81 0.70
CA VAL C 161 -62.77 -25.21 -0.47
C VAL C 161 -61.30 -25.61 -0.48
N ALA C 162 -60.76 -25.86 0.71
CA ALA C 162 -59.36 -26.12 0.92
C ALA C 162 -59.18 -26.59 2.36
N ALA C 163 -58.26 -27.53 2.55
CA ALA C 163 -57.91 -28.00 3.89
C ALA C 163 -56.53 -28.65 3.94
N GLY C 164 -56.02 -28.78 5.16
CA GLY C 164 -54.89 -29.65 5.38
C GLY C 164 -54.26 -29.37 6.72
N TYR C 165 -52.95 -29.49 6.74
CA TYR C 165 -52.25 -29.44 8.02
C TYR C 165 -50.78 -29.14 7.85
N ALA C 166 -50.22 -28.61 8.92
CA ALA C 166 -48.78 -28.54 9.05
C ALA C 166 -48.33 -29.52 10.14
N LEU C 167 -47.21 -30.14 9.90
CA LEU C 167 -46.67 -31.11 10.84
C LEU C 167 -45.35 -30.56 11.32
N TYR C 168 -45.21 -30.44 12.65
CA TYR C 168 -43.95 -30.04 13.24
C TYR C 168 -43.29 -31.28 13.76
N GLY C 169 -42.62 -31.98 12.84
CA GLY C 169 -41.95 -33.25 13.16
C GLY C 169 -40.44 -33.08 13.18
N SER C 170 -39.75 -34.09 12.66
CA SER C 170 -38.30 -34.01 12.48
C SER C 170 -37.97 -32.85 11.57
N ALA C 171 -38.86 -32.58 10.63
CA ALA C 171 -38.85 -31.36 9.81
C ALA C 171 -40.27 -30.87 9.77
N THR C 172 -40.48 -29.66 9.28
CA THR C 172 -41.84 -29.13 9.23
C THR C 172 -42.43 -29.26 7.84
N MET C 173 -43.56 -29.93 7.73
CA MET C 173 -44.18 -30.09 6.42
C MET C 173 -45.62 -29.56 6.37
N LEU C 174 -45.93 -28.80 5.30
CA LEU C 174 -47.30 -28.39 5.02
C LEU C 174 -47.92 -29.29 3.96
N VAL C 175 -49.06 -29.88 4.31
CA VAL C 175 -49.83 -30.69 3.40
C VAL C 175 -51.11 -29.94 3.08
N LEU C 176 -51.30 -29.65 1.80
CA LEU C 176 -52.44 -28.85 1.37
C LEU C 176 -53.25 -29.61 0.32
N ALA C 177 -54.55 -29.77 0.60
CA ALA C 177 -55.50 -30.41 -0.32
C ALA C 177 -56.50 -29.39 -0.83
N MET C 178 -56.69 -29.40 -2.14
CA MET C 178 -57.74 -28.63 -2.80
C MET C 178 -58.32 -29.48 -3.92
N ASP C 179 -59.18 -28.88 -4.75
CA ASP C 179 -59.76 -29.56 -5.94
C ASP C 179 -58.74 -30.29 -6.83
N CYS C 180 -57.57 -29.67 -7.04
CA CYS C 180 -56.46 -30.24 -7.85
C CYS C 180 -55.70 -31.38 -7.19
N GLY C 181 -56.12 -31.80 -5.99
CA GLY C 181 -55.43 -32.88 -5.29
C GLY C 181 -54.64 -32.42 -4.08
N VAL C 182 -53.73 -33.27 -3.60
CA VAL C 182 -52.95 -33.00 -2.39
C VAL C 182 -51.49 -32.71 -2.74
N ASN C 183 -50.92 -31.69 -2.10
CA ASN C 183 -49.55 -31.22 -2.35
C ASN C 183 -48.76 -30.95 -1.06
N CYS C 184 -47.50 -31.33 -1.06
CA CYS C 184 -46.72 -31.39 0.18
C CYS C 184 -45.52 -30.48 0.11
N PHE C 185 -45.44 -29.57 1.06
CA PHE C 185 -44.41 -28.58 1.07
C PHE C 185 -43.58 -28.73 2.32
N MET C 186 -42.28 -28.85 2.12
CA MET C 186 -41.32 -28.90 3.20
C MET C 186 -40.81 -27.49 3.54
N LEU C 187 -40.84 -27.15 4.83
CA LEU C 187 -40.32 -25.87 5.30
C LEU C 187 -38.80 -25.89 5.37
N ASP C 188 -38.15 -25.13 4.48
CA ASP C 188 -36.71 -24.94 4.55
C ASP C 188 -36.45 -23.77 5.50
N PRO C 189 -35.97 -24.05 6.73
CA PRO C 189 -35.79 -23.03 7.77
C PRO C 189 -34.67 -22.06 7.45
N ALA C 190 -33.76 -22.45 6.56
CA ALA C 190 -32.64 -21.56 6.23
C ALA C 190 -33.14 -20.31 5.49
N ILE C 191 -34.24 -20.42 4.75
CA ILE C 191 -34.81 -19.29 3.99
C ILE C 191 -36.25 -18.98 4.35
N GLY C 192 -36.87 -19.84 5.13
CA GLY C 192 -38.26 -19.61 5.57
C GLY C 192 -39.22 -19.79 4.42
N GLU C 193 -38.97 -20.78 3.57
CA GLU C 193 -39.89 -21.02 2.46
C GLU C 193 -40.37 -22.47 2.40
N PHE C 194 -41.68 -22.64 2.21
CA PHE C 194 -42.25 -23.93 1.94
C PHE C 194 -41.93 -24.36 0.52
N ILE C 195 -41.25 -25.49 0.39
CA ILE C 195 -40.80 -25.99 -0.90
C ILE C 195 -41.61 -27.22 -1.28
N LEU C 196 -42.16 -27.19 -2.49
CA LEU C 196 -42.91 -28.31 -3.00
C LEU C 196 -42.01 -29.51 -3.23
N VAL C 197 -42.29 -30.59 -2.51
CA VAL C 197 -41.51 -31.82 -2.58
C VAL C 197 -42.28 -33.10 -2.95
N ASP C 198 -43.61 -33.07 -2.86
CA ASP C 198 -44.42 -34.22 -3.27
C ASP C 198 -45.67 -33.71 -3.96
N LYS C 199 -45.73 -33.90 -5.28
CA LYS C 199 -46.82 -33.37 -6.10
C LYS C 199 -47.97 -34.33 -6.22
N ASP C 200 -49.19 -33.81 -6.15
CA ASP C 200 -50.39 -34.58 -6.46
C ASP C 200 -50.32 -35.97 -5.81
N VAL C 201 -50.19 -36.01 -4.48
CA VAL C 201 -49.93 -37.24 -3.75
C VAL C 201 -51.13 -38.20 -3.74
N LYS C 202 -50.85 -39.48 -3.95
CA LYS C 202 -51.87 -40.52 -3.82
C LYS C 202 -51.43 -41.51 -2.76
N ILE C 203 -52.32 -41.80 -1.80
CA ILE C 203 -52.12 -42.88 -0.83
C ILE C 203 -52.14 -44.25 -1.53
N LYS C 204 -51.39 -45.21 -0.96
CA LYS C 204 -51.40 -46.60 -1.40
C LYS C 204 -52.80 -47.16 -1.27
N LYS C 205 -53.16 -48.09 -2.15
CA LYS C 205 -54.51 -48.70 -2.13
C LYS C 205 -54.70 -49.55 -0.88
N LYS C 206 -53.61 -50.09 -0.37
CA LYS C 206 -53.66 -50.99 0.77
C LYS C 206 -52.37 -50.86 1.56
N GLY C 207 -52.49 -50.72 2.88
CA GLY C 207 -51.31 -50.60 3.76
C GLY C 207 -50.94 -51.82 4.60
N LYS C 208 -50.04 -51.60 5.55
CA LYS C 208 -49.50 -52.68 6.37
C LYS C 208 -49.35 -52.31 7.84
N ILE C 209 -50.05 -51.24 8.22
CA ILE C 209 -49.91 -50.66 9.54
C ILE C 209 -51.26 -50.15 9.94
N TYR C 210 -51.59 -50.31 11.22
CA TYR C 210 -52.88 -49.89 11.71
C TYR C 210 -52.67 -49.03 12.96
N SER C 211 -53.56 -48.06 13.15
CA SER C 211 -53.30 -47.04 14.14
C SER C 211 -54.49 -46.72 15.00
N LEU C 212 -54.43 -47.12 16.26
CA LEU C 212 -55.39 -46.67 17.26
C LEU C 212 -54.79 -46.89 18.62
N ASN C 213 -55.33 -46.19 19.62
CA ASN C 213 -54.98 -46.41 20.98
C ASN C 213 -55.66 -47.66 21.48
N GLU C 214 -54.94 -48.77 21.43
CA GLU C 214 -55.40 -50.08 21.87
C GLU C 214 -55.60 -50.22 23.38
N GLY C 215 -55.29 -49.17 24.14
CA GLY C 215 -55.49 -49.18 25.60
C GLY C 215 -56.96 -49.14 25.97
N TYR C 216 -57.79 -48.77 24.99
CA TYR C 216 -59.24 -48.75 25.13
C TYR C 216 -59.89 -50.07 24.71
N ALA C 217 -59.09 -51.11 24.51
CA ALA C 217 -59.59 -52.41 23.99
C ALA C 217 -60.83 -52.95 24.72
N LYS C 218 -60.89 -52.74 26.03
CA LYS C 218 -62.04 -53.08 26.87
C LYS C 218 -63.35 -52.46 26.36
N ASP C 219 -63.28 -51.21 25.91
CA ASP C 219 -64.47 -50.46 25.50
C ASP C 219 -64.84 -50.64 24.04
N PHE C 220 -63.96 -51.26 23.24
CA PHE C 220 -64.22 -51.39 21.80
C PHE C 220 -65.49 -52.17 21.53
N ASP C 221 -66.30 -51.66 20.61
CA ASP C 221 -67.46 -52.40 20.17
C ASP C 221 -66.93 -53.52 19.28
N PRO C 222 -67.75 -54.54 19.02
CA PRO C 222 -67.22 -55.77 18.43
C PRO C 222 -66.72 -55.66 16.98
N ALA C 223 -67.10 -54.60 16.27
CA ALA C 223 -66.62 -54.44 14.89
C ALA C 223 -65.15 -54.05 14.90
N VAL C 224 -64.80 -53.07 15.74
CA VAL C 224 -63.41 -52.70 15.91
C VAL C 224 -62.60 -53.92 16.40
N THR C 225 -63.07 -54.54 17.47
CA THR C 225 -62.41 -55.70 18.05
C THR C 225 -62.16 -56.80 17.01
N GLU C 226 -63.15 -57.10 16.18
CA GLU C 226 -62.93 -58.08 15.10
C GLU C 226 -61.90 -57.57 14.08
N TYR C 227 -62.06 -56.33 13.63
CA TYR C 227 -61.16 -55.77 12.65
C TYR C 227 -59.69 -55.79 13.11
N ILE C 228 -59.46 -55.32 14.32
CA ILE C 228 -58.10 -55.34 14.89
C ILE C 228 -57.53 -56.77 15.01
N GLN C 229 -58.38 -57.69 15.44
CA GLN C 229 -58.05 -59.11 15.52
C GLN C 229 -57.57 -59.67 14.17
N ARG C 230 -58.18 -59.21 13.09
CA ARG C 230 -57.77 -59.64 11.75
C ARG C 230 -56.43 -59.08 11.31
N LYS C 231 -56.00 -57.97 11.92
CA LYS C 231 -54.74 -57.38 11.56
C LYS C 231 -53.61 -58.14 12.22
N LYS C 232 -53.83 -58.52 13.48
CA LYS C 232 -52.90 -59.35 14.23
C LYS C 232 -52.91 -60.81 13.76
N PHE C 233 -54.10 -61.39 13.60
CA PHE C 233 -54.21 -62.77 13.16
C PHE C 233 -54.97 -62.79 11.84
N PRO C 234 -54.28 -62.54 10.72
CA PRO C 234 -54.95 -62.52 9.44
C PRO C 234 -55.57 -63.89 9.16
N PRO C 235 -56.80 -63.91 8.63
CA PRO C 235 -57.55 -65.16 8.48
C PRO C 235 -57.19 -65.86 7.19
N ASP C 236 -56.19 -65.35 6.48
CA ASP C 236 -55.75 -65.91 5.20
C ASP C 236 -54.23 -66.14 5.14
N ASN C 237 -53.60 -66.22 6.31
CA ASN C 237 -52.15 -66.40 6.35
C ASN C 237 -51.37 -65.46 5.41
N SER C 238 -51.76 -64.18 5.43
CA SER C 238 -50.93 -63.09 4.95
C SER C 238 -50.14 -62.59 6.18
N ALA C 239 -49.26 -61.62 5.99
CA ALA C 239 -48.44 -61.13 7.09
C ALA C 239 -49.21 -60.14 7.95
N PRO C 240 -49.12 -60.28 9.28
CA PRO C 240 -49.81 -59.39 10.18
C PRO C 240 -49.40 -57.95 9.94
N TYR C 241 -50.33 -57.02 10.14
CA TYR C 241 -50.07 -55.57 10.08
C TYR C 241 -49.21 -55.16 11.26
N GLY C 242 -48.33 -54.18 11.08
CA GLY C 242 -47.62 -53.58 12.22
C GLY C 242 -48.50 -52.54 12.88
N ALA C 243 -48.20 -52.20 14.13
CA ALA C 243 -48.96 -51.14 14.83
C ALA C 243 -48.15 -49.86 15.10
N ARG C 244 -48.75 -48.71 14.89
CA ARG C 244 -48.11 -47.44 15.22
C ARG C 244 -49.16 -46.53 15.80
N TYR C 245 -48.87 -45.90 16.93
CA TYR C 245 -49.77 -44.87 17.44
C TYR C 245 -48.95 -43.88 18.25
N VAL C 246 -48.69 -42.75 17.61
CA VAL C 246 -47.97 -41.66 18.19
C VAL C 246 -48.92 -40.98 19.16
N GLY C 247 -50.22 -41.11 18.89
CA GLY C 247 -51.22 -40.44 19.72
C GLY C 247 -51.22 -38.93 19.57
N SER C 248 -50.70 -38.47 18.44
CA SER C 248 -50.89 -37.09 18.00
C SER C 248 -51.52 -37.13 16.61
N MET C 249 -52.70 -36.57 16.44
CA MET C 249 -53.45 -36.77 15.20
C MET C 249 -52.67 -36.48 13.89
N VAL C 250 -52.06 -35.29 13.80
CA VAL C 250 -51.31 -34.93 12.59
C VAL C 250 -50.21 -35.93 12.18
N ALA C 251 -49.50 -36.51 13.15
CA ALA C 251 -48.42 -37.46 12.88
C ALA C 251 -48.95 -38.82 12.44
N ASP C 252 -50.07 -39.23 13.05
CA ASP C 252 -50.69 -40.50 12.71
C ASP C 252 -51.33 -40.47 11.32
N VAL C 253 -52.01 -39.38 10.99
CA VAL C 253 -52.62 -39.25 9.67
C VAL C 253 -51.56 -39.09 8.59
N HIS C 254 -50.54 -38.28 8.87
CA HIS C 254 -49.47 -38.13 7.89
C HIS C 254 -48.74 -39.46 7.57
N ARG C 255 -48.41 -40.25 8.59
CA ARG C 255 -47.76 -41.53 8.33
C ARG C 255 -48.70 -42.40 7.49
N THR C 256 -49.98 -42.42 7.87
CA THR C 256 -50.97 -43.15 7.12
C THR C 256 -50.95 -42.68 5.69
N LEU C 257 -50.87 -41.36 5.48
CA LEU C 257 -50.77 -40.78 4.14
C LEU C 257 -49.53 -41.25 3.37
N VAL C 258 -48.37 -41.22 4.02
CA VAL C 258 -47.09 -41.49 3.36
C VAL C 258 -46.85 -42.98 3.17
N TYR C 259 -47.22 -43.78 4.17
CA TYR C 259 -46.99 -45.23 4.11
C TYR C 259 -48.22 -46.08 3.80
N GLY C 260 -49.41 -45.49 3.89
CA GLY C 260 -50.63 -46.28 3.76
C GLY C 260 -50.97 -47.06 5.01
N GLY C 261 -52.20 -47.54 5.08
CA GLY C 261 -52.69 -48.25 6.24
C GLY C 261 -53.94 -47.56 6.70
N ILE C 262 -54.20 -47.66 8.00
CA ILE C 262 -55.47 -47.28 8.55
C ILE C 262 -55.30 -46.60 9.92
N PHE C 263 -56.03 -45.50 10.12
CA PHE C 263 -56.07 -44.79 11.40
C PHE C 263 -57.48 -44.84 11.97
N LEU C 264 -57.57 -45.28 13.23
CA LEU C 264 -58.84 -45.40 13.94
C LEU C 264 -58.90 -44.63 15.28
N TYR C 265 -59.96 -43.84 15.43
CA TYR C 265 -60.36 -43.36 16.74
C TYR C 265 -61.88 -43.49 16.86
N PRO C 266 -62.33 -44.71 17.22
CA PRO C 266 -63.75 -44.98 17.29
C PRO C 266 -64.32 -44.48 18.62
N ALA C 267 -65.62 -44.67 18.82
CA ALA C 267 -66.27 -44.32 20.06
C ALA C 267 -65.81 -45.23 21.19
N ASN C 268 -65.86 -44.73 22.42
CA ASN C 268 -65.66 -45.55 23.62
C ASN C 268 -66.49 -45.03 24.81
N LYS C 269 -66.54 -45.82 25.89
CA LYS C 269 -67.29 -45.45 27.10
C LYS C 269 -66.99 -44.05 27.62
N LYS C 270 -65.75 -43.58 27.48
CA LYS C 270 -65.44 -42.20 27.86
C LYS C 270 -65.83 -41.16 26.80
N SER C 271 -65.98 -41.62 25.55
CA SER C 271 -66.23 -40.77 24.39
C SER C 271 -67.23 -41.45 23.45
N PRO C 272 -68.54 -41.37 23.77
CA PRO C 272 -69.51 -42.16 22.97
C PRO C 272 -69.86 -41.57 21.58
N ASN C 273 -69.55 -40.30 21.34
CA ASN C 273 -69.67 -39.72 20.00
C ASN C 273 -68.34 -39.56 19.30
N GLY C 274 -67.37 -40.39 19.71
CA GLY C 274 -65.99 -40.25 19.29
C GLY C 274 -65.29 -39.31 20.25
N LYS C 275 -64.00 -39.07 20.00
CA LYS C 275 -63.19 -38.20 20.83
C LYS C 275 -62.68 -37.03 19.99
N LEU C 276 -62.29 -37.33 18.75
CA LEU C 276 -61.77 -36.31 17.85
C LEU C 276 -62.90 -35.40 17.36
N ARG C 277 -62.57 -34.14 17.13
CA ARG C 277 -63.55 -33.13 16.75
C ARG C 277 -63.81 -33.14 15.27
N LEU C 278 -65.05 -32.88 14.89
CA LEU C 278 -65.43 -32.96 13.49
C LEU C 278 -64.92 -31.77 12.66
N LEU C 279 -65.08 -30.56 13.18
CA LEU C 279 -64.91 -29.37 12.35
C LEU C 279 -63.48 -29.12 11.90
N TYR C 280 -62.56 -29.30 12.84
CA TYR C 280 -61.16 -28.92 12.70
C TYR C 280 -60.17 -30.09 12.93
N GLU C 281 -60.68 -31.27 13.24
CA GLU C 281 -59.83 -32.45 13.25
C GLU C 281 -60.24 -33.45 12.17
N CYS C 282 -61.46 -33.99 12.29
CA CYS C 282 -61.94 -35.04 11.37
C CYS C 282 -62.20 -34.56 9.94
N ASN C 283 -62.89 -33.42 9.79
CA ASN C 283 -63.16 -32.91 8.44
C ASN C 283 -61.93 -32.62 7.59
N PRO C 284 -60.96 -31.85 8.14
CA PRO C 284 -59.82 -31.54 7.30
C PRO C 284 -59.06 -32.79 6.91
N MET C 285 -58.90 -33.71 7.86
CA MET C 285 -58.15 -34.92 7.62
C MET C 285 -58.85 -35.84 6.62
N ALA C 286 -60.18 -35.94 6.76
CA ALA C 286 -61.02 -36.64 5.80
C ALA C 286 -60.87 -36.09 4.38
N TYR C 287 -60.95 -34.78 4.26
CA TYR C 287 -60.73 -34.07 3.02
C TYR C 287 -59.37 -34.42 2.35
N VAL C 288 -58.29 -34.45 3.12
CA VAL C 288 -56.98 -34.83 2.57
C VAL C 288 -57.01 -36.28 2.10
N MET C 289 -57.62 -37.16 2.91
CA MET C 289 -57.69 -38.57 2.59
C MET C 289 -58.41 -38.80 1.27
N GLU C 290 -59.57 -38.20 1.10
CA GLU C 290 -60.34 -38.44 -0.12
C GLU C 290 -59.66 -37.87 -1.34
N LYS C 291 -59.08 -36.69 -1.22
CA LYS C 291 -58.36 -36.09 -2.34
C LYS C 291 -57.10 -36.88 -2.72
N ALA C 292 -56.56 -37.63 -1.76
CA ALA C 292 -55.39 -38.49 -1.99
C ALA C 292 -55.80 -39.85 -2.55
N GLY C 293 -57.10 -40.06 -2.69
CA GLY C 293 -57.65 -41.32 -3.20
C GLY C 293 -57.98 -42.31 -2.11
N GLY C 294 -58.21 -41.80 -0.90
CA GLY C 294 -58.52 -42.66 0.24
C GLY C 294 -59.90 -42.43 0.78
N MET C 295 -60.09 -42.78 2.04
CA MET C 295 -61.40 -42.78 2.63
C MET C 295 -61.36 -42.29 4.07
N ALA C 296 -62.51 -41.85 4.54
CA ALA C 296 -62.70 -41.50 5.91
C ALA C 296 -64.16 -41.83 6.15
N THR C 297 -64.43 -42.57 7.22
CA THR C 297 -65.80 -42.93 7.56
C THR C 297 -65.98 -42.87 9.07
N THR C 298 -67.23 -42.67 9.50
CA THR C 298 -67.58 -42.79 10.91
C THR C 298 -67.98 -44.22 11.20
N GLY C 299 -68.02 -45.03 10.14
CA GLY C 299 -68.67 -46.34 10.19
C GLY C 299 -70.08 -46.26 9.63
N LYS C 300 -70.82 -45.22 10.02
CA LYS C 300 -72.20 -44.99 9.56
C LYS C 300 -72.30 -44.26 8.22
N GLU C 301 -71.42 -43.29 8.00
CA GLU C 301 -71.40 -42.49 6.77
C GLU C 301 -69.97 -42.01 6.51
N ALA C 302 -69.76 -41.24 5.44
CA ALA C 302 -68.49 -40.59 5.25
C ALA C 302 -68.45 -39.45 6.26
N VAL C 303 -67.26 -39.11 6.75
CA VAL C 303 -67.12 -38.01 7.73
C VAL C 303 -67.51 -36.74 7.02
N LEU C 304 -67.14 -36.65 5.75
CA LEU C 304 -67.40 -35.45 4.97
C LEU C 304 -68.88 -35.12 4.83
N ASP C 305 -69.76 -36.11 4.98
CA ASP C 305 -71.21 -35.88 4.81
C ASP C 305 -72.00 -35.63 6.10
N VAL C 306 -71.30 -35.70 7.23
CA VAL C 306 -71.91 -35.43 8.51
C VAL C 306 -72.28 -33.95 8.57
N ILE C 307 -73.53 -33.64 8.87
CA ILE C 307 -73.97 -32.27 8.93
C ILE C 307 -73.94 -31.84 10.39
N PRO C 308 -72.96 -31.02 10.75
CA PRO C 308 -72.67 -30.62 12.12
C PRO C 308 -73.77 -29.79 12.74
N THR C 309 -73.86 -29.79 14.06
CA THR C 309 -74.83 -28.96 14.80
C THR C 309 -74.18 -28.11 15.88
N ASP C 310 -73.00 -28.51 16.31
CA ASP C 310 -72.23 -27.74 17.30
C ASP C 310 -70.76 -27.65 16.87
N ILE C 311 -70.17 -26.47 17.05
CA ILE C 311 -68.81 -26.25 16.59
C ILE C 311 -67.76 -27.13 17.27
N HIS C 312 -68.02 -27.56 18.51
CA HIS C 312 -67.04 -28.43 19.15
C HIS C 312 -67.43 -29.90 19.21
N GLN C 313 -68.40 -30.31 18.38
CA GLN C 313 -68.91 -31.67 18.45
C GLN C 313 -67.84 -32.67 18.04
N ARG C 314 -67.95 -33.90 18.54
CA ARG C 314 -66.99 -34.96 18.23
C ARG C 314 -67.58 -35.91 17.21
N ALA C 315 -66.70 -36.75 16.64
CA ALA C 315 -67.06 -37.71 15.64
C ALA C 315 -66.14 -38.92 15.76
N PRO C 316 -66.69 -40.13 15.55
CA PRO C 316 -65.75 -41.23 15.43
C PRO C 316 -65.20 -41.33 14.00
N VAL C 317 -63.95 -41.76 13.86
CA VAL C 317 -63.30 -41.71 12.57
C VAL C 317 -62.45 -42.94 12.35
N ILE C 318 -62.61 -43.53 11.17
CA ILE C 318 -61.69 -44.50 10.63
C ILE C 318 -61.31 -43.94 9.25
N LEU C 319 -60.01 -43.85 8.96
CA LEU C 319 -59.53 -43.30 7.70
C LEU C 319 -58.25 -43.96 7.22
N GLY C 320 -57.96 -43.81 5.93
CA GLY C 320 -56.75 -44.36 5.34
C GLY C 320 -56.85 -44.93 3.94
N SER C 321 -56.01 -45.92 3.67
CA SER C 321 -56.02 -46.63 2.40
C SER C 321 -57.39 -47.24 2.16
N PRO C 322 -57.88 -47.12 0.90
CA PRO C 322 -59.25 -47.48 0.56
C PRO C 322 -59.54 -48.95 0.83
N ASP C 323 -58.63 -49.85 0.52
CA ASP C 323 -58.86 -51.26 0.81
C ASP C 323 -58.94 -51.54 2.30
N ASP C 324 -58.22 -50.76 3.09
CA ASP C 324 -58.24 -50.91 4.56
C ASP C 324 -59.52 -50.40 5.17
N VAL C 325 -59.96 -49.22 4.75
CA VAL C 325 -61.25 -48.69 5.24
C VAL C 325 -62.43 -49.55 4.72
N LEU C 326 -62.38 -49.95 3.45
CA LEU C 326 -63.41 -50.87 2.93
C LEU C 326 -63.50 -52.16 3.74
N GLU C 327 -62.36 -52.82 3.94
CA GLU C 327 -62.31 -54.06 4.73
C GLU C 327 -62.83 -53.88 6.15
N PHE C 328 -62.58 -52.73 6.77
CA PHE C 328 -63.22 -52.40 8.05
C PHE C 328 -64.73 -52.18 7.93
N LEU C 329 -65.17 -51.64 6.79
CA LEU C 329 -66.61 -51.40 6.60
C LEU C 329 -67.40 -52.70 6.40
N LYS C 330 -66.78 -53.67 5.74
CA LYS C 330 -67.35 -55.00 5.65
C LYS C 330 -67.59 -55.58 7.04
N VAL C 331 -66.64 -55.38 7.94
CA VAL C 331 -66.76 -55.94 9.28
C VAL C 331 -67.83 -55.19 10.10
N TYR C 332 -67.90 -53.88 9.91
CA TYR C 332 -68.94 -53.06 10.52
C TYR C 332 -70.29 -53.49 9.95
N GLU C 333 -70.25 -53.97 8.71
CA GLU C 333 -71.42 -54.54 8.03
C GLU C 333 -71.87 -55.84 8.69
N LYS C 334 -70.92 -56.73 8.95
CA LYS C 334 -71.15 -58.02 9.59
C LYS C 334 -71.87 -57.86 10.93
N HIS C 335 -71.62 -56.75 11.62
CA HIS C 335 -72.24 -56.51 12.92
C HIS C 335 -73.48 -55.59 12.87
N SER C 336 -74.01 -55.41 11.64
CA SER C 336 -75.13 -54.50 11.32
C SER C 336 -74.74 -53.03 11.48
N ALA C 337 -75.04 -52.38 12.48
N ASP D 10 -29.78 -19.69 37.79
CA ASP D 10 -28.80 -19.27 36.74
C ASP D 10 -28.95 -20.03 35.43
N VAL D 11 -28.96 -19.29 34.33
CA VAL D 11 -28.96 -19.85 32.98
C VAL D 11 -27.80 -20.82 32.85
N ASN D 12 -28.08 -22.02 32.37
CA ASN D 12 -27.02 -22.98 32.19
C ASN D 12 -27.08 -23.60 30.82
N THR D 13 -25.91 -23.94 30.30
CA THR D 13 -25.82 -24.54 29.00
C THR D 13 -25.10 -25.85 29.15
N LEU D 14 -25.16 -26.69 28.13
CA LEU D 14 -24.44 -27.94 28.19
C LEU D 14 -22.96 -27.67 28.41
N THR D 15 -22.39 -26.74 27.64
CA THR D 15 -20.97 -26.42 27.74
C THR D 15 -20.58 -25.99 29.16
N ARG D 16 -21.24 -24.95 29.65
CA ARG D 16 -20.96 -24.44 30.98
C ARG D 16 -21.19 -25.57 32.00
N PHE D 17 -22.28 -26.32 31.84
CA PHE D 17 -22.57 -27.49 32.70
C PHE D 17 -21.44 -28.51 32.83
N VAL D 18 -20.89 -28.89 31.70
CA VAL D 18 -19.88 -29.92 31.63
C VAL D 18 -18.53 -29.40 32.15
N MET D 19 -18.26 -28.12 31.91
CA MET D 19 -17.07 -27.48 32.44
C MET D 19 -17.13 -27.34 33.97
N GLU D 20 -18.33 -27.11 34.47
CA GLU D 20 -18.56 -27.05 35.90
C GLU D 20 -18.31 -28.40 36.57
N GLU D 21 -18.91 -29.47 36.04
CA GLU D 21 -18.73 -30.80 36.61
C GLU D 21 -17.28 -31.26 36.49
N GLY D 22 -16.67 -30.96 35.35
CA GLY D 22 -15.31 -31.41 35.03
C GLY D 22 -14.26 -30.83 35.96
N ARG D 23 -14.39 -29.54 36.26
CA ARG D 23 -13.48 -28.87 37.21
C ARG D 23 -13.65 -29.38 38.63
N LYS D 24 -14.89 -29.68 39.03
CA LYS D 24 -15.17 -30.34 40.31
C LYS D 24 -14.36 -31.62 40.44
N ALA D 25 -14.34 -32.41 39.38
CA ALA D 25 -13.67 -33.71 39.37
C ALA D 25 -12.17 -33.56 39.13
N ARG D 26 -11.76 -32.34 38.79
CA ARG D 26 -10.37 -32.02 38.47
C ARG D 26 -9.73 -32.97 37.46
N GLY D 27 -10.54 -33.47 36.52
CA GLY D 27 -10.06 -34.33 35.43
C GLY D 27 -9.28 -33.58 34.37
N THR D 28 -8.78 -34.30 33.37
CA THR D 28 -7.87 -33.73 32.38
C THR D 28 -8.58 -32.85 31.36
N GLY D 29 -9.90 -32.97 31.30
CA GLY D 29 -10.65 -32.27 30.29
C GLY D 29 -11.14 -33.11 29.11
N GLU D 30 -10.51 -34.25 28.86
CA GLU D 30 -10.87 -35.09 27.71
C GLU D 30 -12.38 -35.31 27.54
N LEU D 31 -13.05 -35.83 28.57
CA LEU D 31 -14.48 -36.11 28.51
C LEU D 31 -15.28 -34.88 28.11
N THR D 32 -14.94 -33.74 28.70
CA THR D 32 -15.51 -32.47 28.32
C THR D 32 -15.35 -32.22 26.81
N GLN D 33 -14.14 -32.42 26.29
CA GLN D 33 -13.84 -32.20 24.87
C GLN D 33 -14.69 -33.13 24.04
N LEU D 34 -14.83 -34.38 24.51
CA LEU D 34 -15.66 -35.37 23.86
C LEU D 34 -17.08 -34.88 23.76
N LEU D 35 -17.65 -34.46 24.89
CA LEU D 35 -19.07 -34.13 24.91
C LEU D 35 -19.40 -32.95 24.01
N ASN D 36 -18.55 -31.92 24.09
CA ASN D 36 -18.63 -30.76 23.23
C ASN D 36 -18.54 -31.14 21.76
N SER D 37 -17.54 -31.91 21.40
CA SER D 37 -17.48 -32.45 20.05
C SER D 37 -18.81 -33.07 19.61
N LEU D 38 -19.36 -33.96 20.45
CA LEU D 38 -20.57 -34.73 20.13
C LEU D 38 -21.76 -33.81 19.99
N CYS D 39 -21.77 -32.82 20.86
CA CYS D 39 -22.78 -31.81 20.92
C CYS D 39 -22.83 -31.03 19.60
N THR D 40 -21.67 -30.58 19.15
CA THR D 40 -21.54 -29.89 17.89
C THR D 40 -22.10 -30.79 16.76
N ALA D 41 -21.78 -32.08 16.80
CA ALA D 41 -22.33 -33.05 15.83
C ALA D 41 -23.89 -33.09 15.83
N VAL D 42 -24.49 -32.98 17.01
CA VAL D 42 -25.93 -33.08 17.20
C VAL D 42 -26.64 -31.89 16.59
N LYS D 43 -26.06 -30.70 16.79
CA LYS D 43 -26.58 -29.49 16.18
C LYS D 43 -26.56 -29.58 14.65
N ALA D 44 -25.43 -30.05 14.11
CA ALA D 44 -25.28 -30.27 12.69
C ALA D 44 -26.27 -31.30 12.19
N ILE D 45 -26.48 -32.38 12.97
CA ILE D 45 -27.43 -33.44 12.58
C ILE D 45 -28.81 -32.83 12.59
N SER D 46 -29.07 -31.98 13.57
CA SER D 46 -30.39 -31.49 13.83
C SER D 46 -30.77 -30.54 12.73
N SER D 47 -29.78 -29.76 12.29
CA SER D 47 -30.00 -28.80 11.24
C SER D 47 -30.34 -29.50 9.95
N ALA D 48 -29.72 -30.63 9.69
CA ALA D 48 -30.01 -31.35 8.47
C ALA D 48 -31.34 -32.11 8.53
N VAL D 49 -31.71 -32.59 9.72
CA VAL D 49 -32.97 -33.32 9.96
C VAL D 49 -34.17 -32.38 9.75
N ARG D 50 -33.98 -31.13 10.16
CA ARG D 50 -34.98 -30.09 10.01
C ARG D 50 -34.95 -29.52 8.59
N LYS D 51 -34.04 -30.04 7.77
CA LYS D 51 -34.05 -29.80 6.33
C LYS D 51 -33.57 -28.43 5.89
N ALA D 52 -32.75 -27.79 6.72
CA ALA D 52 -32.10 -26.57 6.30
C ALA D 52 -31.46 -26.80 4.93
N GLY D 53 -31.71 -25.88 4.01
CA GLY D 53 -31.01 -25.86 2.73
C GLY D 53 -31.63 -26.75 1.68
N ILE D 54 -32.76 -27.36 2.02
CA ILE D 54 -33.47 -28.26 1.12
C ILE D 54 -33.84 -27.58 -0.22
N ALA D 55 -34.05 -26.26 -0.18
CA ALA D 55 -34.39 -25.51 -1.39
C ALA D 55 -33.35 -25.75 -2.46
N HIS D 56 -32.09 -25.81 -2.05
CA HIS D 56 -31.00 -26.06 -2.99
C HIS D 56 -31.12 -27.44 -3.63
N LEU D 57 -31.56 -28.44 -2.89
CA LEU D 57 -31.74 -29.78 -3.49
C LEU D 57 -32.81 -29.81 -4.57
N TYR D 58 -33.87 -29.02 -4.40
CA TYR D 58 -34.98 -29.00 -5.35
C TYR D 58 -34.79 -27.95 -6.48
N GLY D 59 -33.56 -27.45 -6.59
CA GLY D 59 -33.13 -26.62 -7.73
C GLY D 59 -33.50 -25.14 -7.72
N ILE D 60 -33.40 -24.50 -6.55
CA ILE D 60 -33.65 -23.07 -6.40
C ILE D 60 -32.58 -22.20 -7.10
N ALA D 61 -31.35 -22.69 -7.16
CA ALA D 61 -30.27 -21.94 -7.81
C ALA D 61 -29.91 -22.57 -9.17
N GLY D 62 -30.87 -23.27 -9.77
CA GLY D 62 -30.66 -23.95 -11.04
C GLY D 62 -31.07 -25.41 -11.02
N LYS D 73 -29.14 -40.70 2.49
CA LYS D 73 -28.03 -39.74 2.66
C LYS D 73 -27.94 -39.16 4.08
N LEU D 74 -29.08 -38.96 4.71
CA LEU D 74 -29.12 -38.43 6.08
C LEU D 74 -28.45 -39.34 7.14
N ASP D 75 -28.68 -40.64 7.04
CA ASP D 75 -28.00 -41.59 7.89
C ASP D 75 -26.47 -41.61 7.67
N VAL D 76 -26.04 -41.51 6.40
CA VAL D 76 -24.62 -41.41 6.07
C VAL D 76 -24.01 -40.10 6.62
N LEU D 77 -24.71 -38.99 6.38
CA LEU D 77 -24.30 -37.66 6.90
C LEU D 77 -24.12 -37.68 8.41
N SER D 78 -25.15 -38.13 9.15
CA SER D 78 -25.11 -38.16 10.61
C SER D 78 -23.97 -39.03 11.14
N ASN D 79 -23.74 -40.17 10.47
CA ASN D 79 -22.66 -41.03 10.85
C ASN D 79 -21.33 -40.33 10.68
N ASP D 80 -21.20 -39.60 9.57
CA ASP D 80 -19.96 -38.86 9.24
C ASP D 80 -19.74 -37.74 10.24
N LEU D 81 -20.81 -37.09 10.68
CA LEU D 81 -20.67 -35.93 11.54
C LEU D 81 -20.15 -36.40 12.89
N VAL D 82 -20.69 -37.52 13.36
CA VAL D 82 -20.38 -38.07 14.67
C VAL D 82 -18.98 -38.64 14.62
N MET D 83 -18.71 -39.45 13.62
CA MET D 83 -17.40 -40.04 13.39
C MET D 83 -16.33 -39.00 13.35
N ASN D 84 -16.49 -38.05 12.45
CA ASN D 84 -15.48 -37.02 12.29
C ASN D 84 -15.29 -36.12 13.50
N MET D 85 -16.36 -35.78 14.19
CA MET D 85 -16.23 -34.88 15.33
C MET D 85 -15.57 -35.58 16.51
N LEU D 86 -15.80 -36.87 16.64
CA LEU D 86 -15.20 -37.62 17.71
C LEU D 86 -13.71 -37.81 17.45
N LYS D 87 -13.39 -38.32 16.26
CA LYS D 87 -12.00 -38.51 15.85
C LYS D 87 -11.20 -37.26 16.20
N SER D 88 -11.70 -36.10 15.75
CA SER D 88 -10.98 -34.85 15.95
C SER D 88 -11.10 -34.21 17.35
N SER D 89 -11.73 -34.89 18.31
CA SER D 89 -11.79 -34.37 19.68
C SER D 89 -10.50 -34.69 20.44
N PHE D 90 -9.72 -35.58 19.86
CA PHE D 90 -8.53 -36.16 20.47
C PHE D 90 -8.86 -36.89 21.77
N ALA D 91 -10.13 -37.30 21.94
CA ALA D 91 -10.60 -37.93 23.19
C ALA D 91 -11.08 -39.37 23.03
N THR D 92 -10.97 -39.94 21.83
CA THR D 92 -11.48 -41.27 21.61
C THR D 92 -10.46 -42.12 20.91
N CYS D 93 -10.64 -43.44 20.99
CA CYS D 93 -9.74 -44.37 20.33
C CYS D 93 -10.48 -45.53 19.63
N VAL D 94 -11.64 -45.94 20.14
CA VAL D 94 -12.47 -46.90 19.43
C VAL D 94 -13.88 -46.37 19.28
N LEU D 95 -14.38 -46.37 18.05
CA LEU D 95 -15.72 -45.89 17.78
C LEU D 95 -16.53 -46.99 17.15
N VAL D 96 -17.70 -47.30 17.74
CA VAL D 96 -18.63 -48.30 17.23
C VAL D 96 -19.92 -47.62 16.82
N SER D 97 -20.39 -47.90 15.60
CA SER D 97 -21.58 -47.27 15.02
C SER D 97 -22.56 -48.29 14.47
N GLU D 98 -23.85 -48.00 14.61
CA GLU D 98 -24.90 -48.76 13.94
C GLU D 98 -24.55 -48.89 12.46
N GLU D 99 -24.05 -47.81 11.89
CA GLU D 99 -23.76 -47.75 10.47
C GLU D 99 -22.51 -48.50 9.98
N ASP D 100 -21.59 -48.86 10.87
CA ASP D 100 -20.37 -49.56 10.42
C ASP D 100 -20.24 -51.00 10.86
N LYS D 101 -19.80 -51.86 9.92
CA LYS D 101 -19.61 -53.29 10.15
C LYS D 101 -18.65 -53.57 11.28
N HIS D 102 -17.46 -53.02 11.18
CA HIS D 102 -16.45 -53.20 12.20
C HIS D 102 -16.30 -51.93 13.05
N ALA D 103 -15.57 -52.04 14.15
CA ALA D 103 -15.30 -50.90 15.03
C ALA D 103 -14.25 -50.03 14.36
N ILE D 104 -14.38 -48.72 14.53
CA ILE D 104 -13.41 -47.79 13.96
C ILE D 104 -12.34 -47.51 15.00
N ILE D 105 -11.08 -47.61 14.57
CA ILE D 105 -9.95 -47.37 15.43
C ILE D 105 -9.41 -46.02 15.01
N VAL D 106 -9.46 -45.06 15.92
CA VAL D 106 -8.91 -43.74 15.68
C VAL D 106 -7.41 -43.80 15.36
N GLU D 107 -7.00 -43.02 14.36
CA GLU D 107 -5.60 -42.92 13.98
C GLU D 107 -4.74 -42.48 15.16
N PRO D 108 -3.55 -43.09 15.31
CA PRO D 108 -2.70 -43.01 16.50
C PRO D 108 -2.49 -41.62 17.09
N GLU D 109 -2.23 -40.64 16.24
CA GLU D 109 -1.92 -39.30 16.67
C GLU D 109 -3.17 -38.56 17.15
N LYS D 110 -4.32 -39.20 16.99
CA LYS D 110 -5.60 -38.65 17.41
C LYS D 110 -6.25 -39.43 18.55
N ARG D 111 -5.54 -40.39 19.12
CA ARG D 111 -6.13 -41.26 20.13
C ARG D 111 -6.24 -40.63 21.48
N GLY D 112 -7.36 -40.86 22.13
CA GLY D 112 -7.60 -40.37 23.45
C GLY D 112 -8.07 -41.55 24.27
N LYS D 113 -8.66 -41.29 25.41
CA LYS D 113 -8.87 -42.38 26.31
C LYS D 113 -10.25 -43.09 26.26
N TYR D 114 -11.21 -42.60 25.46
CA TYR D 114 -12.56 -43.17 25.47
C TYR D 114 -12.99 -43.95 24.24
N VAL D 115 -13.88 -44.90 24.52
CA VAL D 115 -14.57 -45.73 23.53
C VAL D 115 -16.00 -45.18 23.44
N VAL D 116 -16.50 -44.99 22.22
CA VAL D 116 -17.86 -44.48 22.02
C VAL D 116 -18.67 -45.37 21.10
N CYS D 117 -19.81 -45.81 21.60
CA CYS D 117 -20.78 -46.66 20.90
C CYS D 117 -22.00 -45.81 20.56
N PHE D 118 -22.36 -45.76 19.29
CA PHE D 118 -23.41 -44.85 18.89
C PHE D 118 -24.30 -45.28 17.74
N ASP D 119 -25.53 -44.76 17.77
CA ASP D 119 -26.45 -44.80 16.64
C ASP D 119 -26.64 -43.36 16.19
N PRO D 120 -26.07 -43.01 15.05
CA PRO D 120 -26.00 -41.62 14.68
C PRO D 120 -27.37 -41.05 14.31
N LEU D 121 -28.26 -41.85 13.73
CA LEU D 121 -29.63 -41.40 13.49
C LEU D 121 -30.63 -42.53 13.64
N ASP D 122 -31.13 -42.69 14.85
CA ASP D 122 -32.04 -43.78 15.14
C ASP D 122 -33.43 -43.48 14.59
N GLY D 123 -34.06 -44.49 13.99
CA GLY D 123 -35.34 -44.33 13.30
C GLY D 123 -35.28 -43.68 11.93
N SER D 124 -34.07 -43.49 11.38
CA SER D 124 -33.89 -42.93 10.03
C SER D 124 -34.65 -43.74 8.95
N SER D 125 -34.89 -45.02 9.27
CA SER D 125 -35.74 -45.94 8.50
C SER D 125 -37.11 -45.34 8.17
N ASN D 126 -37.71 -44.69 9.17
CA ASN D 126 -39.05 -44.09 9.02
C ASN D 126 -39.07 -42.56 8.82
N ILE D 127 -37.94 -41.95 8.43
CA ILE D 127 -37.89 -40.48 8.34
C ILE D 127 -38.85 -39.92 7.30
N ASP D 128 -39.29 -40.79 6.40
CA ASP D 128 -40.22 -40.42 5.34
C ASP D 128 -41.53 -39.83 5.84
N CYS D 129 -41.99 -40.28 7.01
CA CYS D 129 -43.21 -39.76 7.60
C CYS D 129 -42.91 -38.66 8.62
N LEU D 130 -41.65 -38.23 8.67
CA LEU D 130 -41.17 -37.21 9.58
C LEU D 130 -41.47 -37.56 11.03
N VAL D 131 -41.34 -38.85 11.34
CA VAL D 131 -41.37 -39.37 12.71
C VAL D 131 -40.09 -38.91 13.42
N SER D 132 -40.18 -38.71 14.73
CA SER D 132 -38.98 -38.34 15.48
C SER D 132 -37.85 -39.28 15.13
N VAL D 133 -36.67 -38.72 14.92
CA VAL D 133 -35.46 -39.52 14.91
C VAL D 133 -34.55 -39.08 16.05
N GLY D 134 -33.49 -39.82 16.32
CA GLY D 134 -32.55 -39.45 17.39
C GLY D 134 -31.16 -40.02 17.20
N THR D 135 -30.22 -39.53 18.01
CA THR D 135 -28.87 -40.08 18.07
C THR D 135 -28.74 -40.65 19.47
N ILE D 136 -28.24 -41.87 19.59
CA ILE D 136 -28.02 -42.47 20.89
C ILE D 136 -26.53 -42.74 21.04
N PHE D 137 -26.01 -42.42 22.23
CA PHE D 137 -24.58 -42.61 22.50
C PHE D 137 -24.25 -43.25 23.84
N GLY D 138 -23.11 -43.92 23.93
CA GLY D 138 -22.62 -44.51 25.17
C GLY D 138 -21.09 -44.41 25.25
N ILE D 139 -20.58 -43.83 26.32
CA ILE D 139 -19.13 -43.57 26.44
C ILE D 139 -18.42 -44.41 27.51
N TYR D 140 -17.41 -45.16 27.08
CA TYR D 140 -16.60 -45.95 28.00
C TYR D 140 -15.18 -45.40 28.05
N ARG D 141 -14.52 -45.67 29.17
CA ARG D 141 -13.07 -45.52 29.32
C ARG D 141 -12.49 -46.84 28.81
N LYS D 142 -11.50 -46.77 27.92
CA LYS D 142 -10.70 -47.95 27.53
C LYS D 142 -10.00 -48.51 28.78
N LYS D 143 -10.00 -49.84 28.91
CA LYS D 143 -9.56 -50.53 30.14
C LYS D 143 -8.09 -50.97 30.21
N SER D 144 -7.53 -51.35 29.07
CA SER D 144 -6.12 -51.73 29.02
C SER D 144 -5.31 -50.79 28.14
N THR D 145 -3.98 -50.91 28.23
CA THR D 145 -3.02 -50.15 27.43
C THR D 145 -2.70 -50.86 26.13
N ASP D 146 -3.44 -51.92 25.83
CA ASP D 146 -3.36 -52.66 24.57
C ASP D 146 -3.53 -51.78 23.34
N GLU D 147 -3.01 -52.27 22.21
CA GLU D 147 -3.36 -51.70 20.92
C GLU D 147 -4.90 -51.77 20.83
N PRO D 148 -5.54 -50.62 20.55
CA PRO D 148 -7.01 -50.52 20.47
C PRO D 148 -7.62 -51.40 19.39
N SER D 149 -8.67 -52.14 19.75
CA SER D 149 -9.33 -53.09 18.87
C SER D 149 -10.83 -53.11 19.21
N GLU D 150 -11.61 -53.87 18.46
CA GLU D 150 -13.06 -53.99 18.70
C GLU D 150 -13.37 -54.36 20.13
N LYS D 151 -12.48 -55.17 20.73
CA LYS D 151 -12.68 -55.74 22.07
C LYS D 151 -12.84 -54.70 23.18
N ASP D 152 -12.25 -53.51 23.01
CA ASP D 152 -12.42 -52.40 23.96
C ASP D 152 -13.84 -51.88 24.09
N ALA D 153 -14.71 -52.26 23.15
CA ALA D 153 -16.09 -51.80 23.14
C ALA D 153 -16.97 -52.83 23.79
N LEU D 154 -16.41 -54.00 24.06
CA LEU D 154 -17.20 -55.10 24.58
C LEU D 154 -17.31 -55.04 26.09
N GLN D 155 -17.75 -53.91 26.61
CA GLN D 155 -17.90 -53.73 28.05
C GLN D 155 -19.38 -53.88 28.41
N PRO D 156 -19.68 -54.46 29.58
CA PRO D 156 -21.03 -54.35 30.14
C PRO D 156 -21.42 -52.90 30.35
N GLY D 157 -22.68 -52.57 30.13
CA GLY D 157 -23.17 -51.23 30.37
C GLY D 157 -22.88 -50.60 31.71
N ARG D 158 -22.65 -51.43 32.74
CA ARG D 158 -22.28 -50.94 34.08
C ARG D 158 -21.02 -50.12 34.05
N ASN D 159 -20.15 -50.36 33.08
CA ASN D 159 -18.87 -49.64 32.98
C ASN D 159 -18.97 -48.26 32.32
N LEU D 160 -20.18 -47.91 31.85
CA LEU D 160 -20.43 -46.62 31.22
C LEU D 160 -19.96 -45.44 32.10
N VAL D 161 -19.38 -44.47 31.43
CA VAL D 161 -18.93 -43.24 32.03
C VAL D 161 -20.01 -42.15 31.86
N ALA D 162 -20.62 -42.15 30.67
CA ALA D 162 -21.68 -41.23 30.34
C ALA D 162 -22.50 -41.86 29.25
N ALA D 163 -23.77 -41.48 29.17
CA ALA D 163 -24.64 -41.95 28.09
C ALA D 163 -25.82 -41.03 27.84
N GLY D 164 -26.48 -41.24 26.71
CA GLY D 164 -27.76 -40.62 26.47
C GLY D 164 -28.16 -40.55 25.02
N TYR D 165 -28.93 -39.52 24.72
CA TYR D 165 -29.52 -39.35 23.41
C TYR D 165 -29.86 -37.88 23.12
N ALA D 166 -29.94 -37.60 21.82
CA ALA D 166 -30.54 -36.40 21.28
C ALA D 166 -31.83 -36.79 20.57
N LEU D 167 -32.94 -36.18 20.97
CA LEU D 167 -34.23 -36.33 20.29
C LEU D 167 -34.50 -35.18 19.29
N TYR D 168 -34.61 -35.51 18.00
CA TYR D 168 -35.02 -34.56 16.96
C TYR D 168 -36.52 -34.74 16.73
N GLY D 169 -37.27 -34.10 17.63
CA GLY D 169 -38.73 -34.14 17.64
C GLY D 169 -39.34 -32.78 17.36
N SER D 170 -40.30 -32.38 18.18
CA SER D 170 -40.96 -31.10 17.97
C SER D 170 -39.97 -29.97 18.30
N ALA D 171 -39.03 -30.31 19.19
CA ALA D 171 -37.82 -29.52 19.47
C ALA D 171 -36.67 -30.51 19.57
N THR D 172 -35.43 -30.00 19.55
CA THR D 172 -34.27 -30.85 19.78
C THR D 172 -33.84 -30.78 21.23
N MET D 173 -33.82 -31.96 21.85
CA MET D 173 -33.38 -32.08 23.21
C MET D 173 -32.27 -33.09 23.34
N LEU D 174 -31.34 -32.80 24.25
CA LEU D 174 -30.23 -33.68 24.56
C LEU D 174 -30.35 -34.13 26.01
N VAL D 175 -30.45 -35.44 26.17
CA VAL D 175 -30.52 -36.01 27.51
C VAL D 175 -29.19 -36.68 27.81
N LEU D 176 -28.55 -36.21 28.87
CA LEU D 176 -27.23 -36.68 29.27
C LEU D 176 -27.31 -37.29 30.67
N ALA D 177 -26.87 -38.53 30.78
CA ALA D 177 -26.80 -39.23 32.05
C ALA D 177 -25.34 -39.45 32.44
N MET D 178 -25.02 -39.10 33.69
CA MET D 178 -23.74 -39.46 34.28
C MET D 178 -23.99 -39.88 35.72
N ASP D 179 -22.94 -40.03 36.52
CA ASP D 179 -23.07 -40.42 37.92
C ASP D 179 -23.93 -39.44 38.70
N CYS D 180 -23.79 -38.16 38.37
CA CYS D 180 -24.55 -37.09 39.03
C CYS D 180 -26.04 -37.09 38.65
N GLY D 181 -26.45 -38.07 37.83
CA GLY D 181 -27.84 -38.17 37.40
C GLY D 181 -28.11 -37.67 35.98
N VAL D 182 -29.38 -37.45 35.68
CA VAL D 182 -29.84 -37.29 34.30
C VAL D 182 -30.33 -35.89 34.06
N ASN D 183 -29.75 -35.24 33.05
CA ASN D 183 -30.05 -33.84 32.77
C ASN D 183 -30.47 -33.62 31.34
N CYS D 184 -31.46 -32.74 31.15
CA CYS D 184 -32.07 -32.47 29.84
C CYS D 184 -31.83 -31.04 29.37
N PHE D 185 -31.31 -30.91 28.16
CA PHE D 185 -30.97 -29.62 27.61
C PHE D 185 -31.75 -29.49 26.31
N MET D 186 -32.37 -28.33 26.15
CA MET D 186 -33.13 -27.98 24.96
C MET D 186 -32.28 -27.06 24.09
N LEU D 187 -32.19 -27.40 22.83
CA LEU D 187 -31.41 -26.66 21.87
C LEU D 187 -32.21 -25.45 21.40
N ASP D 188 -31.68 -24.26 21.70
CA ASP D 188 -32.24 -23.04 21.21
C ASP D 188 -31.62 -22.77 19.84
N PRO D 189 -32.44 -22.83 18.77
CA PRO D 189 -31.92 -22.74 17.42
C PRO D 189 -31.52 -21.31 17.07
N ALA D 190 -32.10 -20.33 17.72
CA ALA D 190 -31.66 -18.94 17.57
C ALA D 190 -30.15 -18.76 17.77
N ILE D 191 -29.59 -19.42 18.77
CA ILE D 191 -28.20 -19.17 19.17
C ILE D 191 -27.28 -20.40 19.20
N GLY D 192 -27.84 -21.58 18.86
CA GLY D 192 -27.06 -22.83 18.87
C GLY D 192 -26.47 -23.31 20.18
N GLU D 193 -27.22 -23.14 21.26
CA GLU D 193 -26.85 -23.58 22.59
C GLU D 193 -27.89 -24.56 23.11
N PHE D 194 -27.42 -25.58 23.81
CA PHE D 194 -28.30 -26.44 24.54
C PHE D 194 -28.49 -25.82 25.92
N ILE D 195 -29.74 -25.58 26.32
CA ILE D 195 -30.06 -24.89 27.55
C ILE D 195 -30.57 -25.90 28.56
N LEU D 196 -29.99 -25.93 29.76
CA LEU D 196 -30.48 -26.81 30.81
C LEU D 196 -31.87 -26.40 31.22
N VAL D 197 -32.82 -27.29 30.97
CA VAL D 197 -34.21 -27.03 31.29
C VAL D 197 -34.81 -28.02 32.30
N ASP D 198 -34.19 -29.20 32.47
CA ASP D 198 -34.67 -30.18 33.48
C ASP D 198 -33.52 -30.78 34.27
N LYS D 199 -33.46 -30.48 35.56
CA LYS D 199 -32.31 -30.91 36.38
C LYS D 199 -32.58 -32.18 37.14
N ASP D 200 -31.69 -33.16 36.98
CA ASP D 200 -31.70 -34.35 37.82
C ASP D 200 -33.07 -35.02 37.72
N VAL D 201 -33.53 -35.30 36.51
CA VAL D 201 -34.89 -35.83 36.32
C VAL D 201 -35.01 -37.24 36.85
N LYS D 202 -36.11 -37.53 37.51
CA LYS D 202 -36.42 -38.86 38.01
C LYS D 202 -37.71 -39.34 37.38
N ILE D 203 -37.75 -40.59 36.97
CA ILE D 203 -38.96 -41.19 36.41
C ILE D 203 -39.95 -41.49 37.53
N LYS D 204 -41.24 -41.25 37.29
CA LYS D 204 -42.32 -41.72 38.18
C LYS D 204 -42.15 -43.21 38.56
N LYS D 205 -42.45 -43.52 39.82
CA LYS D 205 -42.42 -44.90 40.30
C LYS D 205 -43.34 -45.84 39.47
N LYS D 206 -44.50 -45.33 39.10
CA LYS D 206 -45.49 -46.10 38.38
C LYS D 206 -46.13 -45.27 37.28
N GLY D 207 -46.03 -45.72 36.03
CA GLY D 207 -46.67 -45.04 34.90
C GLY D 207 -48.07 -45.51 34.55
N LYS D 208 -48.68 -44.90 33.54
CA LYS D 208 -50.02 -45.32 33.09
C LYS D 208 -50.04 -45.62 31.59
N ILE D 209 -48.89 -45.96 31.02
CA ILE D 209 -48.78 -46.18 29.59
C ILE D 209 -47.84 -47.33 29.30
N TYR D 210 -48.21 -48.15 28.31
CA TYR D 210 -47.35 -49.22 27.84
C TYR D 210 -47.03 -48.98 26.37
N SER D 211 -45.87 -49.46 25.92
CA SER D 211 -45.37 -49.14 24.61
C SER D 211 -44.68 -50.29 23.90
N LEU D 212 -45.36 -50.87 22.92
CA LEU D 212 -44.72 -51.89 22.07
C LEU D 212 -45.49 -52.09 20.77
N ASN D 213 -44.89 -52.84 19.84
CA ASN D 213 -45.57 -53.14 18.59
C ASN D 213 -46.58 -54.23 18.81
N GLU D 214 -47.83 -53.85 19.02
CA GLU D 214 -48.88 -54.84 19.24
C GLU D 214 -49.31 -55.57 17.96
N GLY D 215 -48.87 -55.11 16.80
CA GLY D 215 -49.18 -55.76 15.53
C GLY D 215 -48.63 -57.18 15.49
N TYR D 216 -47.56 -57.41 16.25
CA TYR D 216 -46.86 -58.70 16.25
C TYR D 216 -47.27 -59.63 17.39
N ALA D 217 -48.44 -59.35 17.98
CA ALA D 217 -49.03 -60.19 19.02
C ALA D 217 -49.05 -61.72 18.75
N LYS D 218 -49.29 -62.14 17.52
CA LYS D 218 -49.37 -63.58 17.23
C LYS D 218 -48.04 -64.30 17.48
N ASP D 219 -46.93 -63.56 17.43
CA ASP D 219 -45.59 -64.07 17.75
C ASP D 219 -45.07 -63.65 19.14
N PHE D 220 -45.87 -62.91 19.90
CA PHE D 220 -45.54 -62.57 21.29
C PHE D 220 -45.03 -63.76 22.10
N ASP D 221 -44.13 -63.48 23.03
CA ASP D 221 -43.82 -64.37 24.13
C ASP D 221 -45.08 -64.43 25.03
N PRO D 222 -45.47 -65.63 25.52
CA PRO D 222 -46.68 -65.75 26.36
C PRO D 222 -46.64 -64.90 27.62
N ALA D 223 -45.45 -64.51 28.05
CA ALA D 223 -45.32 -63.62 29.22
C ALA D 223 -45.71 -62.23 28.80
N VAL D 224 -45.25 -61.83 27.61
CA VAL D 224 -45.65 -60.55 27.01
C VAL D 224 -47.17 -60.53 26.77
N THR D 225 -47.70 -61.56 26.12
CA THR D 225 -49.14 -61.72 25.95
C THR D 225 -49.91 -61.40 27.25
N GLU D 226 -49.55 -62.10 28.33
CA GLU D 226 -50.26 -61.95 29.58
C GLU D 226 -50.09 -60.58 30.22
N TYR D 227 -48.87 -60.07 30.25
CA TYR D 227 -48.63 -58.76 30.89
C TYR D 227 -49.44 -57.61 30.24
N ILE D 228 -49.48 -57.61 28.91
CA ILE D 228 -50.18 -56.59 28.14
C ILE D 228 -51.68 -56.71 28.35
N GLN D 229 -52.17 -57.94 28.49
CA GLN D 229 -53.58 -58.16 28.72
C GLN D 229 -54.05 -57.59 30.05
N ARG D 230 -53.16 -57.56 31.04
CA ARG D 230 -53.43 -56.96 32.33
C ARG D 230 -53.40 -55.44 32.30
N LYS D 231 -52.72 -54.89 31.31
CA LYS D 231 -52.67 -53.45 31.13
C LYS D 231 -53.98 -52.96 30.53
N LYS D 232 -54.52 -53.74 29.60
CA LYS D 232 -55.75 -53.42 28.90
C LYS D 232 -56.98 -53.92 29.68
N PHE D 233 -56.86 -55.10 30.29
CA PHE D 233 -57.95 -55.77 31.02
C PHE D 233 -57.59 -56.04 32.49
N PRO D 234 -57.42 -54.97 33.29
CA PRO D 234 -56.97 -55.14 34.67
C PRO D 234 -57.99 -55.92 35.51
N PRO D 235 -57.51 -56.92 36.30
CA PRO D 235 -58.40 -57.79 37.09
C PRO D 235 -59.07 -57.05 38.29
N ASP D 236 -58.34 -56.16 38.94
CA ASP D 236 -58.91 -55.32 39.99
C ASP D 236 -59.87 -54.30 39.39
N ASN D 237 -60.04 -53.16 40.07
CA ASN D 237 -60.89 -52.08 39.57
C ASN D 237 -60.16 -50.84 39.06
N SER D 238 -58.92 -51.02 38.63
CA SER D 238 -58.10 -49.92 38.13
C SER D 238 -58.39 -49.56 36.65
N ALA D 239 -58.18 -48.28 36.32
CA ALA D 239 -58.27 -47.82 34.93
C ALA D 239 -57.14 -48.40 34.08
N PRO D 240 -57.49 -48.95 32.90
CA PRO D 240 -56.49 -49.49 31.99
C PRO D 240 -55.45 -48.45 31.55
N TYR D 241 -54.26 -48.93 31.15
CA TYR D 241 -53.17 -48.10 30.69
C TYR D 241 -53.48 -47.56 29.30
N GLY D 242 -53.03 -46.34 29.00
CA GLY D 242 -53.14 -45.83 27.65
C GLY D 242 -52.01 -46.41 26.83
N ALA D 243 -52.19 -46.57 25.51
CA ALA D 243 -51.15 -47.12 24.65
C ALA D 243 -50.52 -46.06 23.75
N ARG D 244 -49.19 -46.11 23.60
CA ARG D 244 -48.45 -45.24 22.67
C ARG D 244 -47.28 -46.02 22.08
N TYR D 245 -47.07 -45.87 20.77
CA TYR D 245 -45.98 -46.55 20.10
C TYR D 245 -45.60 -45.82 18.82
N VAL D 246 -44.59 -44.98 18.95
CA VAL D 246 -44.07 -44.14 17.90
C VAL D 246 -43.33 -45.01 16.90
N GLY D 247 -42.70 -46.05 17.40
CA GLY D 247 -41.91 -46.93 16.53
C GLY D 247 -40.53 -46.36 16.28
N SER D 248 -40.12 -45.45 17.15
CA SER D 248 -38.79 -44.88 17.10
C SER D 248 -38.28 -44.77 18.53
N MET D 249 -37.26 -45.56 18.83
CA MET D 249 -36.84 -45.77 20.21
C MET D 249 -36.62 -44.52 21.05
N VAL D 250 -35.95 -43.52 20.47
CA VAL D 250 -35.58 -42.32 21.22
C VAL D 250 -36.83 -41.59 21.69
N ALA D 251 -37.78 -41.40 20.80
CA ALA D 251 -39.10 -40.91 21.11
C ALA D 251 -39.86 -41.74 22.15
N ASP D 252 -39.94 -43.06 21.97
CA ASP D 252 -40.65 -43.91 22.92
C ASP D 252 -39.97 -43.95 24.31
N VAL D 253 -38.65 -44.09 24.33
CA VAL D 253 -37.91 -44.04 25.58
C VAL D 253 -38.08 -42.67 26.24
N HIS D 254 -37.95 -41.59 25.47
CA HIS D 254 -38.07 -40.26 26.04
C HIS D 254 -39.46 -39.96 26.64
N ARG D 255 -40.53 -40.38 25.96
CA ARG D 255 -41.90 -40.28 26.52
C ARG D 255 -42.08 -41.14 27.77
N THR D 256 -41.33 -42.23 27.87
CA THR D 256 -41.38 -43.09 29.05
C THR D 256 -40.69 -42.40 30.24
N LEU D 257 -39.56 -41.76 29.96
CA LEU D 257 -38.86 -40.97 30.93
C LEU D 257 -39.76 -39.84 31.52
N VAL D 258 -40.34 -39.03 30.65
CA VAL D 258 -40.99 -37.79 31.08
C VAL D 258 -42.34 -38.02 31.78
N TYR D 259 -43.07 -39.05 31.35
CA TYR D 259 -44.42 -39.33 31.90
C TYR D 259 -44.52 -40.62 32.71
N GLY D 260 -43.48 -41.44 32.71
CA GLY D 260 -43.53 -42.75 33.35
C GLY D 260 -44.13 -43.78 32.41
N GLY D 261 -44.16 -45.04 32.85
CA GLY D 261 -44.70 -46.13 32.07
C GLY D 261 -43.69 -47.21 31.71
N ILE D 262 -43.98 -47.95 30.64
CA ILE D 262 -43.14 -49.10 30.24
C ILE D 262 -42.98 -49.19 28.72
N PHE D 263 -41.77 -49.53 28.28
CA PHE D 263 -41.51 -49.71 26.87
C PHE D 263 -40.94 -51.08 26.66
N LEU D 264 -41.43 -51.80 25.68
CA LEU D 264 -40.95 -53.13 25.47
C LEU D 264 -40.51 -53.33 24.04
N TYR D 265 -39.34 -53.95 23.91
CA TYR D 265 -38.91 -54.58 22.67
C TYR D 265 -38.29 -55.91 23.07
N PRO D 266 -39.15 -56.91 23.23
CA PRO D 266 -38.83 -58.14 23.95
C PRO D 266 -38.40 -59.29 23.04
N ALA D 267 -37.86 -60.32 23.65
CA ALA D 267 -37.64 -61.56 22.94
C ALA D 267 -38.97 -62.25 22.55
N ASN D 268 -38.89 -63.06 21.50
CA ASN D 268 -39.92 -64.03 21.15
C ASN D 268 -39.21 -65.19 20.48
N LYS D 269 -39.93 -66.24 20.13
CA LYS D 269 -39.26 -67.42 19.58
C LYS D 269 -38.54 -67.15 18.26
N LYS D 270 -39.09 -66.26 17.43
CA LYS D 270 -38.45 -65.89 16.17
C LYS D 270 -37.17 -65.09 16.40
N SER D 271 -37.19 -64.21 17.41
CA SER D 271 -36.04 -63.41 17.78
C SER D 271 -35.67 -63.56 19.28
N PRO D 272 -35.02 -64.69 19.64
CA PRO D 272 -34.70 -65.05 21.05
C PRO D 272 -33.89 -64.02 21.84
N ASN D 273 -33.21 -63.12 21.14
CA ASN D 273 -32.40 -62.09 21.77
C ASN D 273 -32.89 -60.69 21.40
N GLY D 274 -34.14 -60.59 20.98
CA GLY D 274 -34.75 -59.30 20.67
C GLY D 274 -34.30 -58.74 19.32
N LYS D 275 -34.49 -57.44 19.13
CA LYS D 275 -34.09 -56.80 17.89
C LYS D 275 -33.19 -55.60 18.10
N LEU D 276 -33.34 -54.91 19.22
CA LEU D 276 -32.52 -53.73 19.44
C LEU D 276 -31.08 -54.11 19.78
N ARG D 277 -30.13 -53.27 19.37
CA ARG D 277 -28.70 -53.51 19.58
C ARG D 277 -28.26 -53.10 20.96
N LEU D 278 -27.54 -53.98 21.63
CA LEU D 278 -27.19 -53.77 23.04
C LEU D 278 -26.25 -52.58 23.26
N LEU D 279 -25.21 -52.48 22.43
CA LEU D 279 -24.15 -51.50 22.63
C LEU D 279 -24.56 -50.04 22.57
N TYR D 280 -25.36 -49.70 21.55
CA TYR D 280 -25.64 -48.31 21.22
C TYR D 280 -27.11 -48.00 21.21
N GLU D 281 -27.96 -48.98 21.51
CA GLU D 281 -29.38 -48.72 21.76
C GLU D 281 -29.82 -49.06 23.16
N CYS D 282 -29.75 -50.34 23.53
CA CYS D 282 -30.22 -50.81 24.84
C CYS D 282 -29.42 -50.29 26.05
N ASN D 283 -28.09 -50.39 26.00
CA ASN D 283 -27.25 -49.95 27.15
C ASN D 283 -27.36 -48.46 27.47
N PRO D 284 -27.25 -47.58 26.45
CA PRO D 284 -27.38 -46.17 26.78
C PRO D 284 -28.78 -45.84 27.30
N MET D 285 -29.80 -46.54 26.80
CA MET D 285 -31.15 -46.37 27.34
C MET D 285 -31.32 -46.94 28.74
N ALA D 286 -30.73 -48.11 29.00
CA ALA D 286 -30.71 -48.69 30.35
C ALA D 286 -30.00 -47.78 31.32
N TYR D 287 -28.87 -47.24 30.88
CA TYR D 287 -28.08 -46.32 31.68
C TYR D 287 -28.86 -45.08 32.11
N VAL D 288 -29.47 -44.37 31.17
CA VAL D 288 -30.31 -43.22 31.48
C VAL D 288 -31.45 -43.56 32.42
N MET D 289 -32.18 -44.62 32.09
CA MET D 289 -33.26 -45.09 32.94
C MET D 289 -32.83 -45.45 34.38
N GLU D 290 -31.65 -45.98 34.58
CA GLU D 290 -31.26 -46.38 35.93
C GLU D 290 -30.82 -45.16 36.72
N LYS D 291 -30.11 -44.26 36.05
CA LYS D 291 -29.72 -43.01 36.66
C LYS D 291 -30.95 -42.19 37.02
N ALA D 292 -32.05 -42.49 36.32
CA ALA D 292 -33.31 -41.79 36.50
C ALA D 292 -34.07 -42.40 37.64
N GLY D 293 -33.61 -43.56 38.11
CA GLY D 293 -34.31 -44.28 39.16
C GLY D 293 -35.36 -45.21 38.55
N GLY D 294 -35.17 -45.55 37.28
CA GLY D 294 -36.01 -46.53 36.57
C GLY D 294 -35.29 -47.86 36.40
N MET D 295 -35.94 -48.81 35.75
CA MET D 295 -35.35 -50.13 35.57
C MET D 295 -35.18 -50.45 34.10
N ALA D 296 -34.33 -51.42 33.81
CA ALA D 296 -34.10 -51.90 32.44
C ALA D 296 -33.60 -53.35 32.44
N THR D 297 -34.40 -54.24 31.85
CA THR D 297 -34.16 -55.68 31.93
C THR D 297 -34.35 -56.39 30.60
N THR D 298 -33.67 -57.53 30.45
CA THR D 298 -33.82 -58.42 29.32
C THR D 298 -34.84 -59.51 29.63
N GLY D 299 -35.41 -59.46 30.82
CA GLY D 299 -36.24 -60.55 31.31
C GLY D 299 -35.41 -61.45 32.21
N LYS D 300 -34.24 -61.84 31.75
CA LYS D 300 -33.35 -62.71 32.52
C LYS D 300 -32.44 -61.99 33.49
N GLU D 301 -32.13 -60.72 33.18
CA GLU D 301 -31.18 -59.93 33.95
C GLU D 301 -31.26 -58.46 33.51
N ALA D 302 -30.67 -57.58 34.33
CA ALA D 302 -30.51 -56.18 33.98
C ALA D 302 -29.72 -56.00 32.69
N VAL D 303 -30.24 -55.19 31.79
CA VAL D 303 -29.57 -54.90 30.52
C VAL D 303 -28.07 -54.54 30.70
N LEU D 304 -27.80 -53.71 31.72
CA LEU D 304 -26.47 -53.23 31.99
C LEU D 304 -25.46 -54.27 32.44
N ASP D 305 -25.91 -55.45 32.87
CA ASP D 305 -24.99 -56.51 33.27
C ASP D 305 -24.66 -57.54 32.19
N VAL D 306 -25.25 -57.43 31.00
CA VAL D 306 -24.91 -58.38 29.94
C VAL D 306 -23.49 -58.12 29.47
N ILE D 307 -22.63 -59.15 29.44
CA ILE D 307 -21.31 -58.99 28.82
C ILE D 307 -21.38 -59.25 27.32
N PRO D 308 -21.10 -58.23 26.50
CA PRO D 308 -21.19 -58.41 25.03
C PRO D 308 -20.06 -59.24 24.46
N THR D 309 -20.30 -59.93 23.36
CA THR D 309 -19.28 -60.75 22.69
C THR D 309 -19.21 -60.39 21.21
N ASP D 310 -20.17 -59.58 20.78
CA ASP D 310 -20.26 -59.12 19.41
C ASP D 310 -20.77 -57.67 19.44
N ILE D 311 -20.04 -56.77 18.79
CA ILE D 311 -20.41 -55.34 18.83
C ILE D 311 -21.85 -55.04 18.32
N HIS D 312 -22.36 -55.88 17.43
CA HIS D 312 -23.71 -55.72 16.90
C HIS D 312 -24.70 -56.72 17.48
N GLN D 313 -24.37 -57.29 18.63
CA GLN D 313 -25.29 -58.24 19.24
C GLN D 313 -26.59 -57.60 19.70
N ARG D 314 -27.64 -58.39 19.69
CA ARG D 314 -28.95 -57.90 20.03
C ARG D 314 -29.31 -58.26 21.48
N ALA D 315 -30.07 -57.37 22.12
CA ALA D 315 -30.60 -57.65 23.44
C ALA D 315 -32.11 -57.39 23.50
N PRO D 316 -32.83 -58.15 24.34
CA PRO D 316 -34.23 -57.74 24.59
C PRO D 316 -34.24 -56.64 25.64
N VAL D 317 -35.22 -55.74 25.58
CA VAL D 317 -35.29 -54.66 26.54
C VAL D 317 -36.72 -54.38 27.00
N ILE D 318 -36.89 -54.34 28.32
CA ILE D 318 -38.12 -53.88 28.95
C ILE D 318 -37.70 -52.85 29.97
N LEU D 319 -38.25 -51.64 29.88
CA LEU D 319 -37.71 -50.51 30.63
C LEU D 319 -38.75 -49.45 31.02
N GLY D 320 -38.41 -48.62 32.01
CA GLY D 320 -39.30 -47.54 32.41
C GLY D 320 -39.53 -47.53 33.90
N SER D 321 -40.71 -47.10 34.32
CA SER D 321 -41.03 -46.99 35.74
C SER D 321 -40.74 -48.30 36.51
N PRO D 322 -40.12 -48.21 37.70
CA PRO D 322 -39.77 -49.44 38.40
C PRO D 322 -40.97 -50.36 38.75
N ASP D 323 -42.07 -49.82 39.27
CA ASP D 323 -43.22 -50.66 39.58
C ASP D 323 -43.70 -51.45 38.35
N ASP D 324 -43.63 -50.83 37.17
CA ASP D 324 -44.12 -51.47 35.97
C ASP D 324 -43.17 -52.55 35.49
N VAL D 325 -41.88 -52.26 35.48
CA VAL D 325 -40.89 -53.27 35.13
C VAL D 325 -40.95 -54.46 36.11
N LEU D 326 -40.97 -54.18 37.40
CA LEU D 326 -41.09 -55.25 38.42
C LEU D 326 -42.34 -56.11 38.13
N GLU D 327 -43.46 -55.48 37.80
CA GLU D 327 -44.67 -56.20 37.44
C GLU D 327 -44.48 -56.98 36.18
N PHE D 328 -43.79 -56.43 35.17
CA PHE D 328 -43.47 -57.26 34.02
C PHE D 328 -42.72 -58.52 34.45
N LEU D 329 -41.68 -58.32 35.25
CA LEU D 329 -40.80 -59.41 35.70
C LEU D 329 -41.53 -60.53 36.45
N LYS D 330 -42.43 -60.14 37.34
CA LYS D 330 -43.39 -61.05 38.00
C LYS D 330 -44.13 -62.00 37.03
N VAL D 331 -44.71 -61.43 35.97
CA VAL D 331 -45.38 -62.20 34.92
C VAL D 331 -44.35 -62.99 34.15
N TYR D 332 -43.19 -62.39 33.92
CA TYR D 332 -42.15 -63.05 33.13
C TYR D 332 -41.82 -64.34 33.83
N GLU D 333 -41.67 -64.25 35.15
CA GLU D 333 -41.24 -65.37 35.96
C GLU D 333 -42.31 -66.44 36.08
N LYS D 334 -43.56 -66.00 36.20
CA LYS D 334 -44.71 -66.90 36.11
C LYS D 334 -44.57 -67.83 34.89
N HIS D 335 -43.97 -67.34 33.82
CA HIS D 335 -43.77 -68.12 32.59
C HIS D 335 -42.41 -68.77 32.43
N SER D 336 -41.46 -68.44 33.32
CA SER D 336 -40.12 -69.05 33.30
C SER D 336 -40.08 -70.50 33.82
N ALA D 337 -39.31 -71.33 33.32
N ASP E 10 55.56 20.62 -0.46
CA ASP E 10 54.83 19.86 -1.53
C ASP E 10 53.34 19.69 -1.27
N VAL E 11 52.54 20.04 -2.26
CA VAL E 11 51.15 19.63 -2.28
C VAL E 11 51.00 18.19 -1.79
N ASN E 12 49.95 17.94 -1.02
CA ASN E 12 49.65 16.58 -0.59
C ASN E 12 48.16 16.33 -0.66
N THR E 13 47.80 15.11 -1.07
CA THR E 13 46.41 14.70 -1.17
C THR E 13 46.12 13.63 -0.12
N LEU E 14 44.84 13.29 0.08
CA LEU E 14 44.47 12.22 1.03
C LEU E 14 45.18 10.92 0.68
N THR E 15 45.13 10.56 -0.60
CA THR E 15 45.57 9.25 -1.05
C THR E 15 47.08 9.08 -0.92
N ARG E 16 47.82 10.16 -1.19
CA ARG E 16 49.27 10.18 -1.08
C ARG E 16 49.69 10.18 0.40
N PHE E 17 48.88 10.80 1.24
CA PHE E 17 49.17 10.88 2.68
C PHE E 17 49.08 9.47 3.28
N VAL E 18 47.94 8.85 3.07
CA VAL E 18 47.64 7.52 3.55
C VAL E 18 48.60 6.46 2.95
N MET E 19 49.03 6.69 1.71
CA MET E 19 50.02 5.82 1.06
C MET E 19 51.40 5.94 1.67
N GLU E 20 51.85 7.18 1.90
CA GLU E 20 53.12 7.42 2.54
C GLU E 20 53.14 6.94 3.98
N GLU E 21 52.07 7.22 4.74
CA GLU E 21 52.02 6.84 6.15
C GLU E 21 51.97 5.34 6.32
N GLY E 22 51.16 4.68 5.48
CA GLY E 22 51.13 3.23 5.40
C GLY E 22 52.47 2.58 5.10
N ARG E 23 53.31 3.23 4.31
CA ARG E 23 54.60 2.65 3.94
C ARG E 23 55.63 2.77 5.04
N LYS E 24 55.69 3.93 5.69
CA LYS E 24 56.54 4.16 6.87
C LYS E 24 56.34 3.08 7.96
N ALA E 25 55.09 2.69 8.17
CA ALA E 25 54.73 1.67 9.16
C ALA E 25 54.74 0.28 8.50
N ARG E 26 55.01 0.25 7.20
CA ARG E 26 55.12 -1.01 6.46
C ARG E 26 53.93 -1.95 6.72
N GLY E 27 52.70 -1.44 6.59
CA GLY E 27 51.51 -2.28 6.75
C GLY E 27 51.19 -3.03 5.47
N THR E 28 50.18 -3.91 5.50
CA THR E 28 49.85 -4.70 4.32
C THR E 28 49.01 -3.94 3.27
N GLY E 29 48.62 -2.71 3.59
CA GLY E 29 47.75 -1.90 2.71
C GLY E 29 46.25 -1.93 2.97
N GLU E 30 45.82 -2.68 3.98
CA GLU E 30 44.39 -2.83 4.25
C GLU E 30 43.71 -1.54 4.70
N LEU E 31 44.32 -0.84 5.65
CA LEU E 31 43.75 0.40 6.15
C LEU E 31 43.65 1.46 5.05
N THR E 32 44.69 1.54 4.23
CA THR E 32 44.76 2.44 3.08
C THR E 32 43.62 2.18 2.11
N GLN E 33 43.47 0.91 1.70
CA GLN E 33 42.41 0.49 0.79
C GLN E 33 41.04 0.92 1.35
N LEU E 34 40.89 0.80 2.67
CA LEU E 34 39.62 1.09 3.35
C LEU E 34 39.30 2.58 3.30
N LEU E 35 40.29 3.38 3.70
CA LEU E 35 40.22 4.84 3.63
C LEU E 35 40.03 5.43 2.21
N ASN E 36 40.56 4.75 1.18
CA ASN E 36 40.42 5.21 -0.18
C ASN E 36 38.97 5.07 -0.59
N SER E 37 38.43 3.88 -0.35
CA SER E 37 37.02 3.60 -0.62
C SER E 37 36.12 4.57 0.15
N LEU E 38 36.43 4.76 1.42
CA LEU E 38 35.71 5.72 2.24
C LEU E 38 35.80 7.14 1.67
N CYS E 39 37.00 7.59 1.35
CA CYS E 39 37.16 8.91 0.74
C CYS E 39 36.35 9.03 -0.58
N THR E 40 36.31 7.96 -1.38
CA THR E 40 35.50 7.90 -2.60
C THR E 40 34.00 7.98 -2.29
N ALA E 41 33.58 7.37 -1.17
CA ALA E 41 32.21 7.52 -0.69
C ALA E 41 31.92 8.98 -0.32
N VAL E 42 32.78 9.57 0.49
CA VAL E 42 32.62 10.99 0.84
C VAL E 42 32.40 11.87 -0.40
N LYS E 43 33.12 11.58 -1.48
CA LYS E 43 33.04 12.42 -2.68
C LYS E 43 31.78 12.18 -3.47
N ALA E 44 31.30 10.93 -3.50
CA ALA E 44 29.99 10.64 -4.10
C ALA E 44 28.85 11.29 -3.29
N ILE E 45 28.96 11.21 -1.97
CA ILE E 45 28.01 11.89 -1.07
C ILE E 45 28.03 13.40 -1.27
N SER E 46 29.23 13.98 -1.28
CA SER E 46 29.39 15.41 -1.48
C SER E 46 28.69 15.85 -2.76
N SER E 47 28.89 15.10 -3.85
CA SER E 47 28.29 15.49 -5.13
C SER E 47 26.77 15.53 -5.06
N ALA E 48 26.18 14.53 -4.43
CA ALA E 48 24.72 14.44 -4.37
C ALA E 48 24.12 15.47 -3.39
N VAL E 49 24.78 15.66 -2.26
CA VAL E 49 24.40 16.70 -1.29
C VAL E 49 24.36 18.11 -1.90
N ARG E 50 25.32 18.43 -2.76
CA ARG E 50 25.32 19.70 -3.49
C ARG E 50 24.32 19.70 -4.67
N LYS E 51 23.58 18.61 -4.82
CA LYS E 51 22.44 18.56 -5.74
C LYS E 51 22.79 18.54 -7.23
N ALA E 52 23.99 18.03 -7.54
CA ALA E 52 24.37 17.73 -8.91
C ALA E 52 23.31 16.83 -9.50
N GLY E 53 22.87 17.11 -10.73
CA GLY E 53 21.85 16.29 -11.41
C GLY E 53 20.39 16.43 -10.98
N ILE E 54 20.11 17.33 -10.04
CA ILE E 54 18.72 17.64 -9.63
C ILE E 54 17.84 18.14 -10.78
N ALA E 55 18.44 18.85 -11.74
CA ALA E 55 17.71 19.27 -12.94
C ALA E 55 16.94 18.10 -13.57
N HIS E 56 17.46 16.88 -13.38
CA HIS E 56 16.81 15.67 -13.88
C HIS E 56 15.61 15.25 -13.05
N LEU E 57 15.71 15.35 -11.73
CA LEU E 57 14.58 15.03 -10.86
C LEU E 57 13.39 15.96 -11.10
N TYR E 58 13.65 17.11 -11.71
CA TYR E 58 12.64 18.11 -11.96
C TYR E 58 12.21 18.19 -13.41
N GLY E 59 12.53 17.15 -14.16
CA GLY E 59 11.95 16.91 -15.49
C GLY E 59 12.66 17.42 -16.74
N ILE E 60 13.94 17.80 -16.60
CA ILE E 60 14.68 18.43 -17.69
C ILE E 60 14.62 17.64 -19.01
N ALA E 61 14.62 16.31 -18.93
CA ALA E 61 14.47 15.46 -20.11
C ALA E 61 13.19 14.64 -20.08
N GLY E 62 12.51 14.66 -18.93
CA GLY E 62 11.44 13.69 -18.63
C GLY E 62 10.02 14.22 -18.84
N VAL E 71 15.50 8.37 -7.51
CA VAL E 71 14.28 8.59 -6.72
C VAL E 71 14.53 8.19 -5.25
N LYS E 72 15.81 8.13 -4.89
CA LYS E 72 16.26 7.66 -3.58
C LYS E 72 16.62 8.85 -2.68
N LYS E 73 16.18 8.82 -1.42
CA LYS E 73 16.55 9.84 -0.44
C LYS E 73 18.06 9.93 -0.31
N LEU E 74 18.57 11.10 0.04
CA LEU E 74 19.99 11.28 0.22
C LEU E 74 20.54 10.31 1.27
N ASP E 75 19.88 10.25 2.42
CA ASP E 75 20.42 9.47 3.53
C ASP E 75 20.47 7.96 3.26
N VAL E 76 19.57 7.45 2.43
CA VAL E 76 19.65 6.05 1.97
C VAL E 76 20.82 5.86 0.98
N LEU E 77 21.01 6.84 0.10
CA LEU E 77 22.06 6.79 -0.91
C LEU E 77 23.44 6.94 -0.29
N SER E 78 23.58 7.89 0.63
CA SER E 78 24.78 7.99 1.42
C SER E 78 25.11 6.64 2.07
N ASN E 79 24.09 5.96 2.59
CA ASN E 79 24.31 4.72 3.30
C ASN E 79 24.72 3.61 2.33
N ASP E 80 24.07 3.53 1.17
CA ASP E 80 24.42 2.53 0.15
C ASP E 80 25.81 2.77 -0.39
N LEU E 81 26.25 4.03 -0.38
CA LEU E 81 27.55 4.41 -0.89
C LEU E 81 28.67 3.89 0.01
N VAL E 82 28.61 4.30 1.27
CA VAL E 82 29.52 3.79 2.29
C VAL E 82 29.40 2.26 2.42
N MET E 83 28.19 1.72 2.50
CA MET E 83 28.03 0.25 2.62
C MET E 83 28.78 -0.44 1.48
N ASN E 84 28.46 -0.07 0.24
CA ASN E 84 29.10 -0.70 -0.91
C ASN E 84 30.60 -0.44 -1.00
N MET E 85 31.04 0.80 -0.78
CA MET E 85 32.47 1.13 -0.91
C MET E 85 33.29 0.42 0.15
N LEU E 86 32.77 0.43 1.37
CA LEU E 86 33.38 -0.34 2.46
C LEU E 86 33.39 -1.82 2.15
N LYS E 87 32.23 -2.39 1.77
CA LYS E 87 32.19 -3.82 1.40
C LYS E 87 33.27 -4.16 0.41
N SER E 88 33.21 -3.56 -0.76
CA SER E 88 34.07 -3.94 -1.89
C SER E 88 35.56 -3.56 -1.72
N SER E 89 35.90 -2.90 -0.62
CA SER E 89 37.31 -2.64 -0.31
C SER E 89 38.06 -3.89 0.15
N PHE E 90 37.31 -4.93 0.51
CA PHE E 90 37.86 -6.17 1.10
C PHE E 90 38.58 -5.97 2.44
N ALA E 91 38.33 -4.85 3.12
CA ALA E 91 39.11 -4.46 4.28
C ALA E 91 38.32 -4.57 5.57
N THR E 92 37.04 -4.89 5.43
CA THR E 92 36.11 -4.87 6.56
C THR E 92 35.34 -6.18 6.70
N CYS E 93 34.94 -6.47 7.93
CA CYS E 93 34.18 -7.67 8.26
C CYS E 93 32.83 -7.36 8.94
N VAL E 94 32.80 -6.31 9.77
CA VAL E 94 31.55 -5.87 10.42
C VAL E 94 31.30 -4.35 10.28
N LEU E 95 30.07 -4.01 9.91
CA LEU E 95 29.70 -2.64 9.60
C LEU E 95 28.48 -2.17 10.39
N VAL E 96 28.66 -1.14 11.20
CA VAL E 96 27.56 -0.51 11.93
C VAL E 96 27.24 0.86 11.37
N SER E 97 25.97 1.06 11.00
CA SER E 97 25.47 2.31 10.47
C SER E 97 24.21 2.79 11.19
N GLU E 98 24.19 4.08 11.52
CA GLU E 98 23.04 4.71 12.17
C GLU E 98 21.70 4.30 11.53
N GLU E 99 21.75 3.96 10.24
CA GLU E 99 20.55 3.66 9.43
C GLU E 99 20.11 2.19 9.49
N ASP E 100 21.01 1.32 9.94
CA ASP E 100 20.74 -0.11 9.96
C ASP E 100 20.56 -0.62 11.39
N LYS E 101 19.41 -1.25 11.65
CA LYS E 101 19.08 -1.75 12.98
C LYS E 101 20.13 -2.78 13.46
N HIS E 102 20.47 -3.75 12.62
CA HIS E 102 21.52 -4.68 13.01
C HIS E 102 22.82 -4.43 12.27
N ALA E 103 23.93 -4.69 12.95
CA ALA E 103 25.24 -4.62 12.33
C ALA E 103 25.25 -5.49 11.07
N ILE E 104 25.94 -5.04 10.04
CA ILE E 104 26.05 -5.82 8.81
C ILE E 104 27.33 -6.64 8.86
N ILE E 105 27.17 -7.95 8.65
CA ILE E 105 28.29 -8.88 8.63
C ILE E 105 28.64 -9.18 7.16
N VAL E 106 29.81 -8.71 6.77
CA VAL E 106 30.25 -8.75 5.36
C VAL E 106 30.36 -10.19 4.82
N GLU E 107 29.80 -10.43 3.63
CA GLU E 107 29.95 -11.74 2.98
C GLU E 107 31.42 -12.26 2.95
N PRO E 108 31.61 -13.60 3.14
CA PRO E 108 32.94 -14.21 3.36
C PRO E 108 34.02 -13.85 2.34
N GLU E 109 33.65 -13.85 1.06
CA GLU E 109 34.60 -13.58 -0.02
C GLU E 109 35.08 -12.12 -0.10
N LYS E 110 34.61 -11.28 0.83
CA LYS E 110 34.93 -9.84 0.83
C LYS E 110 35.47 -9.37 2.17
N ARG E 111 35.79 -10.29 3.07
CA ARG E 111 36.14 -9.89 4.43
C ARG E 111 37.57 -9.44 4.62
N GLY E 112 37.73 -8.44 5.49
CA GLY E 112 39.04 -7.97 5.88
C GLY E 112 39.04 -7.81 7.37
N LYS E 113 40.12 -7.24 7.90
CA LYS E 113 40.36 -7.30 9.34
C LYS E 113 39.74 -6.14 10.13
N TYR E 114 39.03 -5.25 9.44
CA TYR E 114 38.54 -4.03 10.08
C TYR E 114 37.05 -3.96 10.28
N VAL E 115 36.68 -3.24 11.32
CA VAL E 115 35.31 -3.05 11.74
C VAL E 115 35.14 -1.54 11.70
N VAL E 116 34.04 -1.09 11.10
CA VAL E 116 33.80 0.32 10.89
C VAL E 116 32.38 0.67 11.33
N CYS E 117 32.26 1.70 12.14
CA CYS E 117 30.97 2.28 12.51
C CYS E 117 30.86 3.69 11.89
N PHE E 118 29.72 3.99 11.28
CA PHE E 118 29.57 5.30 10.66
C PHE E 118 28.15 5.79 10.72
N ASP E 119 28.01 7.12 10.77
CA ASP E 119 26.78 7.82 10.41
C ASP E 119 27.09 8.43 9.04
N PRO E 120 26.35 8.00 7.99
CA PRO E 120 26.67 8.40 6.62
C PRO E 120 26.31 9.86 6.31
N LEU E 121 25.15 10.31 6.79
CA LEU E 121 24.74 11.69 6.59
C LEU E 121 24.10 12.26 7.85
N ASP E 122 24.94 12.64 8.80
CA ASP E 122 24.46 13.18 10.07
C ASP E 122 23.91 14.59 9.94
N GLY E 123 22.65 14.73 10.36
CA GLY E 123 21.94 16.00 10.26
C GLY E 123 21.00 16.06 9.07
N SER E 124 20.89 14.94 8.34
CA SER E 124 20.04 14.88 7.15
C SER E 124 18.54 15.02 7.44
N SER E 125 18.13 14.83 8.70
CA SER E 125 16.79 15.23 9.12
C SER E 125 16.52 16.66 8.63
N ASN E 126 17.48 17.57 8.88
CA ASN E 126 17.35 19.00 8.59
C ASN E 126 17.91 19.49 7.24
N ILE E 127 17.91 18.62 6.24
CA ILE E 127 18.48 18.95 4.94
C ILE E 127 17.65 20.01 4.16
N ASP E 128 16.41 20.21 4.61
CA ASP E 128 15.45 21.15 4.00
C ASP E 128 15.88 22.63 4.11
N CYS E 129 16.58 22.95 5.20
CA CYS E 129 17.08 24.30 5.40
C CYS E 129 18.51 24.45 4.91
N LEU E 130 18.99 23.43 4.18
CA LEU E 130 20.33 23.42 3.59
C LEU E 130 21.47 23.60 4.61
N VAL E 131 21.19 23.23 5.86
CA VAL E 131 22.20 23.17 6.92
C VAL E 131 23.41 22.30 6.52
N SER E 132 24.57 22.59 7.12
CA SER E 132 25.74 21.72 7.02
C SER E 132 25.40 20.25 7.39
N VAL E 133 25.93 19.31 6.63
CA VAL E 133 25.77 17.88 6.91
C VAL E 133 27.12 17.15 6.87
N GLY E 134 27.12 15.89 7.29
CA GLY E 134 28.37 15.20 7.59
C GLY E 134 28.33 13.69 7.57
N THR E 135 29.48 13.09 7.31
CA THR E 135 29.70 11.67 7.46
C THR E 135 30.73 11.51 8.56
N ILE E 136 30.35 10.79 9.62
CA ILE E 136 31.25 10.52 10.73
C ILE E 136 31.58 9.05 10.67
N PHE E 137 32.82 8.68 11.01
CA PHE E 137 33.23 7.29 10.94
C PHE E 137 34.22 6.95 12.03
N GLY E 138 34.22 5.66 12.43
CA GLY E 138 35.23 5.13 13.35
C GLY E 138 35.71 3.76 12.90
N ILE E 139 37.02 3.50 13.01
CA ILE E 139 37.60 2.24 12.51
C ILE E 139 38.33 1.49 13.61
N TYR E 140 37.93 0.23 13.77
CA TYR E 140 38.52 -0.68 14.74
C TYR E 140 39.05 -1.88 14.01
N ARG E 141 40.06 -2.51 14.60
CA ARG E 141 40.48 -3.85 14.18
C ARG E 141 39.71 -4.87 15.01
N LYS E 142 39.22 -5.90 14.33
CA LYS E 142 38.64 -7.09 14.97
C LYS E 142 39.67 -7.66 15.92
N LYS E 143 39.23 -8.00 17.11
CA LYS E 143 40.13 -8.45 18.17
C LYS E 143 40.33 -9.98 18.22
N SER E 144 39.23 -10.72 18.05
CA SER E 144 39.28 -12.19 18.02
C SER E 144 39.39 -12.74 16.60
N THR E 145 39.44 -14.06 16.48
CA THR E 145 39.45 -14.71 15.19
C THR E 145 38.21 -15.60 15.04
N ASP E 146 37.18 -15.28 15.81
CA ASP E 146 35.90 -16.00 15.78
C ASP E 146 35.03 -15.52 14.62
N GLU E 147 33.95 -16.27 14.31
CA GLU E 147 33.03 -15.82 13.25
C GLU E 147 32.61 -14.40 13.61
N PRO E 148 32.76 -13.44 12.67
CA PRO E 148 32.50 -12.04 12.96
C PRO E 148 31.02 -11.75 13.26
N SER E 149 30.79 -10.82 14.18
CA SER E 149 29.42 -10.44 14.56
C SER E 149 29.34 -9.06 15.16
N GLU E 150 28.10 -8.68 15.47
CA GLU E 150 27.78 -7.42 16.11
C GLU E 150 28.70 -7.07 17.28
N LYS E 151 29.23 -8.08 17.96
CA LYS E 151 30.01 -7.82 19.18
C LYS E 151 31.36 -7.17 18.92
N ASP E 152 31.98 -7.51 17.79
CA ASP E 152 33.27 -6.93 17.42
C ASP E 152 33.20 -5.40 17.34
N ALA E 153 32.00 -4.90 17.12
CA ALA E 153 31.73 -3.47 17.08
C ALA E 153 31.65 -2.84 18.46
N LEU E 154 31.48 -3.65 19.50
CA LEU E 154 31.30 -3.14 20.86
C LEU E 154 32.60 -2.91 21.58
N GLN E 155 33.55 -2.29 20.90
CA GLN E 155 34.82 -1.92 21.50
C GLN E 155 34.77 -0.48 22.00
N PRO E 156 35.55 -0.14 23.05
CA PRO E 156 35.69 1.24 23.47
C PRO E 156 36.52 2.05 22.48
N GLY E 157 36.29 3.37 22.47
CA GLY E 157 36.98 4.30 21.57
C GLY E 157 38.48 4.30 21.70
N ARG E 158 39.01 3.89 22.85
CA ARG E 158 40.45 3.78 23.03
C ARG E 158 41.08 2.86 22.00
N ASN E 159 40.26 1.98 21.46
CA ASN E 159 40.69 0.98 20.50
C ASN E 159 40.65 1.45 19.04
N LEU E 160 40.19 2.68 18.82
CA LEU E 160 40.09 3.22 17.46
C LEU E 160 41.44 3.24 16.78
N VAL E 161 41.44 2.71 15.57
CA VAL E 161 42.61 2.68 14.73
C VAL E 161 42.71 4.05 14.01
N ALA E 162 41.53 4.52 13.58
CA ALA E 162 41.41 5.73 12.80
C ALA E 162 39.96 6.20 12.86
N ALA E 163 39.78 7.50 13.02
CA ALA E 163 38.44 8.09 13.00
C ALA E 163 38.48 9.52 12.45
N GLY E 164 37.30 10.04 12.11
CA GLY E 164 37.20 11.38 11.56
C GLY E 164 35.81 11.70 11.06
N TYR E 165 35.74 12.63 10.10
CA TYR E 165 34.47 13.04 9.52
C TYR E 165 34.63 13.86 8.26
N ALA E 166 33.58 13.84 7.46
CA ALA E 166 33.51 14.71 6.31
C ALA E 166 32.41 15.69 6.61
N LEU E 167 32.71 16.97 6.43
CA LEU E 167 31.69 18.01 6.57
C LEU E 167 31.36 18.57 5.20
N TYR E 168 30.08 18.53 4.86
CA TYR E 168 29.59 19.14 3.63
C TYR E 168 29.04 20.52 3.99
N GLY E 169 29.94 21.48 4.08
CA GLY E 169 29.62 22.83 4.49
C GLY E 169 29.73 23.78 3.32
N SER E 170 30.28 24.97 3.60
CA SER E 170 30.50 25.97 2.57
C SER E 170 31.46 25.37 1.53
N ALA E 171 32.42 24.58 1.99
CA ALA E 171 33.16 23.70 1.11
C ALA E 171 33.11 22.29 1.70
N THR E 172 33.74 21.32 1.04
CA THR E 172 33.83 19.99 1.64
C THR E 172 35.20 19.71 2.23
N MET E 173 35.18 19.14 3.43
CA MET E 173 36.43 18.87 4.13
C MET E 173 36.43 17.50 4.82
N LEU E 174 37.56 16.82 4.69
CA LEU E 174 37.74 15.61 5.45
C LEU E 174 38.77 15.80 6.54
N VAL E 175 38.32 15.65 7.78
CA VAL E 175 39.22 15.54 8.92
C VAL E 175 39.55 14.07 9.25
N LEU E 176 40.85 13.74 9.22
CA LEU E 176 41.27 12.38 9.49
C LEU E 176 42.18 12.33 10.70
N ALA E 177 41.74 11.61 11.72
CA ALA E 177 42.55 11.42 12.90
C ALA E 177 43.09 10.00 13.03
N MET E 178 44.38 9.93 13.30
CA MET E 178 45.07 8.67 13.59
C MET E 178 46.10 8.98 14.68
N ASP E 179 47.00 8.02 14.96
CA ASP E 179 48.07 8.20 15.93
C ASP E 179 49.00 9.36 15.60
N CYS E 180 49.41 9.45 14.33
CA CYS E 180 50.24 10.57 13.92
C CYS E 180 49.56 11.92 14.18
N GLY E 181 48.24 11.92 14.30
CA GLY E 181 47.50 13.13 14.67
C GLY E 181 46.31 13.48 13.80
N VAL E 182 46.02 14.77 13.74
CA VAL E 182 44.83 15.26 13.02
C VAL E 182 45.24 16.05 11.78
N ASN E 183 44.64 15.68 10.66
CA ASN E 183 44.92 16.30 9.38
C ASN E 183 43.65 16.54 8.59
N CYS E 184 43.54 17.76 8.04
CA CYS E 184 42.33 18.29 7.41
C CYS E 184 42.54 18.47 5.92
N PHE E 185 41.62 17.93 5.12
CA PHE E 185 41.71 17.92 3.67
C PHE E 185 40.50 18.53 2.95
N MET E 186 40.74 19.54 2.12
CA MET E 186 39.66 20.15 1.37
C MET E 186 39.37 19.39 0.10
N LEU E 187 38.09 19.11 -0.13
CA LEU E 187 37.66 18.58 -1.40
C LEU E 187 37.73 19.70 -2.45
N ASP E 188 38.53 19.49 -3.49
CA ASP E 188 38.54 20.38 -4.65
C ASP E 188 37.68 19.73 -5.73
N PRO E 189 36.43 20.20 -5.88
CA PRO E 189 35.45 19.74 -6.85
C PRO E 189 35.93 19.76 -8.31
N ALA E 190 36.84 20.69 -8.64
CA ALA E 190 37.43 20.78 -9.98
C ALA E 190 38.09 19.46 -10.43
N ILE E 191 38.79 18.80 -9.51
CA ILE E 191 39.57 17.63 -9.87
C ILE E 191 39.22 16.37 -9.08
N GLY E 192 38.37 16.51 -8.08
CA GLY E 192 37.97 15.40 -7.23
C GLY E 192 39.10 14.83 -6.41
N GLU E 193 39.83 15.70 -5.72
CA GLU E 193 40.90 15.29 -4.82
C GLU E 193 40.79 16.08 -3.51
N PHE E 194 41.13 15.39 -2.42
CA PHE E 194 41.24 16.02 -1.11
C PHE E 194 42.65 16.58 -0.92
N ILE E 195 42.72 17.88 -0.63
CA ILE E 195 43.99 18.61 -0.56
C ILE E 195 44.35 18.93 0.89
N LEU E 196 45.50 18.41 1.32
CA LEU E 196 45.99 18.64 2.66
C LEU E 196 46.18 20.14 2.90
N VAL E 197 45.27 20.72 3.67
CA VAL E 197 45.27 22.15 3.86
C VAL E 197 45.64 22.52 5.27
N ASP E 198 45.57 21.55 6.19
CA ASP E 198 45.91 21.77 7.61
C ASP E 198 46.56 20.52 8.20
N LYS E 199 47.82 20.65 8.65
CA LYS E 199 48.60 19.51 9.15
C LYS E 199 48.70 19.47 10.67
N ASP E 200 48.62 18.27 11.24
CA ASP E 200 48.92 18.05 12.65
C ASP E 200 48.19 19.09 13.52
N VAL E 201 46.88 19.15 13.34
CA VAL E 201 46.06 20.26 13.88
C VAL E 201 45.90 20.15 15.39
N LYS E 202 46.19 21.25 16.08
CA LYS E 202 45.91 21.34 17.52
C LYS E 202 44.78 22.32 17.86
N ILE E 203 44.02 21.99 18.92
CA ILE E 203 42.94 22.84 19.39
C ILE E 203 43.52 23.96 20.26
N LYS E 204 42.85 25.11 20.33
CA LYS E 204 43.22 26.14 21.30
C LYS E 204 43.08 25.61 22.73
N LYS E 205 44.06 25.93 23.58
CA LYS E 205 43.98 25.65 25.01
C LYS E 205 42.65 26.15 25.62
N LYS E 206 42.11 27.26 25.12
CA LYS E 206 40.84 27.83 25.63
C LYS E 206 40.12 28.65 24.57
N GLY E 207 38.85 28.33 24.36
CA GLY E 207 38.03 28.99 23.36
C GLY E 207 37.16 30.05 24.00
N LYS E 208 36.29 30.67 23.19
CA LYS E 208 35.42 31.76 23.61
C LYS E 208 33.99 31.52 23.15
N ILE E 209 33.69 30.29 22.77
CA ILE E 209 32.37 29.94 22.22
C ILE E 209 31.88 28.64 22.86
N TYR E 210 30.60 28.63 23.28
CA TYR E 210 29.95 27.42 23.83
C TYR E 210 28.73 27.05 23.00
N SER E 211 28.48 25.76 22.87
CA SER E 211 27.52 25.26 21.90
C SER E 211 26.61 24.17 22.48
N LEU E 212 25.33 24.48 22.59
CA LEU E 212 24.34 23.51 23.03
C LEU E 212 22.97 24.07 22.78
N ASN E 213 21.98 23.18 22.71
CA ASN E 213 20.60 23.57 22.49
C ASN E 213 19.95 24.11 23.76
N GLU E 214 20.10 25.41 23.97
CA GLU E 214 19.57 26.07 25.16
C GLU E 214 18.05 26.02 25.25
N GLY E 215 17.40 25.58 24.19
CA GLY E 215 15.95 25.42 24.21
C GLY E 215 15.50 24.43 25.26
N TYR E 216 16.42 23.61 25.78
CA TYR E 216 16.04 22.59 26.75
C TYR E 216 16.62 22.88 28.13
N ALA E 217 16.77 24.18 28.41
CA ALA E 217 17.27 24.66 29.69
C ALA E 217 16.37 24.28 30.89
N LYS E 218 15.10 23.99 30.63
CA LYS E 218 14.17 23.63 31.72
C LYS E 218 14.42 22.22 32.23
N ASP E 219 15.27 21.49 31.49
CA ASP E 219 15.67 20.14 31.84
C ASP E 219 17.20 20.01 32.03
N PHE E 220 17.91 21.12 31.93
CA PHE E 220 19.35 21.09 32.19
C PHE E 220 19.61 20.53 33.58
N ASP E 221 20.46 19.50 33.64
CA ASP E 221 21.11 19.06 34.86
C ASP E 221 21.72 20.33 35.50
N PRO E 222 21.36 20.62 36.77
CA PRO E 222 21.78 21.85 37.47
C PRO E 222 23.25 22.26 37.25
N ALA E 223 24.10 21.31 36.87
CA ALA E 223 25.52 21.59 36.61
C ALA E 223 25.73 22.26 35.24
N VAL E 224 25.08 21.71 34.22
CA VAL E 224 24.98 22.34 32.91
C VAL E 224 24.50 23.78 33.16
N THR E 225 23.27 23.90 33.67
CA THR E 225 22.69 25.16 34.14
C THR E 225 23.72 26.15 34.74
N GLU E 226 24.59 25.65 35.62
CA GLU E 226 25.60 26.52 36.25
C GLU E 226 26.73 26.88 35.32
N TYR E 227 27.27 25.89 34.61
CA TYR E 227 28.34 26.16 33.63
C TYR E 227 27.89 27.23 32.62
N ILE E 228 26.71 27.05 32.01
CA ILE E 228 26.21 28.01 31.03
C ILE E 228 26.12 29.43 31.62
N GLN E 229 25.61 29.53 32.85
CA GLN E 229 25.54 30.81 33.54
C GLN E 229 26.91 31.45 33.71
N ARG E 230 27.93 30.63 33.92
CA ARG E 230 29.29 31.12 34.13
C ARG E 230 29.92 31.67 32.86
N LYS E 231 29.35 31.29 31.70
CA LYS E 231 29.87 31.74 30.42
C LYS E 231 29.18 33.02 29.94
N LYS E 232 27.92 33.17 30.34
CA LYS E 232 27.11 34.38 30.08
C LYS E 232 27.45 35.50 31.07
N PHE E 233 27.52 35.15 32.34
CA PHE E 233 27.93 36.06 33.41
C PHE E 233 29.17 35.47 34.05
N PRO E 234 30.37 35.89 33.59
CA PRO E 234 31.58 35.43 34.25
C PRO E 234 31.70 36.09 35.63
N PRO E 235 31.78 35.27 36.70
CA PRO E 235 31.88 35.80 38.07
C PRO E 235 33.15 36.63 38.28
N ASP E 236 34.29 36.10 37.81
CA ASP E 236 35.59 36.78 37.94
C ASP E 236 35.74 37.98 36.98
N ASN E 237 34.68 38.31 36.27
CA ASN E 237 34.61 39.53 35.44
C ASN E 237 35.56 39.55 34.22
N SER E 238 35.38 38.54 33.36
CA SER E 238 36.01 38.49 32.05
C SER E 238 34.97 38.74 30.94
N ALA E 239 35.40 38.53 29.68
CA ALA E 239 34.53 38.63 28.51
C ALA E 239 33.59 37.42 28.44
N PRO E 240 32.29 37.67 28.18
CA PRO E 240 31.34 36.57 28.03
C PRO E 240 31.55 35.84 26.71
N TYR E 241 31.49 34.52 26.80
CA TYR E 241 31.55 33.64 25.64
C TYR E 241 30.39 33.91 24.65
N GLY E 242 30.68 33.76 23.37
CA GLY E 242 29.63 33.76 22.35
C GLY E 242 29.06 32.36 22.23
N ALA E 243 27.80 32.27 21.86
CA ALA E 243 27.18 30.98 21.68
C ALA E 243 26.97 30.69 20.20
N ARG E 244 27.26 29.45 19.79
CA ARG E 244 26.93 29.01 18.44
C ARG E 244 26.27 27.64 18.57
N TYR E 245 25.19 27.40 17.82
CA TYR E 245 24.61 26.07 17.75
C TYR E 245 23.91 25.85 16.41
N VAL E 246 24.43 24.93 15.63
CA VAL E 246 23.94 24.72 14.28
C VAL E 246 22.86 23.64 14.34
N GLY E 247 23.06 22.66 15.22
CA GLY E 247 22.15 21.54 15.33
C GLY E 247 22.57 20.38 14.45
N SER E 248 23.68 20.58 13.74
CA SER E 248 24.36 19.53 13.00
C SER E 248 25.68 19.30 13.68
N MET E 249 25.92 18.07 14.09
CA MET E 249 27.01 17.80 14.99
C MET E 249 28.36 17.91 14.32
N VAL E 250 28.46 17.39 13.09
CA VAL E 250 29.73 17.46 12.36
C VAL E 250 30.16 18.92 12.24
N ALA E 251 29.19 19.80 12.03
CA ALA E 251 29.41 21.21 11.81
C ALA E 251 29.83 21.87 13.09
N ASP E 252 29.03 21.71 14.14
CA ASP E 252 29.32 22.30 15.45
C ASP E 252 30.66 21.82 15.99
N VAL E 253 30.98 20.55 15.73
CA VAL E 253 32.21 19.98 16.26
C VAL E 253 33.43 20.48 15.51
N HIS E 254 33.30 20.67 14.18
CA HIS E 254 34.38 21.27 13.39
C HIS E 254 34.71 22.72 13.81
N ARG E 255 33.67 23.52 14.01
CA ARG E 255 33.88 24.87 14.51
C ARG E 255 34.64 24.84 15.83
N THR E 256 34.37 23.81 16.64
CA THR E 256 34.95 23.73 17.99
C THR E 256 36.40 23.39 17.84
N LEU E 257 36.69 22.49 16.90
CA LEU E 257 38.06 22.13 16.54
C LEU E 257 38.81 23.32 15.97
N VAL E 258 38.16 24.04 15.05
CA VAL E 258 38.79 25.18 14.37
C VAL E 258 38.97 26.40 15.26
N TYR E 259 37.95 26.73 16.04
CA TYR E 259 37.96 27.96 16.83
C TYR E 259 38.23 27.70 18.31
N GLY E 260 38.18 26.43 18.70
CA GLY E 260 38.30 26.07 20.11
C GLY E 260 37.00 26.43 20.79
N GLY E 261 36.88 26.04 22.05
CA GLY E 261 35.69 26.30 22.82
C GLY E 261 35.11 25.01 23.33
N ILE E 262 33.82 25.00 23.64
CA ILE E 262 33.19 23.84 24.23
C ILE E 262 31.87 23.44 23.52
N PHE E 263 31.62 22.14 23.43
CA PHE E 263 30.38 21.63 22.82
C PHE E 263 29.72 20.64 23.77
N LEU E 264 28.39 20.69 23.83
CA LEU E 264 27.63 19.94 24.83
C LEU E 264 26.33 19.41 24.28
N TYR E 265 26.15 18.11 24.40
CA TYR E 265 24.82 17.50 24.31
C TYR E 265 24.64 16.57 25.49
N PRO E 266 24.46 17.16 26.68
CA PRO E 266 24.61 16.50 27.98
C PRO E 266 23.39 15.70 28.41
N ALA E 267 23.55 14.97 29.51
CA ALA E 267 22.46 14.22 30.16
C ALA E 267 21.42 15.13 30.81
N ASN E 268 20.18 14.65 30.81
CA ASN E 268 19.08 15.24 31.60
C ASN E 268 18.32 14.17 32.41
N LYS E 269 17.19 14.54 33.03
CA LYS E 269 16.34 13.57 33.73
C LYS E 269 15.66 12.62 32.72
N LYS E 270 15.08 13.21 31.67
CA LYS E 270 14.38 12.49 30.60
C LYS E 270 15.26 11.48 29.83
N SER E 271 16.36 11.99 29.24
CA SER E 271 17.35 11.18 28.52
C SER E 271 18.69 11.22 29.28
N PRO E 272 18.80 10.45 30.39
CA PRO E 272 20.02 10.49 31.24
C PRO E 272 21.28 9.88 30.62
N ASN E 273 21.10 9.23 29.47
CA ASN E 273 22.21 8.68 28.67
C ASN E 273 22.57 9.62 27.51
N GLY E 274 22.10 10.86 27.56
CA GLY E 274 22.31 11.82 26.47
C GLY E 274 21.39 11.53 25.29
N LYS E 275 21.69 12.12 24.14
CA LYS E 275 20.90 11.91 22.92
C LYS E 275 21.76 11.28 21.83
N LEU E 276 23.05 11.57 21.83
CA LEU E 276 23.93 11.20 20.72
C LEU E 276 24.51 9.80 20.82
N ARG E 277 24.53 9.10 19.69
CA ARG E 277 24.96 7.73 19.59
C ARG E 277 26.46 7.58 19.76
N LEU E 278 26.86 6.94 20.86
CA LEU E 278 28.25 6.74 21.24
C LEU E 278 29.17 6.21 20.14
N LEU E 279 28.72 5.17 19.45
CA LEU E 279 29.60 4.38 18.60
C LEU E 279 29.99 5.15 17.35
N TYR E 280 28.98 5.63 16.62
CA TYR E 280 29.24 6.30 15.36
C TYR E 280 29.16 7.83 15.40
N GLU E 281 28.95 8.43 16.58
CA GLU E 281 28.91 9.89 16.69
C GLU E 281 29.91 10.37 17.72
N CYS E 282 29.65 10.07 19.00
CA CYS E 282 30.50 10.52 20.13
C CYS E 282 31.94 10.00 20.11
N ASN E 283 32.12 8.76 19.68
CA ASN E 283 33.46 8.17 19.75
C ASN E 283 34.43 8.72 18.71
N PRO E 284 34.02 8.74 17.42
CA PRO E 284 34.90 9.34 16.42
C PRO E 284 35.25 10.76 16.80
N MET E 285 34.25 11.51 17.26
CA MET E 285 34.45 12.90 17.62
C MET E 285 35.38 13.03 18.82
N ALA E 286 35.22 12.14 19.78
CA ALA E 286 36.09 12.06 20.96
C ALA E 286 37.52 11.69 20.55
N TYR E 287 37.62 10.74 19.62
CA TYR E 287 38.93 10.33 19.10
C TYR E 287 39.66 11.48 18.40
N VAL E 288 38.92 12.27 17.62
CA VAL E 288 39.47 13.44 16.92
C VAL E 288 39.87 14.53 17.93
N MET E 289 38.94 14.87 18.80
CA MET E 289 39.21 15.80 19.89
C MET E 289 40.43 15.46 20.74
N GLU E 290 40.58 14.21 21.15
CA GLU E 290 41.76 13.82 21.96
C GLU E 290 43.11 13.83 21.20
N LYS E 291 43.11 13.43 19.94
CA LYS E 291 44.34 13.46 19.13
C LYS E 291 44.77 14.88 18.75
N ALA E 292 43.81 15.79 18.77
CA ALA E 292 44.05 17.20 18.54
C ALA E 292 44.49 17.93 19.82
N GLY E 293 44.77 17.17 20.88
CA GLY E 293 45.16 17.78 22.15
C GLY E 293 43.99 18.35 22.93
N GLY E 294 42.78 17.80 22.72
CA GLY E 294 41.56 18.23 23.40
C GLY E 294 41.01 17.20 24.38
N MET E 295 39.73 17.35 24.77
CA MET E 295 39.08 16.39 25.65
C MET E 295 37.61 16.19 25.28
N ALA E 296 37.08 15.04 25.65
CA ALA E 296 35.65 14.73 25.50
C ALA E 296 35.20 13.86 26.68
N THR E 297 34.21 14.34 27.43
CA THR E 297 33.78 13.61 28.62
C THR E 297 32.29 13.37 28.64
N THR E 298 31.87 12.28 29.27
CA THR E 298 30.44 12.09 29.56
C THR E 298 30.07 12.79 30.88
N GLY E 299 31.09 13.29 31.59
CA GLY E 299 30.91 13.83 32.95
C GLY E 299 31.44 12.89 34.03
N LYS E 300 31.00 11.63 33.99
CA LYS E 300 31.52 10.59 34.87
C LYS E 300 32.89 10.12 34.37
N GLU E 301 33.03 9.99 33.04
CA GLU E 301 34.25 9.44 32.45
C GLU E 301 34.58 9.98 31.06
N ALA E 302 35.83 9.79 30.65
CA ALA E 302 36.26 10.04 29.28
C ALA E 302 35.47 9.16 28.29
N VAL E 303 34.89 9.81 27.28
CA VAL E 303 34.02 9.13 26.29
C VAL E 303 34.65 7.88 25.67
N LEU E 304 35.94 7.92 25.37
CA LEU E 304 36.62 6.79 24.71
C LEU E 304 36.67 5.55 25.59
N ASP E 305 36.74 5.78 26.90
CA ASP E 305 36.78 4.71 27.91
C ASP E 305 35.47 3.94 28.15
N VAL E 306 34.32 4.50 27.74
CA VAL E 306 33.03 3.84 27.92
C VAL E 306 32.95 2.51 27.16
N ILE E 307 32.47 1.46 27.84
CA ILE E 307 32.33 0.12 27.24
C ILE E 307 30.89 -0.12 26.78
N PRO E 308 30.70 -0.19 25.45
CA PRO E 308 29.35 -0.29 24.88
C PRO E 308 28.74 -1.69 25.05
N THR E 309 27.41 -1.73 25.17
CA THR E 309 26.70 -3.00 25.36
C THR E 309 25.62 -3.20 24.30
N ASP E 310 25.28 -2.13 23.59
CA ASP E 310 24.40 -2.14 22.41
C ASP E 310 25.11 -1.29 21.35
N ILE E 311 24.88 -1.56 20.07
CA ILE E 311 25.52 -0.72 19.02
C ILE E 311 24.89 0.64 18.84
N HIS E 312 23.56 0.70 19.00
CA HIS E 312 22.83 1.98 18.95
C HIS E 312 22.68 2.76 20.27
N GLN E 313 23.57 2.54 21.24
CA GLN E 313 23.44 3.19 22.57
C GLN E 313 23.80 4.68 22.63
N ARG E 314 22.98 5.44 23.34
CA ARG E 314 23.25 6.86 23.56
C ARG E 314 24.36 7.08 24.58
N ALA E 315 24.95 8.28 24.56
CA ALA E 315 26.01 8.65 25.48
C ALA E 315 26.07 10.17 25.54
N PRO E 316 26.19 10.73 26.76
CA PRO E 316 26.33 12.20 26.89
C PRO E 316 27.72 12.68 26.50
N VAL E 317 27.81 13.81 25.78
CA VAL E 317 29.11 14.32 25.39
C VAL E 317 29.31 15.79 25.72
N ILE E 318 30.48 16.07 26.28
CA ILE E 318 30.98 17.42 26.42
C ILE E 318 32.40 17.34 25.90
N LEU E 319 32.65 17.96 24.76
CA LEU E 319 34.01 18.00 24.20
C LEU E 319 34.48 19.43 23.93
N GLY E 320 35.77 19.58 23.62
CA GLY E 320 36.33 20.87 23.22
C GLY E 320 37.74 21.10 23.73
N SER E 321 38.10 22.37 23.87
CA SER E 321 39.37 22.79 24.47
C SER E 321 39.58 22.15 25.85
N PRO E 322 40.84 21.84 26.22
CA PRO E 322 41.12 21.19 27.50
C PRO E 322 40.54 21.96 28.68
N ASP E 323 40.87 23.25 28.76
CA ASP E 323 40.48 24.07 29.91
C ASP E 323 38.99 24.27 29.98
N ASP E 324 38.35 24.40 28.83
CA ASP E 324 36.94 24.59 28.83
C ASP E 324 36.21 23.39 29.39
N VAL E 325 36.67 22.19 29.03
CA VAL E 325 36.08 20.96 29.57
C VAL E 325 36.47 20.77 31.04
N LEU E 326 37.76 20.95 31.35
CA LEU E 326 38.24 20.95 32.74
C LEU E 326 37.43 21.93 33.59
N GLU E 327 37.07 23.07 33.01
CA GLU E 327 36.24 24.03 33.69
C GLU E 327 34.85 23.44 33.93
N PHE E 328 34.35 22.69 32.96
CA PHE E 328 33.06 22.04 33.13
C PHE E 328 33.13 20.95 34.17
N LEU E 329 34.28 20.28 34.29
CA LEU E 329 34.39 19.12 35.18
C LEU E 329 34.44 19.46 36.67
N LYS E 330 35.08 20.58 37.01
CA LYS E 330 35.01 21.12 38.37
C LYS E 330 33.54 21.35 38.71
N VAL E 331 32.84 22.12 37.88
CA VAL E 331 31.40 22.32 38.03
C VAL E 331 30.67 20.99 38.25
N TYR E 332 30.99 19.98 37.44
CA TYR E 332 30.32 18.68 37.55
C TYR E 332 30.55 18.04 38.92
N GLU E 333 31.81 17.99 39.35
CA GLU E 333 32.18 17.58 40.71
C GLU E 333 31.38 18.36 41.78
N LYS E 334 31.40 19.69 41.69
CA LYS E 334 30.71 20.57 42.64
C LYS E 334 29.26 20.14 42.96
N HIS E 335 28.53 19.68 41.95
CA HIS E 335 27.18 19.15 42.15
C HIS E 335 27.25 17.66 42.51
N SER E 336 28.20 17.35 43.40
CA SER E 336 28.49 16.01 43.95
C SER E 336 28.74 14.92 42.89
N ALA E 337 28.20 13.81 42.95
N ASP F 10 6.42 21.34 -16.32
CA ASP F 10 7.70 21.80 -16.95
C ASP F 10 8.70 22.26 -15.91
N VAL F 11 9.95 21.86 -16.09
CA VAL F 11 11.05 22.40 -15.31
C VAL F 11 11.15 23.90 -15.61
N ASN F 12 11.44 24.69 -14.58
CA ASN F 12 11.69 26.09 -14.77
C ASN F 12 13.08 26.40 -14.24
N THR F 13 13.85 27.16 -15.01
CA THR F 13 15.12 27.67 -14.54
C THR F 13 14.88 29.08 -14.05
N LEU F 14 15.86 29.69 -13.42
CA LEU F 14 15.75 31.09 -13.01
C LEU F 14 15.54 31.98 -14.22
N THR F 15 16.38 31.77 -15.23
CA THR F 15 16.36 32.56 -16.42
C THR F 15 14.99 32.48 -17.07
N ARG F 16 14.53 31.26 -17.34
CA ARG F 16 13.22 31.04 -17.92
C ARG F 16 12.12 31.72 -17.07
N PHE F 17 12.18 31.52 -15.76
CA PHE F 17 11.20 32.11 -14.83
C PHE F 17 11.19 33.62 -14.96
N VAL F 18 12.37 34.21 -14.94
CA VAL F 18 12.56 35.66 -15.02
C VAL F 18 12.06 36.26 -16.37
N MET F 19 12.40 35.62 -17.48
CA MET F 19 11.93 36.11 -18.77
C MET F 19 10.41 35.98 -18.95
N GLU F 20 9.83 34.91 -18.41
CA GLU F 20 8.40 34.67 -18.48
C GLU F 20 7.65 35.74 -17.71
N GLU F 21 8.15 36.05 -16.51
CA GLU F 21 7.53 37.07 -15.67
C GLU F 21 7.74 38.47 -16.25
N GLY F 22 8.83 38.66 -16.99
CA GLY F 22 9.10 39.92 -17.65
C GLY F 22 8.21 40.13 -18.86
N ARG F 23 8.00 39.07 -19.63
CA ARG F 23 7.11 39.11 -20.82
C ARG F 23 5.63 39.31 -20.45
N LYS F 24 5.24 38.89 -19.25
CA LYS F 24 3.90 39.13 -18.74
C LYS F 24 3.72 40.62 -18.46
N ALA F 25 4.69 41.19 -17.75
CA ALA F 25 4.65 42.60 -17.31
C ALA F 25 4.96 43.63 -18.42
N ARG F 26 5.39 43.14 -19.58
CA ARG F 26 5.76 43.97 -20.72
C ARG F 26 6.90 44.99 -20.50
N GLY F 27 7.77 44.72 -19.53
CA GLY F 27 8.91 45.59 -19.24
C GLY F 27 9.93 45.60 -20.36
N THR F 28 10.88 46.53 -20.29
CA THR F 28 11.91 46.64 -21.34
C THR F 28 12.87 45.43 -21.34
N GLY F 29 13.20 44.92 -20.15
CA GLY F 29 14.09 43.76 -20.02
C GLY F 29 15.35 44.08 -19.24
N GLU F 30 15.38 45.28 -18.66
CA GLU F 30 16.52 45.75 -17.90
C GLU F 30 16.62 44.99 -16.58
N LEU F 31 15.50 44.77 -15.90
CA LEU F 31 15.52 44.03 -14.61
C LEU F 31 15.92 42.56 -14.80
N THR F 32 15.47 41.97 -15.90
CA THR F 32 15.81 40.63 -16.29
C THR F 32 17.31 40.53 -16.51
N GLN F 33 17.83 41.39 -17.38
CA GLN F 33 19.26 41.47 -17.61
C GLN F 33 20.06 41.59 -16.31
N LEU F 34 19.53 42.36 -15.38
CA LEU F 34 20.24 42.57 -14.13
C LEU F 34 20.21 41.30 -13.25
N LEU F 35 19.05 40.68 -13.18
CA LEU F 35 18.91 39.46 -12.39
C LEU F 35 19.77 38.28 -12.92
N ASN F 36 19.72 38.05 -14.23
CA ASN F 36 20.61 37.10 -14.91
C ASN F 36 22.10 37.37 -14.65
N SER F 37 22.48 38.64 -14.58
CA SER F 37 23.84 39.02 -14.30
C SER F 37 24.16 38.73 -12.84
N LEU F 38 23.18 38.97 -11.99
CA LEU F 38 23.39 38.73 -10.57
C LEU F 38 23.59 37.22 -10.37
N CYS F 39 22.75 36.44 -11.04
CA CYS F 39 22.78 34.99 -10.95
C CYS F 39 24.10 34.42 -11.46
N THR F 40 24.65 35.05 -12.49
CA THR F 40 25.96 34.67 -13.01
C THR F 40 27.06 34.91 -11.98
N ALA F 41 27.02 36.05 -11.29
CA ALA F 41 28.00 36.30 -10.26
C ALA F 41 27.83 35.21 -9.20
N VAL F 42 26.59 34.98 -8.79
CA VAL F 42 26.30 34.00 -7.74
C VAL F 42 26.92 32.64 -8.01
N LYS F 43 26.83 32.14 -9.25
CA LYS F 43 27.42 30.83 -9.60
C LYS F 43 28.94 30.86 -9.47
N ALA F 44 29.53 32.00 -9.82
CA ALA F 44 30.96 32.18 -9.72
C ALA F 44 31.40 32.13 -8.28
N ILE F 45 30.66 32.83 -7.40
CA ILE F 45 30.87 32.81 -5.95
C ILE F 45 30.68 31.41 -5.34
N SER F 46 29.60 30.73 -5.71
CA SER F 46 29.38 29.32 -5.30
C SER F 46 30.61 28.46 -5.58
N SER F 47 31.07 28.49 -6.83
CA SER F 47 32.29 27.79 -7.26
C SER F 47 33.53 28.15 -6.42
N ALA F 48 33.78 29.44 -6.22
CA ALA F 48 34.92 29.84 -5.38
C ALA F 48 34.78 29.35 -3.93
N VAL F 49 33.54 29.41 -3.45
CA VAL F 49 33.21 29.05 -2.05
C VAL F 49 33.41 27.57 -1.78
N ARG F 50 33.00 26.71 -2.71
CA ARG F 50 33.22 25.26 -2.61
C ARG F 50 34.69 24.86 -2.84
N LYS F 51 35.58 25.86 -2.87
CA LYS F 51 37.02 25.67 -3.03
C LYS F 51 37.49 25.03 -4.36
N ALA F 52 36.81 25.38 -5.45
CA ALA F 52 37.25 24.97 -6.79
C ALA F 52 38.60 25.62 -7.15
N GLY F 53 39.58 24.78 -7.47
CA GLY F 53 40.93 25.24 -7.81
C GLY F 53 41.91 25.39 -6.65
N ILE F 54 41.43 25.13 -5.41
CA ILE F 54 42.26 25.23 -4.19
C ILE F 54 43.60 24.47 -4.34
N ALA F 55 43.59 23.37 -5.11
CA ALA F 55 44.79 22.60 -5.40
C ALA F 55 45.93 23.43 -5.98
N HIS F 56 45.61 24.37 -6.86
CA HIS F 56 46.62 25.21 -7.51
C HIS F 56 47.26 26.12 -6.51
N LEU F 57 46.44 26.55 -5.57
CA LEU F 57 46.85 27.43 -4.51
C LEU F 57 47.80 26.70 -3.55
N TYR F 58 47.66 25.38 -3.46
CA TYR F 58 48.49 24.58 -2.56
C TYR F 58 49.65 23.91 -3.29
N GLY F 59 49.79 24.30 -4.56
CA GLY F 59 51.00 24.11 -5.33
C GLY F 59 51.03 22.86 -6.16
N ILE F 60 49.87 22.47 -6.70
CA ILE F 60 49.76 21.26 -7.53
C ILE F 60 50.60 21.34 -8.80
N ALA F 61 50.75 22.54 -9.35
CA ALA F 61 51.57 22.80 -10.53
C ALA F 61 52.89 23.51 -10.17
N GLY F 62 53.38 23.29 -8.96
CA GLY F 62 54.63 23.89 -8.52
C GLY F 62 54.39 25.20 -7.78
N LYS F 73 40.77 37.28 0.67
CA LYS F 73 40.67 37.23 -0.79
C LYS F 73 39.24 36.91 -1.23
N LEU F 74 38.61 35.97 -0.54
CA LEU F 74 37.29 35.47 -0.94
C LEU F 74 36.15 36.50 -0.88
N ASP F 75 36.08 37.28 0.19
CA ASP F 75 35.05 38.32 0.27
C ASP F 75 35.32 39.41 -0.77
N VAL F 76 36.60 39.65 -1.02
CA VAL F 76 37.08 40.58 -2.04
C VAL F 76 36.76 40.04 -3.44
N LEU F 77 37.09 38.79 -3.70
CA LEU F 77 36.74 38.16 -4.97
C LEU F 77 35.24 38.27 -5.25
N SER F 78 34.42 37.98 -4.24
CA SER F 78 32.95 38.00 -4.38
C SER F 78 32.42 39.40 -4.69
N ASN F 79 33.00 40.38 -4.01
CA ASN F 79 32.64 41.76 -4.15
C ASN F 79 32.90 42.21 -5.57
N ASP F 80 34.06 41.86 -6.11
CA ASP F 80 34.42 42.19 -7.50
C ASP F 80 33.52 41.49 -8.49
N LEU F 81 33.18 40.22 -8.23
CA LEU F 81 32.27 39.48 -9.13
C LEU F 81 30.91 40.17 -9.34
N VAL F 82 30.25 40.56 -8.24
CA VAL F 82 28.94 41.23 -8.31
C VAL F 82 29.02 42.62 -8.93
N MET F 83 29.91 43.45 -8.38
CA MET F 83 30.24 44.75 -8.96
C MET F 83 30.44 44.68 -10.48
N ASN F 84 31.37 43.84 -10.93
CA ASN F 84 31.60 43.77 -12.35
C ASN F 84 30.37 43.32 -13.13
N MET F 85 29.69 42.29 -12.64
CA MET F 85 28.57 41.70 -13.38
C MET F 85 27.43 42.69 -13.51
N LEU F 86 27.13 43.38 -12.42
CA LEU F 86 26.11 44.42 -12.42
C LEU F 86 26.54 45.60 -13.29
N LYS F 87 27.75 46.12 -13.04
CA LYS F 87 28.28 47.21 -13.85
C LYS F 87 27.98 46.95 -15.32
N SER F 88 28.40 45.78 -15.79
CA SER F 88 28.33 45.45 -17.20
C SER F 88 26.96 44.95 -17.70
N SER F 89 25.98 44.86 -16.81
CA SER F 89 24.67 44.40 -17.22
C SER F 89 23.90 45.46 -18.00
N PHE F 90 24.36 46.70 -17.90
CA PHE F 90 23.71 47.87 -18.51
C PHE F 90 22.32 48.08 -17.87
N ALA F 91 22.23 48.02 -16.54
CA ALA F 91 20.92 48.17 -15.86
C ALA F 91 21.01 48.88 -14.52
N THR F 92 22.23 49.19 -14.10
CA THR F 92 22.44 49.87 -12.84
C THR F 92 23.03 51.24 -13.03
N CYS F 93 22.98 52.04 -11.97
CA CYS F 93 23.59 53.35 -11.93
C CYS F 93 24.29 53.55 -10.59
N VAL F 94 23.62 53.15 -9.51
CA VAL F 94 24.18 53.21 -8.16
C VAL F 94 24.34 51.79 -7.59
N LEU F 95 25.51 51.50 -7.04
CA LEU F 95 25.76 50.20 -6.43
C LEU F 95 26.26 50.39 -5.01
N VAL F 96 25.57 49.79 -4.04
CA VAL F 96 26.05 49.80 -2.67
C VAL F 96 26.54 48.41 -2.23
N SER F 97 27.71 48.36 -1.62
CA SER F 97 28.27 47.08 -1.20
C SER F 97 28.77 47.17 0.21
N GLU F 98 28.46 46.14 0.99
CA GLU F 98 29.01 45.98 2.34
C GLU F 98 30.50 46.29 2.39
N GLU F 99 31.18 46.04 1.27
CA GLU F 99 32.63 46.11 1.18
C GLU F 99 33.19 47.49 0.86
N ASP F 100 32.34 48.37 0.32
CA ASP F 100 32.79 49.65 -0.15
C ASP F 100 32.25 50.74 0.76
N LYS F 101 33.12 51.71 1.07
CA LYS F 101 32.80 52.80 2.00
C LYS F 101 31.75 53.75 1.43
N HIS F 102 31.85 54.00 0.12
CA HIS F 102 30.89 54.87 -0.57
C HIS F 102 30.16 54.11 -1.66
N ALA F 103 29.00 54.62 -2.04
CA ALA F 103 28.25 54.08 -3.17
C ALA F 103 29.12 54.14 -4.41
N ILE F 104 29.11 53.08 -5.21
CA ILE F 104 29.78 53.07 -6.50
C ILE F 104 28.81 53.61 -7.54
N ILE F 105 29.23 54.66 -8.25
CA ILE F 105 28.43 55.29 -9.30
C ILE F 105 28.80 54.73 -10.69
N VAL F 106 27.92 53.91 -11.25
CA VAL F 106 28.15 53.30 -12.57
C VAL F 106 28.43 54.37 -13.64
N GLU F 107 29.58 54.27 -14.31
CA GLU F 107 29.91 55.19 -15.41
C GLU F 107 28.85 55.19 -16.52
N PRO F 108 28.84 56.24 -17.38
CA PRO F 108 27.73 56.57 -18.30
C PRO F 108 27.30 55.54 -19.35
N GLU F 109 28.23 55.06 -20.18
CA GLU F 109 27.88 54.17 -21.32
C GLU F 109 27.29 52.84 -20.86
N LYS F 110 27.40 52.56 -19.56
CA LYS F 110 26.95 51.29 -18.96
C LYS F 110 25.69 51.48 -18.10
N ARG F 111 25.28 52.74 -17.93
CA ARG F 111 24.28 53.09 -16.92
C ARG F 111 22.88 52.59 -17.25
N GLY F 112 22.06 52.47 -16.20
CA GLY F 112 20.69 52.01 -16.30
C GLY F 112 19.89 52.44 -15.07
N LYS F 113 18.66 51.94 -14.97
CA LYS F 113 17.69 52.53 -14.04
C LYS F 113 17.63 51.95 -12.63
N TYR F 114 18.44 50.93 -12.32
CA TYR F 114 18.34 50.30 -11.00
C TYR F 114 19.46 50.63 -10.01
N VAL F 115 19.12 50.56 -8.73
CA VAL F 115 20.06 50.69 -7.63
C VAL F 115 20.11 49.36 -6.90
N VAL F 116 21.32 48.90 -6.57
CA VAL F 116 21.48 47.63 -5.88
C VAL F 116 22.35 47.78 -4.62
N CYS F 117 21.85 47.27 -3.52
CA CYS F 117 22.65 47.17 -2.31
C CYS F 117 22.80 45.68 -2.01
N PHE F 118 24.05 45.21 -1.88
CA PHE F 118 24.30 43.78 -1.69
C PHE F 118 25.39 43.55 -0.66
N ASP F 119 25.29 42.44 0.07
CA ASP F 119 26.42 41.97 0.85
C ASP F 119 26.92 40.81 0.01
N PRO F 120 28.13 40.94 -0.58
CA PRO F 120 28.58 39.92 -1.54
C PRO F 120 28.88 38.58 -0.88
N LEU F 121 29.30 38.61 0.38
CA LEU F 121 29.56 37.39 1.14
C LEU F 121 29.41 37.56 2.64
N ASP F 122 28.17 37.56 3.10
CA ASP F 122 27.89 37.58 4.52
C ASP F 122 28.36 36.30 5.21
N GLY F 123 28.96 36.45 6.37
CA GLY F 123 29.40 35.32 7.16
C GLY F 123 30.88 35.05 6.97
N SER F 124 31.42 35.55 5.85
CA SER F 124 32.80 35.29 5.41
C SER F 124 33.91 35.27 6.46
N SER F 125 33.87 36.20 7.41
CA SER F 125 34.87 36.23 8.51
C SER F 125 35.05 34.85 9.20
N ASN F 126 33.96 34.10 9.29
CA ASN F 126 33.95 32.74 9.88
C ASN F 126 33.91 31.59 8.83
N ILE F 127 34.41 31.85 7.61
CA ILE F 127 34.55 30.80 6.59
C ILE F 127 35.67 29.79 6.94
N ASP F 128 36.45 30.12 7.97
CA ASP F 128 37.44 29.23 8.59
C ASP F 128 36.82 27.90 9.05
N CYS F 129 35.60 27.98 9.57
CA CYS F 129 34.88 26.81 10.07
C CYS F 129 33.82 26.30 9.08
N LEU F 130 34.00 26.63 7.81
CA LEU F 130 33.13 26.13 6.73
C LEU F 130 31.66 26.30 7.02
N VAL F 131 31.35 27.29 7.87
CA VAL F 131 29.98 27.72 8.18
C VAL F 131 29.34 28.18 6.87
N SER F 132 28.05 27.91 6.73
CA SER F 132 27.28 28.41 5.60
C SER F 132 27.59 29.88 5.39
N VAL F 133 27.70 30.31 4.13
CA VAL F 133 27.79 31.74 3.82
C VAL F 133 26.76 32.10 2.75
N GLY F 134 26.59 33.38 2.45
CA GLY F 134 25.64 33.76 1.43
C GLY F 134 25.79 35.18 0.96
N THR F 135 25.06 35.49 -0.12
CA THR F 135 25.01 36.81 -0.73
C THR F 135 23.61 37.38 -0.53
N ILE F 136 23.54 38.59 0.03
CA ILE F 136 22.26 39.24 0.19
C ILE F 136 22.17 40.44 -0.76
N PHE F 137 21.00 40.62 -1.40
CA PHE F 137 20.81 41.70 -2.38
C PHE F 137 19.41 42.31 -2.33
N GLY F 138 19.34 43.62 -2.60
CA GLY F 138 18.08 44.34 -2.75
C GLY F 138 18.16 45.30 -3.93
N ILE F 139 17.10 45.39 -4.71
CA ILE F 139 17.13 46.15 -5.95
C ILE F 139 16.06 47.24 -5.97
N TYR F 140 16.46 48.47 -6.30
CA TYR F 140 15.55 49.61 -6.38
C TYR F 140 15.50 50.20 -7.79
N ARG F 141 14.36 50.79 -8.13
CA ARG F 141 14.24 51.68 -9.30
C ARG F 141 14.72 53.06 -8.84
N LYS F 142 15.54 53.72 -9.65
CA LYS F 142 16.01 55.09 -9.37
C LYS F 142 14.83 56.07 -9.40
N LYS F 143 14.62 56.77 -8.28
CA LYS F 143 13.43 57.58 -8.05
C LYS F 143 13.53 58.97 -8.73
N SER F 144 14.61 59.70 -8.45
CA SER F 144 14.85 60.99 -9.08
C SER F 144 15.35 60.85 -10.54
N THR F 145 15.66 62.00 -11.15
CA THR F 145 16.00 62.07 -12.57
C THR F 145 17.34 62.77 -12.84
N ASP F 146 18.06 63.10 -11.75
CA ASP F 146 19.33 63.83 -11.80
C ASP F 146 20.54 62.89 -11.81
N GLU F 147 21.71 63.45 -12.12
CA GLU F 147 23.00 62.78 -11.92
C GLU F 147 22.91 61.80 -10.71
N PRO F 148 22.92 60.47 -10.99
CA PRO F 148 22.77 59.41 -9.96
C PRO F 148 23.79 59.53 -8.85
N SER F 149 23.32 59.53 -7.61
CA SER F 149 24.19 59.68 -6.45
C SER F 149 23.76 58.77 -5.30
N GLU F 150 24.62 58.62 -4.31
CA GLU F 150 24.36 57.80 -3.13
C GLU F 150 22.91 57.98 -2.62
N LYS F 151 22.33 59.15 -2.88
CA LYS F 151 20.98 59.49 -2.43
C LYS F 151 19.91 58.52 -2.97
N ASP F 152 20.15 57.99 -4.17
CA ASP F 152 19.20 57.07 -4.81
C ASP F 152 19.10 55.70 -4.15
N ALA F 153 20.01 55.44 -3.21
CA ALA F 153 20.07 54.18 -2.50
C ALA F 153 19.41 54.27 -1.13
N LEU F 154 19.16 55.49 -0.68
CA LEU F 154 18.56 55.68 0.65
C LEU F 154 17.03 55.64 0.62
N GLN F 155 16.46 54.76 -0.21
CA GLN F 155 15.02 54.55 -0.19
C GLN F 155 14.65 53.58 0.92
N PRO F 156 13.39 53.63 1.41
CA PRO F 156 13.05 52.66 2.43
C PRO F 156 12.73 51.32 1.79
N GLY F 157 12.71 50.27 2.61
CA GLY F 157 12.53 48.89 2.13
C GLY F 157 11.26 48.70 1.34
N ARG F 158 10.20 49.41 1.75
CA ARG F 158 8.93 49.49 1.03
C ARG F 158 9.07 49.71 -0.46
N ASN F 159 10.18 50.29 -0.89
CA ASN F 159 10.31 50.70 -2.28
C ASN F 159 11.00 49.64 -3.12
N LEU F 160 11.35 48.52 -2.48
CA LEU F 160 12.11 47.45 -3.13
C LEU F 160 11.35 46.84 -4.31
N VAL F 161 12.07 46.61 -5.39
CA VAL F 161 11.51 46.05 -6.63
C VAL F 161 11.63 44.54 -6.58
N ALA F 162 12.76 44.08 -6.06
CA ALA F 162 13.07 42.67 -5.88
C ALA F 162 14.21 42.57 -4.89
N ALA F 163 14.17 41.55 -4.05
CA ALA F 163 15.28 41.26 -3.15
C ALA F 163 15.42 39.77 -2.95
N GLY F 164 16.57 39.37 -2.43
CA GLY F 164 16.73 38.01 -1.97
C GLY F 164 18.11 37.70 -1.44
N TYR F 165 18.46 36.43 -1.60
CA TYR F 165 19.76 35.95 -1.21
C TYR F 165 20.13 34.66 -1.92
N ALA F 166 21.41 34.34 -1.83
CA ALA F 166 21.95 33.08 -2.30
C ALA F 166 22.62 32.50 -1.08
N LEU F 167 22.25 31.27 -0.75
CA LEU F 167 22.85 30.59 0.39
C LEU F 167 23.81 29.53 -0.14
N TYR F 168 25.05 29.59 0.35
CA TYR F 168 26.07 28.63 0.05
C TYR F 168 26.19 27.68 1.23
N GLY F 169 25.21 26.78 1.34
CA GLY F 169 25.20 25.80 2.40
C GLY F 169 25.69 24.46 1.92
N SER F 170 24.90 23.43 2.20
CA SER F 170 25.20 22.06 1.79
C SER F 170 24.95 21.93 0.29
N ALA F 171 23.98 22.71 -0.19
CA ALA F 171 23.76 23.00 -1.59
C ALA F 171 23.63 24.51 -1.71
N THR F 172 23.72 25.02 -2.93
CA THR F 172 23.55 26.43 -3.16
C THR F 172 22.14 26.75 -3.62
N MET F 173 21.46 27.62 -2.87
CA MET F 173 20.10 28.02 -3.19
C MET F 173 19.96 29.53 -3.32
N LEU F 174 19.25 29.93 -4.38
CA LEU F 174 18.87 31.30 -4.61
C LEU F 174 17.40 31.53 -4.31
N VAL F 175 17.17 32.40 -3.33
CA VAL F 175 15.83 32.77 -2.94
C VAL F 175 15.53 34.19 -3.49
N LEU F 176 14.55 34.25 -4.40
CA LEU F 176 14.10 35.51 -5.03
C LEU F 176 12.70 35.96 -4.59
N ALA F 177 12.62 37.13 -3.93
CA ALA F 177 11.34 37.70 -3.51
C ALA F 177 10.94 38.88 -4.38
N MET F 178 9.69 38.86 -4.87
CA MET F 178 9.20 39.92 -5.75
C MET F 178 7.74 40.23 -5.48
N ASP F 179 7.11 40.98 -6.39
CA ASP F 179 5.69 41.29 -6.24
C ASP F 179 4.86 40.01 -6.20
N CYS F 180 5.18 39.09 -7.13
CA CYS F 180 4.46 37.82 -7.27
C CYS F 180 4.76 36.77 -6.19
N GLY F 181 5.49 37.15 -5.13
CA GLY F 181 5.81 36.22 -4.05
C GLY F 181 7.26 35.77 -4.01
N VAL F 182 7.57 34.82 -3.12
CA VAL F 182 8.92 34.25 -2.95
C VAL F 182 9.11 32.88 -3.67
N ASN F 183 10.14 32.77 -4.50
CA ASN F 183 10.50 31.50 -5.16
C ASN F 183 11.95 31.06 -4.86
N CYS F 184 12.16 29.78 -4.58
CA CYS F 184 13.47 29.24 -4.24
C CYS F 184 14.03 28.37 -5.38
N PHE F 185 15.25 28.69 -5.81
CA PHE F 185 15.90 27.97 -6.91
C PHE F 185 17.14 27.27 -6.41
N MET F 186 17.30 26.01 -6.79
CA MET F 186 18.47 25.24 -6.42
C MET F 186 19.49 25.27 -7.57
N LEU F 187 20.74 25.58 -7.26
CA LEU F 187 21.83 25.44 -8.25
C LEU F 187 22.31 23.97 -8.47
N ASP F 188 22.02 23.42 -9.65
CA ASP F 188 22.54 22.12 -10.14
C ASP F 188 23.94 22.38 -10.65
N PRO F 189 24.98 21.98 -9.89
CA PRO F 189 26.30 22.38 -10.38
C PRO F 189 26.74 21.66 -11.66
N ALA F 190 26.17 20.50 -11.95
CA ALA F 190 26.55 19.77 -13.15
C ALA F 190 26.21 20.56 -14.40
N ILE F 191 25.31 21.52 -14.31
CA ILE F 191 24.94 22.23 -15.53
C ILE F 191 24.93 23.74 -15.40
N GLY F 192 25.30 24.21 -14.21
CA GLY F 192 25.40 25.63 -13.85
C GLY F 192 24.10 26.35 -14.06
N GLU F 193 23.01 25.77 -13.55
CA GLU F 193 21.68 26.26 -13.78
C GLU F 193 20.92 26.23 -12.46
N PHE F 194 19.99 27.18 -12.29
CA PHE F 194 19.19 27.28 -11.08
C PHE F 194 17.83 26.74 -11.35
N ILE F 195 17.45 25.72 -10.60
CA ILE F 195 16.20 25.04 -10.86
C ILE F 195 15.17 25.44 -9.83
N LEU F 196 13.96 25.73 -10.32
CA LEU F 196 12.87 26.16 -9.46
C LEU F 196 12.34 24.96 -8.65
N VAL F 197 12.47 25.02 -7.33
CA VAL F 197 12.17 23.88 -6.47
C VAL F 197 11.04 24.16 -5.45
N ASP F 198 10.88 25.43 -5.11
CA ASP F 198 9.84 25.86 -4.19
C ASP F 198 9.14 27.05 -4.77
N LYS F 199 7.88 26.86 -5.15
CA LYS F 199 7.10 27.95 -5.75
C LYS F 199 6.30 28.73 -4.71
N ASP F 200 6.14 30.03 -4.93
CA ASP F 200 5.21 30.87 -4.15
C ASP F 200 5.21 30.49 -2.67
N VAL F 201 6.40 30.49 -2.09
CA VAL F 201 6.64 29.95 -0.76
C VAL F 201 6.12 30.87 0.34
N LYS F 202 5.51 30.26 1.36
CA LYS F 202 4.92 30.99 2.48
C LYS F 202 5.49 30.41 3.74
N ILE F 203 5.67 31.25 4.75
CA ILE F 203 6.20 30.80 6.03
C ILE F 203 5.08 30.33 6.99
N LYS F 204 5.42 29.35 7.83
CA LYS F 204 4.56 28.94 8.93
C LYS F 204 4.11 30.16 9.76
N LYS F 205 2.80 30.15 10.08
CA LYS F 205 2.17 31.10 11.00
C LYS F 205 2.85 31.09 12.36
N LYS F 206 3.24 29.92 12.84
CA LYS F 206 3.97 29.79 14.11
C LYS F 206 4.94 28.60 14.09
N GLY F 207 6.06 28.74 14.81
CA GLY F 207 7.17 27.80 14.76
C GLY F 207 7.51 27.26 16.12
N LYS F 208 8.66 26.59 16.24
CA LYS F 208 9.14 26.06 17.51
C LYS F 208 10.65 26.21 17.65
N ILE F 209 11.21 27.21 16.95
CA ILE F 209 12.65 27.53 17.01
C ILE F 209 12.81 29.05 17.15
N TYR F 210 13.69 29.44 18.06
CA TYR F 210 14.07 30.83 18.18
C TYR F 210 15.56 30.86 17.94
N SER F 211 16.04 31.95 17.36
CA SER F 211 17.43 32.04 16.93
C SER F 211 18.09 33.36 17.29
N LEU F 212 19.01 33.33 18.26
CA LEU F 212 19.83 34.49 18.61
C LEU F 212 21.09 34.10 19.39
N ASN F 213 22.07 35.00 19.33
CA ASN F 213 23.28 34.81 20.11
C ASN F 213 22.98 35.05 21.58
N GLU F 214 22.62 33.98 22.28
CA GLU F 214 22.33 34.07 23.71
C GLU F 214 23.56 34.36 24.56
N GLY F 215 24.74 34.39 23.94
CA GLY F 215 25.99 34.66 24.64
C GLY F 215 26.02 36.09 25.13
N TYR F 216 25.39 36.98 24.36
CA TYR F 216 25.24 38.39 24.71
C TYR F 216 24.18 38.65 25.80
N ALA F 217 23.85 37.61 26.59
CA ALA F 217 22.73 37.68 27.56
C ALA F 217 22.94 38.70 28.67
N LYS F 218 24.16 38.79 29.21
CA LYS F 218 24.47 39.74 30.27
C LYS F 218 24.08 41.14 29.86
N ASP F 219 23.91 41.36 28.55
CA ASP F 219 23.64 42.69 27.99
C ASP F 219 22.23 42.90 27.42
N PHE F 220 21.39 41.88 27.43
CA PHE F 220 20.09 41.96 26.76
C PHE F 220 19.22 43.12 27.19
N ASP F 221 18.34 43.52 26.27
CA ASP F 221 17.16 44.26 26.62
C ASP F 221 16.26 43.35 27.46
N PRO F 222 15.89 43.79 28.69
CA PRO F 222 14.85 43.18 29.53
C PRO F 222 13.71 42.48 28.77
N ALA F 223 13.29 43.05 27.64
CA ALA F 223 12.25 42.47 26.79
C ALA F 223 12.73 41.22 26.03
N VAL F 224 13.97 41.25 25.56
CA VAL F 224 14.53 40.06 24.93
C VAL F 224 14.85 39.00 25.98
N THR F 225 15.34 39.42 27.15
CA THR F 225 15.57 38.48 28.24
C THR F 225 14.26 37.73 28.49
N GLU F 226 13.14 38.47 28.46
CA GLU F 226 11.83 37.91 28.80
C GLU F 226 11.20 37.06 27.71
N TYR F 227 11.27 37.52 26.46
CA TYR F 227 10.83 36.72 25.33
C TYR F 227 11.51 35.36 25.35
N ILE F 228 12.84 35.36 25.52
CA ILE F 228 13.62 34.13 25.48
C ILE F 228 13.28 33.20 26.63
N GLN F 229 13.24 33.75 27.85
CA GLN F 229 12.79 32.99 29.03
C GLN F 229 11.44 32.29 28.81
N ARG F 230 10.53 32.97 28.12
CA ARG F 230 9.22 32.42 27.76
C ARG F 230 9.28 31.26 26.77
N LYS F 231 10.28 31.26 25.89
CA LYS F 231 10.47 30.16 24.93
C LYS F 231 11.05 28.95 25.65
N LYS F 232 11.91 29.22 26.64
CA LYS F 232 12.56 28.17 27.42
C LYS F 232 11.66 27.53 28.47
N PHE F 233 10.74 28.34 29.02
CA PHE F 233 9.81 27.91 30.06
C PHE F 233 8.44 28.47 29.68
N PRO F 234 7.67 27.75 28.83
CA PRO F 234 6.37 28.25 28.36
C PRO F 234 5.38 28.60 29.49
N PRO F 235 4.68 29.76 29.39
CA PRO F 235 3.69 30.12 30.40
C PRO F 235 2.29 29.64 30.08
N ASP F 236 2.17 28.37 29.67
CA ASP F 236 0.87 27.79 29.29
C ASP F 236 0.92 26.30 29.00
N ASN F 237 1.78 25.58 29.73
CA ASN F 237 2.01 24.16 29.48
C ASN F 237 2.05 23.83 27.98
N SER F 238 3.19 24.14 27.36
CA SER F 238 3.45 23.79 25.95
C SER F 238 4.86 23.22 25.79
N ALA F 239 5.20 22.91 24.55
CA ALA F 239 6.57 22.52 24.19
C ALA F 239 7.54 23.72 24.31
N PRO F 240 8.64 23.57 25.07
CA PRO F 240 9.70 24.55 24.94
C PRO F 240 10.25 24.55 23.51
N TYR F 241 10.56 25.75 23.01
CA TYR F 241 11.13 25.95 21.68
C TYR F 241 12.56 25.44 21.60
N GLY F 242 12.96 24.99 20.40
CA GLY F 242 14.34 24.65 20.12
C GLY F 242 15.19 25.90 19.90
N ALA F 243 16.47 25.81 20.19
CA ALA F 243 17.39 26.92 19.97
C ALA F 243 18.40 26.59 18.87
N ARG F 244 18.49 27.46 17.87
CA ARG F 244 19.42 27.28 16.77
C ARG F 244 20.04 28.63 16.41
N TYR F 245 21.37 28.69 16.43
CA TYR F 245 22.03 29.90 16.01
C TYR F 245 23.34 29.57 15.30
N VAL F 246 23.30 29.70 13.98
CA VAL F 246 24.42 29.39 13.11
C VAL F 246 25.46 30.50 13.17
N GLY F 247 25.00 31.74 13.31
CA GLY F 247 25.91 32.89 13.40
C GLY F 247 26.18 33.52 12.05
N SER F 248 25.61 32.92 11.00
CA SER F 248 25.64 33.47 9.65
C SER F 248 24.20 33.78 9.22
N MET F 249 23.88 35.07 9.11
CA MET F 249 22.51 35.52 8.95
C MET F 249 21.72 34.87 7.84
N VAL F 250 22.34 34.62 6.68
CA VAL F 250 21.61 33.97 5.58
C VAL F 250 21.14 32.54 5.93
N ALA F 251 21.94 31.80 6.69
CA ALA F 251 21.63 30.43 7.02
C ALA F 251 20.49 30.37 8.02
N ASP F 252 20.54 31.29 8.98
CA ASP F 252 19.54 31.36 10.05
C ASP F 252 18.21 31.90 9.55
N VAL F 253 18.26 32.86 8.63
CA VAL F 253 17.06 33.42 8.03
C VAL F 253 16.44 32.39 7.09
N HIS F 254 17.27 31.63 6.36
CA HIS F 254 16.70 30.60 5.46
C HIS F 254 15.99 29.51 6.25
N ARG F 255 16.60 29.08 7.36
CA ARG F 255 15.98 28.11 8.25
C ARG F 255 14.66 28.66 8.79
N THR F 256 14.63 29.97 9.03
CA THR F 256 13.45 30.63 9.53
C THR F 256 12.38 30.60 8.46
N LEU F 257 12.76 30.83 7.19
CA LEU F 257 11.80 30.74 6.06
C LEU F 257 11.22 29.33 5.91
N VAL F 258 12.06 28.32 6.13
CA VAL F 258 11.69 26.94 5.80
C VAL F 258 10.97 26.27 6.96
N TYR F 259 11.50 26.43 8.16
CA TYR F 259 10.95 25.78 9.34
C TYR F 259 10.00 26.64 10.18
N GLY F 260 10.20 27.95 10.16
CA GLY F 260 9.40 28.86 10.97
C GLY F 260 10.03 29.22 12.30
N GLY F 261 9.35 30.06 13.05
CA GLY F 261 9.91 30.55 14.31
C GLY F 261 10.43 31.94 14.15
N ILE F 262 11.49 32.28 14.88
CA ILE F 262 11.87 33.69 14.98
C ILE F 262 13.38 33.90 14.99
N PHE F 263 13.82 34.91 14.26
CA PHE F 263 15.21 35.31 14.26
C PHE F 263 15.36 36.70 14.90
N LEU F 264 16.36 36.83 15.77
CA LEU F 264 16.58 38.07 16.53
C LEU F 264 18.04 38.57 16.45
N TYR F 265 18.21 39.79 15.94
CA TYR F 265 19.45 40.53 16.17
C TYR F 265 19.20 41.87 16.87
N PRO F 266 18.82 41.80 18.16
CA PRO F 266 18.29 42.89 18.94
C PRO F 266 19.30 43.97 19.28
N ALA F 267 18.76 45.14 19.63
CA ALA F 267 19.50 46.29 20.12
C ALA F 267 19.70 46.20 21.64
N ASN F 268 20.57 47.06 22.20
CA ASN F 268 20.77 47.18 23.67
C ASN F 268 21.32 48.54 24.12
N LYS F 269 22.02 48.56 25.26
CA LYS F 269 22.75 49.75 25.69
C LYS F 269 23.91 50.01 24.72
N LYS F 270 24.81 49.02 24.62
CA LYS F 270 26.05 49.11 23.83
C LYS F 270 25.81 49.29 22.32
N SER F 271 24.81 48.59 21.78
CA SER F 271 24.45 48.74 20.37
C SER F 271 22.97 49.13 20.27
N PRO F 272 22.65 50.44 20.45
CA PRO F 272 21.27 50.91 20.47
C PRO F 272 20.52 50.80 19.13
N ASN F 273 21.24 50.80 18.02
CA ASN F 273 20.62 50.66 16.69
C ASN F 273 20.78 49.26 16.13
N GLY F 274 21.19 48.32 16.98
CA GLY F 274 21.46 46.96 16.55
C GLY F 274 22.89 46.83 16.06
N LYS F 275 23.12 45.84 15.21
CA LYS F 275 24.44 45.59 14.65
C LYS F 275 24.41 45.22 13.16
N LEU F 276 23.39 44.50 12.70
CA LEU F 276 23.29 44.21 11.26
C LEU F 276 22.95 45.48 10.48
N ARG F 277 23.16 45.45 9.18
CA ARG F 277 23.07 46.65 8.35
C ARG F 277 21.72 46.77 7.69
N LEU F 278 21.29 47.99 7.44
CA LEU F 278 19.95 48.20 6.99
C LEU F 278 19.74 47.89 5.52
N LEU F 279 20.55 48.45 4.64
CA LEU F 279 20.28 48.41 3.19
C LEU F 279 20.47 47.05 2.55
N TYR F 280 21.49 46.31 2.97
CA TYR F 280 21.89 45.08 2.27
C TYR F 280 21.86 43.84 3.18
N GLU F 281 21.34 44.01 4.39
CA GLU F 281 21.19 42.87 5.29
C GLU F 281 19.74 42.77 5.77
N CYS F 282 19.33 43.69 6.64
CA CYS F 282 17.97 43.71 7.19
C CYS F 282 16.88 43.87 6.14
N ASN F 283 16.97 44.91 5.32
CA ASN F 283 15.92 45.19 4.34
C ASN F 283 15.64 44.06 3.36
N PRO F 284 16.69 43.46 2.78
CA PRO F 284 16.35 42.37 1.84
C PRO F 284 15.65 41.22 2.54
N MET F 285 16.18 40.84 3.68
CA MET F 285 15.64 39.76 4.49
C MET F 285 14.22 40.06 4.99
N ALA F 286 13.94 41.33 5.27
CA ALA F 286 12.60 41.82 5.67
C ALA F 286 11.64 41.72 4.51
N TYR F 287 12.13 42.09 3.32
CA TYR F 287 11.33 42.03 2.12
C TYR F 287 10.87 40.60 1.95
N VAL F 288 11.83 39.67 1.94
CA VAL F 288 11.58 38.25 1.68
C VAL F 288 10.60 37.68 2.71
N MET F 289 10.79 38.08 3.97
CA MET F 289 9.91 37.65 5.04
C MET F 289 8.47 38.12 4.82
N GLU F 290 8.28 39.32 4.30
CA GLU F 290 6.92 39.85 4.17
C GLU F 290 6.14 39.21 3.03
N LYS F 291 6.85 38.96 1.94
CA LYS F 291 6.29 38.30 0.76
C LYS F 291 5.99 36.85 1.02
N ALA F 292 6.44 36.34 2.16
CA ALA F 292 6.14 34.98 2.57
C ALA F 292 5.18 34.97 3.76
N GLY F 293 4.37 36.03 3.88
CA GLY F 293 3.39 36.14 4.98
C GLY F 293 4.03 36.22 6.36
N GLY F 294 5.26 36.69 6.41
CA GLY F 294 5.96 36.82 7.68
C GLY F 294 6.12 38.27 8.09
N MET F 295 6.88 38.48 9.16
CA MET F 295 7.15 39.81 9.66
C MET F 295 8.62 40.02 9.95
N ALA F 296 9.05 41.28 9.89
CA ALA F 296 10.38 41.71 10.30
C ALA F 296 10.32 43.10 10.92
N THR F 297 10.62 43.18 12.21
CA THR F 297 10.50 44.43 12.97
C THR F 297 11.81 44.91 13.57
N THR F 298 11.88 46.21 13.86
CA THR F 298 12.99 46.77 14.61
C THR F 298 12.61 46.74 16.08
N GLY F 299 11.34 46.44 16.34
CA GLY F 299 10.79 46.53 17.69
C GLY F 299 9.87 47.73 17.77
N LYS F 300 10.30 48.86 17.21
CA LYS F 300 9.45 50.04 17.23
C LYS F 300 8.69 50.32 15.92
N GLU F 301 9.17 49.73 14.81
CA GLU F 301 8.42 49.74 13.53
C GLU F 301 8.89 48.66 12.55
N ALA F 302 8.13 48.48 11.46
CA ALA F 302 8.46 47.51 10.40
C ALA F 302 9.75 47.87 9.66
N VAL F 303 10.70 46.95 9.64
CA VAL F 303 12.04 47.23 9.10
C VAL F 303 12.00 48.00 7.78
N LEU F 304 11.14 47.54 6.87
CA LEU F 304 10.95 48.15 5.55
C LEU F 304 10.51 49.62 5.58
N ASP F 305 10.01 50.08 6.73
CA ASP F 305 9.53 51.46 6.87
C ASP F 305 10.67 52.40 7.32
N VAL F 306 11.74 51.85 7.86
CA VAL F 306 12.88 52.66 8.26
C VAL F 306 13.37 53.52 7.08
N ILE F 307 13.37 54.83 7.26
CA ILE F 307 13.97 55.71 6.25
C ILE F 307 15.46 55.86 6.56
N PRO F 308 16.32 55.44 5.63
CA PRO F 308 17.75 55.46 5.87
C PRO F 308 18.42 56.80 5.59
N THR F 309 19.42 57.14 6.38
CA THR F 309 20.17 58.37 6.20
C THR F 309 21.64 58.10 5.88
N ASP F 310 22.16 56.95 6.32
CA ASP F 310 23.52 56.50 6.02
C ASP F 310 23.46 55.10 5.40
N ILE F 311 24.14 54.91 4.28
CA ILE F 311 24.06 53.62 3.57
C ILE F 311 24.58 52.43 4.38
N HIS F 312 25.37 52.69 5.43
CA HIS F 312 25.94 51.63 6.27
C HIS F 312 25.36 51.62 7.66
N GLN F 313 24.19 52.24 7.81
CA GLN F 313 23.55 52.36 9.11
C GLN F 313 23.06 51.00 9.57
N ARG F 314 23.05 50.83 10.89
CA ARG F 314 22.65 49.59 11.50
C ARG F 314 21.16 49.62 11.83
N ALA F 315 20.59 48.48 12.22
CA ALA F 315 19.16 48.36 12.45
C ALA F 315 18.88 47.07 13.23
N PRO F 316 18.14 47.17 14.35
CA PRO F 316 17.82 45.92 15.04
C PRO F 316 16.89 45.11 14.15
N VAL F 317 16.93 43.78 14.27
CA VAL F 317 16.08 42.93 13.42
C VAL F 317 15.45 41.78 14.21
N ILE F 318 14.13 41.71 14.15
CA ILE F 318 13.42 40.55 14.69
C ILE F 318 12.47 40.14 13.60
N LEU F 319 12.67 38.94 13.07
CA LEU F 319 11.89 38.46 11.92
C LEU F 319 11.49 36.98 12.00
N GLY F 320 10.54 36.59 11.18
CA GLY F 320 10.09 35.21 11.16
C GLY F 320 8.59 35.03 11.10
N SER F 321 8.11 33.96 11.71
CA SER F 321 6.68 33.68 11.75
C SER F 321 5.91 34.80 12.46
N PRO F 322 4.74 35.19 11.92
CA PRO F 322 3.90 36.26 12.47
C PRO F 322 3.56 36.13 13.96
N ASP F 323 3.05 34.98 14.38
CA ASP F 323 2.65 34.79 15.77
C ASP F 323 3.83 34.89 16.73
N ASP F 324 5.00 34.48 16.24
CA ASP F 324 6.24 34.58 17.03
C ASP F 324 6.75 36.03 17.18
N VAL F 325 6.74 36.78 16.08
CA VAL F 325 7.19 38.17 16.08
C VAL F 325 6.23 39.03 16.93
N LEU F 326 4.95 39.08 16.54
CA LEU F 326 3.90 39.65 17.37
C LEU F 326 3.99 39.27 18.86
N GLU F 327 4.37 38.04 19.16
CA GLU F 327 4.59 37.67 20.55
C GLU F 327 5.81 38.41 21.15
N PHE F 328 6.85 38.63 20.35
CA PHE F 328 7.97 39.44 20.80
C PHE F 328 7.50 40.87 21.00
N LEU F 329 6.85 41.40 19.97
CA LEU F 329 6.40 42.78 19.95
C LEU F 329 5.55 43.17 21.17
N LYS F 330 4.80 42.21 21.71
CA LYS F 330 3.90 42.48 22.82
C LYS F 330 4.66 42.48 24.13
N VAL F 331 5.67 41.62 24.21
CA VAL F 331 6.62 41.65 25.34
C VAL F 331 7.43 42.95 25.27
N TYR F 332 7.70 43.44 24.05
CA TYR F 332 8.37 44.72 23.83
C TYR F 332 7.48 45.91 24.23
N GLU F 333 6.26 45.95 23.69
CA GLU F 333 5.34 47.06 23.92
C GLU F 333 4.76 47.02 25.35
N LYS F 334 5.37 46.19 26.19
CA LYS F 334 4.96 46.02 27.56
C LYS F 334 6.03 46.65 28.45
N HIS F 335 7.29 46.37 28.11
CA HIS F 335 8.44 47.05 28.69
C HIS F 335 8.49 48.49 28.16
N SER F 336 7.35 48.92 27.61
CA SER F 336 7.12 50.23 26.99
C SER F 336 7.50 50.20 25.51
N ALA F 337 8.66 49.97 25.17
N ASP G 10 31.40 -5.88 -8.86
CA ASP G 10 31.97 -4.75 -8.06
C ASP G 10 32.53 -3.62 -8.93
N VAL G 11 32.33 -2.39 -8.45
CA VAL G 11 32.82 -1.17 -9.08
C VAL G 11 34.31 -1.04 -8.82
N ASN G 12 35.11 -0.99 -9.88
CA ASN G 12 36.55 -0.79 -9.71
C ASN G 12 36.96 0.64 -10.08
N THR G 13 38.00 1.13 -9.44
CA THR G 13 38.53 2.44 -9.75
C THR G 13 40.01 2.27 -10.05
N LEU G 14 40.63 3.27 -10.65
CA LEU G 14 42.05 3.22 -10.94
C LEU G 14 42.84 3.03 -9.64
N THR G 15 42.46 3.76 -8.60
CA THR G 15 43.20 3.66 -7.35
C THR G 15 43.08 2.28 -6.68
N ARG G 16 41.86 1.78 -6.53
CA ARG G 16 41.64 0.45 -6.01
C ARG G 16 42.40 -0.55 -6.89
N PHE G 17 42.15 -0.52 -8.21
CA PHE G 17 42.77 -1.46 -9.17
C PHE G 17 44.27 -1.57 -9.02
N VAL G 18 44.91 -0.42 -8.81
CA VAL G 18 46.35 -0.28 -8.73
C VAL G 18 46.88 -0.78 -7.39
N MET G 19 46.29 -0.33 -6.29
CA MET G 19 46.58 -0.90 -4.97
C MET G 19 46.40 -2.42 -4.93
N GLU G 20 45.41 -2.93 -5.66
CA GLU G 20 45.12 -4.37 -5.70
C GLU G 20 46.23 -5.16 -6.37
N GLU G 21 46.53 -4.84 -7.63
CA GLU G 21 47.63 -5.47 -8.36
C GLU G 21 49.01 -5.27 -7.70
N GLY G 22 49.15 -4.21 -6.92
CA GLY G 22 50.39 -3.93 -6.21
C GLY G 22 50.57 -4.87 -5.04
N ARG G 23 49.47 -5.14 -4.33
CA ARG G 23 49.46 -6.08 -3.20
C ARG G 23 49.64 -7.51 -3.70
N LYS G 24 49.01 -7.85 -4.84
CA LYS G 24 49.23 -9.18 -5.47
C LYS G 24 50.71 -9.44 -5.68
N ALA G 25 51.38 -8.55 -6.41
CA ALA G 25 52.81 -8.64 -6.71
C ALA G 25 53.70 -8.43 -5.49
N ARG G 26 53.13 -7.83 -4.45
CA ARG G 26 53.83 -7.62 -3.16
C ARG G 26 55.10 -6.79 -3.27
N GLY G 27 55.02 -5.68 -4.02
CA GLY G 27 56.12 -4.70 -4.14
C GLY G 27 56.01 -3.63 -3.08
N THR G 28 56.94 -2.66 -3.09
CA THR G 28 57.05 -1.68 -2.01
C THR G 28 55.91 -0.67 -1.96
N GLY G 29 55.29 -0.40 -3.11
CA GLY G 29 54.24 0.60 -3.26
C GLY G 29 54.70 1.80 -4.07
N GLU G 30 55.93 1.72 -4.57
CA GLU G 30 56.54 2.88 -5.24
C GLU G 30 55.90 3.17 -6.59
N LEU G 31 55.66 2.12 -7.38
CA LEU G 31 54.96 2.25 -8.64
C LEU G 31 53.52 2.73 -8.39
N THR G 32 52.90 2.23 -7.33
CA THR G 32 51.55 2.62 -6.97
C THR G 32 51.48 4.12 -6.66
N GLN G 33 52.39 4.64 -5.83
CA GLN G 33 52.46 6.11 -5.61
C GLN G 33 52.58 6.90 -6.91
N LEU G 34 53.49 6.47 -7.78
CA LEU G 34 53.79 7.17 -9.02
C LEU G 34 52.53 7.29 -9.86
N LEU G 35 51.83 6.16 -10.02
CA LEU G 35 50.67 6.09 -10.87
C LEU G 35 49.52 6.94 -10.31
N ASN G 36 49.31 6.85 -8.99
CA ASN G 36 48.33 7.69 -8.31
C ASN G 36 48.61 9.17 -8.54
N SER G 37 49.89 9.53 -8.48
CA SER G 37 50.34 10.89 -8.74
C SER G 37 50.05 11.32 -10.17
N LEU G 38 50.48 10.51 -11.13
CA LEU G 38 50.20 10.75 -12.54
C LEU G 38 48.71 11.03 -12.74
N CYS G 39 47.89 10.06 -12.35
CA CYS G 39 46.45 10.14 -12.37
C CYS G 39 45.90 11.42 -11.72
N THR G 40 46.52 11.91 -10.64
CA THR G 40 46.04 13.17 -10.04
C THR G 40 46.28 14.30 -11.04
N ALA G 41 47.47 14.29 -11.64
CA ALA G 41 47.84 15.23 -12.66
C ALA G 41 46.88 15.17 -13.83
N VAL G 42 46.59 13.96 -14.35
CA VAL G 42 45.61 13.76 -15.43
C VAL G 42 44.24 14.40 -15.16
N LYS G 43 43.77 14.38 -13.91
CA LYS G 43 42.52 15.05 -13.52
C LYS G 43 42.63 16.57 -13.57
N ALA G 44 43.82 17.08 -13.23
CA ALA G 44 44.07 18.52 -13.22
C ALA G 44 44.17 19.08 -14.63
N ILE G 45 44.70 18.27 -15.55
CA ILE G 45 44.85 18.66 -16.95
C ILE G 45 43.47 18.71 -17.62
N SER G 46 42.70 17.66 -17.40
CA SER G 46 41.34 17.57 -17.91
C SER G 46 40.45 18.76 -17.46
N SER G 47 40.51 19.10 -16.18
CA SER G 47 39.74 20.25 -15.70
C SER G 47 40.10 21.49 -16.52
N ALA G 48 41.39 21.67 -16.77
CA ALA G 48 41.95 22.83 -17.48
C ALA G 48 41.68 22.81 -18.99
N VAL G 49 41.72 21.61 -19.58
CA VAL G 49 41.51 21.41 -21.00
C VAL G 49 40.04 21.63 -21.36
N ARG G 50 39.14 21.18 -20.46
CA ARG G 50 37.70 21.41 -20.55
C ARG G 50 37.36 22.85 -20.19
N LYS G 51 38.39 23.61 -19.80
CA LYS G 51 38.31 25.08 -19.66
C LYS G 51 37.65 25.62 -18.38
N ALA G 52 37.84 24.92 -17.27
CA ALA G 52 37.31 25.34 -15.98
C ALA G 52 38.00 26.63 -15.49
N GLY G 53 37.19 27.64 -15.22
CA GLY G 53 37.68 28.97 -14.80
C GLY G 53 37.98 29.91 -15.96
N ILE G 54 37.61 29.52 -17.18
CA ILE G 54 37.91 30.34 -18.35
C ILE G 54 37.30 31.74 -18.27
N ALA G 55 36.21 31.85 -17.50
CA ALA G 55 35.52 33.13 -17.28
C ALA G 55 36.39 34.16 -16.56
N HIS G 56 37.26 33.67 -15.68
CA HIS G 56 38.18 34.53 -14.93
C HIS G 56 39.23 35.08 -15.85
N LEU G 57 39.66 34.28 -16.79
CA LEU G 57 40.50 34.71 -17.87
C LEU G 57 39.89 35.89 -18.62
N TYR G 58 38.59 35.79 -18.92
CA TYR G 58 37.90 36.76 -19.80
C TYR G 58 37.28 37.93 -19.05
N GLY G 59 37.64 38.07 -17.77
CA GLY G 59 37.35 39.26 -16.98
C GLY G 59 35.99 39.27 -16.32
N ILE G 60 35.61 38.18 -15.68
CA ILE G 60 34.34 38.11 -14.99
C ILE G 60 34.34 38.91 -13.67
N ALA G 61 35.51 39.05 -13.04
CA ALA G 61 35.64 39.83 -11.80
C ALA G 61 36.45 41.12 -12.00
N GLY G 62 36.71 41.49 -13.25
CA GLY G 62 37.58 42.62 -13.58
C GLY G 62 38.69 42.22 -14.53
N LYS G 73 49.69 29.49 -20.54
CA LYS G 73 49.63 28.58 -21.69
C LYS G 73 49.38 27.11 -21.29
N LEU G 74 48.50 26.44 -22.02
CA LEU G 74 47.96 25.13 -21.62
C LEU G 74 48.97 24.00 -21.52
N ASP G 75 49.77 23.77 -22.57
CA ASP G 75 50.72 22.65 -22.55
C ASP G 75 51.86 22.89 -21.56
N VAL G 76 52.12 24.15 -21.26
CA VAL G 76 53.03 24.53 -20.19
C VAL G 76 52.48 24.19 -18.79
N LEU G 77 51.18 24.44 -18.60
CA LEU G 77 50.50 24.04 -17.36
C LEU G 77 50.47 22.53 -17.23
N SER G 78 50.12 21.84 -18.30
CA SER G 78 50.06 20.38 -18.28
C SER G 78 51.42 19.80 -17.96
N ASN G 79 52.48 20.47 -18.44
CA ASN G 79 53.84 20.07 -18.10
C ASN G 79 54.13 20.25 -16.62
N ASP G 80 53.87 21.45 -16.11
CA ASP G 80 54.14 21.81 -14.71
C ASP G 80 53.43 20.91 -13.73
N LEU G 81 52.18 20.59 -14.07
CA LEU G 81 51.34 19.63 -13.34
C LEU G 81 52.03 18.27 -13.26
N VAL G 82 52.37 17.70 -14.41
CA VAL G 82 52.93 16.35 -14.42
C VAL G 82 54.29 16.34 -13.71
N MET G 83 55.15 17.30 -14.05
CA MET G 83 56.48 17.38 -13.45
C MET G 83 56.36 17.45 -11.95
N ASN G 84 55.41 18.25 -11.46
CA ASN G 84 55.37 18.46 -10.04
C ASN G 84 54.75 17.28 -9.29
N MET G 85 53.76 16.63 -9.88
CA MET G 85 53.17 15.49 -9.23
C MET G 85 54.13 14.30 -9.22
N LEU G 86 55.00 14.19 -10.24
CA LEU G 86 55.95 13.06 -10.29
C LEU G 86 57.11 13.30 -9.37
N LYS G 87 57.62 14.53 -9.36
CA LYS G 87 58.72 14.88 -8.45
C LYS G 87 58.31 14.62 -7.01
N SER G 88 57.12 15.06 -6.68
CA SER G 88 56.62 14.97 -5.32
C SER G 88 56.15 13.54 -4.96
N SER G 89 56.15 12.62 -5.93
CA SER G 89 55.74 11.24 -5.66
C SER G 89 56.82 10.47 -4.93
N PHE G 90 58.03 11.03 -4.93
CA PHE G 90 59.21 10.36 -4.40
C PHE G 90 59.54 9.07 -5.15
N ALA G 91 58.85 8.84 -6.26
CA ALA G 91 58.98 7.60 -7.04
C ALA G 91 59.85 7.72 -8.30
N THR G 92 60.41 8.90 -8.55
CA THR G 92 61.14 9.14 -9.82
C THR G 92 62.55 9.77 -9.66
N CYS G 93 63.40 9.54 -10.66
CA CYS G 93 64.77 10.11 -10.64
C CYS G 93 65.09 10.99 -11.85
N VAL G 94 64.62 10.51 -13.02
CA VAL G 94 64.81 11.19 -14.29
C VAL G 94 63.45 11.33 -14.99
N LEU G 95 63.15 12.54 -15.46
CA LEU G 95 61.93 12.81 -16.22
C LEU G 95 62.24 13.41 -17.59
N VAL G 96 61.60 12.86 -18.60
CA VAL G 96 61.77 13.32 -19.97
C VAL G 96 60.39 13.76 -20.45
N SER G 97 60.35 14.92 -21.07
CA SER G 97 59.09 15.54 -21.47
C SER G 97 59.20 16.15 -22.85
N GLU G 98 58.12 16.12 -23.61
CA GLU G 98 58.09 16.73 -24.93
C GLU G 98 58.37 18.24 -24.86
N GLU G 99 58.12 18.83 -23.69
CA GLU G 99 58.26 20.29 -23.49
C GLU G 99 59.66 20.75 -23.11
N ASP G 100 60.45 19.90 -22.45
CA ASP G 100 61.76 20.32 -21.99
C ASP G 100 62.86 19.74 -22.88
N LYS G 101 63.79 20.61 -23.28
CA LYS G 101 64.89 20.25 -24.17
C LYS G 101 65.77 19.09 -23.64
N HIS G 102 66.15 19.15 -22.37
CA HIS G 102 66.99 18.11 -21.77
C HIS G 102 66.21 17.30 -20.76
N ALA G 103 66.75 16.14 -20.36
CA ALA G 103 66.10 15.34 -19.32
C ALA G 103 66.08 16.14 -18.04
N ILE G 104 65.02 15.96 -17.24
CA ILE G 104 64.92 16.62 -15.94
C ILE G 104 65.31 15.67 -14.83
N ILE G 105 66.42 15.98 -14.17
CA ILE G 105 66.94 15.15 -13.10
C ILE G 105 66.26 15.54 -11.80
N VAL G 106 65.63 14.58 -11.14
CA VAL G 106 64.95 14.86 -9.88
C VAL G 106 65.97 15.08 -8.78
N GLU G 107 65.70 16.03 -7.91
CA GLU G 107 66.61 16.37 -6.83
C GLU G 107 66.76 15.24 -5.80
N PRO G 108 67.96 15.12 -5.19
CA PRO G 108 68.34 13.95 -4.39
C PRO G 108 67.34 13.55 -3.33
N GLU G 109 66.82 14.52 -2.57
CA GLU G 109 65.88 14.21 -1.50
C GLU G 109 64.64 13.52 -2.01
N LYS G 110 64.26 13.81 -3.24
CA LYS G 110 62.98 13.34 -3.78
C LYS G 110 63.14 12.18 -4.75
N ARG G 111 64.38 11.76 -4.96
CA ARG G 111 64.68 10.69 -5.91
C ARG G 111 64.02 9.36 -5.57
N GLY G 112 63.40 8.75 -6.57
CA GLY G 112 62.87 7.38 -6.50
C GLY G 112 63.49 6.48 -7.55
N LYS G 113 62.97 5.28 -7.71
CA LYS G 113 63.61 4.35 -8.64
C LYS G 113 63.16 4.40 -10.09
N TYR G 114 62.13 5.17 -10.42
CA TYR G 114 61.56 5.15 -11.77
C TYR G 114 61.96 6.26 -12.76
N VAL G 115 61.93 5.91 -14.03
CA VAL G 115 62.09 6.89 -15.10
C VAL G 115 60.77 7.04 -15.87
N VAL G 116 60.36 8.28 -16.07
CA VAL G 116 59.10 8.57 -16.76
C VAL G 116 59.31 9.49 -18.00
N CYS G 117 58.86 8.98 -19.15
CA CYS G 117 58.91 9.73 -20.40
C CYS G 117 57.48 10.07 -20.77
N PHE G 118 57.19 11.36 -20.94
CA PHE G 118 55.82 11.76 -21.25
C PHE G 118 55.67 12.97 -22.17
N ASP G 119 54.54 13.01 -22.88
CA ASP G 119 54.01 14.22 -23.52
C ASP G 119 52.79 14.61 -22.72
N PRO G 120 52.86 15.76 -22.03
CA PRO G 120 51.81 16.20 -21.15
C PRO G 120 50.55 16.65 -21.88
N LEU G 121 50.71 17.17 -23.10
CA LEU G 121 49.56 17.56 -23.93
C LEU G 121 49.85 17.38 -25.42
N ASP G 122 49.71 16.16 -25.89
CA ASP G 122 49.93 15.80 -27.29
C ASP G 122 48.78 16.32 -28.16
N GLY G 123 49.16 16.86 -29.31
CA GLY G 123 48.18 17.32 -30.30
C GLY G 123 47.64 18.68 -29.94
N SER G 124 48.29 19.32 -28.95
CA SER G 124 47.95 20.68 -28.50
C SER G 124 48.30 21.80 -29.52
N SER G 125 48.91 21.41 -30.64
CA SER G 125 49.05 22.28 -31.83
C SER G 125 47.69 22.73 -32.38
N ASN G 126 46.70 21.83 -32.30
CA ASN G 126 45.32 22.05 -32.77
C ASN G 126 44.23 22.28 -31.66
N ILE G 127 44.63 22.74 -30.48
CA ILE G 127 43.66 22.93 -29.40
C ILE G 127 42.70 24.10 -29.64
N ASP G 128 42.93 24.88 -30.70
CA ASP G 128 42.01 25.95 -31.07
C ASP G 128 40.79 25.41 -31.83
N CYS G 129 40.98 24.31 -32.57
CA CYS G 129 39.83 23.63 -33.15
C CYS G 129 39.16 22.69 -32.13
N LEU G 130 39.60 22.78 -30.86
CA LEU G 130 39.15 21.90 -29.77
C LEU G 130 39.13 20.43 -30.18
N VAL G 131 40.05 20.11 -31.07
CA VAL G 131 40.38 18.75 -31.41
C VAL G 131 40.71 18.04 -30.08
N SER G 132 40.59 16.71 -30.06
CA SER G 132 41.13 15.91 -28.98
C SER G 132 42.59 16.26 -28.66
N VAL G 133 42.95 16.12 -27.40
CA VAL G 133 44.33 16.21 -26.97
C VAL G 133 44.50 15.11 -25.96
N GLY G 134 45.74 14.86 -25.55
CA GLY G 134 45.99 13.78 -24.63
C GLY G 134 47.31 13.85 -23.92
N THR G 135 47.47 13.01 -22.91
CA THR G 135 48.72 12.88 -22.17
C THR G 135 49.23 11.47 -22.45
N ILE G 136 50.51 11.35 -22.81
CA ILE G 136 51.09 10.06 -23.13
C ILE G 136 52.24 9.82 -22.19
N PHE G 137 52.37 8.61 -21.66
CA PHE G 137 53.42 8.31 -20.69
C PHE G 137 53.96 6.89 -20.88
N GLY G 138 55.24 6.71 -20.54
CA GLY G 138 55.85 5.39 -20.40
C GLY G 138 56.75 5.33 -19.20
N ILE G 139 56.61 4.28 -18.38
CA ILE G 139 57.41 4.19 -17.14
C ILE G 139 58.44 3.05 -17.13
N TYR G 140 59.71 3.42 -16.89
CA TYR G 140 60.82 2.46 -16.83
C TYR G 140 61.41 2.36 -15.43
N ARG G 141 61.89 1.18 -15.06
CA ARG G 141 62.79 1.08 -13.92
C ARG G 141 64.18 1.54 -14.36
N LYS G 142 64.75 2.48 -13.59
CA LYS G 142 66.13 2.90 -13.82
C LYS G 142 67.00 1.64 -13.75
N LYS G 143 67.71 1.36 -14.85
CA LYS G 143 68.50 0.14 -15.03
C LYS G 143 69.94 0.30 -14.53
N SER G 144 70.62 1.33 -15.04
CA SER G 144 71.99 1.65 -14.65
C SER G 144 72.07 2.02 -13.15
N THR G 145 73.24 1.77 -12.55
CA THR G 145 73.55 2.22 -11.18
C THR G 145 74.38 3.51 -11.15
N ASP G 146 74.56 4.15 -12.29
CA ASP G 146 75.27 5.42 -12.34
C ASP G 146 74.44 6.56 -11.73
N GLU G 147 75.08 7.70 -11.54
CA GLU G 147 74.35 8.87 -11.09
C GLU G 147 73.23 9.13 -12.13
N PRO G 148 72.03 9.47 -11.66
CA PRO G 148 70.91 9.54 -12.61
C PRO G 148 71.14 10.60 -13.67
N SER G 149 70.84 10.26 -14.92
CA SER G 149 71.13 11.14 -16.03
C SER G 149 70.23 10.83 -17.24
N GLU G 150 70.30 11.68 -18.24
CA GLU G 150 69.62 11.50 -19.52
C GLU G 150 69.66 10.05 -20.03
N LYS G 151 70.81 9.40 -19.87
CA LYS G 151 71.06 8.07 -20.38
C LYS G 151 70.07 7.05 -19.86
N ASP G 152 69.49 7.33 -18.70
CA ASP G 152 68.58 6.41 -18.04
C ASP G 152 67.26 6.20 -18.78
N ALA G 153 66.90 7.21 -19.56
CA ALA G 153 65.67 7.24 -20.33
C ALA G 153 65.86 6.61 -21.69
N LEU G 154 67.13 6.34 -22.04
CA LEU G 154 67.48 5.79 -23.34
C LEU G 154 67.36 4.27 -23.40
N GLN G 155 66.27 3.73 -22.86
CA GLN G 155 66.02 2.30 -22.84
C GLN G 155 65.02 1.94 -23.93
N PRO G 156 65.11 0.71 -24.47
CA PRO G 156 64.12 0.34 -25.47
C PRO G 156 62.77 0.09 -24.84
N GLY G 157 61.71 0.35 -25.61
CA GLY G 157 60.34 0.12 -25.15
C GLY G 157 60.04 -1.24 -24.57
N ARG G 158 60.82 -2.25 -24.92
CA ARG G 158 60.68 -3.59 -24.29
C ARG G 158 60.78 -3.60 -22.77
N ASN G 159 61.59 -2.69 -22.24
CA ASN G 159 61.85 -2.60 -20.81
C ASN G 159 60.75 -1.89 -20.03
N LEU G 160 59.72 -1.43 -20.71
CA LEU G 160 58.69 -0.68 -20.03
C LEU G 160 58.03 -1.52 -18.96
N VAL G 161 57.67 -0.88 -17.87
CA VAL G 161 56.98 -1.51 -16.76
C VAL G 161 55.45 -1.23 -16.85
N ALA G 162 55.12 -0.04 -17.32
CA ALA G 162 53.75 0.45 -17.43
C ALA G 162 53.79 1.56 -18.45
N ALA G 163 52.69 1.76 -19.15
CA ALA G 163 52.55 2.88 -20.10
C ALA G 163 51.08 3.05 -20.41
N GLY G 164 50.75 4.20 -20.97
CA GLY G 164 49.39 4.43 -21.41
C GLY G 164 49.17 5.85 -21.76
N TYR G 165 47.91 6.27 -21.70
CA TYR G 165 47.57 7.59 -22.13
C TYR G 165 46.28 8.07 -21.50
N ALA G 166 46.12 9.39 -21.48
CA ALA G 166 44.83 10.01 -21.21
C ALA G 166 44.38 10.74 -22.44
N LEU G 167 43.09 10.59 -22.73
CA LEU G 167 42.45 11.17 -23.87
C LEU G 167 41.42 12.11 -23.27
N TYR G 168 41.53 13.39 -23.60
CA TYR G 168 40.52 14.36 -23.23
C TYR G 168 39.69 14.53 -24.46
N GLY G 169 38.73 13.64 -24.65
CA GLY G 169 37.85 13.70 -25.78
C GLY G 169 36.47 14.18 -25.36
N SER G 170 35.46 13.52 -25.93
CA SER G 170 34.07 13.78 -25.59
C SER G 170 33.89 13.48 -24.09
N ALA G 171 34.60 12.46 -23.63
CA ALA G 171 34.85 12.25 -22.21
C ALA G 171 36.35 12.00 -22.06
N THR G 172 36.86 11.95 -20.81
CA THR G 172 38.27 11.71 -20.51
C THR G 172 38.42 10.26 -20.10
N MET G 173 39.21 9.50 -20.86
CA MET G 173 39.53 8.13 -20.52
C MET G 173 41.01 7.97 -20.19
N LEU G 174 41.34 7.17 -19.17
CA LEU G 174 42.73 6.74 -18.94
C LEU G 174 42.91 5.30 -19.39
N VAL G 175 43.79 5.07 -20.37
CA VAL G 175 44.10 3.72 -20.83
C VAL G 175 45.47 3.32 -20.28
N LEU G 176 45.48 2.30 -19.42
CA LEU G 176 46.69 1.85 -18.69
C LEU G 176 47.05 0.42 -19.05
N ALA G 177 48.25 0.25 -19.60
CA ALA G 177 48.77 -1.07 -19.95
C ALA G 177 49.94 -1.45 -19.06
N MET G 178 49.99 -2.73 -18.69
CA MET G 178 51.03 -3.38 -17.87
C MET G 178 51.04 -4.86 -18.23
N ASP G 179 51.89 -5.62 -17.54
CA ASP G 179 51.99 -7.09 -17.72
C ASP G 179 50.64 -7.79 -17.67
N CYS G 180 49.76 -7.33 -16.77
CA CYS G 180 48.39 -7.88 -16.65
C CYS G 180 47.46 -7.52 -17.82
N GLY G 181 47.90 -6.65 -18.72
CA GLY G 181 47.10 -6.27 -19.89
C GLY G 181 46.66 -4.82 -19.90
N VAL G 182 45.72 -4.53 -20.80
CA VAL G 182 45.29 -3.16 -21.03
C VAL G 182 43.97 -2.98 -20.36
N ASN G 183 43.91 -1.96 -19.50
CA ASN G 183 42.67 -1.58 -18.81
C ASN G 183 42.32 -0.08 -18.98
N CYS G 184 41.03 0.19 -19.21
CA CYS G 184 40.53 1.50 -19.60
C CYS G 184 39.57 2.04 -18.56
N PHE G 185 39.90 3.21 -18.02
CA PHE G 185 39.10 3.84 -16.99
C PHE G 185 38.49 5.14 -17.50
N MET G 186 37.19 5.26 -17.34
CA MET G 186 36.49 6.49 -17.65
C MET G 186 36.46 7.43 -16.43
N LEU G 187 36.84 8.67 -16.63
CA LEU G 187 36.76 9.69 -15.58
C LEU G 187 35.33 10.20 -15.40
N ASP G 188 34.85 10.13 -14.16
CA ASP G 188 33.58 10.69 -13.74
C ASP G 188 33.85 12.06 -13.12
N PRO G 189 33.50 13.15 -13.81
CA PRO G 189 33.95 14.47 -13.36
C PRO G 189 33.20 15.02 -12.15
N ALA G 190 32.08 14.40 -11.78
CA ALA G 190 31.31 14.81 -10.61
C ALA G 190 31.98 14.37 -9.32
N ILE G 191 32.77 13.29 -9.37
CA ILE G 191 33.52 12.82 -8.19
C ILE G 191 35.04 12.77 -8.29
N GLY G 192 35.59 13.02 -9.48
CA GLY G 192 37.04 12.96 -9.65
C GLY G 192 37.61 11.57 -9.40
N GLU G 193 37.06 10.59 -10.12
CA GLU G 193 37.42 9.21 -9.88
C GLU G 193 37.42 8.48 -11.21
N PHE G 194 38.47 7.73 -11.47
CA PHE G 194 38.58 6.99 -12.73
C PHE G 194 37.87 5.65 -12.63
N ILE G 195 36.70 5.54 -13.22
CA ILE G 195 35.92 4.28 -13.12
C ILE G 195 36.40 3.27 -14.16
N LEU G 196 36.83 2.10 -13.70
CA LEU G 196 37.17 0.99 -14.60
C LEU G 196 35.96 0.64 -15.41
N VAL G 197 36.09 0.60 -16.73
CA VAL G 197 34.94 0.33 -17.60
C VAL G 197 35.20 -0.67 -18.75
N ASP G 198 36.46 -1.05 -18.95
CA ASP G 198 36.85 -2.03 -19.99
C ASP G 198 38.03 -2.92 -19.58
N LYS G 199 37.77 -4.19 -19.27
CA LYS G 199 38.76 -5.08 -18.66
C LYS G 199 39.56 -5.85 -19.70
N ASP G 200 40.87 -5.96 -19.51
CA ASP G 200 41.73 -6.84 -20.31
C ASP G 200 41.43 -6.62 -21.80
N VAL G 201 41.53 -5.38 -22.23
CA VAL G 201 41.09 -4.99 -23.57
C VAL G 201 41.98 -5.61 -24.62
N LYS G 202 41.34 -6.12 -25.67
CA LYS G 202 42.04 -6.78 -26.76
C LYS G 202 41.53 -6.24 -28.06
N ILE G 203 42.47 -5.93 -28.96
CA ILE G 203 42.19 -5.30 -30.24
C ILE G 203 41.72 -6.38 -31.19
N LYS G 204 40.81 -6.03 -32.09
CA LYS G 204 40.28 -6.96 -33.07
C LYS G 204 41.41 -7.55 -33.90
N LYS G 205 41.23 -8.78 -34.38
CA LYS G 205 42.22 -9.42 -35.23
C LYS G 205 42.45 -8.63 -36.54
N LYS G 206 41.38 -8.13 -37.15
CA LYS G 206 41.50 -7.26 -38.33
C LYS G 206 40.57 -6.05 -38.24
N GLY G 207 40.96 -4.93 -38.83
CA GLY G 207 40.08 -3.77 -38.86
C GLY G 207 39.52 -3.44 -40.22
N LYS G 208 38.72 -2.36 -40.28
CA LYS G 208 38.17 -1.85 -41.54
C LYS G 208 38.51 -0.37 -41.69
N ILE G 209 39.49 0.09 -40.94
CA ILE G 209 39.87 1.50 -41.01
C ILE G 209 41.37 1.68 -41.13
N TYR G 210 41.78 2.64 -41.94
CA TYR G 210 43.18 2.99 -41.99
C TYR G 210 43.33 4.47 -41.65
N SER G 211 44.46 4.86 -41.08
CA SER G 211 44.65 6.21 -40.60
C SER G 211 46.08 6.70 -40.85
N LEU G 212 46.21 7.78 -41.61
CA LEU G 212 47.49 8.45 -41.86
C LEU G 212 47.18 9.75 -42.56
N ASN G 213 48.11 10.70 -42.51
CA ASN G 213 47.97 11.92 -43.28
C ASN G 213 48.27 11.67 -44.77
N GLU G 214 47.22 11.60 -45.59
CA GLU G 214 47.43 11.33 -47.00
C GLU G 214 47.78 12.59 -47.76
N GLY G 215 47.79 13.72 -47.07
CA GLY G 215 48.28 14.93 -47.68
C GLY G 215 49.78 14.91 -47.91
N TYR G 216 50.43 13.79 -47.57
CA TYR G 216 51.87 13.62 -47.80
C TYR G 216 52.12 12.61 -48.88
N ALA G 217 51.05 12.18 -49.55
CA ALA G 217 51.14 11.12 -50.56
C ALA G 217 52.35 11.27 -51.49
N LYS G 218 52.64 12.52 -51.87
CA LYS G 218 53.75 12.82 -52.77
C LYS G 218 55.11 12.27 -52.25
N ASP G 219 55.29 12.24 -50.92
CA ASP G 219 56.53 11.76 -50.29
C ASP G 219 56.54 10.29 -49.85
N PHE G 220 55.38 9.63 -49.88
CA PHE G 220 55.28 8.23 -49.45
C PHE G 220 56.22 7.32 -50.23
N ASP G 221 56.94 6.47 -49.50
CA ASP G 221 57.73 5.41 -50.13
C ASP G 221 56.74 4.43 -50.79
N PRO G 222 57.22 3.59 -51.73
CA PRO G 222 56.23 2.84 -52.50
C PRO G 222 55.45 1.74 -51.74
N ALA G 223 55.99 1.27 -50.61
CA ALA G 223 55.27 0.33 -49.75
C ALA G 223 54.04 0.98 -49.14
N VAL G 224 54.22 2.15 -48.51
CA VAL G 224 53.07 2.85 -47.99
C VAL G 224 52.09 3.12 -49.13
N THR G 225 52.60 3.68 -50.24
CA THR G 225 51.80 3.92 -51.44
C THR G 225 51.01 2.67 -51.85
N GLU G 226 51.67 1.53 -51.97
CA GLU G 226 50.96 0.31 -52.36
C GLU G 226 49.97 -0.20 -51.30
N TYR G 227 50.36 -0.16 -50.03
CA TYR G 227 49.46 -0.61 -48.98
C TYR G 227 48.15 0.20 -48.92
N ILE G 228 48.25 1.53 -49.03
CA ILE G 228 47.07 2.41 -48.97
C ILE G 228 46.25 2.24 -50.24
N GLN G 229 46.94 1.93 -51.33
CA GLN G 229 46.28 1.60 -52.58
C GLN G 229 45.41 0.35 -52.41
N ARG G 230 45.98 -0.68 -51.78
CA ARG G 230 45.24 -1.90 -51.50
C ARG G 230 43.99 -1.66 -50.61
N LYS G 231 44.03 -0.67 -49.73
CA LYS G 231 42.91 -0.42 -48.84
C LYS G 231 41.75 0.30 -49.52
N LYS G 232 42.09 1.11 -50.54
CA LYS G 232 41.08 1.79 -51.34
C LYS G 232 40.55 0.92 -52.48
N PHE G 233 41.46 0.30 -53.22
CA PHE G 233 41.11 -0.56 -54.35
C PHE G 233 41.62 -1.98 -54.08
N PRO G 234 40.88 -2.79 -53.31
CA PRO G 234 41.37 -4.12 -52.95
C PRO G 234 41.17 -5.16 -54.04
N PRO G 235 42.17 -6.03 -54.25
CA PRO G 235 42.06 -6.98 -55.36
C PRO G 235 40.96 -8.01 -55.10
N ASP G 236 41.14 -8.86 -54.09
CA ASP G 236 40.24 -9.96 -53.76
C ASP G 236 38.73 -9.68 -53.80
N ASN G 237 38.35 -8.43 -54.09
CA ASN G 237 36.94 -8.04 -54.17
C ASN G 237 36.25 -7.88 -52.79
N SER G 238 37.04 -7.58 -51.74
CA SER G 238 36.47 -7.23 -50.43
C SER G 238 35.99 -5.78 -50.47
N ALA G 239 35.27 -5.37 -49.42
CA ALA G 239 34.90 -3.96 -49.22
C ALA G 239 36.13 -3.13 -48.89
N PRO G 240 36.22 -1.89 -49.43
CA PRO G 240 37.29 -0.95 -49.10
C PRO G 240 37.25 -0.51 -47.63
N TYR G 241 38.36 0.03 -47.14
CA TYR G 241 38.46 0.51 -45.75
C TYR G 241 37.99 1.93 -45.69
N GLY G 242 37.47 2.32 -44.54
CA GLY G 242 37.20 3.71 -44.29
C GLY G 242 38.46 4.34 -43.77
N ALA G 243 38.67 5.61 -44.12
CA ALA G 243 39.75 6.42 -43.61
C ALA G 243 39.27 7.31 -42.46
N ARG G 244 40.14 7.50 -41.46
CA ARG G 244 39.97 8.48 -40.40
C ARG G 244 41.35 8.99 -40.03
N TYR G 245 41.45 10.29 -39.72
CA TYR G 245 42.70 10.88 -39.25
C TYR G 245 42.38 12.18 -38.57
N VAL G 246 42.33 12.13 -37.25
CA VAL G 246 42.08 13.30 -36.40
C VAL G 246 43.27 14.23 -36.44
N GLY G 247 44.46 13.65 -36.57
CA GLY G 247 45.68 14.43 -36.56
C GLY G 247 46.17 14.62 -35.14
N SER G 248 45.66 13.79 -34.24
CA SER G 248 46.08 13.78 -32.85
C SER G 248 46.21 12.35 -32.41
N MET G 249 47.41 11.99 -32.00
CA MET G 249 47.82 10.59 -31.90
C MET G 249 46.99 9.83 -30.89
N VAL G 250 46.82 10.38 -29.69
CA VAL G 250 46.02 9.73 -28.66
C VAL G 250 44.62 9.41 -29.18
N ALA G 251 44.07 10.34 -29.98
CA ALA G 251 42.72 10.17 -30.55
C ALA G 251 42.72 9.06 -31.60
N ASP G 252 43.71 9.05 -32.49
CA ASP G 252 43.78 8.06 -33.58
C ASP G 252 44.16 6.70 -33.05
N VAL G 253 45.12 6.67 -32.12
CA VAL G 253 45.51 5.40 -31.53
C VAL G 253 44.33 4.81 -30.77
N HIS G 254 43.70 5.61 -29.92
CA HIS G 254 42.50 5.15 -29.22
C HIS G 254 41.42 4.55 -30.13
N ARG G 255 41.01 5.28 -31.18
CA ARG G 255 40.02 4.72 -32.11
C ARG G 255 40.48 3.37 -32.63
N THR G 256 41.74 3.28 -33.03
CA THR G 256 42.33 2.05 -33.57
C THR G 256 42.28 0.93 -32.53
N LEU G 257 42.53 1.25 -31.26
CA LEU G 257 42.46 0.23 -30.21
C LEU G 257 41.03 -0.29 -30.07
N VAL G 258 40.08 0.65 -30.08
CA VAL G 258 38.64 0.35 -29.89
C VAL G 258 37.89 -0.28 -31.09
N TYR G 259 38.24 0.08 -32.32
CA TYR G 259 37.54 -0.43 -33.53
C TYR G 259 38.43 -1.31 -34.39
N GLY G 260 39.73 -1.21 -34.17
CA GLY G 260 40.70 -1.96 -34.96
C GLY G 260 41.03 -1.28 -36.27
N GLY G 261 41.98 -1.86 -36.98
CA GLY G 261 42.52 -1.25 -38.16
C GLY G 261 43.93 -0.81 -37.86
N ILE G 262 44.38 0.21 -38.58
CA ILE G 262 45.79 0.48 -38.67
C ILE G 262 46.00 1.98 -38.62
N PHE G 263 47.09 2.39 -37.97
CA PHE G 263 47.49 3.78 -37.94
C PHE G 263 48.91 3.83 -38.45
N LEU G 264 49.24 4.88 -39.18
CA LEU G 264 50.58 5.03 -39.76
C LEU G 264 51.04 6.47 -39.71
N TYR G 265 52.25 6.67 -39.19
CA TYR G 265 52.97 7.89 -39.48
C TYR G 265 54.37 7.49 -39.94
N PRO G 266 54.49 7.17 -41.24
CA PRO G 266 55.77 6.74 -41.81
C PRO G 266 56.67 7.93 -42.07
N ALA G 267 57.88 7.67 -42.55
CA ALA G 267 58.80 8.74 -42.90
C ALA G 267 58.42 9.42 -44.21
N ASN G 268 58.64 10.72 -44.26
CA ASN G 268 58.51 11.50 -45.49
C ASN G 268 59.72 12.42 -45.72
N LYS G 269 59.74 13.12 -46.84
CA LYS G 269 60.86 14.02 -47.19
C LYS G 269 61.17 14.97 -46.06
N LYS G 270 60.15 15.63 -45.53
CA LYS G 270 60.31 16.57 -44.42
C LYS G 270 60.58 15.88 -43.06
N SER G 271 60.48 14.55 -43.03
CA SER G 271 60.62 13.77 -41.79
C SER G 271 61.24 12.42 -42.08
N PRO G 272 62.54 12.40 -42.39
CA PRO G 272 63.16 11.17 -42.89
C PRO G 272 63.36 10.05 -41.85
N ASN G 273 63.42 10.44 -40.57
CA ASN G 273 63.48 9.46 -39.49
C ASN G 273 62.11 9.27 -38.85
N GLY G 274 61.06 9.58 -39.60
CA GLY G 274 59.70 9.60 -39.07
C GLY G 274 59.43 10.94 -38.41
N LYS G 275 58.20 11.14 -37.96
CA LYS G 275 57.80 12.41 -37.38
C LYS G 275 57.52 12.29 -35.90
N LEU G 276 56.90 11.17 -35.53
CA LEU G 276 56.50 10.97 -34.14
C LEU G 276 57.70 10.56 -33.29
N ARG G 277 57.67 10.97 -32.03
CA ARG G 277 58.79 10.77 -31.14
C ARG G 277 58.77 9.38 -30.53
N LEU G 278 59.93 8.74 -30.47
CA LEU G 278 60.02 7.37 -29.96
C LEU G 278 59.75 7.27 -28.46
N LEU G 279 60.40 8.11 -27.64
CA LEU G 279 60.40 7.92 -26.18
C LEU G 279 59.03 8.08 -25.55
N TYR G 280 58.25 9.01 -26.08
CA TYR G 280 57.04 9.40 -25.40
C TYR G 280 55.83 9.41 -26.32
N GLU G 281 56.00 9.02 -27.57
CA GLU G 281 54.83 8.86 -28.37
C GLU G 281 54.72 7.43 -28.85
N CYS G 282 55.70 7.02 -29.65
CA CYS G 282 55.73 5.70 -30.27
C CYS G 282 55.80 4.56 -29.26
N ASN G 283 56.80 4.61 -28.37
CA ASN G 283 56.99 3.54 -27.39
C ASN G 283 55.75 3.31 -26.50
N PRO G 284 55.30 4.37 -25.81
CA PRO G 284 54.16 4.11 -24.95
C PRO G 284 52.97 3.56 -25.71
N MET G 285 52.78 3.98 -26.97
CA MET G 285 51.64 3.51 -27.76
C MET G 285 51.82 2.10 -28.27
N ALA G 286 53.04 1.73 -28.64
CA ALA G 286 53.36 0.37 -29.08
C ALA G 286 53.10 -0.66 -28.00
N TYR G 287 53.45 -0.29 -26.77
CA TYR G 287 53.32 -1.16 -25.64
C TYR G 287 51.86 -1.36 -25.28
N VAL G 288 51.06 -0.30 -25.33
CA VAL G 288 49.61 -0.45 -25.19
C VAL G 288 49.13 -1.45 -26.25
N MET G 289 49.53 -1.20 -27.50
CA MET G 289 49.13 -2.06 -28.59
C MET G 289 49.48 -3.54 -28.35
N GLU G 290 50.74 -3.83 -28.02
CA GLU G 290 51.16 -5.23 -27.87
C GLU G 290 50.46 -5.94 -26.72
N LYS G 291 50.37 -5.27 -25.58
CA LYS G 291 49.61 -5.83 -24.51
C LYS G 291 48.20 -6.18 -24.96
N ALA G 292 47.66 -5.39 -25.90
CA ALA G 292 46.29 -5.59 -26.34
C ALA G 292 46.18 -6.53 -27.53
N GLY G 293 47.24 -7.26 -27.83
CA GLY G 293 47.22 -8.21 -28.95
C GLY G 293 47.46 -7.60 -30.32
N GLY G 294 47.87 -6.31 -30.37
CA GLY G 294 48.25 -5.65 -31.61
C GLY G 294 49.73 -5.76 -31.92
N MET G 295 50.14 -5.08 -32.98
CA MET G 295 51.54 -5.02 -33.40
C MET G 295 51.92 -3.57 -33.58
N ALA G 296 53.22 -3.27 -33.48
CA ALA G 296 53.71 -1.90 -33.73
C ALA G 296 55.16 -1.86 -34.23
N THR G 297 55.32 -1.34 -35.44
CA THR G 297 56.54 -1.53 -36.20
C THR G 297 57.04 -0.25 -36.85
N THR G 298 58.35 -0.19 -37.08
CA THR G 298 58.98 0.92 -37.80
C THR G 298 59.05 0.54 -39.28
N GLY G 299 58.75 -0.72 -39.56
CA GLY G 299 58.93 -1.29 -40.89
C GLY G 299 60.16 -2.18 -40.91
N LYS G 300 61.21 -1.77 -40.19
CA LYS G 300 62.42 -2.56 -40.04
C LYS G 300 62.31 -3.48 -38.82
N GLU G 301 61.97 -2.88 -37.67
CA GLU G 301 61.89 -3.61 -36.41
C GLU G 301 60.61 -3.22 -35.66
N ALA G 302 60.23 -4.03 -34.66
CA ALA G 302 59.18 -3.64 -33.74
C ALA G 302 59.69 -2.41 -32.99
N VAL G 303 58.79 -1.45 -32.78
CA VAL G 303 59.12 -0.18 -32.13
C VAL G 303 59.76 -0.41 -30.77
N LEU G 304 59.23 -1.39 -30.05
CA LEU G 304 59.65 -1.65 -28.68
C LEU G 304 61.11 -2.10 -28.58
N ASP G 305 61.63 -2.64 -29.69
CA ASP G 305 63.03 -3.13 -29.79
C ASP G 305 64.06 -2.11 -30.27
N VAL G 306 63.61 -0.94 -30.71
CA VAL G 306 64.52 0.14 -31.12
C VAL G 306 65.36 0.58 -29.93
N ILE G 307 66.68 0.56 -30.08
CA ILE G 307 67.55 1.14 -29.07
C ILE G 307 67.70 2.65 -29.31
N PRO G 308 67.27 3.46 -28.35
CA PRO G 308 67.43 4.89 -28.52
C PRO G 308 68.84 5.42 -28.20
N THR G 309 69.12 6.63 -28.68
CA THR G 309 70.40 7.30 -28.50
C THR G 309 70.19 8.75 -28.15
N ASP G 310 69.00 9.30 -28.47
CA ASP G 310 68.59 10.67 -28.10
C ASP G 310 67.16 10.71 -27.59
N ILE G 311 66.90 11.49 -26.54
CA ILE G 311 65.59 11.45 -25.88
C ILE G 311 64.42 11.95 -26.74
N HIS G 312 64.73 12.75 -27.76
CA HIS G 312 63.72 13.40 -28.57
C HIS G 312 63.79 12.84 -30.00
N GLN G 313 64.51 11.75 -30.17
CA GLN G 313 64.63 11.16 -31.48
C GLN G 313 63.28 10.72 -32.01
N ARG G 314 63.18 10.67 -33.34
CA ARG G 314 61.96 10.32 -34.04
C ARG G 314 61.97 8.88 -34.53
N ALA G 315 60.78 8.36 -34.78
CA ALA G 315 60.62 7.03 -35.31
C ALA G 315 59.42 6.99 -36.26
N PRO G 316 59.59 6.31 -37.40
CA PRO G 316 58.40 6.03 -38.21
C PRO G 316 57.56 5.04 -37.44
N VAL G 317 56.26 5.00 -37.66
CA VAL G 317 55.42 4.08 -36.90
C VAL G 317 54.19 3.62 -37.65
N ILE G 318 53.92 2.32 -37.51
CA ILE G 318 52.75 1.65 -38.08
C ILE G 318 52.30 0.69 -37.00
N LEU G 319 51.02 0.73 -36.65
CA LEU G 319 50.51 -0.03 -35.51
C LEU G 319 49.04 -0.33 -35.69
N GLY G 320 48.53 -1.27 -34.90
CA GLY G 320 47.09 -1.58 -34.87
C GLY G 320 46.81 -3.06 -34.88
N SER G 321 45.63 -3.44 -35.37
CA SER G 321 45.28 -4.83 -35.57
C SER G 321 46.37 -5.62 -36.27
N PRO G 322 46.70 -6.82 -35.74
CA PRO G 322 47.83 -7.63 -36.18
C PRO G 322 47.77 -8.05 -37.64
N ASP G 323 46.61 -8.49 -38.12
CA ASP G 323 46.45 -8.85 -39.54
C ASP G 323 46.72 -7.65 -40.47
N ASP G 324 46.27 -6.47 -40.04
CA ASP G 324 46.47 -5.24 -40.77
C ASP G 324 47.91 -4.79 -40.75
N VAL G 325 48.52 -4.76 -39.57
CA VAL G 325 49.96 -4.51 -39.48
C VAL G 325 50.70 -5.56 -40.30
N LEU G 326 50.34 -6.83 -40.14
CA LEU G 326 51.02 -7.89 -40.90
C LEU G 326 50.96 -7.63 -42.40
N GLU G 327 49.79 -7.25 -42.90
CA GLU G 327 49.63 -7.02 -44.33
C GLU G 327 50.57 -5.94 -44.86
N PHE G 328 50.74 -4.86 -44.12
CA PHE G 328 51.66 -3.82 -44.52
C PHE G 328 53.10 -4.35 -44.61
N LEU G 329 53.48 -5.20 -43.65
CA LEU G 329 54.81 -5.78 -43.59
C LEU G 329 55.14 -6.72 -44.77
N LYS G 330 54.12 -7.38 -45.33
CA LYS G 330 54.34 -8.17 -46.54
C LYS G 330 54.63 -7.25 -47.74
N VAL G 331 53.91 -6.13 -47.77
CA VAL G 331 54.11 -5.08 -48.76
C VAL G 331 55.49 -4.45 -48.58
N TYR G 332 55.93 -4.33 -47.33
CA TYR G 332 57.27 -3.85 -47.05
C TYR G 332 58.29 -4.85 -47.59
N GLU G 333 58.16 -6.09 -47.13
CA GLU G 333 58.99 -7.20 -47.54
C GLU G 333 59.17 -7.28 -49.07
N LYS G 334 58.12 -6.90 -49.81
CA LYS G 334 58.14 -6.92 -51.27
C LYS G 334 59.02 -5.80 -51.85
N HIS G 335 58.92 -4.61 -51.29
CA HIS G 335 59.78 -3.50 -51.70
C HIS G 335 61.15 -3.53 -51.00
N SER G 336 61.50 -4.71 -50.49
CA SER G 336 62.83 -5.04 -49.91
C SER G 336 63.07 -4.50 -48.50
N ALA G 337 63.15 -3.29 -48.26
N ASP H 10 35.19 44.19 -21.10
CA ASP H 10 33.82 43.78 -20.64
C ASP H 10 33.46 42.34 -21.05
N VAL H 11 33.32 41.47 -20.05
CA VAL H 11 32.96 40.06 -20.24
C VAL H 11 31.57 39.89 -20.89
N ASN H 12 31.33 38.76 -21.56
CA ASN H 12 30.03 38.53 -22.18
C ASN H 12 29.62 37.06 -22.18
N THR H 13 28.35 36.81 -21.87
CA THR H 13 27.82 35.45 -21.85
C THR H 13 26.83 35.27 -22.97
N LEU H 14 26.53 34.03 -23.33
CA LEU H 14 25.58 33.77 -24.39
C LEU H 14 24.23 34.37 -24.05
N THR H 15 23.80 34.19 -22.81
CA THR H 15 22.54 34.77 -22.34
C THR H 15 22.52 36.32 -22.40
N ARG H 16 23.57 36.97 -21.93
CA ARG H 16 23.62 38.44 -21.91
C ARG H 16 23.66 39.00 -23.33
N PHE H 17 24.41 38.31 -24.20
CA PHE H 17 24.54 38.65 -25.62
C PHE H 17 23.21 38.52 -26.34
N VAL H 18 22.56 37.38 -26.16
CA VAL H 18 21.27 37.12 -26.80
C VAL H 18 20.25 38.21 -26.40
N MET H 19 20.18 38.49 -25.11
CA MET H 19 19.30 39.52 -24.59
C MET H 19 19.66 40.91 -25.12
N GLU H 20 20.96 41.18 -25.27
CA GLU H 20 21.42 42.49 -25.71
C GLU H 20 21.02 42.74 -27.16
N GLU H 21 21.08 41.68 -27.96
CA GLU H 21 20.71 41.73 -29.36
C GLU H 21 19.21 41.83 -29.58
N GLY H 22 18.46 41.04 -28.81
CA GLY H 22 17.01 41.10 -28.87
C GLY H 22 16.45 42.45 -28.48
N ARG H 23 17.14 43.15 -27.57
CA ARG H 23 16.73 44.48 -27.13
C ARG H 23 16.99 45.57 -28.15
N LYS H 24 18.17 45.55 -28.78
CA LYS H 24 18.44 46.49 -29.88
C LYS H 24 17.37 46.33 -30.97
N ALA H 25 16.95 45.09 -31.20
CA ALA H 25 16.06 44.71 -32.29
C ALA H 25 14.58 44.73 -31.91
N ARG H 26 14.33 45.01 -30.64
CA ARG H 26 12.99 45.31 -30.12
C ARG H 26 11.97 44.19 -30.42
N GLY H 27 12.39 42.94 -30.18
CA GLY H 27 11.53 41.79 -30.43
C GLY H 27 10.65 41.44 -29.25
N THR H 28 9.76 40.47 -29.43
CA THR H 28 8.81 40.06 -28.41
C THR H 28 9.51 39.37 -27.24
N GLY H 29 10.60 38.66 -27.55
CA GLY H 29 11.37 37.88 -26.60
C GLY H 29 11.45 36.43 -26.99
N GLU H 30 10.67 36.03 -27.97
CA GLU H 30 10.52 34.60 -28.27
C GLU H 30 11.80 33.85 -28.67
N LEU H 31 12.62 34.45 -29.54
CA LEU H 31 13.88 33.83 -30.00
C LEU H 31 14.90 33.64 -28.87
N THR H 32 14.93 34.63 -27.99
CA THR H 32 15.72 34.63 -26.79
C THR H 32 15.31 33.52 -25.81
N GLN H 33 14.02 33.35 -25.59
CA GLN H 33 13.56 32.24 -24.74
C GLN H 33 13.98 30.92 -25.37
N LEU H 34 13.81 30.80 -26.69
CA LEU H 34 14.22 29.58 -27.40
C LEU H 34 15.74 29.39 -27.27
N LEU H 35 16.49 30.48 -27.36
CA LEU H 35 17.93 30.34 -27.36
C LEU H 35 18.47 30.06 -25.97
N ASN H 36 17.85 30.63 -24.94
CA ASN H 36 18.26 30.29 -23.59
C ASN H 36 17.88 28.87 -23.25
N SER H 37 16.77 28.41 -23.81
CA SER H 37 16.33 27.05 -23.56
C SER H 37 17.25 26.05 -24.20
N LEU H 38 17.72 26.38 -25.40
CA LEU H 38 18.55 25.47 -26.20
C LEU H 38 19.94 25.36 -25.62
N CYS H 39 20.42 26.48 -25.10
CA CYS H 39 21.71 26.57 -24.48
C CYS H 39 21.68 25.78 -23.17
N THR H 40 20.53 25.76 -22.50
CA THR H 40 20.38 24.97 -21.27
C THR H 40 20.42 23.47 -21.54
N ALA H 41 19.77 23.03 -22.62
CA ALA H 41 19.85 21.62 -23.04
C ALA H 41 21.26 21.16 -23.40
N VAL H 42 22.01 22.02 -24.09
CA VAL H 42 23.33 21.69 -24.63
C VAL H 42 24.32 21.44 -23.47
N LYS H 43 24.18 22.23 -22.42
CA LYS H 43 24.96 22.05 -21.22
C LYS H 43 24.67 20.70 -20.59
N ALA H 44 23.39 20.34 -20.54
CA ALA H 44 22.98 19.08 -19.95
C ALA H 44 23.48 17.92 -20.82
N ILE H 45 23.52 18.13 -22.13
CA ILE H 45 24.13 17.12 -23.01
C ILE H 45 25.64 17.03 -22.70
N SER H 46 26.29 18.17 -22.52
CA SER H 46 27.73 18.21 -22.31
C SER H 46 28.15 17.45 -21.02
N SER H 47 27.37 17.60 -19.96
CA SER H 47 27.58 16.83 -18.72
C SER H 47 27.45 15.31 -18.97
N ALA H 48 26.43 14.92 -19.71
CA ALA H 48 26.21 13.51 -19.93
C ALA H 48 27.30 12.93 -20.84
N VAL H 49 27.76 13.75 -21.78
CA VAL H 49 28.79 13.32 -22.71
C VAL H 49 30.14 13.11 -21.99
N ARG H 50 30.47 14.02 -21.07
CA ARG H 50 31.67 13.95 -20.23
C ARG H 50 31.52 12.87 -19.14
N LYS H 51 30.46 12.07 -19.26
CA LYS H 51 30.14 10.97 -18.34
C LYS H 51 30.01 11.31 -16.85
N ALA H 52 29.46 12.48 -16.52
CA ALA H 52 29.16 12.81 -15.13
C ALA H 52 28.26 11.75 -14.51
N GLY H 53 28.66 11.23 -13.36
CA GLY H 53 27.89 10.21 -12.66
C GLY H 53 27.84 8.84 -13.31
N ILE H 54 28.78 8.54 -14.21
CA ILE H 54 28.88 7.20 -14.82
C ILE H 54 29.21 6.15 -13.76
N ALA H 55 29.77 6.62 -12.65
CA ALA H 55 30.08 5.80 -11.51
C ALA H 55 28.80 5.16 -10.96
N HIS H 56 27.68 5.86 -11.03
CA HIS H 56 26.42 5.27 -10.56
C HIS H 56 25.96 4.13 -11.46
N LEU H 57 26.24 4.22 -12.75
CA LEU H 57 25.93 3.13 -13.68
C LEU H 57 26.73 1.84 -13.44
N TYR H 58 27.91 1.97 -12.83
CA TYR H 58 28.83 0.84 -12.63
C TYR H 58 28.81 0.31 -11.20
N GLY H 59 27.66 0.52 -10.54
CA GLY H 59 27.41 0.00 -9.20
C GLY H 59 28.09 0.67 -8.01
N ILE H 60 28.45 1.96 -8.14
CA ILE H 60 29.11 2.68 -7.02
C ILE H 60 28.31 2.76 -5.71
N ALA H 61 26.98 2.85 -5.83
CA ALA H 61 26.10 2.77 -4.68
C ALA H 61 25.49 1.37 -4.54
N GLY H 62 26.18 0.36 -5.11
CA GLY H 62 25.72 -1.03 -5.06
C GLY H 62 24.50 -1.27 -5.90
N LYS H 73 21.85 5.14 -25.72
CA LYS H 73 21.07 5.97 -24.79
C LYS H 73 21.54 7.42 -24.69
N LEU H 74 22.77 7.71 -25.07
CA LEU H 74 23.25 9.09 -25.05
C LEU H 74 22.55 9.96 -26.11
N ASP H 75 22.31 9.37 -27.28
CA ASP H 75 21.64 10.05 -28.35
C ASP H 75 20.15 10.27 -28.03
N VAL H 76 19.49 9.25 -27.49
CA VAL H 76 18.10 9.38 -27.06
C VAL H 76 17.99 10.42 -25.94
N LEU H 77 18.94 10.43 -25.01
CA LEU H 77 18.90 11.39 -23.90
C LEU H 77 19.01 12.83 -24.43
N SER H 78 19.95 13.05 -25.35
CA SER H 78 20.17 14.37 -25.93
C SER H 78 18.92 14.86 -26.64
N ASN H 79 18.32 13.97 -27.39
CA ASN H 79 17.10 14.24 -28.11
C ASN H 79 16.01 14.67 -27.17
N ASP H 80 15.94 14.05 -26.00
CA ASP H 80 14.90 14.35 -25.01
C ASP H 80 15.17 15.64 -24.28
N LEU H 81 16.44 15.97 -24.07
CA LEU H 81 16.77 17.26 -23.47
C LEU H 81 16.40 18.41 -24.42
N VAL H 82 16.60 18.24 -25.72
CA VAL H 82 16.34 19.31 -26.68
C VAL H 82 14.85 19.41 -27.02
N MET H 83 14.19 18.29 -27.24
CA MET H 83 12.72 18.28 -27.34
C MET H 83 12.13 18.95 -26.11
N ASN H 84 12.43 18.43 -24.94
CA ASN H 84 11.77 18.93 -23.76
C ASN H 84 12.03 20.43 -23.48
N MET H 85 13.28 20.88 -23.61
CA MET H 85 13.60 22.28 -23.33
C MET H 85 12.92 23.21 -24.33
N LEU H 86 12.97 22.87 -25.61
CA LEU H 86 12.37 23.72 -26.62
C LEU H 86 10.84 23.81 -26.50
N LYS H 87 10.20 22.65 -26.37
CA LYS H 87 8.75 22.59 -26.17
C LYS H 87 8.35 23.53 -25.05
N SER H 88 9.02 23.40 -23.91
CA SER H 88 8.66 24.14 -22.72
C SER H 88 9.18 25.58 -22.71
N SER H 89 9.75 26.04 -23.83
CA SER H 89 10.19 27.43 -24.00
C SER H 89 9.02 28.30 -24.44
N PHE H 90 8.03 27.66 -25.04
CA PHE H 90 6.84 28.33 -25.57
C PHE H 90 7.18 29.17 -26.79
N ALA H 91 8.13 28.69 -27.60
CA ALA H 91 8.63 29.43 -28.75
C ALA H 91 8.64 28.62 -30.07
N THR H 92 8.23 27.37 -30.00
CA THR H 92 8.35 26.49 -31.14
C THR H 92 7.01 25.85 -31.40
N CYS H 93 6.80 25.34 -32.59
CA CYS H 93 5.53 24.75 -32.93
C CYS H 93 5.74 23.44 -33.68
N VAL H 94 6.91 23.34 -34.31
CA VAL H 94 7.26 22.19 -35.12
C VAL H 94 8.74 21.94 -34.85
N LEU H 95 9.10 20.67 -34.73
CA LEU H 95 10.46 20.29 -34.36
C LEU H 95 10.88 19.08 -35.16
N VAL H 96 12.01 19.22 -35.85
CA VAL H 96 12.56 18.13 -36.61
C VAL H 96 13.91 17.69 -36.07
N SER H 97 13.96 16.44 -35.62
CA SER H 97 15.18 15.79 -35.17
C SER H 97 15.68 14.70 -36.12
N GLU H 98 16.98 14.42 -36.03
CA GLU H 98 17.63 13.30 -36.66
C GLU H 98 17.00 12.00 -36.18
N GLU H 99 16.60 12.01 -34.90
CA GLU H 99 16.02 10.84 -34.23
C GLU H 99 14.61 10.47 -34.70
N ASP H 100 13.76 11.47 -34.90
CA ASP H 100 12.35 11.20 -35.15
C ASP H 100 11.99 11.25 -36.64
N LYS H 101 11.38 10.17 -37.11
CA LYS H 101 11.01 10.06 -38.52
C LYS H 101 9.98 11.10 -39.01
N HIS H 102 9.13 11.56 -38.10
CA HIS H 102 8.18 12.63 -38.41
C HIS H 102 8.41 13.82 -37.48
N ALA H 103 8.03 15.02 -37.96
CA ALA H 103 8.22 16.25 -37.18
C ALA H 103 7.34 16.19 -35.96
N ILE H 104 7.86 16.66 -34.85
CA ILE H 104 7.07 16.74 -33.65
C ILE H 104 6.28 18.01 -33.77
N ILE H 105 4.96 17.88 -33.64
CA ILE H 105 4.10 19.05 -33.57
C ILE H 105 3.93 19.37 -32.11
N VAL H 106 4.31 20.59 -31.72
CA VAL H 106 4.26 21.04 -30.32
C VAL H 106 2.80 21.15 -29.86
N GLU H 107 2.52 20.73 -28.62
CA GLU H 107 1.20 20.92 -27.99
C GLU H 107 0.69 22.36 -28.19
N PRO H 108 -0.61 22.50 -28.58
CA PRO H 108 -1.30 23.77 -28.80
C PRO H 108 -0.93 24.92 -27.84
N GLU H 109 -1.06 24.68 -26.54
CA GLU H 109 -0.92 25.76 -25.58
C GLU H 109 0.54 26.08 -25.28
N LYS H 110 1.45 25.31 -25.87
CA LYS H 110 2.87 25.56 -25.72
C LYS H 110 3.51 26.09 -27.00
N ARG H 111 2.69 26.41 -28.00
CA ARG H 111 3.17 26.85 -29.33
C ARG H 111 3.62 28.29 -29.40
N GLY H 112 4.71 28.48 -30.16
CA GLY H 112 5.25 29.79 -30.47
C GLY H 112 5.62 29.82 -31.95
N LYS H 113 6.38 30.84 -32.34
CA LYS H 113 6.56 31.14 -33.76
C LYS H 113 7.63 30.37 -34.56
N TYR H 114 8.44 29.56 -33.87
CA TYR H 114 9.61 28.98 -34.53
C TYR H 114 9.59 27.46 -34.82
N VAL H 115 10.17 27.10 -35.96
CA VAL H 115 10.39 25.71 -36.36
C VAL H 115 11.89 25.42 -36.17
N VAL H 116 12.24 24.49 -35.28
CA VAL H 116 13.65 24.09 -35.08
C VAL H 116 13.97 22.71 -35.71
N CYS H 117 15.03 22.66 -36.52
CA CYS H 117 15.52 21.41 -37.09
C CYS H 117 16.88 21.12 -36.44
N PHE H 118 17.10 19.88 -35.99
CA PHE H 118 18.33 19.61 -35.26
C PHE H 118 18.82 18.19 -35.29
N ASP H 119 20.12 18.06 -35.06
CA ASP H 119 20.77 16.79 -34.75
C ASP H 119 21.25 16.91 -33.31
N PRO H 120 20.60 16.21 -32.36
CA PRO H 120 20.91 16.33 -30.93
C PRO H 120 22.30 15.82 -30.56
N LEU H 121 22.72 14.75 -31.21
CA LEU H 121 24.03 14.18 -30.96
C LEU H 121 24.62 13.56 -32.21
N ASP H 122 25.25 14.41 -33.01
CA ASP H 122 25.85 13.95 -34.22
C ASP H 122 27.21 13.28 -33.96
N GLY H 123 27.46 12.16 -34.64
CA GLY H 123 28.70 11.41 -34.47
C GLY H 123 28.62 10.43 -33.31
N SER H 124 27.44 10.37 -32.68
CA SER H 124 27.18 9.41 -31.62
C SER H 124 27.11 7.97 -32.15
N SER H 125 27.38 7.79 -33.45
CA SER H 125 27.62 6.46 -34.05
C SER H 125 28.98 5.91 -33.58
N ASN H 126 30.02 6.72 -33.76
CA ASN H 126 31.37 6.44 -33.25
C ASN H 126 31.70 6.96 -31.83
N ILE H 127 30.70 7.10 -30.95
CA ILE H 127 30.97 7.67 -29.61
C ILE H 127 31.86 6.78 -28.73
N ASP H 128 31.90 5.49 -29.08
CA ASP H 128 32.64 4.46 -28.34
C ASP H 128 34.13 4.72 -28.34
N CYS H 129 34.61 5.45 -29.36
CA CYS H 129 36.04 5.78 -29.44
C CYS H 129 36.34 7.19 -28.93
N LEU H 130 35.36 7.80 -28.25
CA LEU H 130 35.45 9.14 -27.63
C LEU H 130 35.81 10.28 -28.59
N VAL H 131 35.57 10.01 -29.87
CA VAL H 131 35.54 10.99 -30.96
C VAL H 131 34.57 12.11 -30.61
N SER H 132 34.92 13.34 -30.99
CA SER H 132 34.04 14.48 -30.76
C SER H 132 32.67 14.18 -31.28
N VAL H 133 31.69 14.69 -30.54
CA VAL H 133 30.31 14.67 -30.93
C VAL H 133 29.80 16.10 -30.87
N GLY H 134 28.67 16.35 -31.53
CA GLY H 134 28.05 17.67 -31.51
C GLY H 134 26.54 17.71 -31.60
N THR H 135 25.99 18.88 -31.32
CA THR H 135 24.60 19.17 -31.51
C THR H 135 24.53 20.24 -32.59
N ILE H 136 23.57 20.13 -33.49
CA ILE H 136 23.47 21.02 -34.66
C ILE H 136 22.06 21.53 -34.70
N PHE H 137 21.89 22.85 -34.76
CA PHE H 137 20.53 23.39 -34.77
C PHE H 137 20.34 24.43 -35.87
N GLY H 138 19.07 24.58 -36.26
CA GLY H 138 18.66 25.45 -37.36
C GLY H 138 17.25 25.91 -37.09
N ILE H 139 17.11 27.22 -36.89
CA ILE H 139 15.87 27.85 -36.39
C ILE H 139 15.17 28.70 -37.49
N TYR H 140 13.89 28.39 -37.75
CA TYR H 140 13.10 29.10 -38.78
C TYR H 140 11.87 29.76 -38.17
N ARG H 141 11.34 30.77 -38.84
CA ARG H 141 10.08 31.38 -38.45
C ARG H 141 9.04 30.58 -39.20
N LYS H 142 7.98 30.19 -38.51
CA LYS H 142 6.84 29.58 -39.18
C LYS H 142 6.26 30.65 -40.07
N LYS H 143 5.93 30.27 -41.32
CA LYS H 143 5.58 31.21 -42.38
C LYS H 143 4.08 31.47 -42.58
N SER H 144 3.24 30.50 -42.27
CA SER H 144 1.79 30.66 -42.46
C SER H 144 1.02 30.37 -41.18
N THR H 145 -0.22 30.85 -41.12
CA THR H 145 -1.06 30.65 -39.95
C THR H 145 -1.78 29.30 -39.98
N ASP H 146 -1.45 28.44 -40.93
CA ASP H 146 -1.97 27.07 -40.97
C ASP H 146 -1.76 26.31 -39.66
N GLU H 147 -2.53 25.26 -39.44
CA GLU H 147 -2.23 24.32 -38.38
C GLU H 147 -0.77 23.87 -38.61
N PRO H 148 0.07 23.89 -37.56
CA PRO H 148 1.48 23.47 -37.69
C PRO H 148 1.64 22.05 -38.20
N SER H 149 2.55 21.85 -39.16
CA SER H 149 2.80 20.55 -39.78
C SER H 149 4.23 20.41 -40.33
N GLU H 150 4.63 19.18 -40.69
CA GLU H 150 5.90 18.91 -41.40
C GLU H 150 6.26 19.97 -42.46
N LYS H 151 5.28 20.40 -43.25
CA LYS H 151 5.49 21.40 -44.31
C LYS H 151 6.24 22.66 -43.83
N ASP H 152 5.97 23.11 -42.60
CA ASP H 152 6.60 24.30 -42.03
C ASP H 152 8.13 24.18 -41.85
N ALA H 153 8.64 22.94 -41.89
CA ALA H 153 10.09 22.69 -41.85
C ALA H 153 10.72 22.69 -43.25
N LEU H 154 9.91 22.48 -44.28
CA LEU H 154 10.42 22.36 -45.64
C LEU H 154 10.86 23.68 -46.27
N GLN H 155 11.43 24.56 -45.46
CA GLN H 155 11.97 25.85 -45.89
C GLN H 155 13.42 25.73 -46.36
N PRO H 156 13.79 26.51 -47.37
CA PRO H 156 15.19 26.53 -47.80
C PRO H 156 16.03 27.29 -46.79
N GLY H 157 17.30 26.90 -46.65
CA GLY H 157 18.21 27.43 -45.64
C GLY H 157 18.36 28.94 -45.63
N ARG H 158 18.18 29.56 -46.80
CA ARG H 158 18.13 31.01 -46.93
C ARG H 158 17.24 31.67 -45.89
N ASN H 159 16.21 30.93 -45.48
CA ASN H 159 15.17 31.47 -44.64
C ASN H 159 15.49 31.40 -43.15
N LEU H 160 16.71 30.95 -42.81
CA LEU H 160 17.10 30.75 -41.42
C LEU H 160 17.15 32.03 -40.63
N VAL H 161 16.67 31.94 -39.41
CA VAL H 161 16.63 33.05 -38.45
C VAL H 161 17.93 33.07 -37.66
N ALA H 162 18.31 31.88 -37.17
CA ALA H 162 19.59 31.59 -36.52
C ALA H 162 19.98 30.15 -36.83
N ALA H 163 21.25 29.81 -36.64
CA ALA H 163 21.73 28.42 -36.81
C ALA H 163 23.10 28.27 -36.20
N GLY H 164 23.49 27.03 -35.90
CA GLY H 164 24.79 26.78 -35.33
C GLY H 164 24.98 25.40 -34.76
N TYR H 165 25.81 25.29 -33.73
CA TYR H 165 26.21 23.99 -33.22
C TYR H 165 26.97 24.03 -31.90
N ALA H 166 26.84 22.94 -31.16
CA ALA H 166 27.59 22.74 -29.95
C ALA H 166 28.59 21.65 -30.29
N LEU H 167 29.86 21.93 -30.02
CA LEU H 167 30.90 20.91 -30.12
C LEU H 167 31.40 20.51 -28.75
N TYR H 168 31.30 19.21 -28.46
CA TYR H 168 31.79 18.65 -27.22
C TYR H 168 33.14 18.03 -27.49
N GLY H 169 34.17 18.88 -27.55
CA GLY H 169 35.54 18.44 -27.87
C GLY H 169 36.40 18.37 -26.63
N SER H 170 37.69 18.64 -26.78
CA SER H 170 38.53 18.84 -25.62
C SER H 170 37.81 19.76 -24.64
N ALA H 171 37.04 20.69 -25.21
CA ALA H 171 36.19 21.60 -24.46
C ALA H 171 34.88 21.78 -25.21
N THR H 172 33.90 22.38 -24.54
CA THR H 172 32.58 22.61 -25.15
C THR H 172 32.44 24.05 -25.62
N MET H 173 32.24 24.17 -26.94
CA MET H 173 32.01 25.46 -27.53
C MET H 173 30.65 25.59 -28.20
N LEU H 174 29.97 26.71 -27.96
CA LEU H 174 28.78 27.02 -28.75
C LEU H 174 29.13 27.99 -29.87
N VAL H 175 28.77 27.62 -31.09
CA VAL H 175 28.89 28.50 -32.24
C VAL H 175 27.50 28.99 -32.75
N LEU H 176 27.27 30.30 -32.62
CA LEU H 176 25.98 30.90 -32.97
C LEU H 176 26.06 31.86 -34.15
N ALA H 177 25.44 31.48 -35.25
CA ALA H 177 25.35 32.33 -36.44
C ALA H 177 23.97 32.95 -36.53
N MET H 178 23.95 34.26 -36.77
CA MET H 178 22.72 35.04 -37.04
C MET H 178 23.05 36.17 -38.02
N ASP H 179 22.17 37.17 -38.14
CA ASP H 179 22.39 38.24 -39.12
C ASP H 179 23.61 39.13 -38.78
N CYS H 180 23.96 39.19 -37.52
CA CYS H 180 25.15 39.93 -37.08
C CYS H 180 26.44 39.10 -37.25
N GLY H 181 26.33 37.92 -37.85
CA GLY H 181 27.50 37.08 -38.06
C GLY H 181 27.65 35.99 -37.01
N VAL H 182 28.90 35.57 -36.84
CA VAL H 182 29.25 34.38 -36.07
C VAL H 182 29.96 34.70 -34.77
N ASN H 183 29.44 34.16 -33.68
CA ASN H 183 30.10 34.31 -32.40
C ASN H 183 30.33 32.94 -31.73
N CYS H 184 31.47 32.79 -31.06
CA CYS H 184 31.81 31.52 -30.44
C CYS H 184 31.84 31.64 -28.91
N PHE H 185 31.11 30.76 -28.25
CA PHE H 185 31.04 30.80 -26.81
C PHE H 185 31.62 29.51 -26.22
N MET H 186 32.42 29.69 -25.16
CA MET H 186 33.12 28.59 -24.52
C MET H 186 32.41 28.25 -23.22
N LEU H 187 31.99 27.00 -23.05
CA LEU H 187 31.33 26.57 -21.81
C LEU H 187 32.33 26.46 -20.67
N ASP H 188 32.10 27.23 -19.62
CA ASP H 188 32.90 27.16 -18.43
C ASP H 188 32.16 26.23 -17.45
N PRO H 189 32.60 24.96 -17.35
CA PRO H 189 31.97 23.94 -16.51
C PRO H 189 31.93 24.33 -15.03
N ALA H 190 32.87 25.16 -14.58
CA ALA H 190 32.91 25.64 -13.17
C ALA H 190 31.69 26.45 -12.72
N ILE H 191 31.00 27.08 -13.68
CA ILE H 191 29.85 27.94 -13.37
C ILE H 191 28.65 27.72 -14.31
N GLY H 192 28.86 26.94 -15.37
CA GLY H 192 27.77 26.63 -16.31
C GLY H 192 27.37 27.78 -17.21
N GLU H 193 28.36 28.53 -17.68
CA GLU H 193 28.12 29.68 -18.57
C GLU H 193 28.93 29.57 -19.85
N PHE H 194 28.27 29.88 -20.96
CA PHE H 194 28.94 30.07 -22.22
C PHE H 194 29.55 31.47 -22.25
N ILE H 195 30.87 31.54 -22.44
CA ILE H 195 31.62 32.80 -22.43
C ILE H 195 32.01 33.15 -23.85
N LEU H 196 31.75 34.41 -24.23
CA LEU H 196 32.07 34.88 -25.56
C LEU H 196 33.57 34.96 -25.69
N VAL H 197 34.13 34.11 -26.54
CA VAL H 197 35.59 34.04 -26.70
C VAL H 197 36.10 34.49 -28.06
N ASP H 198 35.28 34.30 -29.11
CA ASP H 198 35.60 34.76 -30.46
C ASP H 198 34.43 35.56 -31.01
N LYS H 199 34.65 36.84 -31.29
CA LYS H 199 33.59 37.69 -31.83
C LYS H 199 33.61 37.72 -33.34
N ASP H 200 32.41 37.74 -33.92
CA ASP H 200 32.24 37.98 -35.35
C ASP H 200 33.31 37.28 -36.16
N VAL H 201 33.39 35.95 -36.03
CA VAL H 201 34.48 35.20 -36.66
C VAL H 201 34.28 35.16 -38.16
N LYS H 202 35.39 35.26 -38.89
CA LYS H 202 35.39 35.12 -40.33
C LYS H 202 36.37 34.02 -40.68
N ILE H 203 36.00 33.16 -41.63
CA ILE H 203 36.89 32.10 -42.10
C ILE H 203 37.99 32.65 -43.02
N LYS H 204 39.17 32.06 -43.02
CA LYS H 204 40.23 32.43 -43.99
C LYS H 204 39.77 32.25 -45.42
N LYS H 205 40.22 33.16 -46.27
CA LYS H 205 39.95 33.15 -47.72
C LYS H 205 40.42 31.85 -48.41
N LYS H 206 41.60 31.36 -48.02
CA LYS H 206 42.10 30.11 -48.53
C LYS H 206 42.82 29.32 -47.44
N GLY H 207 42.53 28.03 -47.37
CA GLY H 207 43.15 27.15 -46.40
C GLY H 207 44.22 26.24 -46.98
N LYS H 208 44.66 25.31 -46.15
CA LYS H 208 45.75 24.39 -46.46
C LYS H 208 45.39 22.96 -46.05
N ILE H 209 44.10 22.72 -45.82
CA ILE H 209 43.61 21.43 -45.33
C ILE H 209 42.38 21.02 -46.11
N TYR H 210 42.37 19.78 -46.59
CA TYR H 210 41.13 19.20 -47.13
C TYR H 210 40.69 18.06 -46.24
N SER H 211 39.38 17.82 -46.19
CA SER H 211 38.77 16.91 -45.23
C SER H 211 37.68 16.07 -45.87
N LEU H 212 37.85 14.75 -45.91
CA LEU H 212 36.83 13.87 -46.48
C LEU H 212 37.22 12.40 -46.33
N ASN H 213 36.25 11.48 -46.51
CA ASN H 213 36.59 10.06 -46.41
C ASN H 213 37.29 9.48 -47.63
N GLU H 214 38.63 9.54 -47.65
CA GLU H 214 39.43 9.08 -48.82
C GLU H 214 39.45 7.57 -49.07
N GLY H 215 38.84 6.81 -48.18
CA GLY H 215 38.80 5.36 -48.30
C GLY H 215 37.80 4.93 -49.35
N TYR H 216 36.82 5.79 -49.59
CA TYR H 216 35.79 5.49 -50.59
C TYR H 216 36.16 6.03 -51.98
N ALA H 217 37.47 6.18 -52.23
CA ALA H 217 38.00 6.71 -53.48
C ALA H 217 37.54 5.98 -54.76
N LYS H 218 37.37 4.66 -54.68
CA LYS H 218 37.04 3.89 -55.88
C LYS H 218 35.64 4.23 -56.36
N ASP H 219 34.80 4.66 -55.42
CA ASP H 219 33.44 5.10 -55.69
C ASP H 219 33.29 6.62 -55.93
N PHE H 220 34.38 7.39 -55.83
CA PHE H 220 34.36 8.85 -56.02
C PHE H 220 33.70 9.32 -57.31
N ASP H 221 33.10 10.49 -57.23
CA ASP H 221 32.71 11.26 -58.39
C ASP H 221 34.03 11.73 -59.04
N PRO H 222 34.14 11.63 -60.39
CA PRO H 222 35.41 11.97 -61.10
C PRO H 222 35.95 13.38 -60.81
N ALA H 223 35.05 14.29 -60.47
CA ALA H 223 35.41 15.65 -60.07
C ALA H 223 36.09 15.64 -58.71
N VAL H 224 35.60 14.75 -57.85
CA VAL H 224 36.15 14.61 -56.51
C VAL H 224 37.58 14.09 -56.64
N THR H 225 37.74 13.04 -57.46
CA THR H 225 39.03 12.47 -57.78
C THR H 225 39.99 13.54 -58.25
N GLU H 226 39.63 14.28 -59.30
CA GLU H 226 40.56 15.20 -59.86
C GLU H 226 40.97 16.23 -58.82
N TYR H 227 39.97 16.76 -58.11
CA TYR H 227 40.21 17.89 -57.22
C TYR H 227 41.12 17.48 -56.07
N ILE H 228 40.91 16.30 -55.52
CA ILE H 228 41.72 15.81 -54.42
C ILE H 228 43.18 15.59 -54.87
N GLN H 229 43.36 15.14 -56.11
CA GLN H 229 44.67 14.98 -56.68
C GLN H 229 45.47 16.28 -56.76
N ARG H 230 44.80 17.40 -56.97
CA ARG H 230 45.48 18.70 -57.01
C ARG H 230 45.87 19.18 -55.63
N LYS H 231 45.28 18.56 -54.62
CA LYS H 231 45.56 18.92 -53.24
C LYS H 231 46.80 18.18 -52.77
N LYS H 232 47.00 16.98 -53.31
CA LYS H 232 48.09 16.12 -52.93
C LYS H 232 49.23 16.28 -53.93
N PHE H 233 48.90 16.49 -55.19
CA PHE H 233 49.89 16.63 -56.25
C PHE H 233 49.72 17.95 -57.02
N PRO H 234 49.95 19.10 -56.36
CA PRO H 234 49.84 20.41 -57.04
C PRO H 234 50.68 20.48 -58.32
N PRO H 235 50.09 20.96 -59.42
CA PRO H 235 50.82 21.09 -60.70
C PRO H 235 51.92 22.17 -60.69
N ASP H 236 51.85 23.11 -59.74
CA ASP H 236 52.79 24.22 -59.66
C ASP H 236 53.93 23.91 -58.70
N ASN H 237 54.35 24.92 -57.92
CA ASN H 237 55.41 24.79 -56.92
C ASN H 237 54.90 24.77 -55.47
N SER H 238 53.58 24.91 -55.29
CA SER H 238 53.01 25.04 -53.95
C SER H 238 53.06 23.75 -53.16
N ALA H 239 52.98 23.89 -51.83
CA ALA H 239 52.98 22.75 -50.94
C ALA H 239 51.66 21.98 -51.07
N PRO H 240 51.72 20.63 -50.99
CA PRO H 240 50.47 19.88 -50.90
C PRO H 240 49.68 20.25 -49.62
N TYR H 241 48.34 20.21 -49.72
CA TYR H 241 47.44 20.42 -48.59
C TYR H 241 47.58 19.28 -47.57
N GLY H 242 47.43 19.59 -46.29
CA GLY H 242 47.31 18.54 -45.27
C GLY H 242 45.93 17.89 -45.25
N ALA H 243 45.86 16.65 -44.76
CA ALA H 243 44.60 15.92 -44.62
C ALA H 243 44.19 15.85 -43.16
N ARG H 244 42.88 15.90 -42.93
CA ARG H 244 42.26 15.71 -41.61
C ARG H 244 40.83 15.22 -41.82
N TYR H 245 40.49 14.09 -41.21
CA TYR H 245 39.12 13.60 -41.24
C TYR H 245 38.68 12.85 -39.96
N VAL H 246 38.02 13.60 -39.08
CA VAL H 246 37.49 13.08 -37.83
C VAL H 246 36.35 12.09 -38.10
N GLY H 247 35.44 12.44 -38.99
CA GLY H 247 34.31 11.56 -39.32
C GLY H 247 33.14 11.92 -38.42
N SER H 248 33.17 13.14 -37.90
CA SER H 248 32.12 13.69 -37.08
C SER H 248 31.96 15.11 -37.56
N MET H 249 30.85 15.39 -38.26
CA MET H 249 30.72 16.62 -39.03
C MET H 249 31.08 17.88 -38.27
N VAL H 250 30.58 17.98 -37.04
CA VAL H 250 30.72 19.18 -36.22
C VAL H 250 32.19 19.54 -35.98
N ALA H 251 33.02 18.52 -35.76
CA ALA H 251 34.45 18.71 -35.52
C ALA H 251 35.19 19.12 -36.78
N ASP H 252 34.87 18.46 -37.90
CA ASP H 252 35.52 18.76 -39.17
C ASP H 252 35.15 20.16 -39.62
N VAL H 253 33.86 20.46 -39.60
CA VAL H 253 33.40 21.79 -39.95
C VAL H 253 34.02 22.88 -39.04
N HIS H 254 34.08 22.61 -37.75
CA HIS H 254 34.63 23.60 -36.82
C HIS H 254 36.14 23.83 -37.06
N ARG H 255 36.91 22.75 -37.25
CA ARG H 255 38.30 22.96 -37.68
C ARG H 255 38.36 23.70 -39.01
N THR H 256 37.44 23.42 -39.91
CA THR H 256 37.42 24.11 -41.20
C THR H 256 37.22 25.61 -40.98
N LEU H 257 36.40 25.97 -40.00
CA LEU H 257 36.04 27.36 -39.75
C LEU H 257 37.20 28.16 -39.15
N VAL H 258 37.81 27.59 -38.09
CA VAL H 258 38.92 28.17 -37.36
C VAL H 258 40.23 28.24 -38.17
N TYR H 259 40.57 27.17 -38.87
CA TYR H 259 41.86 27.08 -39.57
C TYR H 259 41.77 27.18 -41.09
N GLY H 260 40.56 27.30 -41.63
CA GLY H 260 40.37 27.36 -43.06
C GLY H 260 40.46 26.02 -43.78
N GLY H 261 40.15 26.05 -45.08
CA GLY H 261 40.24 24.89 -45.91
C GLY H 261 38.89 24.49 -46.48
N ILE H 262 38.70 23.19 -46.61
CA ILE H 262 37.55 22.65 -47.31
C ILE H 262 37.11 21.34 -46.65
N PHE H 263 35.80 21.22 -46.38
CA PHE H 263 35.18 19.95 -45.99
C PHE H 263 34.27 19.45 -47.10
N LEU H 264 34.35 18.17 -47.40
CA LEU H 264 33.53 17.57 -48.43
C LEU H 264 32.87 16.30 -47.94
N TYR H 265 31.55 16.27 -48.01
CA TYR H 265 30.85 15.00 -48.01
C TYR H 265 30.02 14.99 -49.29
N PRO H 266 30.63 14.57 -50.40
CA PRO H 266 30.06 14.76 -51.72
C PRO H 266 29.10 13.64 -52.14
N ALA H 267 28.58 13.76 -53.36
CA ALA H 267 27.74 12.75 -53.94
C ALA H 267 28.61 11.81 -54.74
N ASN H 268 28.08 10.63 -55.06
CA ASN H 268 28.69 9.71 -56.02
C ASN H 268 27.62 8.96 -56.82
N LYS H 269 28.00 8.00 -57.66
CA LYS H 269 27.02 7.24 -58.46
C LYS H 269 26.05 6.45 -57.59
N LYS H 270 26.57 5.91 -56.47
CA LYS H 270 25.76 5.12 -55.52
C LYS H 270 24.96 5.97 -54.52
N SER H 271 25.30 7.26 -54.44
CA SER H 271 24.63 8.21 -53.55
C SER H 271 24.54 9.61 -54.14
N PRO H 272 23.70 9.79 -55.21
CA PRO H 272 23.67 11.01 -56.03
C PRO H 272 23.25 12.27 -55.27
N ASN H 273 22.82 12.09 -54.03
CA ASN H 273 22.40 13.18 -53.20
C ASN H 273 23.20 13.23 -51.89
N GLY H 274 24.34 12.53 -51.86
CA GLY H 274 25.18 12.50 -50.67
C GLY H 274 24.56 11.71 -49.55
N LYS H 275 25.00 11.97 -48.32
CA LYS H 275 24.58 11.18 -47.18
C LYS H 275 24.04 12.09 -46.13
N LEU H 276 24.70 13.24 -45.97
CA LEU H 276 24.36 14.19 -44.93
C LEU H 276 22.99 14.84 -45.17
N ARG H 277 22.32 15.18 -44.10
CA ARG H 277 20.90 15.51 -44.13
C ARG H 277 20.73 17.00 -44.26
N LEU H 278 19.95 17.42 -45.25
CA LEU H 278 19.84 18.85 -45.60
C LEU H 278 19.35 19.77 -44.45
N LEU H 279 18.32 19.36 -43.74
CA LEU H 279 17.65 20.25 -42.78
C LEU H 279 18.45 20.53 -41.52
N TYR H 280 19.10 19.51 -40.99
CA TYR H 280 19.71 19.61 -39.69
C TYR H 280 21.21 19.30 -39.69
N GLU H 281 21.79 19.03 -40.87
CA GLU H 281 23.26 18.97 -41.00
C GLU H 281 23.81 20.01 -41.97
N CYS H 282 23.45 19.86 -43.25
CA CYS H 282 24.00 20.72 -44.30
C CYS H 282 23.61 22.18 -44.17
N ASN H 283 22.35 22.42 -43.85
CA ASN H 283 21.84 23.78 -43.80
C ASN H 283 22.39 24.62 -42.66
N PRO H 284 22.35 24.13 -41.40
CA PRO H 284 22.96 24.96 -40.37
C PRO H 284 24.46 25.19 -40.60
N MET H 285 25.15 24.21 -41.19
CA MET H 285 26.56 24.37 -41.48
C MET H 285 26.79 25.39 -42.59
N ALA H 286 26.01 25.25 -43.67
CA ALA H 286 26.02 26.24 -44.76
C ALA H 286 25.75 27.66 -44.24
N TYR H 287 24.84 27.78 -43.28
CA TYR H 287 24.55 29.06 -42.70
C TYR H 287 25.74 29.68 -41.93
N VAL H 288 26.35 28.92 -41.03
CA VAL H 288 27.55 29.34 -40.31
C VAL H 288 28.65 29.76 -41.29
N MET H 289 28.92 28.88 -42.25
CA MET H 289 29.91 29.16 -43.28
C MET H 289 29.68 30.51 -44.00
N GLU H 290 28.49 30.72 -44.54
CA GLU H 290 28.22 31.94 -45.31
C GLU H 290 28.24 33.21 -44.43
N LYS H 291 27.89 33.05 -43.16
CA LYS H 291 27.91 34.16 -42.23
C LYS H 291 29.34 34.53 -41.85
N ALA H 292 30.23 33.53 -41.92
CA ALA H 292 31.66 33.68 -41.61
C ALA H 292 32.47 34.13 -42.83
N GLY H 293 31.81 34.15 -44.00
CA GLY H 293 32.43 34.54 -45.27
C GLY H 293 32.87 33.33 -46.06
N GLY H 294 32.38 32.17 -45.68
CA GLY H 294 32.75 30.95 -46.37
C GLY H 294 31.72 30.67 -47.44
N MET H 295 31.81 29.46 -48.00
CA MET H 295 30.90 29.03 -49.06
C MET H 295 30.45 27.60 -48.80
N ALA H 296 29.28 27.26 -49.33
CA ALA H 296 28.72 25.96 -49.10
C ALA H 296 27.87 25.55 -50.29
N THR H 297 28.37 24.57 -51.03
CA THR H 297 27.76 24.13 -52.29
C THR H 297 27.43 22.62 -52.31
N THR H 298 26.47 22.26 -53.17
CA THR H 298 26.14 20.86 -53.46
C THR H 298 26.84 20.43 -54.74
N GLY H 299 27.47 21.42 -55.39
CA GLY H 299 28.02 21.25 -56.73
C GLY H 299 27.07 21.84 -57.77
N LYS H 300 25.78 21.57 -57.65
CA LYS H 300 24.82 22.17 -58.57
C LYS H 300 24.41 23.56 -58.13
N GLU H 301 24.41 23.79 -56.82
CA GLU H 301 23.96 25.07 -56.28
C GLU H 301 24.44 25.27 -54.84
N ALA H 302 24.21 26.47 -54.32
CA ALA H 302 24.40 26.74 -52.91
C ALA H 302 23.48 25.86 -52.09
N VAL H 303 24.02 25.26 -51.04
CA VAL H 303 23.24 24.46 -50.12
C VAL H 303 22.01 25.25 -49.59
N LEU H 304 22.22 26.52 -49.25
CA LEU H 304 21.15 27.36 -48.73
C LEU H 304 19.95 27.55 -49.66
N ASP H 305 20.16 27.36 -50.97
CA ASP H 305 19.12 27.58 -51.95
C ASP H 305 18.22 26.38 -52.23
N VAL H 306 18.66 25.18 -51.90
CA VAL H 306 17.83 23.97 -52.13
C VAL H 306 16.45 24.10 -51.48
N ILE H 307 15.37 23.86 -52.24
CA ILE H 307 14.06 23.68 -51.61
C ILE H 307 13.87 22.21 -51.24
N PRO H 308 13.68 21.91 -49.94
CA PRO H 308 13.49 20.52 -49.55
C PRO H 308 12.04 20.01 -49.74
N THR H 309 11.90 18.77 -50.21
CA THR H 309 10.58 18.12 -50.32
C THR H 309 10.33 17.01 -49.29
N ASP H 310 11.38 16.47 -48.69
CA ASP H 310 11.24 15.57 -47.55
C ASP H 310 12.10 16.07 -46.39
N ILE H 311 11.69 15.82 -45.16
CA ILE H 311 12.38 16.38 -44.00
C ILE H 311 13.74 15.72 -43.69
N HIS H 312 13.91 14.48 -44.15
CA HIS H 312 15.13 13.72 -43.90
C HIS H 312 15.94 13.61 -45.18
N GLN H 313 15.67 14.51 -46.12
CA GLN H 313 16.32 14.44 -47.42
C GLN H 313 17.80 14.80 -47.34
N ARG H 314 18.57 14.17 -48.22
CA ARG H 314 20.01 14.27 -48.21
C ARG H 314 20.54 15.29 -49.25
N ALA H 315 21.67 15.91 -48.94
CA ALA H 315 22.33 16.76 -49.91
C ALA H 315 23.83 16.54 -49.88
N PRO H 316 24.46 16.53 -51.07
CA PRO H 316 25.90 16.65 -51.15
C PRO H 316 26.29 17.95 -50.48
N VAL H 317 27.49 18.02 -49.91
CA VAL H 317 27.97 19.27 -49.33
C VAL H 317 29.48 19.43 -49.51
N ILE H 318 29.88 20.61 -50.00
CA ILE H 318 31.28 21.02 -50.11
C ILE H 318 31.34 22.41 -49.49
N LEU H 319 32.18 22.59 -48.47
CA LEU H 319 32.18 23.87 -47.76
C LEU H 319 33.52 24.32 -47.18
N GLY H 320 33.55 25.59 -46.79
CA GLY H 320 34.71 26.21 -46.16
C GLY H 320 35.12 27.49 -46.85
N SER H 321 36.45 27.70 -46.87
CA SER H 321 37.10 28.85 -47.52
C SER H 321 36.67 29.02 -48.97
N PRO H 322 36.23 30.24 -49.33
CA PRO H 322 35.70 30.58 -50.67
C PRO H 322 36.62 30.22 -51.84
N ASP H 323 37.91 30.53 -51.72
CA ASP H 323 38.87 30.20 -52.77
C ASP H 323 38.92 28.71 -53.07
N ASP H 324 38.89 27.92 -52.01
CA ASP H 324 38.95 26.47 -52.10
C ASP H 324 37.66 25.92 -52.68
N VAL H 325 36.52 26.30 -52.10
CA VAL H 325 35.21 25.90 -52.63
C VAL H 325 35.03 26.32 -54.09
N LEU H 326 35.46 27.51 -54.46
CA LEU H 326 35.42 27.95 -55.88
C LEU H 326 36.31 27.11 -56.77
N GLU H 327 37.47 26.71 -56.25
CA GLU H 327 38.38 25.90 -57.01
C GLU H 327 37.73 24.53 -57.20
N PHE H 328 37.14 24.00 -56.13
CA PHE H 328 36.38 22.77 -56.30
C PHE H 328 35.34 22.91 -57.43
N LEU H 329 34.56 23.98 -57.39
CA LEU H 329 33.56 24.27 -58.43
C LEU H 329 34.14 24.37 -59.83
N LYS H 330 35.36 24.92 -59.93
CA LYS H 330 36.09 24.95 -61.19
C LYS H 330 36.19 23.52 -61.77
N VAL H 331 36.70 22.60 -60.94
CA VAL H 331 36.86 21.20 -61.35
C VAL H 331 35.50 20.50 -61.54
N TYR H 332 34.53 20.82 -60.69
CA TYR H 332 33.17 20.31 -60.88
C TYR H 332 32.69 20.61 -62.29
N GLU H 333 32.71 21.89 -62.65
CA GLU H 333 32.32 22.37 -63.98
C GLU H 333 33.10 21.69 -65.08
N LYS H 334 34.35 21.35 -64.82
CA LYS H 334 35.15 20.67 -65.83
C LYS H 334 34.54 19.32 -66.18
N HIS H 335 33.80 18.73 -65.24
CA HIS H 335 33.18 17.40 -65.40
C HIS H 335 31.66 17.43 -65.63
N SER H 336 31.09 18.63 -65.73
CA SER H 336 29.66 18.80 -66.06
C SER H 336 29.44 18.89 -67.57
N ALA H 337 28.70 18.10 -68.15
C5 RO5 I . -49.79 -3.13 -9.02
C6 RO5 I . -50.17 -4.22 -9.79
C10 RO5 I . -48.80 -3.28 -8.06
C1 RO5 I . -51.86 -8.17 -9.18
O1 RO5 I . -51.00 -8.65 -8.45
N1 RO5 I . -53.14 -8.42 -9.03
C4 RO5 I . -53.49 -9.29 -8.10
O3 RO5 I . -50.09 -6.59 -11.96
C15 RO5 I . -54.73 -10.89 -7.08
C14 RO5 I . -53.71 -10.97 -6.18
C12 RO5 I . -48.59 -5.61 -8.66
O2 RO5 I . -49.06 -7.87 -10.36
BR2 RO5 I . -53.52 -12.06 -4.62
S16 RO5 I . -52.53 -9.83 -6.74
N17 RO5 I . -54.59 -10.04 -8.06
N5 RO5 I . -51.55 -7.36 -10.16
S2 RO5 I . -50.05 -6.85 -10.57
C11 RO5 I . -49.58 -5.46 -9.60
C8 RO5 I . -48.19 -4.53 -7.89
C20 RO5 I . -47.07 -4.74 -6.89
C21 RO5 I . -47.56 -4.53 -5.49
C5 RO5 J . -4.51 -20.44 28.52
C6 RO5 J . -5.02 -20.89 29.75
C10 RO5 J . -5.40 -20.10 27.49
C1 RO5 J . -7.93 -24.04 30.88
O1 RO5 J . -8.61 -23.69 29.95
N1 RO5 J . -7.76 -25.30 31.29
C4 RO5 J . -8.42 -26.33 30.77
O3 RO5 J . -6.52 -21.12 32.61
C15 RO5 J . -9.09 -28.48 30.54
C14 RO5 J . -9.98 -28.02 29.62
C12 RO5 J . -7.27 -20.67 28.91
O2 RO5 J . -8.47 -21.01 31.46
BR2 RO5 J . -11.24 -29.02 28.60
S16 RO5 J . -9.70 -26.31 29.58
N17 RO5 J . -8.32 -27.61 31.11
N5 RO5 J . -7.22 -23.20 31.58
S2 RO5 J . -7.15 -21.56 31.42
C11 RO5 J . -6.40 -21.02 29.93
C8 RO5 J . -6.78 -20.22 27.69
C20 RO5 J . -7.80 -19.86 26.64
C21 RO5 J . -7.53 -20.73 25.44
C5 RO5 K . -58.16 -20.84 -6.99
C6 RO5 K . -58.56 -19.51 -6.87
C10 RO5 K . -57.16 -21.36 -6.15
C1 RO5 K . -56.58 -15.69 -7.09
O1 RO5 K . -55.69 -16.12 -6.39
N1 RO5 K . -56.35 -14.84 -8.09
C4 RO5 K . -55.12 -14.40 -8.33
O3 RO5 K . -59.77 -16.90 -5.58
C15 RO5 K . -53.46 -13.24 -9.32
C14 RO5 K . -52.65 -13.72 -8.35
C12 RO5 K . -56.95 -19.22 -5.08
O2 RO5 K . -57.80 -16.53 -4.49
BR2 RO5 K . -50.79 -13.44 -8.07
S16 RO5 K . -53.70 -14.67 -7.36
N17 RO5 K . -54.72 -13.58 -9.30
N5 RO5 K . -57.85 -16.04 -6.92
S2 RO5 K . -58.37 -17.04 -5.72
C11 RO5 K . -57.94 -18.71 -5.92
C8 RO5 K . -56.55 -20.55 -5.19
C20 RO5 K . -55.50 -21.05 -4.23
C21 RO5 K . -54.49 -21.93 -4.92
C5 RO5 L . -15.95 -35.59 35.09
C6 RO5 L . -14.65 -35.41 34.59
C10 RO5 L . -17.04 -35.05 34.38
C1 RO5 L . -12.43 -31.90 32.98
O1 RO5 L . -13.20 -31.67 32.05
N1 RO5 L . -11.76 -30.98 33.66
C4 RO5 L . -11.85 -29.70 33.31
O3 RO5 L . -12.07 -35.52 32.79
C15 RO5 L . -11.10 -27.58 32.96
C14 RO5 L . -12.28 -27.34 32.34
C12 RO5 L . -15.57 -34.17 32.71
O2 RO5 L . -13.14 -34.15 31.28
BR2 RO5 L . -12.93 -25.72 31.58
S16 RO5 L . -13.09 -28.87 32.45
N17 RO5 L . -10.89 -28.79 33.42
N5 RO5 L . -12.22 -33.12 33.39
S2 RO5 L . -12.93 -34.41 32.67
C11 RO5 L . -14.49 -34.70 33.40
C8 RO5 L . -16.85 -34.33 33.20
C20 RO5 L . -17.96 -33.73 32.35
C21 RO5 L . -19.21 -33.43 33.14
C5 RO5 M . 49.42 2.58 8.89
C6 RO5 M . 49.31 1.38 8.18
C10 RO5 M . 48.72 3.69 8.42
C1 RO5 M . 49.88 0.13 4.04
O1 RO5 M . 49.06 0.93 3.64
N1 RO5 M . 51.00 -0.23 3.40
C4 RO5 M . 51.30 0.23 2.20
O3 RO5 M . 48.27 -1.31 7.01
C15 RO5 M . 52.35 0.33 0.17
C14 RO5 M . 51.48 1.34 -0.09
C12 RO5 M . 47.83 2.41 6.57
O2 RO5 M . 47.22 -0.22 5.33
BR2 RO5 M . 51.31 2.42 -1.66
S16 RO5 M . 50.50 1.46 1.32
N17 RO5 M . 52.21 -0.22 1.35
N5 RO5 M . 49.72 -0.45 5.21
S2 RO5 M . 48.41 -0.19 6.13
C11 RO5 M . 48.53 1.31 7.03
C8 RO5 M . 47.94 3.61 7.26
C20 RO5 M . 47.14 4.80 6.75
C21 RO5 M . 47.87 6.08 7.05
C5 RO5 N . 8.75 42.28 -14.61
C6 RO5 N . 9.38 42.96 -15.64
C10 RO5 N . 9.48 41.40 -13.80
C1 RO5 N . 11.27 42.12 -19.30
O1 RO5 N . 12.13 41.34 -18.93
N1 RO5 N . 10.61 41.93 -20.45
C4 RO5 N . 10.94 40.95 -21.27
O3 RO5 N . 11.40 44.99 -16.89
C15 RO5 N . 11.16 39.83 -23.22
C14 RO5 N . 11.97 38.94 -22.57
C12 RO5 N . 11.49 41.88 -15.05
O2 RO5 N . 12.93 43.28 -17.09
BR2 RO5 N . 12.86 37.35 -23.21
S16 RO5 N . 11.99 39.61 -20.98
N17 RO5 N . 10.67 40.84 -22.57
N5 RO5 N . 10.88 43.18 -18.59
S2 RO5 N . 11.54 43.60 -17.12
C11 RO5 N . 10.75 42.75 -15.84
C8 RO5 N . 10.85 41.21 -14.02
C20 RO5 N . 11.65 40.27 -13.14
C21 RO5 N . 11.25 38.87 -13.50
C5 RO5 O . 53.16 -4.37 -9.16
C6 RO5 O . 53.81 -3.82 -8.07
C10 RO5 O . 52.20 -3.62 -9.84
C1 RO5 O . 52.72 -2.04 -4.25
O1 RO5 O . 51.90 -1.34 -4.83
N1 RO5 O . 52.51 -2.58 -3.06
C4 RO5 O . 51.43 -2.31 -2.33
O3 RO5 O . 55.75 -2.01 -6.41
C15 RO5 O . 50.07 -2.18 -0.52
C14 RO5 O . 49.30 -1.32 -1.24
C12 RO5 O . 52.58 -1.77 -8.33
O2 RO5 O . 54.16 -0.37 -6.33
BR2 RO5 O . 47.67 -0.42 -0.79
S16 RO5 O . 50.17 -1.21 -2.74
N17 RO5 O . 51.15 -2.65 -1.07
N5 RO5 O . 53.88 -2.35 -4.82
S2 RO5 O . 54.35 -1.80 -6.30
C11 RO5 O . 53.52 -2.53 -7.65
C8 RO5 O . 51.91 -2.31 -9.43
C20 RO5 O . 50.90 -1.47 -10.18
C21 RO5 O . 49.50 -1.83 -9.75
C5 RO5 P . 16.59 39.62 -32.57
C6 RO5 P . 15.34 39.59 -31.96
C10 RO5 P . 17.63 38.81 -32.09
C1 RO5 P . 14.00 39.79 -27.71
O1 RO5 P . 14.89 39.01 -27.43
N1 RO5 P . 13.58 40.76 -26.92
C4 RO5 P . 14.04 41.01 -25.71
O3 RO5 P . 12.54 38.57 -30.87
C15 RO5 P . 14.25 42.09 -23.72
C14 RO5 P . 15.07 41.10 -23.32
C12 RO5 P . 16.18 37.95 -30.38
O2 RO5 P . 13.70 37.34 -29.32
BR2 RO5 P . 15.97 40.93 -21.64
S16 RO5 P . 15.07 40.06 -24.70
N17 RO5 P . 13.74 42.03 -24.91
N5 RO5 P . 13.37 39.74 -28.84
S2 RO5 P . 13.65 38.60 -29.99
C11 RO5 P . 15.16 38.75 -30.86
C8 RO5 P . 17.42 37.97 -30.98
C20 RO5 P . 18.47 37.04 -30.39
C21 RO5 P . 19.84 37.66 -30.35
#